data_2DCN
#
_entry.id   2DCN
#
_cell.length_a   84.638
_cell.length_b   150.229
_cell.length_c   154.757
_cell.angle_alpha   90
_cell.angle_beta   93.73
_cell.angle_gamma   90
#
_symmetry.space_group_name_H-M   'P 1 21 1'
#
loop_
_entity.id
_entity.type
_entity.pdbx_description
1 polymer 'hypothetical fructokinase'
2 non-polymer 'MAGNESIUM ION'
3 non-polymer 'POTASSIUM ION'
4 non-polymer '6-O-phosphono-beta-D-psicofuranosonic acid'
5 non-polymer "ADENOSINE-5'-DIPHOSPHATE"
6 water water
#
_entity_poly.entity_id   1
_entity_poly.type   'polypeptide(L)'
_entity_poly.pdbx_seq_one_letter_code
;MAKLITLGEILIEFNALSPGPLRHVSYFEKHVAGSEANYCVAFIKQGNECGIIAKVGDDEFGYNAIEWLRGQGVDVSHMK
IDPSAPTGIFFIQRHYPVPLKSESIYYRKGSAGSKLSPEDVDEEYVKSADLVHSSGITLAISSTAKEAVYKAFEIASNRS
FDTNIRLKLWSAEEAKREILKLLSKFHLKFLITDTDDSKIILGESDPDKAAKAFSDYAEIIVMKLGPKGAIVYYDGKKYY
SSGYQVPVEDVTGAGDALGGTFLSLYYKGFEMEKALDYAIVASTLNVMIRGDQENLPTTKDIETFLREMKK
;
_entity_poly.pdbx_strand_id   A,B,C,D,E,F,G,H,I,J,K,L
#
loop_
_chem_comp.id
_chem_comp.type
_chem_comp.name
_chem_comp.formula
ADP non-polymer ADENOSINE-5'-DIPHOSPHATE 'C10 H15 N5 O10 P2'
CKP D-saccharide '6-O-phosphono-beta-D-psicofuranosonic acid' 'C6 H11 O10 P'
K non-polymer 'POTASSIUM ION' 'K 1'
MG non-polymer 'MAGNESIUM ION' 'Mg 2'
#
# COMPACT_ATOMS: atom_id res chain seq x y z
N ALA A 2 24.48 -42.80 6.36
CA ALA A 2 23.10 -42.27 6.22
C ALA A 2 23.16 -40.84 5.67
N LYS A 3 22.10 -40.46 4.94
CA LYS A 3 22.03 -39.11 4.39
C LYS A 3 20.88 -38.31 4.95
N LEU A 4 21.22 -37.13 5.49
CA LEU A 4 20.25 -36.14 5.90
C LEU A 4 20.06 -35.08 4.80
N ILE A 5 18.81 -34.78 4.50
CA ILE A 5 18.49 -33.62 3.69
C ILE A 5 17.70 -32.62 4.55
N THR A 6 18.18 -31.38 4.58
CA THR A 6 17.52 -30.30 5.30
C THR A 6 16.89 -29.32 4.30
N LEU A 7 15.82 -28.66 4.74
CA LEU A 7 15.16 -27.60 4.00
C LEU A 7 15.07 -26.38 4.90
N GLY A 8 15.67 -25.28 4.47
CA GLY A 8 15.51 -24.03 5.18
C GLY A 8 16.28 -22.86 4.61
N GLU A 9 16.43 -21.81 5.41
CA GLU A 9 17.16 -20.61 5.00
C GLU A 9 18.52 -20.50 5.70
N ILE A 10 19.58 -20.46 4.90
CA ILE A 10 20.93 -20.18 5.40
C ILE A 10 21.03 -18.67 5.63
N LEU A 11 21.58 -18.26 6.78
CA LEU A 11 21.80 -16.82 7.05
C LEU A 11 23.26 -16.51 7.27
N ILE A 12 23.67 -15.31 6.87
CA ILE A 12 24.95 -14.77 7.32
C ILE A 12 24.74 -14.07 8.66
N GLU A 13 25.60 -14.40 9.62
CA GLU A 13 25.52 -13.96 11.01
C GLU A 13 26.55 -12.88 11.27
N PHE A 14 26.08 -11.79 11.88
CA PHE A 14 26.98 -10.72 12.37
C PHE A 14 26.97 -10.69 13.87
N ASN A 15 28.03 -11.25 14.43
CA ASN A 15 28.14 -11.47 15.85
C ASN A 15 28.93 -10.35 16.53
N ALA A 16 28.28 -9.65 17.45
CA ALA A 16 28.88 -8.53 18.17
C ALA A 16 30.16 -8.96 18.87
N LEU A 17 31.24 -8.25 18.63
CA LEU A 17 32.53 -8.50 19.27
C LEU A 17 32.57 -8.18 20.76
N SER A 18 31.60 -7.41 21.23
CA SER A 18 31.47 -7.21 22.66
C SER A 18 30.02 -7.30 23.10
N PRO A 19 29.79 -7.63 24.39
CA PRO A 19 28.45 -7.74 24.93
C PRO A 19 27.87 -6.34 25.05
N GLY A 20 26.57 -6.25 25.30
CA GLY A 20 25.91 -4.97 25.43
C GLY A 20 25.01 -4.63 24.26
N PRO A 21 24.19 -3.58 24.44
CA PRO A 21 23.22 -3.13 23.44
C PRO A 21 23.97 -2.76 22.15
N LEU A 22 23.38 -3.03 20.98
CA LEU A 22 24.10 -2.87 19.71
C LEU A 22 24.44 -1.45 19.37
N ARG A 23 23.68 -0.52 19.96
CA ARG A 23 23.93 0.92 19.73
C ARG A 23 25.31 1.33 20.22
N HIS A 24 25.94 0.49 21.06
CA HIS A 24 27.28 0.76 21.56
C HIS A 24 28.34 -0.28 21.15
N VAL A 25 27.99 -1.18 20.23
CA VAL A 25 28.93 -2.17 19.68
C VAL A 25 29.40 -1.71 18.32
N SER A 26 30.72 -1.61 18.14
CA SER A 26 31.26 -1.03 16.91
C SER A 26 31.83 -2.05 15.93
N TYR A 27 31.99 -3.29 16.40
CA TYR A 27 32.60 -4.36 15.61
C TYR A 27 31.81 -5.65 15.60
N PHE A 28 31.72 -6.26 14.41
CA PHE A 28 30.91 -7.43 14.20
C PHE A 28 31.70 -8.46 13.43
N GLU A 29 31.61 -9.70 13.90
CA GLU A 29 32.35 -10.79 13.34
C GLU A 29 31.39 -11.67 12.53
N LYS A 30 31.74 -11.90 11.28
CA LYS A 30 30.86 -12.61 10.34
C LYS A 30 31.00 -14.14 10.47
N HIS A 31 29.85 -14.82 10.52
CA HIS A 31 29.80 -16.30 10.48
C HIS A 31 28.66 -16.78 9.56
N VAL A 32 28.78 -18.01 9.06
CA VAL A 32 27.73 -18.64 8.28
C VAL A 32 26.90 -19.50 9.24
N ALA A 33 25.58 -19.32 9.20
CA ALA A 33 24.69 -20.03 10.12
C ALA A 33 23.30 -20.25 9.50
N GLY A 34 22.27 -20.29 10.34
CA GLY A 34 20.95 -20.74 9.91
C GLY A 34 20.81 -22.16 10.44
N SER A 35 19.68 -22.44 11.09
CA SER A 35 19.45 -23.70 11.78
C SER A 35 19.75 -24.98 11.00
N GLU A 36 19.29 -25.05 9.75
CA GLU A 36 19.45 -26.26 8.92
C GLU A 36 20.86 -26.40 8.40
N ALA A 37 21.54 -25.27 8.15
CA ALA A 37 22.97 -25.28 7.81
C ALA A 37 23.78 -25.82 8.99
N ASN A 38 23.46 -25.36 10.21
CA ASN A 38 24.11 -25.87 11.41
C ASN A 38 23.86 -27.37 11.59
N TYR A 39 22.61 -27.80 11.41
CA TYR A 39 22.28 -29.23 11.45
C TYR A 39 23.10 -30.09 10.49
N CYS A 40 23.24 -29.62 9.26
CA CYS A 40 24.04 -30.31 8.25
C CYS A 40 25.46 -30.53 8.70
N VAL A 41 26.08 -29.51 9.27
CA VAL A 41 27.48 -29.62 9.65
C VAL A 41 27.61 -30.51 10.89
N ALA A 42 26.71 -30.36 11.87
CA ALA A 42 26.69 -31.26 13.02
C ALA A 42 26.51 -32.71 12.56
N PHE A 43 25.77 -32.89 11.47
CA PHE A 43 25.49 -34.21 10.91
C PHE A 43 26.72 -34.85 10.27
N ILE A 44 27.41 -34.15 9.36
CA ILE A 44 28.68 -34.69 8.81
C ILE A 44 29.83 -34.87 9.77
N LYS A 45 29.85 -34.07 10.84
CA LYS A 45 30.89 -34.14 11.86
C LYS A 45 30.93 -35.50 12.55
N GLN A 46 29.81 -36.22 12.53
CA GLN A 46 29.76 -37.58 13.07
C GLN A 46 29.91 -38.66 11.99
N GLY A 47 30.22 -38.26 10.77
CA GLY A 47 30.57 -39.21 9.72
C GLY A 47 29.40 -39.71 8.87
N ASN A 48 28.41 -38.87 8.67
CA ASN A 48 27.34 -39.22 7.75
C ASN A 48 27.34 -38.20 6.60
N GLU A 49 26.39 -38.31 5.68
CA GLU A 49 26.33 -37.33 4.61
C GLU A 49 25.04 -36.52 4.70
N CYS A 50 25.07 -35.35 4.10
CA CYS A 50 23.96 -34.44 4.20
C CYS A 50 23.98 -33.47 3.02
N GLY A 51 22.79 -32.96 2.71
CA GLY A 51 22.65 -31.89 1.76
C GLY A 51 21.61 -30.96 2.30
N ILE A 52 21.57 -29.76 1.74
CA ILE A 52 20.64 -28.71 2.11
C ILE A 52 19.93 -28.17 0.88
N ILE A 53 18.60 -28.06 0.98
CA ILE A 53 17.83 -27.38 -0.03
C ILE A 53 17.53 -25.98 0.52
N ALA A 54 18.12 -24.98 -0.13
CA ALA A 54 18.06 -23.58 0.29
C ALA A 54 18.30 -22.70 -0.90
N LYS A 55 17.77 -21.48 -0.82
CA LYS A 55 17.98 -20.49 -1.86
C LYS A 55 18.73 -19.30 -1.28
N VAL A 56 19.83 -18.93 -1.91
CA VAL A 56 20.60 -17.76 -1.51
C VAL A 56 20.60 -16.74 -2.66
N GLY A 57 21.12 -15.55 -2.39
CA GLY A 57 21.07 -14.45 -3.34
C GLY A 57 22.28 -14.54 -4.24
N ASP A 58 22.21 -13.81 -5.34
CA ASP A 58 23.36 -13.70 -6.24
C ASP A 58 24.29 -12.58 -5.75
N ASP A 59 24.78 -12.73 -4.53
CA ASP A 59 25.59 -11.75 -3.83
C ASP A 59 26.77 -12.43 -3.10
N GLU A 60 27.67 -11.64 -2.55
CA GLU A 60 28.82 -12.15 -1.80
C GLU A 60 28.45 -13.04 -0.62
N PHE A 61 27.39 -12.67 0.10
CA PHE A 61 26.96 -13.44 1.27
C PHE A 61 26.42 -14.80 0.81
N GLY A 62 25.81 -14.81 -0.37
CA GLY A 62 25.25 -16.03 -0.96
C GLY A 62 26.37 -17.00 -1.30
N TYR A 63 27.40 -16.50 -1.98
CA TYR A 63 28.55 -17.31 -2.37
C TYR A 63 29.41 -17.69 -1.16
N ASN A 64 29.45 -16.82 -0.15
CA ASN A 64 30.08 -17.12 1.12
C ASN A 64 29.46 -18.36 1.78
N ALA A 65 28.13 -18.41 1.80
CA ALA A 65 27.41 -19.52 2.38
C ALA A 65 27.65 -20.79 1.58
N ILE A 66 27.71 -20.64 0.26
CA ILE A 66 27.97 -21.77 -0.64
C ILE A 66 29.35 -22.37 -0.43
N GLU A 67 30.38 -21.50 -0.44
CA GLU A 67 31.74 -21.93 -0.25
C GLU A 67 31.95 -22.54 1.12
N TRP A 68 31.31 -21.96 2.14
CA TRP A 68 31.51 -22.42 3.51
C TRP A 68 31.00 -23.86 3.69
N LEU A 69 29.77 -24.09 3.26
CA LEU A 69 29.13 -25.40 3.38
C LEU A 69 29.77 -26.45 2.46
N ARG A 70 30.19 -26.03 1.27
CA ARG A 70 30.85 -26.94 0.36
C ARG A 70 32.15 -27.38 1.03
N GLY A 71 32.87 -26.42 1.61
CA GLY A 71 34.12 -26.70 2.34
C GLY A 71 33.93 -27.64 3.51
N GLN A 72 32.79 -27.54 4.17
CA GLN A 72 32.45 -28.42 5.28
C GLN A 72 32.09 -29.84 4.79
N GLY A 73 31.92 -30.02 3.49
CA GLY A 73 31.50 -31.32 2.93
C GLY A 73 30.01 -31.50 2.71
N VAL A 74 29.22 -30.44 2.95
CA VAL A 74 27.77 -30.47 2.69
C VAL A 74 27.55 -30.52 1.19
N ASP A 75 26.51 -31.22 0.76
CA ASP A 75 26.17 -31.23 -0.66
C ASP A 75 25.36 -29.96 -0.95
N VAL A 76 25.96 -29.07 -1.76
CA VAL A 76 25.34 -27.76 -2.06
C VAL A 76 24.72 -27.72 -3.46
N SER A 77 24.87 -28.82 -4.21
CA SER A 77 24.42 -28.90 -5.60
C SER A 77 22.91 -28.77 -5.78
N HIS A 78 22.15 -28.85 -4.69
CA HIS A 78 20.70 -28.67 -4.79
C HIS A 78 20.24 -27.38 -4.13
N MET A 79 21.18 -26.43 -4.04
CA MET A 79 20.89 -25.08 -3.63
C MET A 79 20.51 -24.29 -4.88
N LYS A 80 19.80 -23.17 -4.68
CA LYS A 80 19.49 -22.27 -5.77
C LYS A 80 20.06 -20.90 -5.48
N ILE A 81 20.33 -20.16 -6.55
CA ILE A 81 20.77 -18.79 -6.49
C ILE A 81 19.68 -17.90 -7.10
N ASP A 82 19.18 -16.95 -6.31
CA ASP A 82 18.12 -16.06 -6.71
C ASP A 82 18.71 -14.72 -7.12
N PRO A 83 18.58 -14.35 -8.40
CA PRO A 83 19.19 -13.08 -8.82
C PRO A 83 18.40 -11.85 -8.37
N SER A 84 17.14 -12.02 -7.99
CA SER A 84 16.31 -10.87 -7.69
C SER A 84 16.09 -10.58 -6.22
N ALA A 85 16.93 -11.15 -5.35
CA ALA A 85 16.72 -11.03 -3.90
C ALA A 85 18.00 -11.35 -3.14
N PRO A 86 18.28 -10.61 -2.05
CA PRO A 86 19.55 -10.84 -1.34
C PRO A 86 19.49 -11.99 -0.32
N THR A 87 20.66 -12.50 0.04
CA THR A 87 20.79 -13.44 1.15
C THR A 87 20.33 -12.77 2.45
N GLY A 88 19.64 -13.55 3.27
CA GLY A 88 19.23 -13.11 4.60
C GLY A 88 20.44 -13.04 5.53
N ILE A 89 20.36 -12.09 6.46
CA ILE A 89 21.38 -11.87 7.48
C ILE A 89 20.71 -11.62 8.83
N PHE A 90 21.49 -11.77 9.89
CA PHE A 90 21.04 -11.34 11.21
C PHE A 90 22.22 -10.85 12.01
N PHE A 91 21.91 -10.08 13.06
CA PHE A 91 22.89 -9.61 14.05
C PHE A 91 22.65 -10.29 15.39
N ILE A 92 23.72 -10.52 16.14
CA ILE A 92 23.60 -11.09 17.47
C ILE A 92 24.10 -10.08 18.49
N GLN A 93 23.19 -9.71 19.38
CA GLN A 93 23.46 -8.90 20.57
C GLN A 93 23.64 -9.87 21.72
N ARG A 94 24.77 -9.80 22.42
CA ARG A 94 25.10 -10.82 23.42
C ARG A 94 25.05 -10.33 24.87
N HIS A 95 24.44 -11.14 25.74
CA HIS A 95 24.49 -10.99 27.21
C HIS A 95 23.81 -9.71 27.70
N TYR A 96 22.90 -9.18 26.90
CA TYR A 96 22.24 -7.94 27.21
C TYR A 96 20.84 -7.89 26.62
N PRO A 97 19.80 -7.57 27.43
CA PRO A 97 19.92 -7.21 28.85
C PRO A 97 19.93 -8.40 29.82
N VAL A 98 20.01 -9.62 29.29
CA VAL A 98 20.09 -10.81 30.14
C VAL A 98 21.44 -11.51 30.00
N PRO A 99 22.21 -11.59 31.11
CA PRO A 99 23.49 -12.31 31.09
C PRO A 99 23.31 -13.72 30.54
N LEU A 100 24.29 -14.21 29.79
CA LEU A 100 24.31 -15.60 29.28
C LEU A 100 23.38 -15.88 28.08
N LYS A 101 22.53 -14.92 27.73
CA LYS A 101 21.60 -15.12 26.60
C LYS A 101 21.98 -14.25 25.40
N SER A 102 21.48 -14.63 24.24
CA SER A 102 21.76 -13.88 23.04
C SER A 102 20.44 -13.55 22.37
N GLU A 103 20.46 -12.50 21.55
CA GLU A 103 19.29 -12.08 20.78
C GLU A 103 19.64 -11.91 19.30
N SER A 104 18.82 -12.51 18.43
CA SER A 104 18.96 -12.35 16.99
C SER A 104 18.11 -11.18 16.47
N ILE A 105 18.73 -10.33 15.65
CA ILE A 105 18.06 -9.19 15.02
C ILE A 105 18.13 -9.41 13.52
N TYR A 106 16.98 -9.60 12.86
CA TYR A 106 16.94 -10.12 11.49
C TYR A 106 16.79 -9.06 10.45
N TYR A 107 17.54 -9.26 9.35
CA TYR A 107 17.29 -8.58 8.09
C TYR A 107 17.11 -9.66 7.03
N ARG A 108 15.95 -10.32 7.12
CA ARG A 108 15.66 -11.47 6.28
C ARG A 108 14.35 -11.35 5.49
N LYS A 109 13.63 -10.24 5.66
CA LYS A 109 12.30 -10.12 5.05
C LYS A 109 12.38 -9.96 3.53
N GLY A 110 11.72 -10.85 2.79
CA GLY A 110 11.82 -10.87 1.33
C GLY A 110 13.17 -11.35 0.81
N SER A 111 13.91 -12.07 1.65
CA SER A 111 15.22 -12.55 1.22
C SER A 111 15.10 -13.63 0.18
N ALA A 112 16.24 -13.94 -0.46
CA ALA A 112 16.36 -15.06 -1.37
C ALA A 112 15.93 -16.33 -0.65
N GLY A 113 16.24 -16.41 0.64
CA GLY A 113 15.94 -17.60 1.42
C GLY A 113 14.46 -17.83 1.64
N SER A 114 13.70 -16.74 1.77
CA SER A 114 12.25 -16.81 1.96
C SER A 114 11.55 -17.20 0.67
N LYS A 115 12.28 -17.15 -0.45
CA LYS A 115 11.71 -17.48 -1.74
C LYS A 115 11.85 -18.96 -2.13
N LEU A 116 12.42 -19.78 -1.24
CA LEU A 116 12.38 -21.24 -1.34
C LEU A 116 10.95 -21.68 -1.63
N SER A 117 10.77 -22.50 -2.65
CA SER A 117 9.42 -22.93 -3.04
C SER A 117 9.37 -24.41 -3.40
N PRO A 118 8.15 -25.00 -3.45
CA PRO A 118 8.01 -26.42 -3.83
C PRO A 118 8.75 -26.74 -5.12
N GLU A 119 8.75 -25.80 -6.07
CA GLU A 119 9.51 -25.93 -7.31
C GLU A 119 11.02 -26.21 -7.09
N ASP A 120 11.55 -25.87 -5.91
CA ASP A 120 12.96 -26.12 -5.58
C ASP A 120 13.18 -27.46 -4.88
N VAL A 121 12.06 -28.12 -4.55
CA VAL A 121 12.09 -29.42 -3.89
C VAL A 121 11.89 -30.53 -4.94
N ASP A 122 12.98 -31.19 -5.33
CA ASP A 122 12.96 -32.19 -6.38
C ASP A 122 12.83 -33.62 -5.80
N GLU A 123 11.76 -34.32 -6.17
N GLU A 123 11.75 -34.30 -6.18
CA GLU A 123 11.50 -35.69 -5.67
CA GLU A 123 11.46 -35.68 -5.73
C GLU A 123 12.67 -36.66 -5.85
C GLU A 123 12.65 -36.65 -5.87
N GLU A 124 13.36 -36.57 -6.99
CA GLU A 124 14.51 -37.44 -7.26
C GLU A 124 15.60 -37.29 -6.20
N TYR A 125 15.82 -36.06 -5.74
CA TYR A 125 16.80 -35.80 -4.70
C TYR A 125 16.31 -36.18 -3.30
N VAL A 126 15.10 -35.78 -2.96
CA VAL A 126 14.56 -36.03 -1.62
C VAL A 126 14.50 -37.53 -1.32
N LYS A 127 14.25 -38.31 -2.38
CA LYS A 127 14.18 -39.77 -2.27
C LYS A 127 15.50 -40.40 -1.85
N SER A 128 16.62 -39.72 -2.17
CA SER A 128 17.96 -40.20 -1.81
C SER A 128 18.26 -40.11 -0.31
N ALA A 129 17.39 -39.44 0.45
CA ALA A 129 17.63 -39.21 1.87
C ALA A 129 17.13 -40.34 2.74
N ASP A 130 17.83 -40.56 3.85
CA ASP A 130 17.38 -41.43 4.94
C ASP A 130 16.50 -40.66 5.93
N LEU A 131 16.73 -39.36 5.98
CA LEU A 131 15.98 -38.49 6.86
C LEU A 131 15.88 -37.11 6.23
N VAL A 132 14.66 -36.60 6.20
CA VAL A 132 14.36 -35.28 5.71
C VAL A 132 13.97 -34.41 6.92
N HIS A 133 14.72 -33.33 7.10
CA HIS A 133 14.63 -32.46 8.27
C HIS A 133 14.27 -31.01 7.90
N SER A 134 13.39 -30.39 8.70
CA SER A 134 13.21 -28.94 8.63
C SER A 134 12.79 -28.36 9.99
N SER A 135 12.28 -27.12 10.00
CA SER A 135 11.99 -26.44 11.27
C SER A 135 10.84 -25.45 11.23
N GLY A 136 10.42 -25.01 12.41
CA GLY A 136 9.47 -23.94 12.58
C GLY A 136 9.92 -22.64 11.97
N ILE A 137 11.25 -22.43 11.85
CA ILE A 137 11.77 -21.23 11.16
C ILE A 137 11.40 -21.22 9.69
N THR A 138 11.64 -22.35 9.01
CA THR A 138 11.29 -22.52 7.61
C THR A 138 9.78 -22.37 7.35
N LEU A 139 8.96 -22.87 8.27
CA LEU A 139 7.50 -22.70 8.21
C LEU A 139 7.09 -21.25 8.27
N ALA A 140 7.86 -20.45 9.02
CA ALA A 140 7.49 -19.08 9.37
C ALA A 140 7.92 -18.01 8.39
N ILE A 141 9.02 -18.23 7.67
CA ILE A 141 9.64 -17.17 6.84
C ILE A 141 8.85 -16.76 5.60
N SER A 142 7.98 -17.63 5.09
CA SER A 142 7.13 -17.35 3.94
C SER A 142 6.26 -18.57 3.67
N SER A 143 5.27 -18.41 2.82
CA SER A 143 4.35 -19.51 2.61
C SER A 143 4.90 -20.46 1.56
N THR A 144 5.74 -19.95 0.66
CA THR A 144 6.39 -20.80 -0.33
C THR A 144 7.35 -21.78 0.34
N ALA A 145 8.10 -21.29 1.33
CA ALA A 145 9.01 -22.11 2.11
C ALA A 145 8.25 -23.11 2.97
N LYS A 146 7.09 -22.70 3.46
CA LYS A 146 6.21 -23.62 4.20
C LYS A 146 5.73 -24.75 3.28
N GLU A 147 5.28 -24.34 2.08
N GLU A 147 5.32 -24.38 2.07
CA GLU A 147 4.85 -25.25 1.03
CA GLU A 147 4.84 -25.35 1.10
C GLU A 147 5.97 -26.24 0.73
C GLU A 147 5.96 -26.26 0.60
N ALA A 148 7.19 -25.73 0.55
CA ALA A 148 8.40 -26.54 0.30
C ALA A 148 8.62 -27.65 1.34
N VAL A 149 8.33 -27.36 2.60
CA VAL A 149 8.42 -28.34 3.69
C VAL A 149 7.32 -29.42 3.53
N TYR A 150 6.09 -28.99 3.23
CA TYR A 150 5.01 -29.91 2.96
C TYR A 150 5.38 -30.82 1.79
N LYS A 151 5.84 -30.26 0.69
CA LYS A 151 6.25 -31.09 -0.42
C LYS A 151 7.29 -32.14 -0.04
N ALA A 152 8.37 -31.71 0.64
CA ALA A 152 9.48 -32.62 0.98
C ALA A 152 9.06 -33.70 1.97
N PHE A 153 8.28 -33.29 2.98
CA PHE A 153 7.70 -34.19 3.97
C PHE A 153 6.75 -35.22 3.33
N GLU A 154 6.00 -34.80 2.32
CA GLU A 154 5.15 -35.70 1.53
C GLU A 154 5.97 -36.78 0.82
N ILE A 155 7.05 -36.36 0.17
CA ILE A 155 7.95 -37.28 -0.51
C ILE A 155 8.72 -38.18 0.48
N ALA A 156 9.01 -37.65 1.67
CA ALA A 156 9.95 -38.31 2.60
C ALA A 156 9.40 -39.58 3.26
N SER A 157 10.23 -40.63 3.27
CA SER A 157 9.94 -41.82 4.07
C SER A 157 10.06 -41.53 5.57
N ASN A 158 11.14 -40.82 5.97
CA ASN A 158 11.36 -40.46 7.37
C ASN A 158 11.61 -38.96 7.59
N ARG A 159 10.95 -38.42 8.60
CA ARG A 159 10.88 -36.98 8.82
C ARG A 159 11.38 -36.59 10.19
N SER A 160 12.08 -35.44 10.23
CA SER A 160 12.63 -34.85 11.43
C SER A 160 12.23 -33.39 11.48
N PHE A 161 11.88 -32.91 12.66
CA PHE A 161 11.41 -31.55 12.78
C PHE A 161 11.94 -30.92 14.05
N ASP A 162 12.54 -29.74 13.90
CA ASP A 162 12.92 -28.94 15.05
C ASP A 162 11.90 -27.82 15.15
N THR A 163 11.30 -27.72 16.33
CA THR A 163 10.24 -26.75 16.57
C THR A 163 10.71 -25.31 16.30
N ASN A 164 11.94 -25.01 16.76
CA ASN A 164 12.62 -23.71 16.56
C ASN A 164 11.70 -22.51 16.38
N ILE A 165 10.84 -22.29 17.38
CA ILE A 165 9.89 -21.21 17.35
C ILE A 165 10.62 -19.90 17.51
N ARG A 166 10.28 -18.93 16.65
CA ARG A 166 10.80 -17.58 16.79
C ARG A 166 9.63 -16.61 16.80
N LEU A 167 9.37 -16.00 17.94
CA LEU A 167 8.31 -15.02 18.10
C LEU A 167 8.56 -13.72 17.33
N LYS A 168 9.79 -13.53 16.83
CA LYS A 168 10.04 -12.38 15.95
C LYS A 168 9.57 -12.64 14.52
N LEU A 169 9.34 -13.91 14.20
CA LEU A 169 8.91 -14.28 12.85
C LEU A 169 7.39 -14.51 12.73
N TRP A 170 6.77 -14.92 13.82
CA TRP A 170 5.33 -15.13 13.86
C TRP A 170 4.79 -15.14 15.28
N SER A 171 3.49 -14.88 15.42
CA SER A 171 2.81 -14.89 16.71
C SER A 171 2.84 -16.28 17.30
N ALA A 172 2.72 -16.37 18.61
CA ALA A 172 2.66 -17.65 19.34
C ALA A 172 1.46 -18.46 18.92
N GLU A 173 0.37 -17.77 18.57
CA GLU A 173 -0.89 -18.40 18.17
C GLU A 173 -0.73 -19.01 16.77
N GLU A 174 -0.13 -18.24 15.87
CA GLU A 174 0.18 -18.70 14.53
C GLU A 174 1.17 -19.89 14.59
N ALA A 175 2.13 -19.83 15.50
CA ALA A 175 3.16 -20.87 15.63
C ALA A 175 2.56 -22.19 16.12
N LYS A 176 1.66 -22.08 17.10
CA LYS A 176 0.85 -23.19 17.60
C LYS A 176 0.06 -23.84 16.48
N ARG A 177 -0.66 -23.01 15.72
CA ARG A 177 -1.56 -23.49 14.66
C ARG A 177 -0.83 -24.25 13.55
N GLU A 178 0.24 -23.65 13.03
CA GLU A 178 0.99 -24.22 11.91
C GLU A 178 1.77 -25.49 12.24
N ILE A 179 2.28 -25.58 13.46
CA ILE A 179 3.06 -26.75 13.87
C ILE A 179 2.10 -27.91 14.16
N LEU A 180 1.06 -27.65 14.94
CA LEU A 180 0.01 -28.64 15.16
C LEU A 180 -0.56 -29.12 13.82
N LYS A 181 -0.75 -28.19 12.88
CA LYS A 181 -1.17 -28.50 11.51
C LYS A 181 -0.22 -29.44 10.79
N LEU A 182 1.09 -29.18 10.89
CA LEU A 182 2.13 -30.01 10.26
C LEU A 182 2.28 -31.37 10.94
N LEU A 183 2.10 -31.39 12.26
CA LEU A 183 2.20 -32.64 13.03
C LEU A 183 0.96 -33.51 12.75
N SER A 184 -0.18 -32.87 12.58
CA SER A 184 -1.40 -33.58 12.19
C SER A 184 -1.26 -34.30 10.85
N LYS A 185 -0.67 -33.63 9.86
N LYS A 185 -0.71 -33.65 9.83
CA LYS A 185 -0.53 -34.19 8.50
CA LYS A 185 -0.56 -34.29 8.51
C LYS A 185 0.59 -35.24 8.37
C LYS A 185 0.55 -35.35 8.48
N PHE A 186 1.69 -35.04 9.11
CA PHE A 186 2.88 -35.90 9.00
C PHE A 186 3.40 -36.43 10.33
N HIS A 187 3.40 -37.76 10.47
CA HIS A 187 4.02 -38.40 11.60
C HIS A 187 5.54 -38.32 11.46
N LEU A 188 6.22 -38.00 12.56
CA LEU A 188 7.66 -37.78 12.55
C LEU A 188 8.40 -38.94 13.17
N LYS A 189 9.58 -39.24 12.63
CA LYS A 189 10.57 -40.09 13.26
C LYS A 189 11.23 -39.32 14.43
N PHE A 190 11.67 -38.09 14.15
CA PHE A 190 12.26 -37.24 15.21
C PHE A 190 11.54 -35.91 15.40
N LEU A 191 11.26 -35.60 16.66
CA LEU A 191 10.84 -34.29 17.06
C LEU A 191 11.87 -33.69 18.01
N ILE A 192 12.41 -32.52 17.65
CA ILE A 192 13.36 -31.81 18.50
C ILE A 192 12.73 -30.48 18.90
N THR A 193 12.60 -30.30 20.20
CA THR A 193 11.87 -29.18 20.77
C THR A 193 12.45 -28.86 22.15
N ASP A 194 11.83 -27.93 22.86
CA ASP A 194 12.20 -27.64 24.23
C ASP A 194 10.94 -27.27 25.03
N THR A 195 11.11 -27.01 26.32
CA THR A 195 9.97 -26.68 27.18
C THR A 195 9.32 -25.32 26.87
N ASP A 196 10.12 -24.35 26.40
CA ASP A 196 9.60 -23.04 25.94
C ASP A 196 8.58 -23.16 24.80
N ASP A 197 8.85 -24.07 23.87
CA ASP A 197 8.02 -24.27 22.69
C ASP A 197 6.81 -25.14 22.99
N SER A 198 7.01 -26.13 23.87
CA SER A 198 5.92 -26.96 24.42
C SER A 198 4.85 -26.09 25.06
N LYS A 199 5.29 -25.05 25.78
CA LYS A 199 4.40 -24.11 26.43
C LYS A 199 3.54 -23.41 25.38
N ILE A 200 4.16 -23.05 24.26
CA ILE A 200 3.46 -22.35 23.19
C ILE A 200 2.51 -23.28 22.44
N ILE A 201 2.94 -24.52 22.22
CA ILE A 201 2.22 -25.47 21.35
C ILE A 201 1.13 -26.27 22.09
N LEU A 202 1.48 -26.78 23.26
CA LEU A 202 0.61 -27.64 24.05
C LEU A 202 0.10 -26.97 25.32
N GLY A 203 0.42 -25.68 25.51
CA GLY A 203 0.15 -24.97 26.77
C GLY A 203 0.71 -25.71 27.97
N GLU A 204 1.89 -26.31 27.80
CA GLU A 204 2.41 -27.29 28.75
C GLU A 204 3.94 -27.18 28.88
N SER A 205 4.42 -26.73 30.04
CA SER A 205 5.86 -26.53 30.26
C SER A 205 6.59 -27.76 30.76
N ASP A 206 5.86 -28.72 31.34
CA ASP A 206 6.48 -29.91 31.90
C ASP A 206 6.97 -30.84 30.79
N PRO A 207 8.27 -31.23 30.83
CA PRO A 207 8.86 -32.11 29.82
C PRO A 207 8.18 -33.47 29.66
N ASP A 208 7.78 -34.09 30.77
CA ASP A 208 7.13 -35.40 30.73
C ASP A 208 5.73 -35.33 30.13
N LYS A 209 5.01 -34.26 30.44
CA LYS A 209 3.64 -34.09 29.96
C LYS A 209 3.60 -33.71 28.48
N ALA A 210 4.48 -32.78 28.10
CA ALA A 210 4.62 -32.37 26.70
C ALA A 210 5.00 -33.56 25.84
N ALA A 211 6.00 -34.32 26.29
CA ALA A 211 6.45 -35.52 25.57
C ALA A 211 5.34 -36.56 25.36
N LYS A 212 4.45 -36.67 26.35
CA LYS A 212 3.31 -37.58 26.25
C LYS A 212 2.30 -37.10 25.22
N ALA A 213 2.01 -35.80 25.24
CA ALA A 213 1.14 -35.19 24.24
C ALA A 213 1.76 -35.25 22.84
N PHE A 214 3.09 -35.40 22.76
CA PHE A 214 3.77 -35.40 21.48
C PHE A 214 3.97 -36.81 20.93
N SER A 215 3.95 -37.81 21.81
CA SER A 215 4.19 -39.22 21.44
C SER A 215 3.32 -39.74 20.29
N ASP A 216 2.18 -39.11 20.06
CA ASP A 216 1.30 -39.49 18.95
C ASP A 216 1.84 -39.05 17.58
N TYR A 217 2.60 -37.96 17.56
CA TYR A 217 3.14 -37.42 16.30
C TYR A 217 4.58 -37.82 16.04
N ALA A 218 5.28 -38.27 17.09
CA ALA A 218 6.71 -38.50 16.97
C ALA A 218 7.16 -39.79 17.65
N GLU A 219 7.98 -40.56 16.93
CA GLU A 219 8.58 -41.78 17.45
C GLU A 219 9.61 -41.54 18.55
N ILE A 220 10.56 -40.63 18.28
CA ILE A 220 11.62 -40.28 19.22
C ILE A 220 11.53 -38.79 19.49
N ILE A 221 11.48 -38.40 20.76
CA ILE A 221 11.34 -37.00 21.13
C ILE A 221 12.54 -36.53 21.95
N VAL A 222 13.19 -35.45 21.49
CA VAL A 222 14.27 -34.82 22.24
C VAL A 222 13.74 -33.54 22.87
N MET A 223 13.71 -33.49 24.20
CA MET A 223 13.20 -32.34 24.92
C MET A 223 14.35 -31.57 25.57
N LYS A 224 14.71 -30.45 24.96
CA LYS A 224 15.82 -29.64 25.48
C LYS A 224 15.37 -28.76 26.63
N LEU A 225 16.20 -28.67 27.66
CA LEU A 225 15.84 -27.96 28.88
C LEU A 225 16.61 -26.66 29.08
N GLY A 226 17.52 -26.34 28.16
CA GLY A 226 18.38 -25.18 28.31
C GLY A 226 19.72 -25.65 28.83
N PRO A 227 20.43 -24.77 29.59
CA PRO A 227 21.71 -25.12 30.21
C PRO A 227 21.69 -26.43 31.05
N LYS A 228 20.53 -26.79 31.58
CA LYS A 228 20.35 -28.01 32.37
C LYS A 228 20.60 -29.29 31.57
N GLY A 229 20.33 -29.23 30.27
CA GLY A 229 20.58 -30.34 29.37
C GLY A 229 19.36 -30.68 28.54
N ALA A 230 19.11 -31.99 28.40
CA ALA A 230 18.03 -32.49 27.54
C ALA A 230 17.53 -33.86 28.02
N ILE A 231 16.32 -34.22 27.59
CA ILE A 231 15.73 -35.52 27.83
C ILE A 231 15.30 -36.14 26.49
N VAL A 232 15.62 -37.41 26.30
CA VAL A 232 15.11 -38.17 25.16
C VAL A 232 13.97 -39.13 25.59
N TYR A 233 12.88 -39.13 24.82
CA TYR A 233 11.74 -40.04 25.01
C TYR A 233 11.59 -40.94 23.78
N TYR A 234 11.55 -42.25 24.03
CA TYR A 234 11.50 -43.28 22.96
C TYR A 234 11.15 -44.64 23.59
N ASP A 235 10.44 -45.49 22.86
CA ASP A 235 10.03 -46.85 23.32
C ASP A 235 9.55 -46.90 24.78
N GLY A 236 8.73 -45.93 25.18
CA GLY A 236 8.29 -45.81 26.57
C GLY A 236 9.40 -45.66 27.61
N LYS A 237 10.53 -45.08 27.22
CA LYS A 237 11.60 -44.76 28.16
C LYS A 237 11.79 -43.25 28.26
N LYS A 238 12.33 -42.81 29.39
CA LYS A 238 12.79 -41.44 29.57
C LYS A 238 14.29 -41.48 29.92
N TYR A 239 15.07 -40.54 29.36
CA TYR A 239 16.48 -40.38 29.72
C TYR A 239 16.98 -38.93 29.69
N TYR A 240 17.33 -38.43 30.88
CA TYR A 240 17.85 -37.08 31.09
C TYR A 240 19.38 -37.06 31.00
N SER A 241 19.89 -36.29 30.05
CA SER A 241 21.33 -36.02 29.96
C SER A 241 21.57 -34.56 30.39
N SER A 242 22.42 -34.40 31.40
CA SER A 242 22.60 -33.09 32.02
C SER A 242 23.67 -32.26 31.32
N GLY A 243 23.52 -30.94 31.41
CA GLY A 243 24.43 -29.98 30.82
C GLY A 243 25.73 -29.89 31.56
N TYR A 244 26.63 -29.04 31.08
CA TYR A 244 27.88 -28.79 31.79
C TYR A 244 28.05 -27.32 32.02
N GLN A 245 28.69 -26.98 33.13
CA GLN A 245 29.05 -25.61 33.43
C GLN A 245 30.30 -25.23 32.64
N VAL A 246 30.15 -24.29 31.70
CA VAL A 246 31.27 -23.76 30.91
C VAL A 246 31.09 -22.24 30.71
N PRO A 247 32.17 -21.51 30.36
CA PRO A 247 32.08 -20.09 30.00
C PRO A 247 31.21 -19.88 28.76
N VAL A 248 30.22 -19.01 28.90
CA VAL A 248 29.29 -18.73 27.83
C VAL A 248 29.74 -17.51 27.00
N GLU A 249 30.04 -17.72 25.72
CA GLU A 249 30.32 -16.60 24.83
C GLU A 249 29.07 -16.25 24.04
N ASP A 250 28.36 -17.29 23.56
CA ASP A 250 27.16 -17.12 22.75
C ASP A 250 26.43 -18.46 22.60
N VAL A 251 25.22 -18.56 23.14
CA VAL A 251 24.46 -19.81 23.11
C VAL A 251 23.86 -20.10 21.72
N THR A 252 23.81 -19.10 20.86
CA THR A 252 23.27 -19.25 19.51
C THR A 252 23.94 -20.41 18.80
N GLY A 253 23.14 -21.35 18.30
CA GLY A 253 23.69 -22.53 17.64
C GLY A 253 23.64 -23.81 18.45
N ALA A 254 23.41 -23.69 19.75
CA ALA A 254 23.58 -24.82 20.66
C ALA A 254 22.52 -25.90 20.46
N GLY A 255 21.26 -25.52 20.31
CA GLY A 255 20.19 -26.46 20.03
C GLY A 255 20.37 -27.21 18.72
N ASP A 256 20.95 -26.56 17.70
CA ASP A 256 21.21 -27.22 16.41
C ASP A 256 22.38 -28.19 16.51
N ALA A 257 23.41 -27.79 17.29
CA ALA A 257 24.57 -28.64 17.54
C ALA A 257 24.15 -29.97 18.17
N LEU A 258 23.31 -29.88 19.22
CA LEU A 258 22.70 -31.05 19.87
C LEU A 258 21.82 -31.84 18.89
N GLY A 259 20.78 -31.19 18.37
CA GLY A 259 19.94 -31.79 17.33
C GLY A 259 20.73 -32.58 16.28
N GLY A 260 21.64 -31.90 15.58
CA GLY A 260 22.38 -32.52 14.47
C GLY A 260 23.25 -33.69 14.90
N THR A 261 23.97 -33.53 16.01
CA THR A 261 24.83 -34.57 16.55
C THR A 261 24.03 -35.81 16.95
N PHE A 262 22.89 -35.57 17.61
CA PHE A 262 22.02 -36.66 18.03
C PHE A 262 21.55 -37.50 16.86
N LEU A 263 21.02 -36.83 15.82
CA LEU A 263 20.53 -37.50 14.63
C LEU A 263 21.61 -38.33 13.94
N SER A 264 22.81 -37.75 13.80
CA SER A 264 23.91 -38.45 13.14
C SER A 264 24.37 -39.71 13.89
N LEU A 265 24.43 -39.63 15.21
CA LEU A 265 24.87 -40.76 16.02
C LEU A 265 23.81 -41.85 16.00
N TYR A 266 22.53 -41.46 16.04
CA TYR A 266 21.45 -42.42 15.82
C TYR A 266 21.78 -43.30 14.60
N TYR A 267 22.10 -42.68 13.47
CA TYR A 267 22.40 -43.44 12.26
C TYR A 267 23.76 -44.13 12.24
N LYS A 268 24.59 -43.87 13.26
CA LYS A 268 25.83 -44.60 13.46
C LYS A 268 25.58 -45.81 14.38
N GLY A 269 24.33 -46.00 14.78
CA GLY A 269 23.91 -47.16 15.57
C GLY A 269 24.12 -46.98 17.06
N PHE A 270 24.32 -45.74 17.51
CA PHE A 270 24.46 -45.46 18.93
C PHE A 270 23.16 -45.77 19.62
N GLU A 271 23.27 -46.26 20.84
CA GLU A 271 22.14 -46.39 21.73
C GLU A 271 21.63 -44.97 21.99
N MET A 272 20.34 -44.84 22.27
CA MET A 272 19.72 -43.54 22.38
C MET A 272 20.39 -42.65 23.41
N GLU A 273 20.71 -43.22 24.57
CA GLU A 273 21.21 -42.44 25.73
C GLU A 273 22.61 -41.90 25.52
N LYS A 274 23.49 -42.69 24.93
CA LYS A 274 24.81 -42.18 24.66
C LYS A 274 24.85 -41.27 23.41
N ALA A 275 23.84 -41.37 22.54
CA ALA A 275 23.67 -40.43 21.44
C ALA A 275 23.37 -39.04 22.02
N LEU A 276 22.49 -39.00 23.03
CA LEU A 276 22.18 -37.77 23.73
C LEU A 276 23.37 -37.25 24.51
N ASP A 277 24.08 -38.15 25.18
CA ASP A 277 25.25 -37.79 26.00
C ASP A 277 26.29 -37.12 25.12
N TYR A 278 26.50 -37.68 23.94
CA TYR A 278 27.43 -37.10 22.98
C TYR A 278 26.87 -35.78 22.40
N ALA A 279 25.56 -35.74 22.14
CA ALA A 279 24.92 -34.53 21.60
C ALA A 279 25.05 -33.32 22.55
N ILE A 280 24.95 -33.60 23.85
CA ILE A 280 25.12 -32.57 24.91
C ILE A 280 26.56 -32.00 24.90
N VAL A 281 27.52 -32.86 24.60
CA VAL A 281 28.91 -32.41 24.48
C VAL A 281 29.05 -31.38 23.35
N ALA A 282 28.53 -31.69 22.17
CA ALA A 282 28.53 -30.75 21.05
C ALA A 282 27.85 -29.40 21.35
N SER A 283 26.66 -29.42 21.94
CA SER A 283 25.97 -28.19 22.38
C SER A 283 26.69 -27.44 23.51
N THR A 284 27.39 -28.17 24.39
CA THR A 284 28.20 -27.57 25.43
C THR A 284 29.34 -26.78 24.81
N LEU A 285 30.04 -27.43 23.88
CA LEU A 285 31.17 -26.78 23.25
C LEU A 285 30.67 -25.58 22.45
N ASN A 286 29.47 -25.70 21.88
CA ASN A 286 28.95 -24.63 21.04
C ASN A 286 28.82 -23.25 21.69
N VAL A 287 28.28 -23.21 22.92
CA VAL A 287 28.06 -21.97 23.66
C VAL A 287 29.37 -21.22 24.02
N MET A 288 30.50 -21.89 23.87
CA MET A 288 31.80 -21.34 24.26
C MET A 288 32.40 -20.33 23.29
N ILE A 289 31.76 -20.18 22.13
CA ILE A 289 32.35 -19.42 21.02
C ILE A 289 31.27 -18.61 20.29
N ARG A 290 31.66 -17.47 19.71
CA ARG A 290 30.93 -16.82 18.61
C ARG A 290 31.06 -17.67 17.34
N GLY A 291 29.92 -17.98 16.72
CA GLY A 291 29.89 -18.87 15.57
C GLY A 291 29.09 -20.11 15.90
N ASP A 292 28.11 -20.43 15.06
CA ASP A 292 27.23 -21.58 15.29
C ASP A 292 27.92 -22.89 14.91
N GLN A 293 28.92 -22.80 14.03
CA GLN A 293 29.45 -23.97 13.38
C GLN A 293 30.93 -24.27 13.64
N GLU A 294 31.72 -23.27 14.03
CA GLU A 294 33.19 -23.42 13.98
C GLU A 294 33.83 -24.36 15.00
N ASN A 295 33.12 -24.72 16.05
CA ASN A 295 33.60 -25.79 16.92
C ASN A 295 32.52 -26.86 17.16
N LEU A 296 31.86 -27.26 16.07
CA LEU A 296 31.07 -28.48 16.08
C LEU A 296 32.10 -29.59 16.11
N PRO A 297 32.04 -30.49 17.11
CA PRO A 297 33.06 -31.53 17.27
C PRO A 297 32.82 -32.81 16.47
N THR A 298 33.91 -33.42 16.00
CA THR A 298 33.87 -34.76 15.44
C THR A 298 33.58 -35.72 16.60
N THR A 299 33.28 -36.98 16.29
CA THR A 299 33.04 -37.99 17.33
C THR A 299 34.26 -38.20 18.24
N LYS A 300 35.44 -38.24 17.64
CA LYS A 300 36.70 -38.33 18.39
C LYS A 300 36.90 -37.17 19.37
N ASP A 301 36.58 -35.94 18.97
CA ASP A 301 36.68 -34.77 19.85
C ASP A 301 35.71 -34.89 21.03
N ILE A 302 34.51 -35.38 20.75
CA ILE A 302 33.51 -35.58 21.80
C ILE A 302 34.03 -36.59 22.82
N GLU A 303 34.68 -37.64 22.33
CA GLU A 303 35.19 -38.71 23.17
C GLU A 303 36.38 -38.26 23.99
N THR A 304 37.22 -37.41 23.42
CA THR A 304 38.29 -36.76 24.19
C THR A 304 37.72 -35.97 25.38
N PHE A 305 36.77 -35.06 25.09
CA PHE A 305 36.00 -34.34 26.10
C PHE A 305 35.49 -35.30 27.19
N LEU A 306 34.89 -36.41 26.76
CA LEU A 306 34.30 -37.38 27.68
C LEU A 306 35.30 -38.05 28.64
N ARG A 307 36.47 -38.43 28.12
CA ARG A 307 37.60 -38.90 28.95
C ARG A 307 37.98 -37.92 30.08
N GLU A 308 38.12 -36.63 29.74
CA GLU A 308 38.68 -35.64 30.67
C GLU A 308 37.62 -34.96 31.55
N MET A 309 36.36 -34.96 31.10
CA MET A 309 35.24 -34.34 31.82
C MET A 309 34.35 -35.39 32.50
N ALA B 2 22.79 30.16 10.06
CA ALA B 2 21.64 29.73 9.21
C ALA B 2 21.29 28.27 9.53
N LYS B 3 20.04 27.90 9.23
CA LYS B 3 19.57 26.56 9.51
C LYS B 3 19.27 25.80 8.22
N LEU B 4 19.79 24.59 8.16
CA LEU B 4 19.47 23.62 7.15
C LEU B 4 18.55 22.56 7.73
N ILE B 5 17.50 22.23 6.99
CA ILE B 5 16.73 21.04 7.26
C ILE B 5 16.85 20.10 6.06
N THR B 6 17.18 18.86 6.36
CA THR B 6 17.29 17.82 5.35
C THR B 6 16.24 16.72 5.57
N LEU B 7 15.87 16.05 4.49
CA LEU B 7 14.94 14.94 4.54
C LEU B 7 15.55 13.74 3.87
N GLY B 8 15.57 12.62 4.58
CA GLY B 8 16.08 11.41 3.99
C GLY B 8 16.11 10.27 4.97
N GLU B 9 16.86 9.24 4.60
CA GLU B 9 16.93 8.06 5.42
C GLU B 9 18.31 7.95 6.03
N ILE B 10 18.35 7.92 7.35
CA ILE B 10 19.57 7.62 8.06
C ILE B 10 19.79 6.11 7.95
N LEU B 11 21.03 5.71 7.67
CA LEU B 11 21.43 4.30 7.60
C LEU B 11 22.55 3.98 8.54
N ILE B 12 22.52 2.78 9.10
CA ILE B 12 23.72 2.27 9.78
C ILE B 12 24.64 1.58 8.77
N GLU B 13 25.92 1.95 8.82
CA GLU B 13 26.92 1.43 7.89
C GLU B 13 27.80 0.33 8.50
N PHE B 14 27.96 -0.77 7.75
CA PHE B 14 28.90 -1.83 8.13
C PHE B 14 30.02 -1.89 7.10
N ASN B 15 31.16 -1.35 7.51
CA ASN B 15 32.27 -1.06 6.63
C ASN B 15 33.30 -2.16 6.79
N ALA B 16 33.65 -2.83 5.69
CA ALA B 16 34.64 -3.92 5.72
C ALA B 16 35.95 -3.46 6.36
N LEU B 17 36.44 -4.23 7.33
CA LEU B 17 37.73 -3.93 7.99
C LEU B 17 38.94 -4.16 7.09
N SER B 18 38.75 -4.95 6.03
CA SER B 18 39.80 -5.14 5.03
C SER B 18 39.24 -5.05 3.62
N PRO B 19 40.08 -4.67 2.65
CA PRO B 19 39.61 -4.63 1.27
C PRO B 19 39.33 -6.02 0.67
N GLY B 20 38.52 -6.09 -0.38
CA GLY B 20 38.25 -7.38 -0.97
C GLY B 20 36.79 -7.78 -1.00
N PRO B 21 36.51 -8.92 -1.67
CA PRO B 21 35.12 -9.35 -1.79
C PRO B 21 34.60 -9.73 -0.39
N LEU B 22 33.37 -9.34 -0.05
CA LEU B 22 32.84 -9.60 1.28
C LEU B 22 32.78 -11.08 1.71
N ARG B 23 32.85 -12.00 0.75
CA ARG B 23 32.77 -13.42 1.10
C ARG B 23 34.01 -13.86 1.87
N HIS B 24 35.10 -13.08 1.73
CA HIS B 24 36.33 -13.32 2.48
C HIS B 24 36.68 -12.23 3.49
N VAL B 25 35.74 -11.34 3.78
CA VAL B 25 35.94 -10.36 4.83
C VAL B 25 35.18 -10.88 6.05
N SER B 26 35.83 -10.87 7.20
CA SER B 26 35.20 -11.39 8.41
C SER B 26 34.87 -10.34 9.45
N TYR B 27 35.39 -9.13 9.28
CA TYR B 27 35.26 -8.08 10.31
C TYR B 27 34.68 -6.78 9.76
N PHE B 28 33.70 -6.26 10.49
CA PHE B 28 32.90 -5.15 10.04
C PHE B 28 32.78 -4.12 11.15
N GLU B 29 32.98 -2.87 10.74
CA GLU B 29 33.03 -1.74 11.65
C GLU B 29 31.80 -0.88 11.42
N LYS B 30 31.10 -0.54 12.49
CA LYS B 30 29.86 0.20 12.44
C LYS B 30 30.08 1.72 12.40
N HIS B 31 29.32 2.39 11.51
CA HIS B 31 29.27 3.84 11.44
C HIS B 31 27.83 4.31 11.21
N VAL B 32 27.56 5.58 11.54
CA VAL B 32 26.26 6.21 11.27
C VAL B 32 26.47 7.05 10.02
N ALA B 33 25.57 6.86 9.07
CA ALA B 33 25.69 7.45 7.76
C ALA B 33 24.29 7.74 7.16
N GLY B 34 24.22 7.79 5.83
CA GLY B 34 23.05 8.30 5.16
C GLY B 34 23.37 9.68 4.67
N SER B 35 23.15 9.92 3.39
CA SER B 35 23.54 11.18 2.72
C SER B 35 23.14 12.47 3.46
N GLU B 36 21.87 12.58 3.82
CA GLU B 36 21.32 13.76 4.51
C GLU B 36 21.86 13.89 5.93
N ALA B 37 22.03 12.76 6.61
CA ALA B 37 22.75 12.77 7.89
C ALA B 37 24.17 13.32 7.70
N ASN B 38 24.89 12.88 6.67
CA ASN B 38 26.24 13.37 6.39
C ASN B 38 26.28 14.88 6.12
N TYR B 39 25.33 15.36 5.30
CA TYR B 39 25.16 16.79 5.01
C TYR B 39 24.98 17.57 6.28
N CYS B 40 24.12 17.05 7.17
CA CYS B 40 23.85 17.70 8.45
C CYS B 40 25.11 18.01 9.24
N VAL B 41 25.92 16.98 9.46
CA VAL B 41 27.15 17.10 10.26
C VAL B 41 28.15 18.05 9.60
N ALA B 42 28.37 17.89 8.29
CA ALA B 42 29.21 18.81 7.50
C ALA B 42 28.78 20.30 7.60
N PHE B 43 27.47 20.53 7.56
CA PHE B 43 26.90 21.85 7.76
C PHE B 43 27.16 22.42 9.16
N ILE B 44 26.90 21.64 10.22
CA ILE B 44 27.18 22.14 11.58
C ILE B 44 28.67 22.34 11.88
N LYS B 45 29.53 21.54 11.27
CA LYS B 45 30.98 21.66 11.48
C LYS B 45 31.54 23.04 11.05
N GLN B 46 30.80 23.74 10.18
CA GLN B 46 31.19 25.09 9.77
C GLN B 46 30.52 26.15 10.65
N GLY B 47 29.77 25.69 11.65
CA GLY B 47 29.17 26.62 12.62
C GLY B 47 27.80 27.14 12.23
N ASN B 48 27.02 26.38 11.48
CA ASN B 48 25.60 26.73 11.27
C ASN B 48 24.71 25.76 12.08
N GLU B 49 23.38 25.83 11.92
CA GLU B 49 22.46 24.90 12.58
C GLU B 49 21.85 23.93 11.57
N CYS B 50 21.38 22.80 12.04
CA CYS B 50 20.72 21.86 11.17
C CYS B 50 19.79 20.91 11.92
N GLY B 51 18.76 20.43 11.22
CA GLY B 51 17.94 19.36 11.73
C GLY B 51 17.70 18.35 10.64
N ILE B 52 17.22 17.18 11.03
CA ILE B 52 16.93 16.13 10.07
C ILE B 52 15.51 15.63 10.28
N ILE B 53 14.77 15.51 9.18
CA ILE B 53 13.46 14.90 9.22
C ILE B 53 13.67 13.50 8.67
N ALA B 54 13.70 12.52 9.56
CA ALA B 54 13.91 11.13 9.18
C ALA B 54 13.14 10.21 10.12
N LYS B 55 12.86 9.00 9.64
CA LYS B 55 12.15 7.99 10.41
C LYS B 55 13.11 6.83 10.65
N VAL B 56 13.28 6.42 11.90
CA VAL B 56 14.06 5.22 12.19
C VAL B 56 13.19 4.23 12.96
N GLY B 57 13.71 3.00 13.08
CA GLY B 57 13.01 1.94 13.80
C GLY B 57 13.18 2.07 15.30
N ASP B 58 12.23 1.47 16.01
CA ASP B 58 12.32 1.26 17.46
C ASP B 58 13.27 0.09 17.74
N ASP B 59 14.55 0.28 17.43
CA ASP B 59 15.54 -0.77 17.55
C ASP B 59 16.89 -0.16 17.91
N GLU B 60 17.85 -1.00 18.28
CA GLU B 60 19.18 -0.53 18.69
C GLU B 60 19.82 0.37 17.64
N PHE B 61 19.66 0.02 16.36
CA PHE B 61 20.26 0.81 15.29
C PHE B 61 19.60 2.18 15.11
N GLY B 62 18.30 2.25 15.38
CA GLY B 62 17.54 3.51 15.41
C GLY B 62 17.99 4.50 16.48
N TYR B 63 18.10 4.03 17.72
CA TYR B 63 18.58 4.85 18.82
C TYR B 63 20.07 5.21 18.70
N ASN B 64 20.86 4.31 18.10
CA ASN B 64 22.23 4.61 17.69
C ASN B 64 22.25 5.86 16.77
N ALA B 65 21.38 5.88 15.77
CA ALA B 65 21.32 6.97 14.81
C ALA B 65 20.99 8.30 15.50
N ILE B 66 19.96 8.28 16.35
CA ILE B 66 19.53 9.41 17.18
C ILE B 66 20.64 9.93 18.14
N GLU B 67 21.16 9.04 18.99
CA GLU B 67 22.27 9.40 19.89
C GLU B 67 23.45 10.02 19.16
N TRP B 68 23.86 9.37 18.07
CA TRP B 68 24.99 9.86 17.30
C TRP B 68 24.72 11.25 16.74
N LEU B 69 23.53 11.44 16.17
CA LEU B 69 23.22 12.71 15.52
C LEU B 69 23.02 13.80 16.55
N ARG B 70 22.31 13.50 17.64
CA ARG B 70 22.19 14.41 18.78
C ARG B 70 23.56 14.84 19.35
N GLY B 71 24.43 13.87 19.57
CA GLY B 71 25.80 14.14 19.96
C GLY B 71 26.55 15.09 19.05
N GLN B 72 26.25 15.01 17.75
CA GLN B 72 26.92 15.84 16.77
C GLN B 72 26.34 17.26 16.78
N GLY B 73 25.27 17.47 17.56
CA GLY B 73 24.60 18.77 17.65
C GLY B 73 23.48 18.97 16.65
N VAL B 74 23.16 17.93 15.91
CA VAL B 74 22.05 17.98 14.96
C VAL B 74 20.73 18.00 15.75
N ASP B 75 19.80 18.87 15.35
CA ASP B 75 18.43 18.85 15.88
C ASP B 75 17.74 17.55 15.42
N VAL B 76 17.37 16.75 16.41
CA VAL B 76 16.87 15.39 16.24
C VAL B 76 15.37 15.31 16.65
N SER B 77 14.85 16.42 17.18
CA SER B 77 13.48 16.49 17.75
C SER B 77 12.33 16.29 16.73
N HIS B 78 12.64 16.37 15.43
CA HIS B 78 11.63 16.15 14.39
C HIS B 78 11.83 14.85 13.64
N MET B 79 12.62 13.97 14.22
CA MET B 79 12.70 12.61 13.75
C MET B 79 11.51 11.80 14.26
N LYS B 80 11.15 10.74 13.54
CA LYS B 80 10.11 9.84 14.02
C LYS B 80 10.66 8.44 14.31
N ILE B 81 10.03 7.74 15.25
CA ILE B 81 10.35 6.35 15.51
C ILE B 81 9.17 5.49 15.05
N ASP B 82 9.43 4.63 14.08
CA ASP B 82 8.43 3.78 13.47
C ASP B 82 8.29 2.50 14.27
N PRO B 83 7.06 2.22 14.73
CA PRO B 83 6.85 1.12 15.69
C PRO B 83 7.14 -0.27 15.11
N SER B 84 7.04 -0.43 13.78
CA SER B 84 7.08 -1.77 13.19
C SER B 84 8.24 -2.08 12.21
N ALA B 85 8.71 -1.10 11.45
CA ALA B 85 9.77 -1.39 10.47
C ALA B 85 11.18 -1.24 11.08
N PRO B 86 12.16 -2.00 10.57
CA PRO B 86 13.52 -1.87 11.11
C PRO B 86 14.30 -0.67 10.53
N THR B 87 15.32 -0.20 11.23
CA THR B 87 16.24 0.79 10.67
C THR B 87 17.02 0.19 9.48
N GLY B 88 17.13 0.97 8.42
CA GLY B 88 17.87 0.59 7.23
C GLY B 88 19.34 0.52 7.54
N ILE B 89 20.03 -0.39 6.84
CA ILE B 89 21.47 -0.64 7.03
C ILE B 89 22.14 -0.88 5.69
N PHE B 90 23.46 -0.78 5.67
CA PHE B 90 24.19 -1.16 4.46
C PHE B 90 25.63 -1.59 4.76
N PHE B 91 26.18 -2.41 3.86
CA PHE B 91 27.55 -2.88 3.96
C PHE B 91 28.42 -2.21 2.93
N ILE B 92 29.69 -1.96 3.29
CA ILE B 92 30.62 -1.42 2.30
C ILE B 92 31.73 -2.40 1.96
N GLN B 93 31.86 -2.69 0.68
CA GLN B 93 32.95 -3.51 0.17
C GLN B 93 33.93 -2.54 -0.50
N ARG B 94 35.19 -2.62 -0.10
CA ARG B 94 36.16 -1.58 -0.45
C ARG B 94 37.23 -2.11 -1.37
N HIS B 95 37.53 -1.33 -2.41
CA HIS B 95 38.67 -1.53 -3.34
C HIS B 95 38.63 -2.83 -4.16
N TYR B 96 37.43 -3.39 -4.30
CA TYR B 96 37.25 -4.64 -5.03
C TYR B 96 35.88 -4.72 -5.65
N PRO B 97 35.82 -4.99 -6.97
CA PRO B 97 36.96 -5.26 -7.86
C PRO B 97 37.77 -4.05 -8.34
N VAL B 98 37.31 -2.83 -8.04
CA VAL B 98 38.02 -1.64 -8.52
C VAL B 98 38.75 -0.96 -7.36
N PRO B 99 40.08 -0.85 -7.48
CA PRO B 99 40.86 -0.16 -6.48
C PRO B 99 40.39 1.29 -6.31
N LEU B 100 40.46 1.80 -5.09
CA LEU B 100 40.11 3.18 -4.77
C LEU B 100 38.61 3.46 -4.81
N LYS B 101 37.81 2.46 -5.19
CA LYS B 101 36.35 2.62 -5.15
C LYS B 101 35.71 1.76 -4.07
N SER B 102 34.49 2.11 -3.69
CA SER B 102 33.74 1.33 -2.73
C SER B 102 32.37 1.02 -3.29
N GLU B 103 31.71 0.01 -2.73
CA GLU B 103 30.34 -0.27 -3.13
C GLU B 103 29.44 -0.57 -1.95
N SER B 104 28.25 0.02 -1.99
CA SER B 104 27.28 -0.10 -0.93
C SER B 104 26.29 -1.24 -1.23
N ILE B 105 26.06 -2.07 -0.21
CA ILE B 105 25.20 -3.24 -0.32
C ILE B 105 24.05 -3.05 0.65
N TYR B 106 22.87 -2.78 0.14
CA TYR B 106 21.77 -2.32 0.96
C TYR B 106 20.89 -3.40 1.57
N TYR B 107 20.54 -3.19 2.84
CA TYR B 107 19.41 -3.86 3.48
C TYR B 107 18.49 -2.79 4.05
N ARG B 108 17.71 -2.17 3.14
CA ARG B 108 16.89 -1.00 3.47
C ARG B 108 15.45 -1.14 2.95
N LYS B 109 15.14 -2.29 2.38
CA LYS B 109 13.81 -2.50 1.76
C LYS B 109 12.74 -2.63 2.84
N GLY B 110 11.69 -1.81 2.72
CA GLY B 110 10.64 -1.71 3.74
C GLY B 110 11.14 -1.19 5.09
N SER B 111 12.25 -0.46 5.07
CA SER B 111 12.82 0.09 6.29
C SER B 111 11.93 1.15 6.89
N ALA B 112 12.15 1.42 8.16
CA ALA B 112 11.56 2.55 8.84
C ALA B 112 11.76 3.85 8.06
N GLY B 113 13.00 4.09 7.63
CA GLY B 113 13.37 5.27 6.84
C GLY B 113 12.60 5.46 5.55
N SER B 114 12.29 4.36 4.87
CA SER B 114 11.46 4.38 3.67
C SER B 114 9.99 4.73 3.97
N LYS B 115 9.59 4.68 5.24
CA LYS B 115 8.20 4.95 5.63
C LYS B 115 7.98 6.40 6.02
N LEU B 116 9.01 7.22 5.84
CA LEU B 116 8.86 8.66 5.88
C LEU B 116 7.77 9.06 4.89
N SER B 117 6.90 9.96 5.33
CA SER B 117 5.72 10.37 4.55
C SER B 117 5.43 11.85 4.79
N PRO B 118 4.57 12.48 3.95
CA PRO B 118 4.13 13.86 4.23
C PRO B 118 3.70 14.12 5.67
N GLU B 119 3.14 13.12 6.33
CA GLU B 119 2.64 13.26 7.70
C GLU B 119 3.74 13.58 8.71
N ASP B 120 4.99 13.23 8.39
CA ASP B 120 6.15 13.45 9.26
C ASP B 120 6.80 14.81 9.06
N VAL B 121 6.33 15.54 8.05
CA VAL B 121 6.91 16.81 7.69
C VAL B 121 6.08 17.94 8.32
N ASP B 122 6.56 18.50 9.42
CA ASP B 122 5.87 19.62 10.06
C ASP B 122 6.17 20.91 9.31
N GLU B 123 5.08 21.57 8.92
CA GLU B 123 5.08 22.77 8.09
C GLU B 123 5.80 23.96 8.75
N GLU B 124 5.45 24.24 10.00
CA GLU B 124 6.08 25.30 10.79
C GLU B 124 7.59 25.04 10.96
N TYR B 125 7.97 23.79 11.24
CA TYR B 125 9.38 23.45 11.35
C TYR B 125 10.13 23.73 10.05
N VAL B 126 9.57 23.33 8.91
CA VAL B 126 10.19 23.57 7.61
C VAL B 126 10.33 25.07 7.30
N LYS B 127 9.33 25.87 7.67
CA LYS B 127 9.36 27.33 7.50
C LYS B 127 10.55 27.99 8.22
N SER B 128 10.97 27.36 9.32
CA SER B 128 12.09 27.85 10.13
C SER B 128 13.47 27.72 9.46
N ALA B 129 13.58 26.96 8.36
CA ALA B 129 14.87 26.77 7.71
C ALA B 129 15.23 27.88 6.71
N ASP B 130 16.53 28.12 6.55
CA ASP B 130 17.03 28.97 5.49
C ASP B 130 17.23 28.18 4.21
N LEU B 131 17.46 26.87 4.36
CA LEU B 131 17.63 25.97 3.23
C LEU B 131 17.04 24.61 3.58
N VAL B 132 16.18 24.12 2.70
CA VAL B 132 15.61 22.78 2.84
C VAL B 132 16.27 21.89 1.78
N HIS B 133 16.80 20.75 2.24
CA HIS B 133 17.63 19.93 1.38
C HIS B 133 17.16 18.48 1.32
N SER B 134 17.16 17.91 0.12
CA SER B 134 17.01 16.46 -0.04
C SER B 134 17.83 15.92 -1.23
N SER B 135 17.57 14.68 -1.62
CA SER B 135 18.42 14.03 -2.63
C SER B 135 17.65 12.96 -3.42
N GLY B 136 18.29 12.39 -4.45
CA GLY B 136 17.69 11.37 -5.28
C GLY B 136 17.46 10.04 -4.57
N ILE B 137 18.15 9.84 -3.44
CA ILE B 137 17.98 8.65 -2.65
C ILE B 137 16.59 8.75 -2.01
N THR B 138 16.25 9.93 -1.52
CA THR B 138 14.98 10.08 -0.80
C THR B 138 13.79 9.91 -1.73
N LEU B 139 13.92 10.45 -2.95
CA LEU B 139 12.95 10.25 -4.03
C LEU B 139 12.78 8.78 -4.42
N ALA B 140 13.87 8.02 -4.38
CA ALA B 140 13.87 6.64 -4.88
C ALA B 140 13.43 5.56 -3.89
N ILE B 141 13.59 5.80 -2.59
CA ILE B 141 13.36 4.76 -1.59
C ILE B 141 11.89 4.31 -1.45
N SER B 142 10.96 5.23 -1.71
CA SER B 142 9.52 4.95 -1.61
C SER B 142 8.69 6.12 -2.15
N SER B 143 7.41 5.87 -2.39
CA SER B 143 6.48 6.92 -2.81
C SER B 143 6.17 7.92 -1.72
N THR B 144 6.03 7.44 -0.48
CA THR B 144 5.74 8.32 0.65
C THR B 144 6.93 9.27 0.92
N ALA B 145 8.15 8.76 0.78
CA ALA B 145 9.34 9.57 1.02
C ALA B 145 9.51 10.62 -0.09
N LYS B 146 9.21 10.21 -1.32
CA LYS B 146 9.09 11.15 -2.45
C LYS B 146 8.05 12.23 -2.16
N GLU B 147 6.84 11.80 -1.77
N GLU B 147 6.84 11.86 -1.75
CA GLU B 147 5.73 12.67 -1.34
CA GLU B 147 5.81 12.86 -1.44
C GLU B 147 6.21 13.68 -0.28
C GLU B 147 6.13 13.71 -0.20
N ALA B 148 6.98 13.18 0.69
CA ALA B 148 7.48 14.00 1.81
C ALA B 148 8.36 15.15 1.32
N VAL B 149 9.19 14.87 0.32
CA VAL B 149 10.10 15.86 -0.23
C VAL B 149 9.29 16.96 -0.94
N TYR B 150 8.32 16.54 -1.75
CA TYR B 150 7.39 17.46 -2.42
C TYR B 150 6.76 18.42 -1.42
N LYS B 151 6.11 17.86 -0.41
CA LYS B 151 5.55 18.67 0.68
C LYS B 151 6.58 19.68 1.20
N ALA B 152 7.73 19.19 1.66
CA ALA B 152 8.80 20.03 2.18
C ALA B 152 9.19 21.12 1.19
N PHE B 153 9.44 20.74 -0.07
CA PHE B 153 9.83 21.70 -1.11
C PHE B 153 8.73 22.73 -1.44
N GLU B 154 7.47 22.33 -1.31
CA GLU B 154 6.32 23.23 -1.51
C GLU B 154 6.34 24.36 -0.45
N ILE B 155 6.73 24.02 0.77
CA ILE B 155 6.78 24.99 1.87
C ILE B 155 8.05 25.86 1.87
N ALA B 156 9.17 25.31 1.38
CA ALA B 156 10.48 25.91 1.56
C ALA B 156 10.68 27.25 0.84
N SER B 157 11.35 28.17 1.49
CA SER B 157 11.82 29.42 0.86
C SER B 157 12.94 29.14 -0.14
N ASN B 158 13.92 28.34 0.26
CA ASN B 158 15.07 28.00 -0.59
C ASN B 158 15.33 26.51 -0.56
N ARG B 159 15.65 25.95 -1.72
CA ARG B 159 15.78 24.51 -1.87
C ARG B 159 17.16 24.07 -2.31
N SER B 160 17.60 22.92 -1.80
CA SER B 160 18.85 22.30 -2.21
C SER B 160 18.64 20.80 -2.50
N PHE B 161 19.35 20.31 -3.52
CA PHE B 161 19.18 18.95 -3.99
C PHE B 161 20.49 18.33 -4.48
N ASP B 162 20.83 17.16 -3.93
CA ASP B 162 21.95 16.34 -4.39
C ASP B 162 21.31 15.23 -5.21
N THR B 163 21.69 15.13 -6.49
CA THR B 163 21.03 14.16 -7.38
C THR B 163 21.21 12.73 -6.86
N ASN B 164 22.41 12.42 -6.34
CA ASN B 164 22.65 11.14 -5.63
C ASN B 164 21.95 9.95 -6.27
N ILE B 165 22.22 9.71 -7.55
CA ILE B 165 21.56 8.59 -8.22
C ILE B 165 22.15 7.26 -7.76
N ARG B 166 21.27 6.38 -7.31
CA ARG B 166 21.67 5.02 -6.93
C ARG B 166 20.86 4.06 -7.81
N LEU B 167 21.56 3.40 -8.74
CA LEU B 167 20.91 2.58 -9.76
C LEU B 167 20.47 1.23 -9.20
N LYS B 168 20.89 0.94 -7.97
CA LYS B 168 20.34 -0.20 -7.25
C LYS B 168 18.96 0.13 -6.67
N LEU B 169 18.63 1.41 -6.57
CA LEU B 169 17.34 1.81 -5.97
C LEU B 169 16.25 2.10 -6.99
N TRP B 170 16.67 2.43 -8.20
CA TRP B 170 15.76 2.72 -9.30
C TRP B 170 16.53 2.69 -10.62
N SER B 171 15.82 2.57 -11.73
CA SER B 171 16.42 2.50 -13.05
C SER B 171 16.86 3.88 -13.51
N ALA B 172 17.74 3.92 -14.51
CA ALA B 172 18.20 5.19 -15.05
C ALA B 172 17.05 6.04 -15.60
N GLU B 173 16.06 5.39 -16.22
CA GLU B 173 14.91 6.11 -16.81
C GLU B 173 13.99 6.73 -15.74
N GLU B 174 13.69 6.00 -14.68
N GLU B 174 13.69 5.98 -14.69
CA GLU B 174 12.87 6.57 -13.60
CA GLU B 174 12.91 6.49 -13.56
C GLU B 174 13.64 7.60 -12.78
C GLU B 174 13.66 7.64 -12.87
N ALA B 175 14.97 7.44 -12.70
CA ALA B 175 15.82 8.47 -12.09
C ALA B 175 15.79 9.76 -12.92
N LYS B 176 16.01 9.64 -14.23
CA LYS B 176 15.89 10.78 -15.14
C LYS B 176 14.54 11.49 -14.98
N ARG B 177 13.46 10.72 -15.11
CA ARG B 177 12.09 11.20 -15.08
C ARG B 177 11.70 11.90 -13.78
N GLU B 178 12.00 11.27 -12.65
CA GLU B 178 11.60 11.80 -11.35
C GLU B 178 12.41 13.02 -10.91
N ILE B 179 13.70 13.03 -11.26
CA ILE B 179 14.54 14.17 -10.93
C ILE B 179 14.12 15.40 -11.73
N LEU B 180 13.86 15.22 -13.03
CA LEU B 180 13.41 16.33 -13.89
C LEU B 180 12.01 16.82 -13.56
N LYS B 181 11.11 15.89 -13.23
CA LYS B 181 9.79 16.24 -12.69
C LYS B 181 9.91 17.14 -11.45
N LEU B 182 10.82 16.81 -10.54
CA LEU B 182 11.11 17.64 -9.36
C LEU B 182 11.72 19.00 -9.70
N LEU B 183 12.72 19.01 -10.58
CA LEU B 183 13.40 20.23 -10.98
C LEU B 183 12.49 21.22 -11.73
N SER B 184 11.56 20.70 -12.53
CA SER B 184 10.64 21.57 -13.25
C SER B 184 9.58 22.18 -12.32
N LYS B 185 9.12 21.42 -11.32
CA LYS B 185 8.18 21.93 -10.31
C LYS B 185 8.81 22.90 -9.30
N PHE B 186 10.07 22.67 -8.92
CA PHE B 186 10.72 23.49 -7.90
C PHE B 186 12.06 24.03 -8.37
N HIS B 187 12.17 25.35 -8.43
CA HIS B 187 13.44 26.00 -8.69
C HIS B 187 14.38 25.84 -7.47
N LEU B 188 15.64 25.49 -7.74
CA LEU B 188 16.64 25.31 -6.69
C LEU B 188 17.58 26.49 -6.55
N LYS B 189 17.92 26.80 -5.29
CA LYS B 189 19.05 27.67 -4.99
C LYS B 189 20.34 26.89 -5.27
N PHE B 190 20.38 25.63 -4.86
CA PHE B 190 21.59 24.83 -5.07
C PHE B 190 21.28 23.48 -5.67
N LEU B 191 22.12 23.09 -6.64
CA LEU B 191 22.09 21.73 -7.17
C LEU B 191 23.46 21.12 -7.00
N ILE B 192 23.49 19.99 -6.30
CA ILE B 192 24.70 19.21 -6.20
C ILE B 192 24.56 17.94 -7.02
N THR B 193 25.49 17.76 -7.95
CA THR B 193 25.49 16.62 -8.86
C THR B 193 26.94 16.26 -9.30
N ASP B 194 27.05 15.47 -10.36
CA ASP B 194 28.34 15.09 -10.94
C ASP B 194 28.12 14.65 -12.39
N THR B 195 29.19 14.33 -13.11
CA THR B 195 29.06 13.95 -14.53
C THR B 195 28.33 12.61 -14.77
N ASP B 196 28.43 11.68 -13.82
CA ASP B 196 27.68 10.41 -13.89
C ASP B 196 26.17 10.60 -13.94
N ASP B 197 25.66 11.36 -12.98
CA ASP B 197 24.24 11.66 -12.86
C ASP B 197 23.80 12.59 -13.99
N SER B 198 24.72 13.43 -14.45
CA SER B 198 24.46 14.29 -15.60
C SER B 198 24.19 13.48 -16.87
N LYS B 199 24.98 12.41 -17.09
CA LYS B 199 24.76 11.45 -18.17
C LYS B 199 23.37 10.83 -18.12
N ILE B 200 22.92 10.49 -16.92
CA ILE B 200 21.63 9.83 -16.75
C ILE B 200 20.46 10.79 -16.93
N ILE B 201 20.54 11.97 -16.33
CA ILE B 201 19.43 12.92 -16.36
C ILE B 201 19.34 13.69 -17.68
N LEU B 202 20.48 14.05 -18.26
CA LEU B 202 20.52 14.87 -19.46
C LEU B 202 21.29 14.23 -20.62
N GLY B 203 21.86 13.04 -20.41
CA GLY B 203 22.68 12.37 -21.42
C GLY B 203 24.03 13.03 -21.64
N GLU B 204 24.31 14.03 -20.81
CA GLU B 204 25.40 14.98 -21.00
C GLU B 204 26.56 14.72 -20.03
N SER B 205 27.66 14.17 -20.56
CA SER B 205 28.87 13.85 -19.78
C SER B 205 29.83 15.05 -19.64
N ASP B 206 29.65 16.05 -20.51
CA ASP B 206 30.46 17.26 -20.45
C ASP B 206 29.92 18.20 -19.38
N PRO B 207 30.74 18.49 -18.35
CA PRO B 207 30.30 19.28 -17.20
C PRO B 207 29.75 20.68 -17.52
N ASP B 208 30.32 21.36 -18.51
CA ASP B 208 29.85 22.70 -18.90
C ASP B 208 28.49 22.65 -19.56
N LYS B 209 28.31 21.68 -20.46
CA LYS B 209 27.05 21.48 -21.15
C LYS B 209 25.98 20.98 -20.18
N ALA B 210 26.37 20.09 -19.26
CA ALA B 210 25.47 19.64 -18.20
C ALA B 210 24.98 20.81 -17.37
N ALA B 211 25.92 21.67 -16.96
CA ALA B 211 25.61 22.88 -16.19
C ALA B 211 24.65 23.84 -16.91
N LYS B 212 24.92 24.04 -18.21
CA LYS B 212 24.10 24.91 -19.05
C LYS B 212 22.67 24.38 -19.09
N ALA B 213 22.53 23.08 -19.29
CA ALA B 213 21.21 22.45 -19.26
C ALA B 213 20.52 22.62 -17.89
N PHE B 214 21.28 22.45 -16.81
CA PHE B 214 20.75 22.52 -15.45
C PHE B 214 20.39 23.92 -14.96
N SER B 215 21.00 24.93 -15.59
CA SER B 215 20.89 26.33 -15.14
C SER B 215 19.47 26.91 -15.20
N ASP B 216 18.55 26.24 -15.89
CA ASP B 216 17.15 26.65 -15.89
C ASP B 216 16.42 26.32 -14.58
N TYR B 217 17.00 25.40 -13.80
CA TYR B 217 16.34 24.89 -12.56
C TYR B 217 17.08 25.25 -11.28
N ALA B 218 18.35 25.62 -11.42
CA ALA B 218 19.19 25.87 -10.27
C ALA B 218 20.04 27.11 -10.45
N GLU B 219 20.03 27.93 -9.42
CA GLU B 219 20.84 29.13 -9.36
C GLU B 219 22.33 28.83 -9.23
N ILE B 220 22.69 27.91 -8.33
CA ILE B 220 24.08 27.54 -8.09
C ILE B 220 24.23 26.05 -8.29
N ILE B 221 25.17 25.66 -9.14
CA ILE B 221 25.36 24.25 -9.50
C ILE B 221 26.76 23.83 -9.09
N VAL B 222 26.85 22.81 -8.23
CA VAL B 222 28.12 22.15 -7.94
C VAL B 222 28.17 20.85 -8.75
N MET B 223 29.19 20.74 -9.58
CA MET B 223 29.37 19.62 -10.46
C MET B 223 30.67 18.94 -10.03
N LYS B 224 30.54 17.80 -9.37
CA LYS B 224 31.69 17.09 -8.80
C LYS B 224 32.30 16.21 -9.86
N LEU B 225 33.59 15.94 -9.75
CA LEU B 225 34.26 15.27 -10.86
C LEU B 225 35.02 14.03 -10.41
N GLY B 226 34.82 13.64 -9.15
CA GLY B 226 35.49 12.48 -8.59
C GLY B 226 36.83 12.90 -8.03
N PRO B 227 37.86 12.04 -8.17
CA PRO B 227 39.20 12.37 -7.65
C PRO B 227 39.75 13.73 -8.08
N LYS B 228 39.36 14.20 -9.26
CA LYS B 228 39.95 15.39 -9.87
C LYS B 228 39.42 16.72 -9.30
N GLY B 229 38.37 16.67 -8.50
CA GLY B 229 37.83 17.88 -7.88
C GLY B 229 36.38 18.14 -8.23
N ALA B 230 36.04 19.42 -8.39
CA ALA B 230 34.66 19.84 -8.61
C ALA B 230 34.63 21.22 -9.25
N ILE B 231 33.48 21.57 -9.83
CA ILE B 231 33.30 22.86 -10.48
C ILE B 231 32.07 23.52 -9.89
N VAL B 232 32.16 24.80 -9.55
CA VAL B 232 30.94 25.57 -9.25
C VAL B 232 30.58 26.52 -10.38
N TYR B 233 29.31 26.48 -10.74
CA TYR B 233 28.73 27.30 -11.78
C TYR B 233 27.74 28.22 -11.11
N TYR B 234 27.94 29.52 -11.30
CA TYR B 234 27.15 30.57 -10.66
C TYR B 234 27.40 31.86 -11.44
N ASP B 235 26.39 32.73 -11.52
CA ASP B 235 26.51 34.07 -12.12
C ASP B 235 27.04 34.05 -13.56
N GLY B 236 26.67 33.00 -14.31
CA GLY B 236 27.16 32.81 -15.67
C GLY B 236 28.63 32.44 -15.76
N LYS B 237 29.25 32.19 -14.60
CA LYS B 237 30.68 31.81 -14.58
C LYS B 237 30.93 30.39 -14.07
N LYS B 238 32.08 29.84 -14.41
CA LYS B 238 32.53 28.55 -13.90
C LYS B 238 33.86 28.64 -13.14
N TYR B 239 33.93 27.95 -12.01
CA TYR B 239 35.16 27.85 -11.24
C TYR B 239 35.48 26.39 -10.92
N TYR B 240 36.66 25.96 -11.35
CA TYR B 240 37.13 24.60 -11.12
C TYR B 240 38.10 24.62 -9.95
N SER B 241 37.85 23.75 -8.98
CA SER B 241 38.74 23.55 -7.83
C SER B 241 39.26 22.10 -7.86
N SER B 242 40.57 21.92 -8.03
CA SER B 242 41.14 20.57 -8.09
C SER B 242 41.15 19.83 -6.76
N GLY B 243 41.08 18.50 -6.87
CA GLY B 243 41.27 17.59 -5.75
C GLY B 243 42.73 17.47 -5.35
N TYR B 244 42.98 16.69 -4.29
CA TYR B 244 44.33 16.44 -3.80
C TYR B 244 44.58 14.94 -3.84
N GLN B 245 45.83 14.54 -4.04
CA GLN B 245 46.21 13.14 -4.02
C GLN B 245 46.46 12.70 -2.57
N VAL B 246 45.61 11.82 -2.07
CA VAL B 246 45.73 11.29 -0.72
C VAL B 246 45.52 9.78 -0.73
N PRO B 247 46.01 9.07 0.32
CA PRO B 247 45.71 7.64 0.50
C PRO B 247 44.22 7.45 0.69
N VAL B 248 43.66 6.48 -0.04
CA VAL B 248 42.21 6.31 -0.08
C VAL B 248 41.81 5.10 0.76
N GLU B 249 41.10 5.35 1.87
CA GLU B 249 40.53 4.24 2.64
C GLU B 249 39.14 3.88 2.15
N ASP B 250 38.25 4.86 2.09
CA ASP B 250 36.89 4.64 1.62
C ASP B 250 36.35 5.98 1.15
N VAL B 251 36.08 6.08 -0.15
CA VAL B 251 35.52 7.29 -0.75
C VAL B 251 34.06 7.52 -0.33
N THR B 252 33.40 6.52 0.26
CA THR B 252 31.99 6.66 0.65
C THR B 252 31.75 7.84 1.62
N GLY B 253 30.87 8.75 1.22
CA GLY B 253 30.57 9.92 2.01
C GLY B 253 31.23 11.21 1.52
N ALA B 254 32.22 11.09 0.63
CA ALA B 254 32.98 12.26 0.15
C ALA B 254 32.09 13.36 -0.51
N GLY B 255 31.11 12.93 -1.30
CA GLY B 255 30.17 13.84 -1.97
C GLY B 255 29.37 14.67 -1.00
N ASP B 256 28.94 14.05 0.09
CA ASP B 256 28.17 14.73 1.12
C ASP B 256 29.06 15.68 1.90
N ALA B 257 30.31 15.27 2.12
CA ALA B 257 31.29 16.10 2.82
C ALA B 257 31.47 17.41 2.08
N LEU B 258 31.63 17.34 0.77
CA LEU B 258 31.76 18.52 -0.10
C LEU B 258 30.48 19.39 -0.15
N GLY B 259 29.35 18.77 -0.46
CA GLY B 259 28.09 19.49 -0.57
C GLY B 259 27.69 20.19 0.72
N GLY B 260 27.82 19.48 1.84
CA GLY B 260 27.41 19.98 3.13
C GLY B 260 28.26 21.15 3.61
N THR B 261 29.58 20.96 3.53
CA THR B 261 30.55 21.99 3.82
C THR B 261 30.38 23.20 2.91
N PHE B 262 30.12 22.95 1.61
CA PHE B 262 30.01 24.05 0.64
C PHE B 262 28.81 24.91 1.00
N LEU B 263 27.66 24.26 1.18
CA LEU B 263 26.44 24.95 1.60
C LEU B 263 26.70 25.82 2.82
N SER B 264 27.31 25.24 3.85
CA SER B 264 27.46 25.92 5.14
C SER B 264 28.37 27.14 5.07
N LEU B 265 29.42 27.08 4.24
CA LEU B 265 30.33 28.21 4.10
C LEU B 265 29.69 29.36 3.33
N TYR B 266 28.86 29.01 2.33
CA TYR B 266 28.03 30.02 1.65
C TYR B 266 27.25 30.88 2.67
N TYR B 267 26.51 30.21 3.57
CA TYR B 267 25.76 30.91 4.63
C TYR B 267 26.65 31.62 5.65
N LYS B 268 27.90 31.18 5.79
CA LYS B 268 28.88 31.87 6.60
C LYS B 268 29.47 33.13 5.93
N GLY B 269 29.09 33.39 4.68
CA GLY B 269 29.46 34.62 3.99
C GLY B 269 30.75 34.50 3.20
N PHE B 270 31.28 33.27 3.13
CA PHE B 270 32.41 32.97 2.26
C PHE B 270 32.12 33.38 0.82
N GLU B 271 33.14 33.91 0.16
CA GLU B 271 33.09 34.11 -1.28
C GLU B 271 32.97 32.73 -1.93
N MET B 272 32.18 32.66 -3.01
CA MET B 272 31.75 31.41 -3.65
C MET B 272 32.83 30.40 -4.00
N GLU B 273 33.88 30.88 -4.66
CA GLU B 273 34.99 30.05 -5.12
C GLU B 273 35.84 29.56 -3.98
N LYS B 274 36.07 30.43 -2.98
CA LYS B 274 36.76 30.03 -1.75
C LYS B 274 35.95 28.97 -0.97
N ALA B 275 34.64 29.13 -0.91
CA ALA B 275 33.78 28.14 -0.28
C ALA B 275 33.96 26.75 -0.94
N LEU B 276 34.05 26.69 -2.27
CA LEU B 276 34.33 25.42 -2.96
C LEU B 276 35.72 24.86 -2.63
N ASP B 277 36.75 25.72 -2.61
CA ASP B 277 38.09 25.27 -2.21
C ASP B 277 38.08 24.57 -0.86
N TYR B 278 37.28 25.08 0.08
CA TYR B 278 37.27 24.58 1.46
C TYR B 278 36.52 23.25 1.53
N ALA B 279 35.44 23.17 0.78
CA ALA B 279 34.63 21.96 0.68
C ALA B 279 35.44 20.80 0.07
N ILE B 280 36.30 21.10 -0.91
CA ILE B 280 37.24 20.09 -1.46
C ILE B 280 38.15 19.50 -0.37
N VAL B 281 38.63 20.34 0.54
CA VAL B 281 39.39 19.85 1.70
C VAL B 281 38.59 18.84 2.53
N ALA B 282 37.33 19.15 2.81
CA ALA B 282 36.45 18.24 3.55
C ALA B 282 36.27 16.87 2.87
N SER B 283 36.09 16.88 1.56
CA SER B 283 35.92 15.65 0.80
C SER B 283 37.23 14.85 0.67
N THR B 284 38.34 15.58 0.52
CA THR B 284 39.68 15.02 0.55
C THR B 284 39.95 14.21 1.84
N LEU B 285 39.68 14.83 2.99
CA LEU B 285 39.88 14.19 4.29
C LEU B 285 38.97 12.97 4.46
N ASN B 286 37.75 13.10 3.96
CA ASN B 286 36.74 12.08 4.10
C ASN B 286 37.17 10.73 3.49
N VAL B 287 37.78 10.75 2.29
CA VAL B 287 38.16 9.50 1.58
C VAL B 287 39.27 8.71 2.29
N MET B 288 39.89 9.32 3.30
CA MET B 288 41.05 8.78 3.97
C MET B 288 40.67 7.90 5.16
N ILE B 289 39.38 7.82 5.50
CA ILE B 289 38.94 6.92 6.55
C ILE B 289 37.68 6.15 6.19
N ARG B 290 37.48 5.06 6.91
CA ARG B 290 36.19 4.38 6.97
C ARG B 290 35.28 5.19 7.92
N GLY B 291 34.11 5.60 7.43
CA GLY B 291 33.14 6.37 8.23
C GLY B 291 32.86 7.67 7.48
N ASP B 292 31.58 8.01 7.29
CA ASP B 292 31.23 9.13 6.41
C ASP B 292 31.37 10.44 7.16
N GLN B 293 31.35 10.35 8.49
CA GLN B 293 31.22 11.53 9.36
C GLN B 293 32.42 11.80 10.26
N GLU B 294 33.22 10.77 10.53
CA GLU B 294 34.17 10.77 11.62
C GLU B 294 35.29 11.82 11.46
N ASN B 295 35.68 12.15 10.23
CA ASN B 295 36.71 13.18 10.11
C ASN B 295 36.27 14.41 9.28
N LEU B 296 34.98 14.72 9.35
CA LEU B 296 34.46 16.01 8.85
C LEU B 296 35.12 17.12 9.65
N PRO B 297 35.83 18.03 8.94
CA PRO B 297 36.63 19.09 9.59
C PRO B 297 35.86 20.39 9.86
N THR B 298 36.21 21.04 10.97
CA THR B 298 35.78 22.40 11.23
C THR B 298 36.48 23.35 10.26
N THR B 299 36.02 24.58 10.20
CA THR B 299 36.61 25.57 9.30
C THR B 299 38.08 25.75 9.63
N LYS B 300 38.38 25.77 10.92
CA LYS B 300 39.76 25.87 11.43
C LYS B 300 40.63 24.70 10.97
N ASP B 301 40.09 23.48 10.99
CA ASP B 301 40.85 22.29 10.53
C ASP B 301 41.20 22.35 9.06
N ILE B 302 40.23 22.80 8.26
CA ILE B 302 40.44 23.07 6.84
C ILE B 302 41.59 24.07 6.59
N GLU B 303 41.64 25.13 7.39
CA GLU B 303 42.66 26.17 7.26
C GLU B 303 44.06 25.69 7.63
N THR B 304 44.15 24.83 8.65
CA THR B 304 45.38 24.11 9.01
C THR B 304 45.86 23.26 7.82
N PHE B 305 44.95 22.46 7.27
CA PHE B 305 45.20 21.71 6.03
C PHE B 305 45.72 22.64 4.91
N LEU B 306 44.99 23.72 4.61
CA LEU B 306 45.40 24.68 3.55
C LEU B 306 46.76 25.35 3.79
N ARG B 307 47.04 25.74 5.03
CA ARG B 307 48.35 26.26 5.44
C ARG B 307 49.48 25.29 5.12
N GLU B 308 49.24 24.01 5.35
CA GLU B 308 50.27 22.97 5.32
C GLU B 308 50.30 22.19 4.02
N MET B 309 49.42 22.54 3.10
CA MET B 309 49.11 21.66 1.99
C MET B 309 48.99 22.47 0.71
N ALA C 2 70.53 -14.75 45.33
CA ALA C 2 70.88 -16.10 44.78
C ALA C 2 70.78 -16.16 43.25
N LYS C 3 71.46 -17.14 42.63
CA LYS C 3 71.44 -17.26 41.17
C LYS C 3 70.93 -18.60 40.66
N LEU C 4 69.90 -18.54 39.82
CA LEU C 4 69.37 -19.72 39.15
C LEU C 4 69.94 -19.77 37.74
N ILE C 5 70.52 -20.91 37.39
CA ILE C 5 70.80 -21.18 36.00
C ILE C 5 69.91 -22.31 35.49
N THR C 6 69.17 -22.03 34.43
CA THR C 6 68.36 -23.06 33.76
C THR C 6 68.96 -23.47 32.38
N LEU C 7 68.64 -24.69 31.94
CA LEU C 7 69.06 -25.23 30.66
C LEU C 7 67.83 -25.79 29.95
N GLY C 8 67.59 -25.31 28.73
CA GLY C 8 66.40 -25.75 28.03
C GLY C 8 66.18 -25.05 26.72
N GLU C 9 65.03 -25.31 26.11
CA GLU C 9 64.69 -24.72 24.84
C GLU C 9 63.70 -23.58 24.99
N ILE C 10 64.13 -22.40 24.56
CA ILE C 10 63.24 -21.26 24.50
C ILE C 10 62.37 -21.44 23.24
N LEU C 11 61.08 -21.19 23.38
CA LEU C 11 60.15 -21.30 22.27
C LEU C 11 59.37 -20.03 22.04
N ILE C 12 59.09 -19.70 20.78
CA ILE C 12 58.11 -18.65 20.50
C ILE C 12 56.72 -19.28 20.42
N GLU C 13 55.78 -18.66 21.12
CA GLU C 13 54.42 -19.16 21.25
C GLU C 13 53.45 -18.36 20.40
N PHE C 14 52.58 -19.08 19.69
CA PHE C 14 51.52 -18.44 18.93
C PHE C 14 50.18 -18.86 19.48
N ASN C 15 49.58 -17.95 20.21
CA ASN C 15 48.47 -18.28 21.04
C ASN C 15 47.16 -17.94 20.35
N ALA C 16 46.29 -18.93 20.22
CA ALA C 16 45.02 -18.74 19.54
C ALA C 16 44.21 -17.67 20.24
N LEU C 17 43.79 -16.69 19.45
CA LEU C 17 43.09 -15.53 19.95
C LEU C 17 41.64 -15.85 20.29
N SER C 18 41.11 -16.95 19.77
CA SER C 18 39.82 -17.47 20.24
C SER C 18 39.89 -18.98 20.52
N PRO C 19 38.97 -19.51 21.35
CA PRO C 19 38.97 -20.95 21.61
C PRO C 19 38.45 -21.74 20.40
N GLY C 20 38.57 -23.05 20.43
CA GLY C 20 38.11 -23.87 19.31
C GLY C 20 39.28 -24.45 18.53
N PRO C 21 38.98 -25.35 17.58
CA PRO C 21 40.02 -26.04 16.81
C PRO C 21 40.69 -25.07 15.85
N LEU C 22 42.01 -25.18 15.71
CA LEU C 22 42.79 -24.22 14.92
C LEU C 22 42.39 -24.04 13.46
N ARG C 23 41.75 -25.05 12.87
CA ARG C 23 41.26 -24.94 11.49
C ARG C 23 40.27 -23.81 11.32
N HIS C 24 39.62 -23.37 12.40
CA HIS C 24 38.73 -22.20 12.35
C HIS C 24 39.16 -21.01 13.21
N VAL C 25 40.41 -20.99 13.66
CA VAL C 25 40.96 -19.81 14.35
C VAL C 25 41.80 -19.07 13.34
N SER C 26 41.58 -17.77 13.20
CA SER C 26 42.30 -17.02 12.17
C SER C 26 43.38 -16.08 12.73
N TYR C 27 43.35 -15.88 14.05
CA TYR C 27 44.23 -14.90 14.67
C TYR C 27 45.09 -15.51 15.76
N PHE C 28 46.37 -15.15 15.74
CA PHE C 28 47.35 -15.70 16.67
C PHE C 28 48.18 -14.58 17.26
N GLU C 29 48.34 -14.67 18.59
CA GLU C 29 49.04 -13.70 19.43
C GLU C 29 50.38 -14.29 19.89
N LYS C 30 51.43 -13.55 19.60
CA LYS C 30 52.79 -14.01 19.87
C LYS C 30 53.29 -13.72 21.30
N HIS C 31 53.92 -14.74 21.88
CA HIS C 31 54.57 -14.65 23.19
C HIS C 31 55.89 -15.43 23.24
N VAL C 32 56.79 -14.94 24.11
CA VAL C 32 58.00 -15.64 24.43
C VAL C 32 57.72 -16.60 25.61
N ALA C 33 58.07 -17.87 25.41
CA ALA C 33 57.82 -18.91 26.40
C ALA C 33 58.88 -20.03 26.30
N GLY C 34 58.52 -21.26 26.61
CA GLY C 34 59.50 -22.31 26.90
C GLY C 34 59.67 -22.40 28.43
N SER C 35 59.55 -23.61 28.96
CA SER C 35 59.54 -23.83 30.42
C SER C 35 60.67 -23.17 31.24
N GLU C 36 61.93 -23.32 30.81
CA GLU C 36 63.07 -22.77 31.53
C GLU C 36 63.13 -21.22 31.48
N ALA C 37 62.80 -20.63 30.33
CA ALA C 37 62.56 -19.17 30.24
C ALA C 37 61.43 -18.71 31.16
N ASN C 38 60.34 -19.51 31.29
CA ASN C 38 59.31 -19.15 32.30
C ASN C 38 59.86 -19.14 33.73
N TYR C 39 60.60 -20.19 34.08
CA TYR C 39 61.25 -20.27 35.38
C TYR C 39 62.14 -19.06 35.71
N CYS C 40 62.93 -18.64 34.72
CA CYS C 40 63.87 -17.53 34.87
C CYS C 40 63.18 -16.24 35.22
N VAL C 41 62.05 -15.99 34.57
CA VAL C 41 61.36 -14.74 34.74
C VAL C 41 60.60 -14.74 36.06
N ALA C 42 59.93 -15.86 36.38
CA ALA C 42 59.30 -16.05 37.69
C ALA C 42 60.31 -15.86 38.82
N PHE C 43 61.51 -16.41 38.65
CA PHE C 43 62.60 -16.32 39.61
C PHE C 43 63.13 -14.89 39.80
N ILE C 44 63.31 -14.16 38.70
CA ILE C 44 63.80 -12.77 38.78
C ILE C 44 62.78 -11.81 39.40
N LYS C 45 61.50 -12.12 39.19
CA LYS C 45 60.38 -11.36 39.73
C LYS C 45 60.31 -11.32 41.26
N GLN C 46 60.91 -12.30 41.95
CA GLN C 46 60.97 -12.34 43.42
C GLN C 46 62.27 -11.71 43.97
N GLY C 47 63.11 -11.19 43.08
CA GLY C 47 64.27 -10.40 43.47
C GLY C 47 65.61 -11.11 43.50
N ASN C 48 65.70 -12.30 42.92
CA ASN C 48 67.00 -12.96 42.80
C ASN C 48 67.54 -12.80 41.38
N GLU C 49 68.69 -13.38 41.05
CA GLU C 49 69.20 -13.29 39.68
C GLU C 49 69.14 -14.62 38.94
N CYS C 50 69.28 -14.58 37.62
CA CYS C 50 69.19 -15.82 36.84
C CYS C 50 69.78 -15.69 35.45
N GLY C 51 70.14 -16.85 34.89
CA GLY C 51 70.56 -16.94 33.50
C GLY C 51 70.00 -18.19 32.83
N ILE C 52 70.05 -18.23 31.51
CA ILE C 52 69.59 -19.41 30.78
C ILE C 52 70.67 -19.89 29.83
N ILE C 53 70.92 -21.19 29.83
CA ILE C 53 71.74 -21.78 28.78
C ILE C 53 70.81 -22.38 27.71
N ALA C 54 70.78 -21.73 26.54
CA ALA C 54 69.95 -22.14 25.43
C ALA C 54 70.56 -21.68 24.12
N LYS C 55 70.06 -22.25 23.03
CA LYS C 55 70.49 -21.93 21.67
C LYS C 55 69.22 -21.51 20.91
N VAL C 56 69.31 -20.38 20.22
CA VAL C 56 68.21 -19.91 19.37
C VAL C 56 68.74 -19.73 17.95
N GLY C 57 67.80 -19.51 17.03
CA GLY C 57 68.16 -19.32 15.65
C GLY C 57 68.72 -17.93 15.40
N ASP C 58 69.40 -17.82 14.26
CA ASP C 58 69.86 -16.53 13.75
C ASP C 58 68.70 -15.97 12.93
N ASP C 59 67.62 -15.59 13.63
CA ASP C 59 66.37 -15.23 12.99
C ASP C 59 65.53 -14.32 13.87
N GLU C 60 64.45 -13.73 13.35
CA GLU C 60 63.66 -12.76 14.13
C GLU C 60 63.17 -13.33 15.47
N PHE C 61 62.70 -14.57 15.43
CA PHE C 61 62.22 -15.27 16.62
C PHE C 61 63.35 -15.47 17.64
N GLY C 62 64.53 -15.80 17.15
CA GLY C 62 65.73 -15.86 18.01
C GLY C 62 66.01 -14.55 18.73
N TYR C 63 65.99 -13.46 17.97
CA TYR C 63 66.33 -12.16 18.54
C TYR C 63 65.24 -11.63 19.47
N ASN C 64 64.00 -11.98 19.15
CA ASN C 64 62.81 -11.75 19.97
C ASN C 64 62.99 -12.37 21.36
N ALA C 65 63.37 -13.66 21.41
CA ALA C 65 63.64 -14.32 22.70
C ALA C 65 64.77 -13.64 23.48
N ILE C 66 65.87 -13.29 22.79
CA ILE C 66 66.99 -12.60 23.46
C ILE C 66 66.57 -11.25 24.05
N GLU C 67 66.01 -10.37 23.22
CA GLU C 67 65.56 -9.06 23.68
C GLU C 67 64.53 -9.13 24.83
N TRP C 68 63.53 -9.98 24.67
CA TRP C 68 62.53 -10.16 25.73
C TRP C 68 63.17 -10.59 27.05
N LEU C 69 64.01 -11.62 26.99
CA LEU C 69 64.66 -12.16 28.20
C LEU C 69 65.63 -11.15 28.83
N ARG C 70 66.48 -10.54 28.01
CA ARG C 70 67.32 -9.42 28.44
C ARG C 70 66.54 -8.29 29.12
N GLY C 71 65.41 -7.88 28.52
CA GLY C 71 64.55 -6.83 29.07
C GLY C 71 63.96 -7.17 30.43
N GLN C 72 63.70 -8.46 30.63
CA GLN C 72 63.19 -8.97 31.90
C GLN C 72 64.29 -9.05 32.99
N GLY C 73 65.54 -8.86 32.59
CA GLY C 73 66.67 -8.84 33.51
C GLY C 73 67.40 -10.17 33.59
N VAL C 74 67.09 -11.08 32.66
CA VAL C 74 67.71 -12.40 32.62
C VAL C 74 69.07 -12.29 31.96
N ASP C 75 70.09 -12.85 32.60
CA ASP C 75 71.37 -12.99 31.96
C ASP C 75 71.25 -13.84 30.68
N VAL C 76 71.47 -13.20 29.53
CA VAL C 76 71.43 -13.91 28.24
C VAL C 76 72.82 -14.09 27.58
N SER C 77 73.87 -13.68 28.28
CA SER C 77 75.22 -13.73 27.72
C SER C 77 75.72 -15.16 27.45
N HIS C 78 75.07 -16.17 28.03
CA HIS C 78 75.50 -17.56 27.84
C HIS C 78 74.56 -18.38 26.94
N MET C 79 73.72 -17.64 26.22
CA MET C 79 72.88 -18.19 25.17
C MET C 79 73.73 -18.30 23.90
N LYS C 80 73.32 -19.16 22.98
CA LYS C 80 74.02 -19.32 21.71
C LYS C 80 73.10 -18.99 20.53
N ILE C 81 73.69 -18.50 19.44
CA ILE C 81 72.96 -18.30 18.19
C ILE C 81 73.45 -19.31 17.17
N ASP C 82 72.55 -20.18 16.73
CA ASP C 82 72.87 -21.21 15.74
C ASP C 82 72.52 -20.68 14.35
N PRO C 83 73.48 -20.69 13.41
CA PRO C 83 73.17 -20.07 12.12
C PRO C 83 72.36 -20.98 11.19
N SER C 84 72.35 -22.27 11.47
CA SER C 84 71.80 -23.20 10.51
C SER C 84 70.45 -23.80 10.90
N ALA C 85 69.90 -23.44 12.05
CA ALA C 85 68.63 -24.03 12.50
C ALA C 85 67.69 -22.96 13.08
N PRO C 86 66.39 -23.12 12.87
CA PRO C 86 65.48 -22.05 13.31
C PRO C 86 65.19 -22.09 14.79
N THR C 87 64.76 -20.96 15.34
CA THR C 87 64.13 -20.96 16.65
C THR C 87 62.87 -21.86 16.60
N GLY C 88 62.68 -22.65 17.64
CA GLY C 88 61.53 -23.55 17.71
C GLY C 88 60.31 -22.74 18.10
N ILE C 89 59.14 -23.20 17.64
CA ILE C 89 57.91 -22.46 17.91
C ILE C 89 56.79 -23.43 18.27
N PHE C 90 55.69 -22.89 18.75
CA PHE C 90 54.51 -23.72 18.94
C PHE C 90 53.27 -22.87 18.92
N PHE C 91 52.15 -23.53 18.68
CA PHE C 91 50.85 -22.91 18.63
C PHE C 91 50.07 -23.49 19.82
N ILE C 92 49.19 -22.67 20.39
CA ILE C 92 48.31 -23.13 21.47
C ILE C 92 46.86 -23.15 20.99
N GLN C 93 46.25 -24.33 21.08
CA GLN C 93 44.83 -24.49 20.85
C GLN C 93 44.14 -24.51 22.21
N ARG C 94 43.19 -23.60 22.41
CA ARG C 94 42.59 -23.37 23.74
C ARG C 94 41.14 -23.84 23.87
N HIS C 95 40.90 -24.50 25.01
CA HIS C 95 39.57 -24.91 25.47
C HIS C 95 38.82 -25.85 24.53
N TYR C 96 39.55 -26.57 23.70
CA TYR C 96 38.95 -27.44 22.70
C TYR C 96 39.91 -28.59 22.41
N PRO C 97 39.42 -29.85 22.49
CA PRO C 97 38.03 -30.26 22.79
C PRO C 97 37.67 -30.21 24.29
N VAL C 98 38.63 -29.90 25.13
CA VAL C 98 38.41 -29.92 26.57
C VAL C 98 38.39 -28.51 27.16
N PRO C 99 37.24 -28.09 27.71
CA PRO C 99 37.15 -26.77 28.35
C PRO C 99 38.20 -26.63 29.45
N LEU C 100 38.78 -25.44 29.57
CA LEU C 100 39.76 -25.10 30.63
C LEU C 100 41.19 -25.65 30.41
N LYS C 101 41.35 -26.56 29.46
CA LYS C 101 42.66 -27.07 29.15
C LYS C 101 43.17 -26.47 27.84
N SER C 102 44.47 -26.61 27.58
CA SER C 102 45.07 -26.11 26.37
C SER C 102 45.91 -27.21 25.74
N GLU C 103 46.18 -27.08 24.44
CA GLU C 103 47.01 -28.05 23.71
C GLU C 103 48.11 -27.30 22.94
N SER C 104 49.35 -27.76 23.08
CA SER C 104 50.48 -27.20 22.36
C SER C 104 50.74 -28.00 21.08
N ILE C 105 50.94 -27.30 19.96
CA ILE C 105 51.24 -27.93 18.66
C ILE C 105 52.63 -27.46 18.23
N TYR C 106 53.59 -28.37 18.30
CA TYR C 106 55.01 -28.02 18.22
C TYR C 106 55.51 -27.98 16.81
N TYR C 107 56.38 -27.01 16.57
CA TYR C 107 57.21 -26.94 15.35
C TYR C 107 58.62 -26.68 15.81
N ARG C 108 59.24 -27.74 16.35
CA ARG C 108 60.49 -27.64 17.07
C ARG C 108 61.52 -28.71 16.68
N LYS C 109 61.12 -29.69 15.89
CA LYS C 109 62.05 -30.75 15.47
C LYS C 109 63.23 -30.14 14.69
N GLY C 110 64.45 -30.53 15.06
CA GLY C 110 65.66 -30.04 14.39
C GLY C 110 65.85 -28.54 14.62
N SER C 111 65.20 -28.00 15.65
CA SER C 111 65.35 -26.58 15.96
C SER C 111 66.75 -26.26 16.49
N ALA C 112 67.08 -24.97 16.53
CA ALA C 112 68.30 -24.50 17.19
C ALA C 112 68.29 -24.88 18.67
N GLY C 113 67.15 -24.73 19.33
CA GLY C 113 67.02 -25.13 20.74
C GLY C 113 67.44 -26.57 21.00
N SER C 114 67.02 -27.48 20.11
CA SER C 114 67.38 -28.91 20.20
C SER C 114 68.88 -29.19 20.01
N LYS C 115 69.63 -28.21 19.51
CA LYS C 115 71.05 -28.36 19.23
C LYS C 115 71.94 -27.90 20.40
N LEU C 116 71.29 -27.52 21.50
CA LEU C 116 71.96 -27.37 22.78
C LEU C 116 72.76 -28.65 23.01
N SER C 117 74.03 -28.48 23.39
CA SER C 117 74.94 -29.60 23.58
C SER C 117 75.88 -29.35 24.77
N PRO C 118 76.55 -30.42 25.27
CA PRO C 118 77.56 -30.28 26.34
C PRO C 118 78.52 -29.09 26.15
N GLU C 119 78.99 -28.87 24.93
N GLU C 119 78.96 -28.88 24.91
CA GLU C 119 79.96 -27.81 24.68
CA GLU C 119 79.93 -27.84 24.60
C GLU C 119 79.41 -26.40 24.95
C GLU C 119 79.37 -26.41 24.69
N ASP C 120 78.08 -26.28 25.02
CA ASP C 120 77.46 -24.98 25.30
C ASP C 120 77.40 -24.74 26.82
N VAL C 121 77.78 -25.75 27.59
CA VAL C 121 77.75 -25.67 29.05
C VAL C 121 79.16 -25.36 29.59
N ASP C 122 79.36 -24.11 30.01
CA ASP C 122 80.64 -23.64 30.55
C ASP C 122 80.70 -23.98 32.04
N GLU C 123 81.78 -24.66 32.41
CA GLU C 123 81.96 -25.11 33.78
C GLU C 123 81.95 -23.96 34.78
N GLU C 124 82.78 -22.95 34.51
CA GLU C 124 82.86 -21.74 35.34
C GLU C 124 81.49 -21.07 35.55
N TYR C 125 80.72 -20.92 34.47
CA TYR C 125 79.41 -20.27 34.56
C TYR C 125 78.42 -21.04 35.41
N VAL C 126 78.33 -22.35 35.20
CA VAL C 126 77.43 -23.23 35.95
C VAL C 126 77.80 -23.24 37.46
N LYS C 127 79.10 -23.21 37.75
CA LYS C 127 79.60 -23.14 39.14
C LYS C 127 79.23 -21.86 39.90
N SER C 128 78.93 -20.79 39.18
CA SER C 128 78.50 -19.52 39.80
C SER C 128 77.06 -19.54 40.29
N ALA C 129 76.29 -20.56 39.89
CA ALA C 129 74.90 -20.66 40.28
C ALA C 129 74.76 -21.26 41.66
N ASP C 130 73.72 -20.82 42.36
CA ASP C 130 73.32 -21.42 43.62
C ASP C 130 72.50 -22.65 43.34
N LEU C 131 71.83 -22.65 42.19
CA LEU C 131 70.89 -23.70 41.82
C LEU C 131 70.86 -23.85 40.31
N VAL C 132 71.05 -25.07 39.85
CA VAL C 132 71.04 -25.41 38.43
C VAL C 132 69.79 -26.25 38.17
N HIS C 133 69.01 -25.83 37.17
CA HIS C 133 67.64 -26.29 36.97
C HIS C 133 67.36 -26.75 35.53
N SER C 134 66.67 -27.87 35.38
CA SER C 134 66.22 -28.28 34.04
C SER C 134 64.92 -29.07 34.10
N SER C 135 64.56 -29.72 33.00
CA SER C 135 63.26 -30.38 32.92
C SER C 135 63.24 -31.59 32.00
N GLY C 136 62.13 -32.35 32.06
CA GLY C 136 61.92 -33.49 31.17
C GLY C 136 61.85 -33.09 29.72
N ILE C 137 61.43 -31.84 29.45
CA ILE C 137 61.31 -31.33 28.09
C ILE C 137 62.69 -31.35 27.45
N THR C 138 63.68 -30.86 28.20
CA THR C 138 65.06 -30.76 27.76
C THR C 138 65.73 -32.13 27.54
N LEU C 139 65.44 -33.10 28.40
CA LEU C 139 65.93 -34.47 28.19
C LEU C 139 65.35 -35.04 26.92
N ALA C 140 64.11 -34.67 26.61
CA ALA C 140 63.32 -35.28 25.54
C ALA C 140 63.60 -34.71 24.14
N ILE C 141 64.06 -33.47 24.05
CA ILE C 141 64.11 -32.82 22.76
C ILE C 141 65.20 -33.39 21.82
N SER C 142 66.30 -33.85 22.41
CA SER C 142 67.41 -34.44 21.67
C SER C 142 68.43 -35.05 22.62
N SER C 143 69.30 -35.92 22.10
CA SER C 143 70.43 -36.45 22.88
C SER C 143 71.40 -35.37 23.35
N THR C 144 71.72 -34.40 22.48
CA THR C 144 72.69 -33.37 22.82
C THR C 144 72.20 -32.53 24.00
N ALA C 145 70.91 -32.21 24.01
CA ALA C 145 70.29 -31.43 25.09
C ALA C 145 70.20 -32.24 26.38
N LYS C 146 69.85 -33.52 26.26
CA LYS C 146 69.96 -34.46 27.39
C LYS C 146 71.37 -34.48 27.94
N GLU C 147 72.36 -34.64 27.06
CA GLU C 147 73.76 -34.70 27.50
C GLU C 147 74.19 -33.37 28.12
N ALA C 148 73.63 -32.25 27.63
CA ALA C 148 73.91 -30.94 28.21
C ALA C 148 73.45 -30.88 29.67
N VAL C 149 72.25 -31.43 29.96
CA VAL C 149 71.74 -31.48 31.33
C VAL C 149 72.63 -32.34 32.24
N TYR C 150 73.08 -33.49 31.72
CA TYR C 150 73.98 -34.39 32.46
C TYR C 150 75.28 -33.67 32.84
N LYS C 151 75.85 -32.91 31.89
CA LYS C 151 77.09 -32.19 32.16
C LYS C 151 76.91 -31.13 33.25
N ALA C 152 75.84 -30.34 33.11
CA ALA C 152 75.54 -29.28 34.07
C ALA C 152 75.23 -29.83 35.44
N PHE C 153 74.54 -30.96 35.50
CA PHE C 153 74.20 -31.59 36.78
C PHE C 153 75.43 -32.20 37.47
N GLU C 154 76.37 -32.73 36.68
N GLU C 154 76.37 -32.73 36.66
CA GLU C 154 77.65 -33.20 37.19
CA GLU C 154 77.67 -33.21 37.13
C GLU C 154 78.40 -32.04 37.85
C GLU C 154 78.50 -32.09 37.77
N ILE C 155 78.49 -30.91 37.16
CA ILE C 155 79.18 -29.71 37.68
C ILE C 155 78.45 -29.04 38.85
N ALA C 156 77.12 -29.14 38.89
CA ALA C 156 76.31 -28.39 39.88
C ALA C 156 76.43 -28.94 41.29
N SER C 157 76.38 -28.04 42.26
CA SER C 157 76.34 -28.44 43.66
C SER C 157 74.90 -28.71 44.07
N ASN C 158 74.00 -27.85 43.62
CA ASN C 158 72.58 -27.98 43.92
C ASN C 158 71.74 -28.02 42.65
N ARG C 159 70.87 -29.03 42.58
CA ARG C 159 70.10 -29.27 41.37
C ARG C 159 68.58 -29.21 41.57
N SER C 160 67.90 -28.67 40.57
CA SER C 160 66.44 -28.57 40.54
C SER C 160 65.94 -29.19 39.24
N PHE C 161 64.82 -29.91 39.31
CA PHE C 161 64.29 -30.60 38.14
C PHE C 161 62.78 -30.60 38.14
N ASP C 162 62.21 -30.13 37.04
CA ASP C 162 60.76 -30.16 36.80
C ASP C 162 60.48 -31.31 35.83
N THR C 163 59.68 -32.29 36.23
CA THR C 163 59.46 -33.46 35.36
C THR C 163 58.89 -33.09 34.00
N ASN C 164 57.92 -32.17 34.00
CA ASN C 164 57.39 -31.60 32.75
C ASN C 164 57.32 -32.61 31.61
N ILE C 165 56.62 -33.73 31.88
CA ILE C 165 56.44 -34.75 30.85
C ILE C 165 55.51 -34.30 29.74
N ARG C 166 56.00 -34.45 28.50
CA ARG C 166 55.23 -34.21 27.28
C ARG C 166 55.16 -35.50 26.48
N LEU C 167 53.96 -36.06 26.38
CA LEU C 167 53.77 -37.31 25.67
C LEU C 167 53.91 -37.15 24.15
N LYS C 168 53.78 -35.90 23.68
CA LYS C 168 54.03 -35.55 22.27
C LYS C 168 55.52 -35.57 21.95
N LEU C 169 56.38 -35.53 22.97
CA LEU C 169 57.84 -35.47 22.76
C LEU C 169 58.53 -36.81 22.91
N TRP C 170 57.94 -37.68 23.74
CA TRP C 170 58.43 -39.04 23.96
C TRP C 170 57.36 -39.90 24.61
N SER C 171 57.58 -41.22 24.63
CA SER C 171 56.58 -42.13 25.19
C SER C 171 56.65 -42.13 26.73
N ALA C 172 55.57 -42.58 27.38
CA ALA C 172 55.54 -42.69 28.83
C ALA C 172 56.70 -43.54 29.33
N GLU C 173 56.96 -44.63 28.62
N GLU C 173 56.99 -44.62 28.64
CA GLU C 173 58.01 -45.58 29.00
CA GLU C 173 58.03 -45.56 29.07
C GLU C 173 59.40 -44.94 28.91
C GLU C 173 59.45 -44.99 28.88
N GLU C 174 59.67 -44.25 27.80
CA GLU C 174 60.94 -43.52 27.64
C GLU C 174 61.07 -42.43 28.69
N ALA C 175 59.99 -41.69 28.93
CA ALA C 175 60.02 -40.65 29.96
C ALA C 175 60.31 -41.23 31.33
N LYS C 176 59.57 -42.27 31.71
CA LYS C 176 59.84 -42.99 32.97
C LYS C 176 61.32 -43.43 33.03
N ARG C 177 61.79 -44.15 32.00
CA ARG C 177 63.19 -44.62 31.92
C ARG C 177 64.20 -43.50 32.13
N GLU C 178 64.03 -42.41 31.37
CA GLU C 178 65.07 -41.38 31.29
C GLU C 178 65.08 -40.53 32.53
N ILE C 179 63.89 -40.27 33.08
CA ILE C 179 63.79 -39.50 34.30
C ILE C 179 64.31 -40.31 35.50
N LEU C 180 63.92 -41.58 35.60
CA LEU C 180 64.44 -42.41 36.70
C LEU C 180 65.96 -42.51 36.63
N LYS C 181 66.49 -42.61 35.41
CA LYS C 181 67.93 -42.67 35.19
C LYS C 181 68.60 -41.39 35.68
N LEU C 182 67.98 -40.23 35.41
CA LEU C 182 68.52 -38.95 35.84
C LEU C 182 68.57 -38.86 37.37
N LEU C 183 67.46 -39.21 37.99
CA LEU C 183 67.30 -39.15 39.43
C LEU C 183 68.24 -40.10 40.17
N SER C 184 68.51 -41.27 39.58
CA SER C 184 69.50 -42.21 40.12
C SER C 184 70.94 -41.72 40.04
N LYS C 185 71.25 -40.89 39.04
CA LYS C 185 72.60 -40.36 38.90
C LYS C 185 72.80 -39.12 39.77
N PHE C 186 71.78 -38.27 39.85
CA PHE C 186 71.88 -36.97 40.49
C PHE C 186 70.86 -36.76 41.59
N HIS C 187 71.32 -36.66 42.82
CA HIS C 187 70.47 -36.26 43.93
C HIS C 187 70.04 -34.80 43.70
N LEU C 188 68.74 -34.54 43.84
CA LEU C 188 68.20 -33.21 43.63
C LEU C 188 67.90 -32.49 44.95
N LYS C 189 68.10 -31.17 44.96
CA LYS C 189 67.59 -30.35 46.04
C LYS C 189 66.06 -30.21 45.93
N PHE C 190 65.60 -29.96 44.71
CA PHE C 190 64.18 -29.73 44.46
C PHE C 190 63.72 -30.65 43.33
N LEU C 191 62.64 -31.38 43.58
CA LEU C 191 61.91 -32.01 42.50
C LEU C 191 60.57 -31.30 42.38
N ILE C 192 60.28 -30.81 41.17
CA ILE C 192 58.98 -30.18 40.91
C ILE C 192 58.24 -31.10 39.95
N THR C 193 57.06 -31.56 40.37
CA THR C 193 56.38 -32.58 39.60
C THR C 193 54.88 -32.47 39.84
N ASP C 194 54.14 -33.48 39.38
CA ASP C 194 52.74 -33.54 39.71
C ASP C 194 52.29 -35.00 39.70
N THR C 195 51.00 -35.15 39.95
CA THR C 195 50.30 -36.40 40.05
C THR C 195 50.24 -37.20 38.72
N ASP C 196 50.16 -36.50 37.59
CA ASP C 196 50.22 -37.15 36.27
C ASP C 196 51.59 -37.76 35.97
N ASP C 197 52.64 -36.98 36.21
CA ASP C 197 53.99 -37.43 35.99
C ASP C 197 54.41 -38.52 36.99
N SER C 198 53.91 -38.44 38.22
CA SER C 198 54.14 -39.46 39.22
C SER C 198 53.58 -40.80 38.78
N LYS C 199 52.37 -40.76 38.24
CA LYS C 199 51.70 -41.94 37.71
C LYS C 199 52.53 -42.60 36.60
N ILE C 200 53.08 -41.78 35.71
CA ILE C 200 53.92 -42.26 34.62
C ILE C 200 55.26 -42.82 35.14
N ILE C 201 55.94 -42.07 36.02
CA ILE C 201 57.27 -42.42 36.48
C ILE C 201 57.32 -43.58 37.51
N LEU C 202 56.32 -43.64 38.39
CA LEU C 202 56.33 -44.56 39.52
C LEU C 202 55.14 -45.50 39.51
N GLY C 203 54.14 -45.20 38.68
CA GLY C 203 52.88 -45.93 38.71
C GLY C 203 52.08 -45.61 39.95
N GLU C 204 52.35 -44.45 40.55
CA GLU C 204 51.68 -44.01 41.77
C GLU C 204 51.08 -42.61 41.61
N SER C 205 49.76 -42.50 41.76
CA SER C 205 49.08 -41.20 41.63
C SER C 205 48.66 -40.55 42.96
N ASP C 206 48.80 -41.25 44.09
CA ASP C 206 48.62 -40.62 45.39
C ASP C 206 49.82 -39.74 45.74
N PRO C 207 49.56 -38.45 46.04
CA PRO C 207 50.65 -37.49 46.26
C PRO C 207 51.66 -37.94 47.34
N ASP C 208 51.17 -38.48 48.45
CA ASP C 208 52.02 -38.82 49.60
C ASP C 208 52.95 -39.99 49.29
N LYS C 209 52.42 -40.98 48.60
CA LYS C 209 53.18 -42.17 48.27
C LYS C 209 54.21 -41.87 47.18
N ALA C 210 53.82 -41.05 46.21
CA ALA C 210 54.72 -40.56 45.18
C ALA C 210 55.84 -39.73 45.81
N ALA C 211 55.46 -38.84 46.72
CA ALA C 211 56.44 -38.04 47.46
C ALA C 211 57.42 -38.92 48.21
N LYS C 212 56.91 -39.93 48.91
CA LYS C 212 57.79 -40.81 49.69
C LYS C 212 58.76 -41.54 48.78
N ALA C 213 58.25 -42.09 47.69
CA ALA C 213 59.09 -42.73 46.68
C ALA C 213 60.12 -41.77 46.08
N PHE C 214 59.73 -40.52 45.82
CA PHE C 214 60.69 -39.55 45.25
C PHE C 214 61.72 -39.08 46.27
N SER C 215 61.42 -39.21 47.57
CA SER C 215 62.31 -38.71 48.62
C SER C 215 63.72 -39.33 48.63
N ASP C 216 63.86 -40.52 48.02
CA ASP C 216 65.18 -41.12 47.79
C ASP C 216 66.06 -40.18 46.96
N TYR C 217 65.44 -39.50 45.99
CA TYR C 217 66.18 -38.72 44.99
C TYR C 217 66.19 -37.22 45.22
N ALA C 218 65.19 -36.71 45.94
CA ALA C 218 65.09 -35.26 46.09
C ALA C 218 64.87 -34.92 47.54
N GLU C 219 65.34 -33.74 47.93
CA GLU C 219 65.29 -33.25 49.28
C GLU C 219 63.97 -32.53 49.56
N ILE C 220 63.55 -31.67 48.62
CA ILE C 220 62.27 -30.94 48.74
C ILE C 220 61.40 -31.25 47.53
N ILE C 221 60.18 -31.72 47.79
CA ILE C 221 59.32 -32.15 46.71
C ILE C 221 58.04 -31.31 46.57
N VAL C 222 57.85 -30.72 45.38
CA VAL C 222 56.64 -29.95 45.10
C VAL C 222 55.71 -30.77 44.21
N MET C 223 54.59 -31.15 44.79
CA MET C 223 53.62 -32.01 44.11
C MET C 223 52.40 -31.17 43.71
N LYS C 224 52.39 -30.71 42.45
CA LYS C 224 51.29 -29.92 41.90
C LYS C 224 50.06 -30.81 41.65
N LEU C 225 48.88 -30.26 41.84
CA LEU C 225 47.65 -31.06 41.83
C LEU C 225 46.65 -30.65 40.76
N GLY C 226 47.04 -29.70 39.92
CA GLY C 226 46.11 -29.09 38.97
C GLY C 226 45.49 -27.85 39.60
N PRO C 227 44.23 -27.56 39.23
CA PRO C 227 43.43 -26.50 39.82
C PRO C 227 43.39 -26.49 41.36
N LYS C 228 43.49 -27.67 41.97
CA LYS C 228 43.42 -27.81 43.44
C LYS C 228 44.56 -27.13 44.22
N GLY C 229 45.68 -26.86 43.57
CA GLY C 229 46.84 -26.25 44.22
C GLY C 229 48.04 -27.16 44.17
N ALA C 230 48.77 -27.22 45.28
CA ALA C 230 50.02 -27.98 45.36
C ALA C 230 50.30 -28.39 46.81
N ILE C 231 51.18 -29.40 46.96
CA ILE C 231 51.68 -29.84 48.25
C ILE C 231 53.20 -29.79 48.20
N VAL C 232 53.81 -29.22 49.22
CA VAL C 232 55.25 -29.30 49.34
C VAL C 232 55.63 -30.35 50.41
N TYR C 233 56.58 -31.23 50.05
CA TYR C 233 57.16 -32.20 51.00
C TYR C 233 58.62 -31.85 51.29
N TYR C 234 58.91 -31.69 52.58
CA TYR C 234 60.22 -31.33 53.11
C TYR C 234 60.30 -31.82 54.56
N ASP C 235 61.44 -32.39 54.94
CA ASP C 235 61.72 -32.81 56.33
C ASP C 235 60.67 -33.70 57.01
N GLY C 236 60.17 -34.70 56.29
CA GLY C 236 59.12 -35.56 56.85
C GLY C 236 57.80 -34.85 57.12
N LYS C 237 57.74 -33.57 56.75
CA LYS C 237 56.52 -32.75 56.85
C LYS C 237 55.89 -32.55 55.48
N LYS C 238 54.58 -32.28 55.47
CA LYS C 238 53.88 -31.92 54.25
C LYS C 238 52.96 -30.71 54.45
N TYR C 239 52.77 -29.95 53.39
CA TYR C 239 51.97 -28.76 53.44
C TYR C 239 51.17 -28.53 52.16
N TYR C 240 49.85 -28.62 52.28
CA TYR C 240 48.93 -28.33 51.19
C TYR C 240 48.60 -26.84 51.11
N SER C 241 48.75 -26.27 49.91
CA SER C 241 48.35 -24.91 49.62
C SER C 241 47.34 -24.97 48.46
N SER C 242 46.09 -24.63 48.75
CA SER C 242 45.01 -24.73 47.79
C SER C 242 45.04 -23.65 46.73
N GLY C 243 44.50 -24.00 45.57
CA GLY C 243 44.34 -23.06 44.48
C GLY C 243 43.13 -22.17 44.67
N TYR C 244 42.94 -21.27 43.72
CA TYR C 244 41.86 -20.30 43.71
C TYR C 244 41.01 -20.52 42.47
N GLN C 245 39.72 -20.27 42.60
CA GLN C 245 38.81 -20.27 41.47
C GLN C 245 38.92 -18.94 40.74
N VAL C 246 39.34 -18.98 39.48
CA VAL C 246 39.47 -17.79 38.64
C VAL C 246 39.10 -18.14 37.20
N PRO C 247 38.66 -17.13 36.41
CA PRO C 247 38.41 -17.36 34.99
C PRO C 247 39.70 -17.70 34.25
N VAL C 248 39.65 -18.84 33.55
CA VAL C 248 40.76 -19.44 32.85
C VAL C 248 40.83 -19.06 31.35
N GLU C 249 41.85 -18.31 30.99
CA GLU C 249 42.10 -17.96 29.62
C GLU C 249 43.04 -19.01 28.99
N ASP C 250 44.12 -19.34 29.72
CA ASP C 250 45.10 -20.32 29.24
C ASP C 250 45.99 -20.81 30.41
N VAL C 251 45.92 -22.10 30.72
CA VAL C 251 46.75 -22.69 31.81
C VAL C 251 48.23 -22.87 31.44
N THR C 252 48.57 -22.72 30.16
CA THR C 252 49.94 -22.91 29.72
C THR C 252 50.83 -21.93 30.48
N GLY C 253 51.86 -22.46 31.12
CA GLY C 253 52.82 -21.67 31.88
C GLY C 253 52.62 -21.67 33.39
N ALA C 254 51.46 -22.16 33.86
CA ALA C 254 51.10 -22.02 35.27
C ALA C 254 52.03 -22.81 36.15
N GLY C 255 52.39 -24.01 35.70
CA GLY C 255 53.27 -24.87 36.49
C GLY C 255 54.70 -24.33 36.63
N ASP C 256 55.18 -23.65 35.58
CA ASP C 256 56.46 -22.93 35.66
C ASP C 256 56.39 -21.69 36.53
N ALA C 257 55.23 -21.04 36.53
CA ALA C 257 55.01 -19.82 37.34
C ALA C 257 55.07 -20.18 38.82
N LEU C 258 54.46 -21.32 39.17
CA LEU C 258 54.50 -21.82 40.53
C LEU C 258 55.94 -22.24 40.90
N GLY C 259 56.55 -23.07 40.06
CA GLY C 259 57.88 -23.61 40.33
C GLY C 259 58.96 -22.57 40.49
N GLY C 260 59.03 -21.64 39.54
CA GLY C 260 60.04 -20.56 39.58
C GLY C 260 59.85 -19.61 40.75
N THR C 261 58.60 -19.23 41.03
CA THR C 261 58.30 -18.36 42.17
C THR C 261 58.64 -19.03 43.49
N PHE C 262 58.26 -20.29 43.61
CA PHE C 262 58.60 -21.07 44.80
C PHE C 262 60.11 -21.09 45.04
N LEU C 263 60.87 -21.46 44.01
CA LEU C 263 62.32 -21.60 44.17
C LEU C 263 62.95 -20.29 44.63
N SER C 264 62.54 -19.20 43.99
CA SER C 264 63.11 -17.89 44.26
C SER C 264 62.81 -17.41 45.68
N LEU C 265 61.61 -17.69 46.18
CA LEU C 265 61.23 -17.22 47.52
C LEU C 265 61.94 -18.02 48.60
N TYR C 266 62.23 -19.29 48.29
CA TYR C 266 63.10 -20.14 49.10
C TYR C 266 64.47 -19.46 49.30
N TYR C 267 65.05 -18.98 48.20
CA TYR C 267 66.34 -18.31 48.28
C TYR C 267 66.25 -16.90 48.79
N LYS C 268 65.04 -16.35 48.88
CA LYS C 268 64.87 -15.08 49.58
C LYS C 268 64.74 -15.26 51.09
N GLY C 269 64.70 -16.52 51.53
CA GLY C 269 64.62 -16.83 52.93
C GLY C 269 63.21 -16.93 53.47
N PHE C 270 62.24 -17.06 52.56
CA PHE C 270 60.82 -17.26 52.93
C PHE C 270 60.65 -18.60 53.58
N GLU C 271 59.81 -18.61 54.61
CA GLU C 271 59.40 -19.84 55.26
C GLU C 271 58.68 -20.70 54.22
N MET C 272 58.90 -22.02 54.29
CA MET C 272 58.45 -22.94 53.24
C MET C 272 56.97 -22.85 52.86
N GLU C 273 56.10 -22.82 53.87
CA GLU C 273 54.66 -22.80 53.63
C GLU C 273 54.27 -21.50 52.92
N LYS C 274 54.87 -20.39 53.36
CA LYS C 274 54.64 -19.06 52.78
C LYS C 274 55.15 -18.98 51.34
N ALA C 275 56.31 -19.58 51.10
CA ALA C 275 56.87 -19.68 49.75
C ALA C 275 55.91 -20.38 48.79
N LEU C 276 55.25 -21.46 49.24
CA LEU C 276 54.26 -22.15 48.40
C LEU C 276 52.95 -21.34 48.24
N ASP C 277 52.47 -20.71 49.32
CA ASP C 277 51.28 -19.86 49.23
C ASP C 277 51.46 -18.81 48.13
N TYR C 278 52.66 -18.22 48.08
CA TYR C 278 52.98 -17.13 47.17
C TYR C 278 53.10 -17.67 45.75
N ALA C 279 53.71 -18.84 45.60
CA ALA C 279 53.87 -19.47 44.29
C ALA C 279 52.53 -19.86 43.68
N ILE C 280 51.59 -20.26 44.53
CA ILE C 280 50.22 -20.52 44.15
C ILE C 280 49.52 -19.28 43.62
N VAL C 281 49.79 -18.13 44.23
CA VAL C 281 49.27 -16.88 43.68
C VAL C 281 49.79 -16.63 42.26
N ALA C 282 51.09 -16.86 42.04
CA ALA C 282 51.69 -16.61 40.74
C ALA C 282 51.05 -17.47 39.64
N SER C 283 50.84 -18.76 39.95
CA SER C 283 50.26 -19.69 38.99
C SER C 283 48.76 -19.42 38.80
N THR C 284 48.08 -19.01 39.87
CA THR C 284 46.68 -18.59 39.77
C THR C 284 46.54 -17.45 38.76
N LEU C 285 47.35 -16.40 38.94
CA LEU C 285 47.36 -15.25 38.04
C LEU C 285 47.67 -15.65 36.60
N ASN C 286 48.55 -16.65 36.47
CA ASN C 286 49.02 -17.09 35.16
C ASN C 286 47.91 -17.64 34.27
N VAL C 287 47.02 -18.47 34.83
CA VAL C 287 45.99 -19.12 34.02
C VAL C 287 44.95 -18.12 33.48
N MET C 288 45.07 -16.88 33.92
CA MET C 288 44.10 -15.85 33.60
C MET C 288 44.34 -15.14 32.28
N ILE C 289 45.53 -15.30 31.69
CA ILE C 289 45.87 -14.66 30.40
C ILE C 289 46.53 -15.59 29.40
N ARG C 290 46.57 -15.18 28.14
CA ARG C 290 47.39 -15.81 27.12
C ARG C 290 48.80 -15.26 27.30
N GLY C 291 49.79 -16.15 27.42
CA GLY C 291 51.17 -15.73 27.64
C GLY C 291 51.66 -16.31 28.95
N ASP C 292 52.74 -17.09 28.88
CA ASP C 292 53.30 -17.75 30.05
C ASP C 292 53.97 -16.78 31.00
N GLN C 293 54.34 -15.59 30.51
CA GLN C 293 55.26 -14.72 31.25
C GLN C 293 54.74 -13.32 31.59
N GLU C 294 53.81 -12.83 30.78
CA GLU C 294 53.31 -11.44 30.88
C GLU C 294 52.69 -11.03 32.23
N ASN C 295 52.10 -11.95 32.99
CA ASN C 295 51.58 -11.49 34.28
C ASN C 295 52.16 -12.24 35.48
N LEU C 296 53.43 -12.63 35.35
CA LEU C 296 54.22 -13.08 36.49
C LEU C 296 54.33 -11.95 37.52
N PRO C 297 53.85 -12.20 38.77
CA PRO C 297 53.84 -11.13 39.77
C PRO C 297 55.17 -10.95 40.53
N THR C 298 55.45 -9.70 40.88
CA THR C 298 56.44 -9.36 41.87
C THR C 298 55.91 -9.82 43.24
N THR C 299 56.81 -9.99 44.21
CA THR C 299 56.44 -10.35 45.58
C THR C 299 55.39 -9.38 46.12
N LYS C 300 55.60 -8.10 45.83
CA LYS C 300 54.71 -7.02 46.20
C LYS C 300 53.31 -7.24 45.64
N ASP C 301 53.23 -7.58 44.35
CA ASP C 301 51.96 -7.91 43.67
C ASP C 301 51.26 -9.13 44.30
N ILE C 302 52.05 -10.16 44.61
CA ILE C 302 51.55 -11.33 45.34
C ILE C 302 50.94 -10.93 46.70
N GLU C 303 51.63 -10.05 47.41
CA GLU C 303 51.16 -9.54 48.71
C GLU C 303 49.85 -8.74 48.62
N THR C 304 49.76 -7.87 47.61
CA THR C 304 48.50 -7.18 47.32
C THR C 304 47.38 -8.21 47.14
N PHE C 305 47.58 -9.16 46.23
CA PHE C 305 46.61 -10.25 46.01
C PHE C 305 46.15 -10.87 47.33
N LEU C 306 47.11 -11.20 48.20
CA LEU C 306 46.81 -11.89 49.45
C LEU C 306 46.06 -11.02 50.49
N ARG C 307 46.38 -9.73 50.54
CA ARG C 307 45.63 -8.75 51.34
C ARG C 307 44.14 -8.75 51.01
N GLU C 308 43.82 -8.69 49.71
CA GLU C 308 42.44 -8.68 49.24
C GLU C 308 41.79 -10.06 49.27
N MET C 309 42.54 -11.11 48.97
CA MET C 309 41.98 -12.47 48.87
C MET C 309 42.58 -13.48 49.84
N ALA D 2 38.11 -27.09 -19.14
CA ALA D 2 39.45 -27.76 -19.15
C ALA D 2 39.88 -28.08 -17.73
N LYS D 3 40.78 -29.05 -17.59
CA LYS D 3 41.23 -29.51 -16.27
C LYS D 3 42.70 -29.26 -16.07
N LEU D 4 43.01 -28.59 -14.97
CA LEU D 4 44.40 -28.45 -14.51
C LEU D 4 44.70 -29.40 -13.35
N ILE D 5 45.89 -29.97 -13.37
CA ILE D 5 46.38 -30.74 -12.23
C ILE D 5 47.73 -30.15 -11.80
N THR D 6 47.79 -29.72 -10.55
CA THR D 6 49.04 -29.26 -9.96
C THR D 6 49.60 -30.25 -8.93
N LEU D 7 50.91 -30.15 -8.70
CA LEU D 7 51.64 -31.01 -7.78
C LEU D 7 52.55 -30.10 -6.94
N GLY D 8 52.49 -30.25 -5.62
CA GLY D 8 53.27 -29.38 -4.76
C GLY D 8 52.83 -29.38 -3.31
N GLU D 9 53.39 -28.45 -2.54
CA GLU D 9 53.16 -28.38 -1.10
C GLU D 9 52.16 -27.29 -0.75
N ILE D 10 51.05 -27.67 -0.11
CA ILE D 10 50.12 -26.71 0.43
C ILE D 10 50.69 -26.29 1.77
N LEU D 11 50.68 -24.98 2.01
CA LEU D 11 51.19 -24.41 3.25
C LEU D 11 50.15 -23.55 3.97
N ILE D 12 50.19 -23.57 5.29
CA ILE D 12 49.44 -22.58 6.07
C ILE D 12 50.32 -21.34 6.27
N GLU D 13 49.77 -20.18 5.96
CA GLU D 13 50.50 -18.93 6.03
C GLU D 13 50.09 -18.16 7.26
N PHE D 14 51.09 -17.64 7.97
CA PHE D 14 50.86 -16.74 9.13
C PHE D 14 51.36 -15.34 8.83
N ASN D 15 50.40 -14.47 8.52
CA ASN D 15 50.71 -13.18 7.90
C ASN D 15 50.78 -12.11 8.97
N ALA D 16 51.95 -11.49 9.09
CA ALA D 16 52.13 -10.39 10.05
C ALA D 16 51.04 -9.32 9.89
N LEU D 17 50.36 -8.96 10.98
CA LEU D 17 49.27 -7.98 10.91
C LEU D 17 49.78 -6.56 10.80
N SER D 18 51.03 -6.35 11.18
CA SER D 18 51.68 -5.08 10.92
C SER D 18 53.04 -5.28 10.25
N PRO D 19 53.46 -4.31 9.44
CA PRO D 19 54.79 -4.36 8.83
C PRO D 19 55.91 -4.22 9.88
N GLY D 20 57.12 -4.58 9.50
CA GLY D 20 58.22 -4.50 10.44
C GLY D 20 58.82 -5.87 10.72
N PRO D 21 59.94 -5.87 11.45
CA PRO D 21 60.64 -7.11 11.78
C PRO D 21 59.74 -7.92 12.70
N LEU D 22 59.69 -9.23 12.51
CA LEU D 22 58.79 -10.10 13.27
C LEU D 22 58.99 -10.04 14.78
N ARG D 23 60.18 -9.65 15.23
CA ARG D 23 60.50 -9.55 16.66
C ARG D 23 59.64 -8.51 17.37
N HIS D 24 59.07 -7.58 16.60
CA HIS D 24 58.16 -6.59 17.16
C HIS D 24 56.78 -6.63 16.58
N VAL D 25 56.42 -7.73 15.92
CA VAL D 25 55.05 -7.96 15.45
C VAL D 25 54.43 -8.98 16.39
N SER D 26 53.28 -8.64 16.96
CA SER D 26 52.64 -9.50 17.97
C SER D 26 51.44 -10.32 17.48
N TYR D 27 50.93 -9.98 16.30
CA TYR D 27 49.70 -10.60 15.79
C TYR D 27 49.88 -11.10 14.37
N PHE D 28 49.33 -12.29 14.12
CA PHE D 28 49.47 -12.99 12.85
C PHE D 28 48.12 -13.52 12.40
N GLU D 29 47.87 -13.34 11.10
CA GLU D 29 46.62 -13.66 10.46
C GLU D 29 46.80 -14.89 9.57
N LYS D 30 46.01 -15.92 9.85
CA LYS D 30 46.11 -17.18 9.13
C LYS D 30 45.43 -17.20 7.75
N HIS D 31 46.16 -17.69 6.75
CA HIS D 31 45.63 -17.93 5.41
C HIS D 31 46.09 -19.30 4.89
N VAL D 32 45.36 -19.83 3.91
CA VAL D 32 45.74 -21.04 3.19
C VAL D 32 46.43 -20.62 1.90
N ALA D 33 47.63 -21.16 1.65
CA ALA D 33 48.42 -20.77 0.49
C ALA D 33 49.33 -21.91 -0.01
N GLY D 34 50.56 -21.59 -0.45
CA GLY D 34 51.37 -22.53 -1.22
C GLY D 34 51.07 -22.31 -2.71
N SER D 35 52.11 -22.27 -3.54
CA SER D 35 52.00 -21.84 -4.94
C SER D 35 50.97 -22.59 -5.82
N GLU D 36 50.99 -23.93 -5.75
CA GLU D 36 50.12 -24.77 -6.58
C GLU D 36 48.67 -24.65 -6.15
N ALA D 37 48.48 -24.45 -4.85
CA ALA D 37 47.16 -24.24 -4.28
C ALA D 37 46.59 -22.91 -4.81
N ASN D 38 47.44 -21.88 -4.83
CA ASN D 38 47.07 -20.56 -5.38
C ASN D 38 46.75 -20.67 -6.86
N TYR D 39 47.60 -21.36 -7.61
CA TYR D 39 47.30 -21.63 -9.03
C TYR D 39 45.93 -22.29 -9.21
N CYS D 40 45.63 -23.29 -8.38
CA CYS D 40 44.36 -24.03 -8.50
C CYS D 40 43.15 -23.13 -8.42
N VAL D 41 43.14 -22.22 -7.43
CA VAL D 41 42.01 -21.35 -7.17
C VAL D 41 41.92 -20.29 -8.27
N ALA D 42 43.05 -19.71 -8.67
CA ALA D 42 43.01 -18.75 -9.77
C ALA D 42 42.48 -19.46 -11.01
N PHE D 43 42.83 -20.74 -11.19
CA PHE D 43 42.38 -21.52 -12.34
C PHE D 43 40.85 -21.71 -12.34
N ILE D 44 40.30 -22.09 -11.18
CA ILE D 44 38.86 -22.27 -11.01
C ILE D 44 38.07 -20.96 -11.13
N LYS D 45 38.66 -19.83 -10.74
CA LYS D 45 37.97 -18.53 -10.82
C LYS D 45 37.61 -18.11 -12.25
N GLN D 46 38.31 -18.64 -13.25
CA GLN D 46 38.01 -18.31 -14.66
C GLN D 46 37.11 -19.38 -15.31
N GLY D 47 36.55 -20.27 -14.50
CA GLY D 47 35.54 -21.23 -14.95
C GLY D 47 36.08 -22.55 -15.48
N ASN D 48 37.24 -22.99 -14.99
CA ASN D 48 37.74 -24.30 -15.41
C ASN D 48 37.75 -25.25 -14.20
N GLU D 49 38.08 -26.52 -14.41
CA GLU D 49 38.23 -27.43 -13.27
C GLU D 49 39.71 -27.69 -12.97
N CYS D 50 39.99 -28.08 -11.74
CA CYS D 50 41.35 -28.44 -11.35
C CYS D 50 41.36 -29.27 -10.08
N GLY D 51 42.48 -29.96 -9.89
CA GLY D 51 42.74 -30.75 -8.70
C GLY D 51 44.20 -30.58 -8.30
N ILE D 52 44.51 -30.92 -7.05
CA ILE D 52 45.88 -30.84 -6.55
C ILE D 52 46.38 -32.19 -5.98
N ILE D 53 47.57 -32.57 -6.39
CA ILE D 53 48.27 -33.72 -5.81
C ILE D 53 49.21 -33.19 -4.73
N ALA D 54 48.82 -33.39 -3.48
CA ALA D 54 49.57 -32.90 -2.34
C ALA D 54 49.27 -33.78 -1.14
N LYS D 55 50.16 -33.81 -0.16
CA LYS D 55 49.81 -34.39 1.10
C LYS D 55 49.93 -33.46 2.30
N VAL D 56 48.97 -33.56 3.21
CA VAL D 56 48.98 -32.71 4.39
C VAL D 56 49.12 -33.59 5.63
N GLY D 57 49.48 -32.98 6.75
CA GLY D 57 49.53 -33.69 8.04
C GLY D 57 48.15 -34.03 8.58
N ASP D 58 48.11 -34.98 9.52
CA ASP D 58 46.90 -35.34 10.25
C ASP D 58 46.75 -34.38 11.42
N ASP D 59 46.41 -33.14 11.11
CA ASP D 59 46.40 -32.06 12.08
C ASP D 59 45.41 -30.99 11.65
N GLU D 60 45.13 -30.05 12.55
CA GLU D 60 44.20 -28.96 12.29
C GLU D 60 44.53 -28.19 11.03
N PHE D 61 45.82 -27.90 10.85
CA PHE D 61 46.28 -27.13 9.70
C PHE D 61 46.08 -27.93 8.41
N GLY D 62 46.22 -29.25 8.48
CA GLY D 62 45.95 -30.13 7.31
C GLY D 62 44.49 -30.17 6.91
N TYR D 63 43.61 -30.28 7.89
CA TYR D 63 42.17 -30.27 7.59
C TYR D 63 41.64 -28.89 7.21
N ASN D 64 42.25 -27.85 7.78
CA ASN D 64 42.04 -26.47 7.36
C ASN D 64 42.28 -26.31 5.84
N ALA D 65 43.41 -26.80 5.34
CA ALA D 65 43.79 -26.72 3.93
C ALA D 65 42.82 -27.49 3.04
N ILE D 66 42.40 -28.67 3.50
CA ILE D 66 41.43 -29.48 2.76
C ILE D 66 40.08 -28.77 2.63
N GLU D 67 39.54 -28.29 3.74
CA GLU D 67 38.24 -27.60 3.78
C GLU D 67 38.22 -26.34 2.92
N TRP D 68 39.29 -25.53 3.05
CA TRP D 68 39.42 -24.29 2.29
C TRP D 68 39.38 -24.55 0.80
N LEU D 69 40.18 -25.51 0.35
CA LEU D 69 40.32 -25.79 -1.08
C LEU D 69 39.07 -26.48 -1.65
N ARG D 70 38.48 -27.35 -0.85
CA ARG D 70 37.23 -28.00 -1.23
C ARG D 70 36.16 -26.92 -1.37
N GLY D 71 36.18 -25.95 -0.44
CA GLY D 71 35.23 -24.85 -0.44
C GLY D 71 35.33 -23.98 -1.67
N GLN D 72 36.57 -23.80 -2.13
CA GLN D 72 36.89 -23.06 -3.33
C GLN D 72 36.57 -23.86 -4.62
N GLY D 73 36.21 -25.13 -4.48
CA GLY D 73 35.82 -25.92 -5.64
C GLY D 73 36.93 -26.77 -6.23
N VAL D 74 38.12 -26.71 -5.65
CA VAL D 74 39.25 -27.54 -6.05
C VAL D 74 38.95 -29.01 -5.72
N ASP D 75 39.34 -29.91 -6.61
CA ASP D 75 39.24 -31.35 -6.33
C ASP D 75 40.31 -31.75 -5.34
N VAL D 76 39.89 -32.23 -4.17
CA VAL D 76 40.85 -32.61 -3.14
C VAL D 76 40.96 -34.13 -2.95
N SER D 77 40.30 -34.89 -3.82
CA SER D 77 40.23 -36.36 -3.70
C SER D 77 41.54 -37.06 -4.03
N HIS D 78 42.53 -36.34 -4.54
CA HIS D 78 43.85 -36.93 -4.78
C HIS D 78 44.88 -36.42 -3.80
N MET D 79 44.40 -35.74 -2.75
CA MET D 79 45.25 -35.36 -1.64
C MET D 79 45.32 -36.52 -0.67
N LYS D 80 46.45 -36.63 0.02
CA LYS D 80 46.61 -37.63 1.07
C LYS D 80 46.95 -36.99 2.42
N ILE D 81 46.63 -37.71 3.49
CA ILE D 81 47.02 -37.35 4.84
C ILE D 81 48.24 -38.17 5.26
N ASP D 82 49.29 -37.50 5.76
CA ASP D 82 50.49 -38.17 6.24
C ASP D 82 50.26 -38.77 7.64
N PRO D 83 50.73 -40.00 7.84
CA PRO D 83 50.50 -40.66 9.13
C PRO D 83 51.17 -39.94 10.30
N SER D 84 52.33 -39.31 10.07
CA SER D 84 53.15 -38.79 11.16
C SER D 84 53.65 -37.33 11.05
N ALA D 85 53.85 -36.83 9.83
CA ALA D 85 54.50 -35.53 9.65
C ALA D 85 53.52 -34.35 9.70
N PRO D 86 53.95 -33.18 10.21
CA PRO D 86 53.02 -32.05 10.32
C PRO D 86 52.83 -31.31 9.00
N THR D 87 51.68 -30.64 8.86
CA THR D 87 51.44 -29.72 7.74
C THR D 87 52.49 -28.61 7.80
N GLY D 88 53.06 -28.26 6.65
CA GLY D 88 54.07 -27.22 6.58
C GLY D 88 53.43 -25.85 6.67
N ILE D 89 54.14 -24.90 7.25
CA ILE D 89 53.61 -23.56 7.47
C ILE D 89 54.69 -22.52 7.12
N PHE D 90 54.27 -21.28 7.01
CA PHE D 90 55.24 -20.19 6.92
C PHE D 90 54.73 -18.88 7.48
N PHE D 91 55.67 -18.01 7.83
CA PHE D 91 55.31 -16.67 8.30
C PHE D 91 55.67 -15.64 7.25
N ILE D 92 54.91 -14.54 7.19
CA ILE D 92 55.28 -13.45 6.27
C ILE D 92 55.62 -12.21 7.08
N GLN D 93 56.84 -11.74 6.88
CA GLN D 93 57.30 -10.45 7.36
C GLN D 93 57.11 -9.48 6.22
N ARG D 94 56.43 -8.36 6.48
CA ARG D 94 56.10 -7.39 5.43
C ARG D 94 56.81 -6.05 5.58
N HIS D 95 57.32 -5.56 4.44
CA HIS D 95 57.81 -4.19 4.24
C HIS D 95 59.08 -3.85 4.99
N TYR D 96 59.76 -4.90 5.43
CA TYR D 96 60.96 -4.69 6.19
C TYR D 96 61.95 -5.81 5.89
N PRO D 97 63.19 -5.44 5.56
CA PRO D 97 63.73 -4.06 5.51
C PRO D 97 63.57 -3.34 4.17
N VAL D 98 62.82 -3.94 3.26
CA VAL D 98 62.55 -3.36 1.96
C VAL D 98 61.07 -3.00 1.81
N PRO D 99 60.76 -1.70 1.67
CA PRO D 99 59.37 -1.27 1.40
C PRO D 99 58.77 -2.02 0.21
N LEU D 100 57.49 -2.39 0.34
CA LEU D 100 56.66 -2.97 -0.74
C LEU D 100 56.95 -4.44 -1.02
N LYS D 101 57.86 -5.00 -0.24
CA LYS D 101 58.34 -6.36 -0.44
C LYS D 101 57.94 -7.22 0.74
N SER D 102 57.92 -8.53 0.53
CA SER D 102 57.61 -9.48 1.60
C SER D 102 58.66 -10.58 1.69
N GLU D 103 58.74 -11.19 2.87
CA GLU D 103 59.67 -12.27 3.15
C GLU D 103 58.96 -13.43 3.82
N SER D 104 59.19 -14.62 3.28
CA SER D 104 58.60 -15.85 3.78
C SER D 104 59.61 -16.57 4.65
N ILE D 105 59.16 -16.95 5.84
CA ILE D 105 59.97 -17.64 6.84
C ILE D 105 59.31 -19.00 7.12
N TYR D 106 59.98 -20.07 6.70
CA TYR D 106 59.40 -21.42 6.58
C TYR D 106 59.68 -22.31 7.75
N TYR D 107 58.66 -23.10 8.09
CA TYR D 107 58.75 -24.23 9.00
C TYR D 107 58.11 -25.42 8.28
N ARG D 108 58.87 -25.98 7.34
CA ARG D 108 58.34 -26.92 6.37
C ARG D 108 59.25 -28.15 6.19
N LYS D 109 60.43 -28.13 6.80
CA LYS D 109 61.38 -29.25 6.67
C LYS D 109 60.79 -30.54 7.24
N GLY D 110 60.88 -31.62 6.45
CA GLY D 110 60.29 -32.90 6.82
C GLY D 110 58.79 -32.84 7.09
N SER D 111 58.12 -31.88 6.45
CA SER D 111 56.68 -31.75 6.50
C SER D 111 55.99 -32.87 5.75
N ALA D 112 54.68 -32.96 5.96
CA ALA D 112 53.83 -33.86 5.24
C ALA D 112 53.89 -33.62 3.72
N GLY D 113 53.85 -32.35 3.34
CA GLY D 113 53.93 -31.93 1.96
C GLY D 113 55.22 -32.31 1.26
N SER D 114 56.32 -32.39 2.01
CA SER D 114 57.63 -32.79 1.44
C SER D 114 57.72 -34.30 1.18
N LYS D 115 56.76 -35.04 1.74
CA LYS D 115 56.71 -36.49 1.65
C LYS D 115 55.81 -36.98 0.51
N LEU D 116 55.29 -36.02 -0.27
CA LEU D 116 54.71 -36.27 -1.57
C LEU D 116 55.71 -37.09 -2.39
N SER D 117 55.23 -38.11 -3.08
CA SER D 117 56.09 -39.08 -3.74
C SER D 117 55.42 -39.66 -5.01
N PRO D 118 56.22 -40.32 -5.89
CA PRO D 118 55.68 -40.87 -7.13
C PRO D 118 54.45 -41.76 -6.92
N GLU D 119 54.43 -42.52 -5.82
CA GLU D 119 53.34 -43.44 -5.54
C GLU D 119 52.01 -42.78 -5.14
N ASP D 120 52.03 -41.45 -5.09
CA ASP D 120 50.87 -40.62 -4.80
C ASP D 120 50.32 -40.03 -6.10
N VAL D 121 51.06 -40.21 -7.20
CA VAL D 121 50.71 -39.67 -8.51
C VAL D 121 50.08 -40.76 -9.37
N ASP D 122 48.78 -40.69 -9.57
CA ASP D 122 48.07 -41.70 -10.35
C ASP D 122 48.16 -41.42 -11.84
N GLU D 123 48.68 -42.39 -12.62
CA GLU D 123 48.87 -42.19 -14.07
C GLU D 123 47.61 -41.85 -14.86
N GLU D 124 46.52 -42.56 -14.60
CA GLU D 124 45.27 -42.28 -15.31
C GLU D 124 44.69 -40.89 -15.04
N TYR D 125 44.73 -40.46 -13.79
CA TYR D 125 44.31 -39.11 -13.42
C TYR D 125 45.21 -38.08 -14.07
N VAL D 126 46.51 -38.25 -13.98
CA VAL D 126 47.46 -37.35 -14.64
C VAL D 126 47.17 -37.25 -16.14
N LYS D 127 47.00 -38.40 -16.77
CA LYS D 127 46.71 -38.46 -18.19
C LYS D 127 45.37 -37.78 -18.55
N SER D 128 44.43 -37.76 -17.60
CA SER D 128 43.10 -37.16 -17.87
C SER D 128 43.12 -35.63 -18.02
N ALA D 129 44.19 -35.00 -17.51
CA ALA D 129 44.27 -33.54 -17.48
C ALA D 129 44.59 -32.96 -18.85
N ASP D 130 44.14 -31.72 -19.05
CA ASP D 130 44.56 -30.93 -20.18
C ASP D 130 45.93 -30.31 -19.96
N LEU D 131 46.18 -29.88 -18.72
CA LEU D 131 47.48 -29.33 -18.34
C LEU D 131 47.92 -29.88 -16.98
N VAL D 132 49.19 -30.21 -16.87
CA VAL D 132 49.80 -30.68 -15.64
C VAL D 132 50.90 -29.66 -15.29
N HIS D 133 50.85 -29.15 -14.06
CA HIS D 133 51.68 -28.01 -13.64
C HIS D 133 52.38 -28.24 -12.30
N SER D 134 53.65 -27.88 -12.25
CA SER D 134 54.36 -27.81 -10.97
C SER D 134 55.35 -26.62 -10.97
N SER D 135 56.20 -26.54 -9.94
CA SER D 135 57.12 -25.41 -9.77
C SER D 135 58.48 -25.84 -9.22
N GLY D 136 59.42 -24.89 -9.21
CA GLY D 136 60.75 -25.10 -8.63
C GLY D 136 60.73 -25.35 -7.13
N ILE D 137 59.67 -24.90 -6.45
CA ILE D 137 59.48 -25.18 -5.03
C ILE D 137 59.27 -26.69 -4.79
N THR D 138 58.39 -27.30 -5.54
CA THR D 138 58.17 -28.74 -5.45
C THR D 138 59.44 -29.56 -5.73
N LEU D 139 60.22 -29.08 -6.69
CA LEU D 139 61.46 -29.75 -7.02
C LEU D 139 62.46 -29.66 -5.87
N ALA D 140 62.43 -28.52 -5.15
CA ALA D 140 63.36 -28.18 -4.09
C ALA D 140 63.10 -28.80 -2.73
N ILE D 141 61.84 -28.96 -2.35
CA ILE D 141 61.50 -29.39 -1.01
C ILE D 141 62.01 -30.78 -0.63
N SER D 142 62.11 -31.69 -1.59
CA SER D 142 62.56 -33.05 -1.33
C SER D 142 62.76 -33.82 -2.63
N SER D 143 63.44 -34.96 -2.57
CA SER D 143 63.62 -35.75 -3.78
C SER D 143 62.40 -36.60 -4.08
N THR D 144 61.62 -36.97 -3.06
CA THR D 144 60.35 -37.64 -3.36
C THR D 144 59.40 -36.74 -4.12
N ALA D 145 59.30 -35.48 -3.69
CA ALA D 145 58.49 -34.52 -4.42
C ALA D 145 59.02 -34.26 -5.85
N LYS D 146 60.33 -34.07 -6.00
CA LYS D 146 60.95 -33.98 -7.32
C LYS D 146 60.61 -35.21 -8.16
N GLU D 147 60.80 -36.41 -7.60
CA GLU D 147 60.40 -37.69 -8.23
C GLU D 147 58.94 -37.63 -8.72
N ALA D 148 58.06 -37.11 -7.85
CA ALA D 148 56.65 -37.02 -8.20
C ALA D 148 56.41 -36.11 -9.42
N VAL D 149 57.12 -34.99 -9.49
CA VAL D 149 57.01 -34.09 -10.64
C VAL D 149 57.51 -34.77 -11.94
N TYR D 150 58.68 -35.41 -11.87
CA TYR D 150 59.21 -36.18 -13.00
C TYR D 150 58.20 -37.19 -13.50
N LYS D 151 57.61 -37.97 -12.59
CA LYS D 151 56.59 -38.96 -12.95
C LYS D 151 55.40 -38.36 -13.70
N ALA D 152 54.75 -37.37 -13.05
CA ALA D 152 53.63 -36.66 -13.63
C ALA D 152 53.96 -36.07 -15.01
N PHE D 153 55.18 -35.55 -15.17
CA PHE D 153 55.67 -34.94 -16.41
C PHE D 153 56.01 -35.98 -17.50
N GLU D 154 56.45 -37.16 -17.08
CA GLU D 154 56.59 -38.29 -18.00
C GLU D 154 55.22 -38.71 -18.57
N ILE D 155 54.19 -38.68 -17.72
CA ILE D 155 52.86 -39.09 -18.15
C ILE D 155 52.15 -37.99 -18.95
N ALA D 156 52.30 -36.75 -18.49
CA ALA D 156 51.57 -35.61 -19.08
C ALA D 156 51.90 -35.41 -20.55
N SER D 157 50.88 -35.11 -21.33
CA SER D 157 51.08 -34.67 -22.71
C SER D 157 51.41 -33.17 -22.74
N ASN D 158 50.74 -32.42 -21.89
CA ASN D 158 50.98 -30.97 -21.78
C ASN D 158 51.39 -30.54 -20.39
N ARG D 159 52.49 -29.78 -20.35
CA ARG D 159 53.15 -29.43 -19.11
C ARG D 159 53.30 -27.92 -18.90
N SER D 160 53.24 -27.53 -17.64
CA SER D 160 53.42 -26.14 -17.27
C SER D 160 54.32 -26.11 -16.04
N PHE D 161 55.13 -25.06 -15.94
CA PHE D 161 56.11 -24.96 -14.91
C PHE D 161 56.34 -23.50 -14.54
N ASP D 162 56.24 -23.22 -13.24
CA ASP D 162 56.66 -21.94 -12.70
C ASP D 162 58.02 -22.14 -12.05
N THR D 163 59.04 -21.45 -12.55
CA THR D 163 60.39 -21.58 -11.96
C THR D 163 60.41 -21.38 -10.43
N ASN D 164 59.74 -20.34 -9.94
CA ASN D 164 59.57 -20.07 -8.49
C ASN D 164 60.79 -20.43 -7.65
N ILE D 165 61.94 -19.85 -7.98
CA ILE D 165 63.14 -20.17 -7.23
C ILE D 165 63.05 -19.59 -5.83
N ARG D 166 63.39 -20.42 -4.85
CA ARG D 166 63.48 -20.01 -3.46
C ARG D 166 64.89 -20.28 -2.91
N LEU D 167 65.69 -19.24 -2.72
CA LEU D 167 67.07 -19.45 -2.25
C LEU D 167 67.16 -19.96 -0.82
N LYS D 168 66.10 -19.80 -0.04
CA LYS D 168 66.07 -20.42 1.29
C LYS D 168 65.89 -21.94 1.21
N LEU D 169 65.47 -22.44 0.05
CA LEU D 169 65.22 -23.87 -0.12
C LEU D 169 66.36 -24.65 -0.83
N TRP D 170 67.08 -23.97 -1.73
CA TRP D 170 68.32 -24.49 -2.32
C TRP D 170 69.20 -23.35 -2.81
N SER D 171 70.44 -23.66 -3.17
CA SER D 171 71.37 -22.65 -3.68
C SER D 171 71.01 -22.29 -5.13
N ALA D 172 71.42 -21.10 -5.56
CA ALA D 172 71.31 -20.67 -6.96
C ALA D 172 71.84 -21.74 -7.93
N GLU D 173 72.94 -22.37 -7.52
N GLU D 173 72.96 -22.36 -7.53
CA GLU D 173 73.64 -23.36 -8.32
CA GLU D 173 73.63 -23.38 -8.33
C GLU D 173 72.81 -24.63 -8.51
C GLU D 173 72.77 -24.62 -8.53
N GLU D 174 72.20 -25.13 -7.44
CA GLU D 174 71.35 -26.32 -7.53
C GLU D 174 70.03 -25.99 -8.26
N ALA D 175 69.47 -24.81 -7.99
CA ALA D 175 68.27 -24.35 -8.71
C ALA D 175 68.52 -24.33 -10.22
N LYS D 176 69.61 -23.66 -10.63
CA LYS D 176 70.04 -23.63 -12.03
C LYS D 176 70.11 -25.05 -12.58
N ARG D 177 70.82 -25.92 -11.88
CA ARG D 177 71.05 -27.28 -12.36
C ARG D 177 69.78 -28.15 -12.46
N GLU D 178 68.96 -28.13 -11.41
CA GLU D 178 67.74 -28.94 -11.39
C GLU D 178 66.65 -28.48 -12.36
N ILE D 179 66.52 -27.17 -12.55
CA ILE D 179 65.56 -26.64 -13.52
C ILE D 179 65.98 -26.88 -15.00
N LEU D 180 67.26 -26.71 -15.30
CA LEU D 180 67.74 -26.96 -16.65
C LEU D 180 67.64 -28.45 -16.97
N LYS D 181 67.96 -29.28 -15.98
CA LYS D 181 67.82 -30.73 -16.11
C LYS D 181 66.37 -31.13 -16.43
N LEU D 182 65.42 -30.53 -15.72
CA LEU D 182 63.99 -30.74 -15.95
C LEU D 182 63.53 -30.24 -17.34
N LEU D 183 63.96 -29.05 -17.73
CA LEU D 183 63.55 -28.46 -19.01
C LEU D 183 64.07 -29.26 -20.20
N SER D 184 65.25 -29.85 -20.07
CA SER D 184 65.85 -30.57 -21.18
C SER D 184 65.33 -32.00 -21.28
N LYS D 185 64.69 -32.47 -20.22
CA LYS D 185 64.01 -33.76 -20.26
C LYS D 185 62.57 -33.56 -20.72
N PHE D 186 61.94 -32.47 -20.29
CA PHE D 186 60.51 -32.28 -20.54
C PHE D 186 60.20 -30.96 -21.21
N HIS D 187 59.81 -31.02 -22.48
CA HIS D 187 59.34 -29.83 -23.19
C HIS D 187 58.00 -29.33 -22.61
N LEU D 188 57.88 -28.02 -22.47
CA LEU D 188 56.72 -27.43 -21.82
C LEU D 188 55.83 -26.69 -22.79
N LYS D 189 54.52 -26.76 -22.54
CA LYS D 189 53.61 -25.86 -23.23
C LYS D 189 53.76 -24.44 -22.67
N PHE D 190 53.84 -24.34 -21.34
CA PHE D 190 53.97 -23.06 -20.64
C PHE D 190 55.14 -23.04 -19.69
N LEU D 191 55.96 -22.00 -19.81
CA LEU D 191 56.97 -21.66 -18.80
C LEU D 191 56.58 -20.31 -18.20
N ILE D 192 56.39 -20.33 -16.89
CA ILE D 192 56.11 -19.12 -16.13
C ILE D 192 57.30 -18.80 -15.25
N THR D 193 57.82 -17.59 -15.40
CA THR D 193 59.11 -17.26 -14.82
C THR D 193 59.28 -15.76 -14.65
N ASP D 194 60.50 -15.34 -14.37
CA ASP D 194 60.81 -13.96 -14.30
C ASP D 194 62.28 -13.67 -14.52
N THR D 195 62.55 -12.39 -14.50
CA THR D 195 63.85 -11.83 -14.75
C THR D 195 64.88 -12.27 -13.66
N ASP D 196 64.45 -12.33 -12.41
CA ASP D 196 65.27 -12.88 -11.32
C ASP D 196 65.70 -14.33 -11.55
N ASP D 197 64.74 -15.20 -11.90
CA ASP D 197 65.03 -16.62 -12.11
C ASP D 197 65.80 -16.85 -13.42
N SER D 198 65.53 -16.00 -14.42
CA SER D 198 66.29 -15.99 -15.67
C SER D 198 67.79 -15.78 -15.43
N LYS D 199 68.12 -14.82 -14.56
CA LYS D 199 69.50 -14.57 -14.16
C LYS D 199 70.15 -15.80 -13.52
N ILE D 200 69.42 -16.48 -12.64
CA ILE D 200 69.96 -17.68 -11.95
C ILE D 200 70.15 -18.87 -12.90
N ILE D 201 69.16 -19.09 -13.77
CA ILE D 201 69.11 -20.25 -14.63
C ILE D 201 69.99 -20.07 -15.86
N LEU D 202 69.98 -18.87 -16.42
CA LEU D 202 70.67 -18.64 -17.69
C LEU D 202 71.82 -17.64 -17.62
N GLY D 203 71.94 -16.91 -16.49
CA GLY D 203 72.94 -15.84 -16.36
C GLY D 203 72.50 -14.64 -17.19
N GLU D 204 71.20 -14.53 -17.40
CA GLU D 204 70.67 -13.57 -18.33
C GLU D 204 69.42 -12.95 -17.76
N SER D 205 69.51 -11.64 -17.50
CA SER D 205 68.45 -10.90 -16.83
C SER D 205 67.51 -10.19 -17.81
N ASP D 206 68.02 -9.91 -19.00
CA ASP D 206 67.25 -9.28 -20.06
C ASP D 206 66.13 -10.21 -20.53
N PRO D 207 64.87 -9.71 -20.55
CA PRO D 207 63.70 -10.57 -20.81
C PRO D 207 63.67 -11.17 -22.21
N ASP D 208 63.94 -10.37 -23.24
CA ASP D 208 63.92 -10.82 -24.64
C ASP D 208 64.92 -11.93 -24.84
N LYS D 209 66.12 -11.72 -24.31
CA LYS D 209 67.20 -12.68 -24.50
C LYS D 209 67.04 -13.92 -23.63
N ALA D 210 66.42 -13.72 -22.45
CA ALA D 210 66.05 -14.83 -21.60
C ALA D 210 64.97 -15.68 -22.29
N ALA D 211 63.95 -15.02 -22.84
CA ALA D 211 62.87 -15.69 -23.58
C ALA D 211 63.35 -16.49 -24.78
N LYS D 212 64.34 -15.93 -25.48
CA LYS D 212 65.00 -16.55 -26.64
C LYS D 212 65.66 -17.86 -26.23
N ALA D 213 66.45 -17.83 -25.14
CA ALA D 213 67.08 -19.03 -24.61
C ALA D 213 66.07 -20.06 -24.10
N PHE D 214 65.00 -19.61 -23.44
CA PHE D 214 63.98 -20.53 -22.91
C PHE D 214 63.12 -21.13 -24.02
N SER D 215 63.01 -20.45 -25.16
CA SER D 215 62.19 -20.92 -26.29
C SER D 215 62.56 -22.34 -26.76
N ASP D 216 63.78 -22.76 -26.44
CA ASP D 216 64.22 -24.12 -26.70
C ASP D 216 63.52 -25.20 -25.85
N TYR D 217 62.76 -24.80 -24.83
CA TYR D 217 62.13 -25.78 -23.92
C TYR D 217 60.66 -25.51 -23.65
N ALA D 218 60.11 -24.45 -24.22
CA ALA D 218 58.74 -24.05 -23.90
C ALA D 218 58.13 -23.34 -25.07
N GLU D 219 56.85 -23.60 -25.33
CA GLU D 219 56.11 -22.93 -26.40
C GLU D 219 55.66 -21.52 -26.03
N ILE D 220 55.22 -21.34 -24.78
CA ILE D 220 54.61 -20.09 -24.36
C ILE D 220 55.27 -19.67 -23.08
N ILE D 221 55.98 -18.55 -23.15
CA ILE D 221 56.79 -18.06 -22.04
C ILE D 221 56.16 -16.80 -21.46
N VAL D 222 55.85 -16.84 -20.17
CA VAL D 222 55.38 -15.66 -19.45
C VAL D 222 56.55 -15.15 -18.62
N MET D 223 56.99 -13.94 -18.92
CA MET D 223 58.14 -13.36 -18.24
C MET D 223 57.62 -12.21 -17.38
N LYS D 224 57.47 -12.49 -16.10
CA LYS D 224 57.01 -11.49 -15.15
C LYS D 224 58.13 -10.50 -14.85
N LEU D 225 57.74 -9.27 -14.55
CA LEU D 225 58.67 -8.14 -14.39
C LEU D 225 58.57 -7.48 -13.01
N GLY D 226 57.84 -8.10 -12.09
CA GLY D 226 57.55 -7.46 -10.82
C GLY D 226 56.47 -6.43 -11.06
N PRO D 227 56.53 -5.29 -10.34
CA PRO D 227 55.50 -4.23 -10.43
C PRO D 227 55.21 -3.73 -11.86
N LYS D 228 56.22 -3.72 -12.73
CA LYS D 228 56.09 -3.25 -14.12
C LYS D 228 55.13 -4.03 -15.00
N GLY D 229 54.81 -5.27 -14.61
CA GLY D 229 53.90 -6.12 -15.38
C GLY D 229 54.57 -7.42 -15.82
N ALA D 230 54.30 -7.79 -17.07
CA ALA D 230 54.72 -9.08 -17.61
C ALA D 230 54.77 -9.07 -19.14
N ILE D 231 55.66 -9.90 -19.69
CA ILE D 231 55.71 -10.14 -21.11
C ILE D 231 55.43 -11.61 -21.39
N VAL D 232 54.57 -11.86 -22.37
CA VAL D 232 54.39 -13.18 -22.94
C VAL D 232 55.09 -13.30 -24.31
N TYR D 233 55.81 -14.39 -24.49
CA TYR D 233 56.44 -14.69 -25.75
C TYR D 233 55.81 -15.97 -26.28
N TYR D 234 55.37 -15.94 -27.54
CA TYR D 234 54.77 -17.09 -28.23
C TYR D 234 54.80 -16.86 -29.73
N ASP D 235 54.85 -17.95 -30.49
CA ASP D 235 54.84 -17.92 -31.98
C ASP D 235 55.59 -16.75 -32.63
N GLY D 236 56.86 -16.56 -32.28
CA GLY D 236 57.62 -15.42 -32.82
C GLY D 236 57.07 -14.01 -32.53
N LYS D 237 56.11 -13.92 -31.59
CA LYS D 237 55.58 -12.63 -31.12
C LYS D 237 55.96 -12.32 -29.67
N LYS D 238 55.87 -11.03 -29.34
CA LYS D 238 56.17 -10.54 -28.00
C LYS D 238 55.05 -9.58 -27.63
N TYR D 239 54.55 -9.68 -26.40
CA TYR D 239 53.54 -8.76 -25.92
C TYR D 239 53.78 -8.36 -24.47
N TYR D 240 54.00 -7.06 -24.26
CA TYR D 240 54.13 -6.50 -22.93
C TYR D 240 52.78 -5.96 -22.44
N SER D 241 52.45 -6.27 -21.19
CA SER D 241 51.21 -5.85 -20.56
C SER D 241 51.61 -5.25 -19.24
N SER D 242 51.38 -3.95 -19.08
CA SER D 242 51.92 -3.22 -17.93
C SER D 242 51.11 -3.37 -16.64
N GLY D 243 51.82 -3.33 -15.52
CA GLY D 243 51.20 -3.33 -14.21
C GLY D 243 50.48 -2.03 -13.88
N TYR D 244 49.80 -2.03 -12.75
CA TYR D 244 49.04 -0.86 -12.27
C TYR D 244 49.62 -0.41 -10.95
N GLN D 245 49.48 0.88 -10.68
CA GLN D 245 49.88 1.43 -9.40
C GLN D 245 48.69 1.32 -8.43
N VAL D 246 48.86 0.50 -7.40
CA VAL D 246 47.87 0.28 -6.34
C VAL D 246 48.59 0.20 -4.97
N PRO D 247 47.88 0.49 -3.85
CA PRO D 247 48.50 0.30 -2.54
C PRO D 247 48.88 -1.17 -2.24
N VAL D 248 50.13 -1.37 -1.86
CA VAL D 248 50.65 -2.71 -1.65
C VAL D 248 50.54 -3.11 -0.19
N GLU D 249 49.72 -4.11 0.07
CA GLU D 249 49.69 -4.68 1.41
C GLU D 249 50.62 -5.90 1.51
N ASP D 250 50.53 -6.81 0.53
CA ASP D 250 51.38 -8.00 0.55
C ASP D 250 51.49 -8.60 -0.85
N VAL D 251 52.67 -8.54 -1.46
CA VAL D 251 52.84 -9.03 -2.82
C VAL D 251 52.93 -10.57 -2.88
N THR D 252 53.03 -11.24 -1.73
CA THR D 252 53.09 -12.72 -1.68
C THR D 252 51.81 -13.26 -2.33
N GLY D 253 51.97 -14.14 -3.29
CA GLY D 253 50.84 -14.69 -4.02
C GLY D 253 50.58 -14.11 -5.40
N ALA D 254 51.19 -12.96 -5.74
CA ALA D 254 50.75 -12.24 -6.95
C ALA D 254 51.12 -12.95 -8.24
N GLY D 255 52.31 -13.53 -8.27
CA GLY D 255 52.78 -14.27 -9.45
C GLY D 255 52.01 -15.54 -9.75
N ASP D 256 51.52 -16.21 -8.70
CA ASP D 256 50.63 -17.36 -8.89
C ASP D 256 49.29 -16.91 -9.42
N ALA D 257 48.78 -15.82 -8.85
CA ALA D 257 47.54 -15.18 -9.31
C ALA D 257 47.62 -14.87 -10.82
N LEU D 258 48.73 -14.27 -11.27
CA LEU D 258 48.93 -14.02 -12.69
C LEU D 258 48.96 -15.34 -13.45
N GLY D 259 49.86 -16.24 -13.03
CA GLY D 259 50.04 -17.53 -13.69
C GLY D 259 48.77 -18.35 -13.88
N GLY D 260 48.02 -18.53 -12.80
CA GLY D 260 46.81 -19.36 -12.83
C GLY D 260 45.72 -18.76 -13.65
N THR D 261 45.56 -17.44 -13.54
CA THR D 261 44.54 -16.75 -14.32
C THR D 261 44.91 -16.86 -15.82
N PHE D 262 46.16 -16.61 -16.15
CA PHE D 262 46.62 -16.69 -17.52
C PHE D 262 46.34 -18.07 -18.13
N LEU D 263 46.73 -19.13 -17.41
CA LEU D 263 46.54 -20.50 -17.90
C LEU D 263 45.08 -20.81 -18.14
N SER D 264 44.23 -20.36 -17.23
CA SER D 264 42.82 -20.68 -17.30
C SER D 264 42.14 -19.99 -18.47
N LEU D 265 42.49 -18.72 -18.70
CA LEU D 265 41.89 -17.96 -19.79
C LEU D 265 42.33 -18.45 -21.16
N TYR D 266 43.53 -19.03 -21.25
CA TYR D 266 43.96 -19.73 -22.44
C TYR D 266 42.95 -20.84 -22.80
N TYR D 267 42.48 -21.58 -21.79
CA TYR D 267 41.56 -22.71 -22.01
C TYR D 267 40.12 -22.26 -22.17
N LYS D 268 39.85 -21.00 -21.84
CA LYS D 268 38.55 -20.40 -22.13
C LYS D 268 38.51 -19.79 -23.53
N GLY D 269 39.61 -19.94 -24.27
CA GLY D 269 39.71 -19.42 -25.62
C GLY D 269 39.98 -17.92 -25.72
N PHE D 270 40.62 -17.35 -24.70
CA PHE D 270 41.08 -15.97 -24.82
C PHE D 270 42.28 -15.90 -25.72
N GLU D 271 42.32 -14.88 -26.56
CA GLU D 271 43.54 -14.54 -27.27
C GLU D 271 44.62 -14.26 -26.24
N MET D 272 45.84 -14.69 -26.55
CA MET D 272 46.99 -14.65 -25.66
C MET D 272 47.21 -13.30 -24.96
N GLU D 273 47.07 -12.22 -25.72
N GLU D 273 47.06 -12.21 -25.72
CA GLU D 273 47.31 -10.87 -25.21
CA GLU D 273 47.34 -10.87 -25.21
C GLU D 273 46.29 -10.53 -24.14
C GLU D 273 46.28 -10.39 -24.22
N LYS D 274 45.02 -10.79 -24.44
CA LYS D 274 43.93 -10.48 -23.55
C LYS D 274 44.04 -11.30 -22.25
N ALA D 275 44.34 -12.60 -22.39
CA ALA D 275 44.65 -13.48 -21.26
C ALA D 275 45.72 -12.90 -20.31
N LEU D 276 46.77 -12.32 -20.88
CA LEU D 276 47.81 -11.67 -20.09
C LEU D 276 47.32 -10.41 -19.41
N ASP D 277 46.55 -9.58 -20.13
CA ASP D 277 45.99 -8.35 -19.55
C ASP D 277 45.11 -8.70 -18.37
N TYR D 278 44.25 -9.70 -18.55
CA TYR D 278 43.36 -10.16 -17.49
C TYR D 278 44.17 -10.72 -16.32
N ALA D 279 45.14 -11.59 -16.61
CA ALA D 279 46.04 -12.11 -15.61
C ALA D 279 46.67 -11.00 -14.73
N ILE D 280 47.13 -9.91 -15.37
CA ILE D 280 47.68 -8.74 -14.64
C ILE D 280 46.68 -8.08 -13.67
N VAL D 281 45.41 -8.04 -14.03
CA VAL D 281 44.38 -7.54 -13.10
C VAL D 281 44.36 -8.41 -11.82
N ALA D 282 44.34 -9.74 -12.00
CA ALA D 282 44.36 -10.66 -10.85
C ALA D 282 45.55 -10.41 -9.94
N SER D 283 46.75 -10.30 -10.52
CA SER D 283 47.94 -10.10 -9.71
C SER D 283 47.97 -8.72 -9.08
N THR D 284 47.48 -7.71 -9.81
CA THR D 284 47.31 -6.35 -9.29
C THR D 284 46.46 -6.34 -8.01
N LEU D 285 45.26 -6.94 -8.07
CA LEU D 285 44.40 -7.01 -6.88
C LEU D 285 45.06 -7.84 -5.77
N ASN D 286 45.84 -8.84 -6.15
CA ASN D 286 46.46 -9.71 -5.17
C ASN D 286 47.31 -8.95 -4.17
N VAL D 287 48.06 -7.96 -4.65
CA VAL D 287 49.07 -7.29 -3.80
C VAL D 287 48.44 -6.40 -2.73
N MET D 288 47.13 -6.18 -2.85
CA MET D 288 46.40 -5.22 -2.05
C MET D 288 45.93 -5.79 -0.71
N ILE D 289 46.08 -7.10 -0.53
CA ILE D 289 45.64 -7.75 0.73
C ILE D 289 46.64 -8.75 1.27
N ARG D 290 46.50 -9.06 2.56
CA ARG D 290 47.16 -10.20 3.17
C ARG D 290 46.31 -11.40 2.80
N GLY D 291 46.91 -12.40 2.17
CA GLY D 291 46.18 -13.59 1.74
C GLY D 291 46.46 -13.82 0.27
N ASP D 292 46.95 -15.00 -0.07
CA ASP D 292 47.31 -15.30 -1.45
C ASP D 292 46.10 -15.58 -2.35
N GLN D 293 44.94 -15.86 -1.76
CA GLN D 293 43.80 -16.40 -2.52
C GLN D 293 42.51 -15.60 -2.37
N GLU D 294 42.45 -14.76 -1.34
CA GLU D 294 41.18 -14.20 -0.87
C GLU D 294 40.55 -13.20 -1.82
N ASN D 295 41.36 -12.49 -2.60
CA ASN D 295 40.76 -11.64 -3.62
C ASN D 295 41.18 -11.98 -5.08
N LEU D 296 41.38 -13.28 -5.34
CA LEU D 296 41.47 -13.79 -6.71
C LEU D 296 40.14 -13.51 -7.41
N PRO D 297 40.17 -12.77 -8.53
CA PRO D 297 38.93 -12.34 -9.16
C PRO D 297 38.35 -13.34 -10.17
N THR D 298 37.03 -13.34 -10.28
CA THR D 298 36.36 -14.03 -11.40
C THR D 298 36.66 -13.23 -12.69
N THR D 299 36.32 -13.81 -13.84
CA THR D 299 36.52 -13.15 -15.12
C THR D 299 35.64 -11.89 -15.15
N LYS D 300 34.43 -12.03 -14.63
CA LYS D 300 33.46 -10.94 -14.51
C LYS D 300 34.03 -9.78 -13.69
N ASP D 301 34.65 -10.09 -12.54
CA ASP D 301 35.30 -9.07 -11.69
C ASP D 301 36.47 -8.39 -12.40
N ILE D 302 37.23 -9.18 -13.15
CA ILE D 302 38.35 -8.66 -13.95
C ILE D 302 37.83 -7.68 -15.00
N GLU D 303 36.71 -8.04 -15.62
CA GLU D 303 36.08 -7.19 -16.64
C GLU D 303 35.57 -5.88 -16.06
N THR D 304 34.97 -5.94 -14.88
CA THR D 304 34.58 -4.73 -14.14
C THR D 304 35.78 -3.80 -13.85
N PHE D 305 36.87 -4.36 -13.33
CA PHE D 305 38.13 -3.62 -13.19
C PHE D 305 38.53 -2.92 -14.51
N LEU D 306 38.68 -3.69 -15.59
CA LEU D 306 39.15 -3.16 -16.86
C LEU D 306 38.23 -2.08 -17.42
N ARG D 307 36.92 -2.22 -17.17
CA ARG D 307 35.94 -1.28 -17.65
C ARG D 307 36.09 0.11 -16.99
N GLU D 308 36.41 0.17 -15.70
CA GLU D 308 36.60 1.46 -15.07
C GLU D 308 38.00 1.68 -14.50
N MET D 309 39.02 1.52 -15.34
CA MET D 309 40.40 1.65 -14.88
C MET D 309 41.37 1.90 -16.03
N ALA E 2 11.69 14.44 36.88
CA ALA E 2 12.60 15.11 37.86
C ALA E 2 13.96 15.43 37.21
N LYS E 3 14.60 16.49 37.67
CA LYS E 3 15.89 16.89 37.15
C LYS E 3 16.99 16.68 38.19
N LEU E 4 18.04 15.96 37.78
CA LEU E 4 19.28 15.85 38.53
C LEU E 4 20.28 16.83 37.96
N ILE E 5 21.00 17.52 38.86
CA ILE E 5 22.22 18.25 38.49
C ILE E 5 23.40 17.72 39.30
N THR E 6 24.44 17.28 38.59
CA THR E 6 25.68 16.83 39.20
C THR E 6 26.82 17.82 38.96
N LEU E 7 27.81 17.79 39.84
CA LEU E 7 29.04 18.60 39.68
C LEU E 7 30.20 17.64 39.83
N GLY E 8 31.11 17.66 38.87
CA GLY E 8 32.30 16.84 39.01
C GLY E 8 33.20 16.91 37.82
N GLU E 9 34.16 15.99 37.78
CA GLU E 9 35.08 15.91 36.66
C GLU E 9 34.74 14.74 35.75
N ILE E 10 34.36 15.04 34.51
CA ILE E 10 34.27 14.05 33.44
C ILE E 10 35.68 13.65 33.03
N LEU E 11 35.91 12.36 32.88
CA LEU E 11 37.24 11.86 32.46
C LEU E 11 37.17 10.96 31.24
N ILE E 12 38.21 11.00 30.41
CA ILE E 12 38.29 9.98 29.36
C ILE E 12 39.03 8.77 29.92
N GLU E 13 38.45 7.60 29.68
CA GLU E 13 38.93 6.33 30.21
C GLU E 13 39.67 5.54 29.13
N PHE E 14 40.84 5.03 29.50
CA PHE E 14 41.59 4.15 28.62
C PHE E 14 41.69 2.78 29.24
N ASN E 15 40.78 1.91 28.81
CA ASN E 15 40.55 0.62 29.38
C ASN E 15 41.44 -0.42 28.71
N ALA E 16 42.32 -1.06 29.48
CA ALA E 16 43.15 -2.14 28.93
C ALA E 16 42.33 -3.24 28.24
N LEU E 17 42.76 -3.59 27.01
CA LEU E 17 42.13 -4.67 26.26
C LEU E 17 42.45 -6.07 26.77
N SER E 18 43.50 -6.20 27.58
CA SER E 18 43.81 -7.47 28.22
C SER E 18 43.98 -7.22 29.72
N PRO E 19 43.71 -8.24 30.55
CA PRO E 19 44.03 -8.15 31.96
C PRO E 19 45.55 -8.23 32.14
N GLY E 20 46.03 -7.83 33.31
CA GLY E 20 47.43 -7.95 33.63
C GLY E 20 48.11 -6.62 33.84
N PRO E 21 49.39 -6.64 34.22
CA PRO E 21 50.12 -5.41 34.50
C PRO E 21 50.20 -4.56 33.23
N LEU E 22 49.97 -3.26 33.33
CA LEU E 22 49.96 -2.40 32.12
C LEU E 22 51.26 -2.44 31.32
N ARG E 23 52.36 -2.77 31.99
CA ARG E 23 53.67 -2.81 31.34
C ARG E 23 53.70 -3.83 30.20
N HIS E 24 52.74 -4.76 30.20
CA HIS E 24 52.61 -5.74 29.13
C HIS E 24 51.28 -5.75 28.41
N VAL E 25 50.50 -4.68 28.54
CA VAL E 25 49.26 -4.52 27.78
C VAL E 25 49.57 -3.54 26.66
N SER E 26 49.28 -3.90 25.41
CA SER E 26 49.61 -3.02 24.30
C SER E 26 48.43 -2.24 23.70
N TYR E 27 47.21 -2.60 24.08
CA TYR E 27 46.02 -2.00 23.46
C TYR E 27 45.03 -1.48 24.48
N PHE E 28 44.51 -0.28 24.21
CA PHE E 28 43.59 0.42 25.11
C PHE E 28 42.37 0.91 24.35
N GLU E 29 41.21 0.77 24.99
CA GLU E 29 39.91 1.08 24.43
C GLU E 29 39.36 2.30 25.15
N LYS E 30 39.12 3.37 24.40
CA LYS E 30 38.68 4.65 24.95
C LYS E 30 37.18 4.59 25.31
N HIS E 31 36.83 5.18 26.47
CA HIS E 31 35.43 5.39 26.90
C HIS E 31 35.27 6.75 27.57
N VAL E 32 34.03 7.21 27.68
CA VAL E 32 33.75 8.44 28.41
C VAL E 32 33.22 8.01 29.76
N ALA E 33 33.79 8.60 30.82
CA ALA E 33 33.46 8.20 32.19
C ALA E 33 33.58 9.40 33.15
N GLY E 34 33.86 9.11 34.42
CA GLY E 34 33.73 10.08 35.49
C GLY E 34 32.43 9.81 36.25
N SER E 35 32.56 9.68 37.55
CA SER E 35 31.44 9.33 38.42
C SER E 35 30.15 10.14 38.18
N GLU E 36 30.24 11.48 38.21
CA GLU E 36 29.03 12.31 37.97
C GLU E 36 28.47 12.20 36.55
N ALA E 37 29.34 12.06 35.55
CA ALA E 37 28.89 11.75 34.19
C ALA E 37 28.14 10.40 34.15
N ASN E 38 28.67 9.39 34.87
CA ASN E 38 28.02 8.06 34.94
C ASN E 38 26.62 8.14 35.59
N TYR E 39 26.53 8.91 36.68
CA TYR E 39 25.27 9.15 37.41
C TYR E 39 24.18 9.78 36.52
N CYS E 40 24.57 10.83 35.76
CA CYS E 40 23.71 11.46 34.77
C CYS E 40 23.07 10.47 33.79
N VAL E 41 23.89 9.64 33.15
CA VAL E 41 23.40 8.69 32.15
C VAL E 41 22.47 7.63 32.78
N ALA E 42 22.89 7.08 33.91
CA ALA E 42 22.06 6.18 34.68
C ALA E 42 20.73 6.86 35.03
N PHE E 43 20.77 8.11 35.47
CA PHE E 43 19.55 8.88 35.81
C PHE E 43 18.60 9.03 34.61
N ILE E 44 19.13 9.54 33.51
CA ILE E 44 18.48 9.57 32.20
C ILE E 44 17.89 8.25 31.74
N LYS E 45 18.63 7.15 31.93
CA LYS E 45 18.14 5.86 31.47
C LYS E 45 16.81 5.44 32.11
N GLN E 46 16.47 6.03 33.25
CA GLN E 46 15.21 5.70 33.93
C GLN E 46 14.07 6.69 33.64
N GLY E 47 14.22 7.50 32.59
CA GLY E 47 13.16 8.39 32.18
C GLY E 47 13.15 9.77 32.84
N ASN E 48 14.21 10.13 33.53
CA ASN E 48 14.34 11.48 34.08
C ASN E 48 15.33 12.35 33.33
N GLU E 49 15.44 13.62 33.71
N GLU E 49 15.40 13.63 33.66
CA GLU E 49 16.31 14.58 33.06
CA GLU E 49 16.34 14.56 33.03
C GLU E 49 17.52 14.89 33.96
C GLU E 49 17.51 14.89 33.95
N CYS E 50 18.62 15.31 33.36
CA CYS E 50 19.83 15.62 34.12
C CYS E 50 20.75 16.60 33.40
N GLY E 51 21.51 17.36 34.18
CA GLY E 51 22.54 18.23 33.67
C GLY E 51 23.81 17.99 34.50
N ILE E 52 24.95 18.33 33.93
CA ILE E 52 26.20 18.24 34.63
C ILE E 52 26.90 19.59 34.58
N ILE E 53 27.37 20.06 35.72
CA ILE E 53 28.23 21.24 35.76
C ILE E 53 29.68 20.72 35.79
N ALA E 54 30.41 20.94 34.70
CA ALA E 54 31.78 20.40 34.54
C ALA E 54 32.64 21.23 33.59
N LYS E 55 33.95 21.21 33.83
CA LYS E 55 34.88 21.90 32.95
C LYS E 55 35.72 20.88 32.19
N VAL E 56 35.83 21.07 30.88
CA VAL E 56 36.74 20.27 30.08
C VAL E 56 37.72 21.14 29.28
N GLY E 57 38.73 20.50 28.70
CA GLY E 57 39.75 21.14 27.91
C GLY E 57 39.28 21.47 26.51
N ASP E 58 39.99 22.43 25.92
CA ASP E 58 39.76 22.83 24.56
C ASP E 58 40.60 21.87 23.72
N ASP E 59 40.20 20.62 23.74
CA ASP E 59 40.95 19.56 23.08
C ASP E 59 40.01 18.44 22.62
N GLU E 60 40.55 17.50 21.86
CA GLU E 60 39.76 16.40 21.31
C GLU E 60 39.04 15.58 22.38
N PHE E 61 39.72 15.28 23.49
CA PHE E 61 39.07 14.55 24.59
C PHE E 61 37.90 15.34 25.23
N GLY E 62 38.03 16.67 25.30
CA GLY E 62 37.00 17.51 25.89
C GLY E 62 35.75 17.54 25.03
N TYR E 63 35.94 17.69 23.72
CA TYR E 63 34.82 17.59 22.76
C TYR E 63 34.23 16.20 22.64
N ASN E 64 35.08 15.18 22.77
CA ASN E 64 34.64 13.81 22.94
C ASN E 64 33.64 13.73 24.11
N ALA E 65 34.00 14.32 25.26
CA ALA E 65 33.13 14.25 26.45
C ALA E 65 31.81 15.01 26.23
N ILE E 66 31.88 16.16 25.58
CA ILE E 66 30.70 16.97 25.24
C ILE E 66 29.77 16.22 24.30
N GLU E 67 30.31 15.73 23.19
CA GLU E 67 29.51 14.98 22.19
C GLU E 67 28.88 13.72 22.76
N TRP E 68 29.65 12.96 23.54
CA TRP E 68 29.14 11.71 24.10
C TRP E 68 27.92 11.98 24.99
N LEU E 69 28.10 12.85 25.97
CA LEU E 69 27.05 13.20 26.94
C LEU E 69 25.83 13.83 26.30
N ARG E 70 26.05 14.77 25.39
CA ARG E 70 24.96 15.39 24.65
C ARG E 70 24.19 14.32 23.87
N GLY E 71 24.92 13.39 23.27
CA GLY E 71 24.32 12.21 22.61
C GLY E 71 23.44 11.36 23.52
N GLN E 72 23.84 11.22 24.79
CA GLN E 72 23.06 10.50 25.80
C GLN E 72 21.85 11.29 26.33
N GLY E 73 21.71 12.54 25.89
CA GLY E 73 20.57 13.37 26.31
C GLY E 73 20.81 14.17 27.57
N VAL E 74 22.07 14.19 28.02
CA VAL E 74 22.48 15.02 29.15
C VAL E 74 22.51 16.49 28.69
N ASP E 75 22.06 17.37 29.55
CA ASP E 75 22.13 18.80 29.31
C ASP E 75 23.60 19.20 29.48
N VAL E 76 24.20 19.69 28.41
CA VAL E 76 25.61 20.04 28.46
C VAL E 76 25.84 21.56 28.35
N SER E 77 24.75 22.34 28.33
CA SER E 77 24.80 23.79 28.13
C SER E 77 25.47 24.55 29.28
N HIS E 78 25.55 23.94 30.46
CA HIS E 78 26.25 24.53 31.62
C HIS E 78 27.69 24.01 31.87
N MET E 79 28.28 23.42 30.84
CA MET E 79 29.66 22.97 30.91
C MET E 79 30.56 24.13 30.45
N LYS E 80 31.83 24.11 30.89
CA LYS E 80 32.81 25.09 30.43
C LYS E 80 33.96 24.41 29.71
N ILE E 81 34.58 25.16 28.82
CA ILE E 81 35.78 24.74 28.17
C ILE E 81 36.90 25.62 28.68
N ASP E 82 37.87 25.01 29.35
CA ASP E 82 39.01 25.74 29.85
C ASP E 82 39.97 26.06 28.70
N PRO E 83 40.36 27.35 28.57
CA PRO E 83 41.29 27.81 27.54
C PRO E 83 42.64 27.07 27.51
N SER E 84 43.17 26.62 28.65
CA SER E 84 44.53 26.08 28.60
C SER E 84 44.77 24.71 29.27
N ALA E 85 43.91 24.31 30.19
CA ALA E 85 44.14 23.08 30.91
C ALA E 85 43.54 21.89 30.15
N PRO E 86 44.25 20.74 30.15
CA PRO E 86 43.81 19.54 29.43
C PRO E 86 42.72 18.74 30.13
N THR E 87 41.88 18.09 29.34
CA THR E 87 40.87 17.18 29.86
C THR E 87 41.55 16.05 30.62
N GLY E 88 40.99 15.76 31.79
CA GLY E 88 41.53 14.72 32.66
C GLY E 88 41.27 13.36 32.07
N ILE E 89 42.24 12.45 32.24
CA ILE E 89 42.10 11.10 31.70
C ILE E 89 42.55 10.06 32.73
N PHE E 90 42.28 8.80 32.45
CA PHE E 90 42.82 7.72 33.27
C PHE E 90 42.84 6.41 32.51
N PHE E 91 43.67 5.50 33.00
CA PHE E 91 43.82 4.16 32.49
C PHE E 91 43.28 3.15 33.51
N ILE E 92 42.71 2.07 33.01
CA ILE E 92 42.24 0.98 33.87
C ILE E 92 43.05 -0.27 33.63
N GLN E 93 43.71 -0.74 34.66
CA GLN E 93 44.38 -2.04 34.70
C GLN E 93 43.40 -2.99 35.33
N ARG E 94 43.14 -4.11 34.64
CA ARG E 94 42.06 -5.05 35.02
C ARG E 94 42.59 -6.40 35.55
N HIS E 95 42.01 -6.87 36.66
CA HIS E 95 42.21 -8.25 37.17
C HIS E 95 43.61 -8.56 37.64
N TYR E 96 44.37 -7.51 37.93
CA TYR E 96 45.76 -7.67 38.29
C TYR E 96 46.21 -6.51 39.17
N PRO E 97 46.81 -6.82 40.33
CA PRO E 97 47.12 -8.19 40.78
C PRO E 97 45.98 -8.92 41.49
N VAL E 98 44.80 -8.30 41.57
CA VAL E 98 43.63 -8.90 42.23
C VAL E 98 42.56 -9.19 41.20
N PRO E 99 42.26 -10.49 40.97
CA PRO E 99 41.19 -10.90 40.06
C PRO E 99 39.85 -10.26 40.44
N LEU E 100 39.06 -9.93 39.41
CA LEU E 100 37.70 -9.37 39.54
C LEU E 100 37.69 -7.91 39.99
N LYS E 101 38.88 -7.35 40.21
CA LYS E 101 39.04 -5.95 40.59
C LYS E 101 39.78 -5.15 39.53
N SER E 102 39.49 -3.86 39.48
CA SER E 102 40.16 -2.96 38.57
C SER E 102 40.90 -1.85 39.32
N GLU E 103 41.92 -1.27 38.68
CA GLU E 103 42.65 -0.13 39.23
C GLU E 103 42.70 1.01 38.22
N SER E 104 42.42 2.22 38.71
CA SER E 104 42.41 3.44 37.91
C SER E 104 43.70 4.22 38.12
N ILE E 105 44.35 4.58 37.01
CA ILE E 105 45.65 5.25 37.03
C ILE E 105 45.45 6.61 36.37
N TYR E 106 45.53 7.66 37.19
CA TYR E 106 45.06 9.00 36.82
C TYR E 106 46.12 9.85 36.16
N TYR E 107 45.68 10.62 35.18
CA TYR E 107 46.44 11.75 34.63
C TYR E 107 45.51 12.96 34.62
N ARG E 108 45.32 13.53 35.81
CA ARG E 108 44.27 14.52 36.05
C ARG E 108 44.77 15.76 36.79
N LYS E 109 46.06 15.79 37.09
CA LYS E 109 46.59 16.93 37.84
C LYS E 109 46.70 18.19 37.00
N GLY E 110 46.11 19.25 37.54
CA GLY E 110 45.96 20.52 36.84
C GLY E 110 45.01 20.43 35.66
N SER E 111 44.06 19.50 35.70
CA SER E 111 43.16 19.28 34.55
C SER E 111 42.13 20.37 34.44
N ALA E 112 41.52 20.50 33.26
CA ALA E 112 40.43 21.46 33.10
C ALA E 112 39.35 21.17 34.15
N GLY E 113 39.04 19.90 34.36
CA GLY E 113 38.09 19.43 35.37
C GLY E 113 38.33 19.98 36.76
N SER E 114 39.59 19.99 37.19
CA SER E 114 40.02 20.53 38.49
C SER E 114 39.86 22.04 38.59
N LYS E 115 39.70 22.71 37.46
CA LYS E 115 39.56 24.17 37.46
C LYS E 115 38.10 24.63 37.54
N LEU E 116 37.20 23.67 37.68
CA LEU E 116 35.80 23.95 38.01
C LEU E 116 35.75 24.82 39.28
N SER E 117 34.98 25.91 39.25
CA SER E 117 34.98 26.82 40.39
C SER E 117 33.57 27.34 40.68
N PRO E 118 33.34 27.95 41.87
CA PRO E 118 31.98 28.36 42.23
C PRO E 118 31.37 29.33 41.20
N GLU E 119 32.24 30.01 40.46
CA GLU E 119 31.79 30.96 39.43
C GLU E 119 31.14 30.25 38.23
N ASP E 120 31.34 28.93 38.12
CA ASP E 120 30.73 28.09 37.07
C ASP E 120 29.38 27.53 37.50
N VAL E 121 29.04 27.75 38.77
CA VAL E 121 27.78 27.30 39.33
C VAL E 121 26.79 28.46 39.25
N ASP E 122 25.83 28.38 38.33
CA ASP E 122 24.81 29.41 38.23
C ASP E 122 23.64 29.13 39.16
N GLU E 123 23.25 30.14 39.94
CA GLU E 123 22.25 29.98 41.00
C GLU E 123 20.86 29.54 40.51
N GLU E 124 20.34 30.18 39.47
CA GLU E 124 18.99 29.87 38.97
C GLU E 124 18.95 28.51 38.28
N TYR E 125 20.06 28.14 37.65
CA TYR E 125 20.18 26.79 37.10
C TYR E 125 20.06 25.75 38.22
N VAL E 126 20.83 25.93 39.29
CA VAL E 126 20.86 24.99 40.41
C VAL E 126 19.49 24.92 41.13
N LYS E 127 18.79 26.04 41.18
CA LYS E 127 17.42 26.06 41.73
C LYS E 127 16.44 25.23 40.91
N SER E 128 16.67 25.15 39.61
CA SER E 128 15.85 24.32 38.72
C SER E 128 15.87 22.80 38.95
N ALA E 129 16.84 22.29 39.72
CA ALA E 129 16.94 20.85 39.98
C ALA E 129 16.09 20.39 41.16
N ASP E 130 15.65 19.13 41.09
CA ASP E 130 15.00 18.45 42.20
C ASP E 130 16.04 17.90 43.19
N LEU E 131 17.21 17.59 42.67
CA LEU E 131 18.31 17.02 43.44
C LEU E 131 19.64 17.50 42.87
N VAL E 132 20.55 17.86 43.75
CA VAL E 132 21.89 18.26 43.34
C VAL E 132 22.85 17.25 43.94
N HIS E 133 23.80 16.80 43.12
CA HIS E 133 24.63 15.65 43.44
C HIS E 133 26.12 15.90 43.20
N SER E 134 26.94 15.43 44.11
CA SER E 134 28.37 15.38 43.88
C SER E 134 28.99 14.24 44.70
N SER E 135 30.32 14.22 44.79
CA SER E 135 31.05 13.10 45.37
C SER E 135 32.36 13.53 46.01
N GLY E 136 32.96 12.62 46.77
CA GLY E 136 34.25 12.88 47.39
C GLY E 136 35.35 13.13 46.39
N ILE E 137 35.16 12.65 45.16
CA ILE E 137 36.13 12.90 44.09
C ILE E 137 36.21 14.40 43.79
N THR E 138 35.06 15.05 43.67
CA THR E 138 35.00 16.47 43.34
C THR E 138 35.64 17.34 44.42
N LEU E 139 35.45 16.95 45.67
CA LEU E 139 36.04 17.59 46.85
C LEU E 139 37.57 17.47 46.86
N ALA E 140 38.05 16.29 46.42
CA ALA E 140 39.46 15.93 46.45
C ALA E 140 40.36 16.53 45.34
N ILE E 141 39.76 16.90 44.21
CA ILE E 141 40.57 17.31 43.03
C ILE E 141 41.16 18.72 43.11
N SER E 142 40.45 19.64 43.78
CA SER E 142 40.97 21.00 44.02
C SER E 142 40.08 21.77 44.99
N SER E 143 40.62 22.89 45.46
CA SER E 143 39.93 23.82 46.34
C SER E 143 38.76 24.43 45.61
N THR E 144 38.99 24.82 44.35
CA THR E 144 37.96 25.47 43.54
C THR E 144 36.78 24.54 43.31
N ALA E 145 37.06 23.26 43.07
CA ALA E 145 36.01 22.27 42.81
C ALA E 145 35.17 22.01 44.07
N LYS E 146 35.88 21.83 45.19
CA LYS E 146 35.28 21.80 46.54
C LYS E 146 34.35 23.00 46.82
N GLU E 147 34.82 24.21 46.51
N GLU E 147 34.79 24.21 46.50
CA GLU E 147 34.05 25.46 46.64
CA GLU E 147 33.97 25.41 46.73
C GLU E 147 32.79 25.42 45.81
C GLU E 147 32.79 25.54 45.76
N ALA E 148 32.95 24.99 44.55
CA ALA E 148 31.83 24.83 43.61
C ALA E 148 30.72 23.95 44.19
N VAL E 149 31.10 22.81 44.79
CA VAL E 149 30.17 21.91 45.51
C VAL E 149 29.51 22.59 46.73
N TYR E 150 30.28 23.33 47.53
CA TYR E 150 29.71 24.13 48.64
C TYR E 150 28.65 25.11 48.15
N LYS E 151 28.98 25.91 47.13
CA LYS E 151 28.04 26.85 46.53
C LYS E 151 26.77 26.17 46.03
N ALA E 152 26.92 25.03 45.34
CA ALA E 152 25.75 24.32 44.81
C ALA E 152 24.87 23.80 45.95
N PHE E 153 25.51 23.24 46.96
CA PHE E 153 24.80 22.66 48.10
C PHE E 153 24.11 23.72 48.98
N GLU E 154 24.66 24.94 49.04
CA GLU E 154 24.02 26.06 49.74
C GLU E 154 22.72 26.45 49.02
N ILE E 155 22.78 26.48 47.68
CA ILE E 155 21.63 26.80 46.82
C ILE E 155 20.60 25.67 46.74
N ALA E 156 21.07 24.43 46.77
CA ALA E 156 20.20 23.27 46.63
C ALA E 156 19.18 23.11 47.76
N SER E 157 17.95 22.74 47.39
CA SER E 157 16.97 22.27 48.35
C SER E 157 17.25 20.82 48.76
N ASN E 158 17.53 19.97 47.78
CA ASN E 158 17.88 18.59 48.09
C ASN E 158 19.23 18.18 47.53
N ARG E 159 19.95 17.38 48.32
CA ARG E 159 21.35 17.09 48.09
C ARG E 159 21.65 15.61 48.09
N SER E 160 22.52 15.19 47.19
CA SER E 160 22.97 13.81 47.13
C SER E 160 24.51 13.77 47.10
N PHE E 161 25.10 12.73 47.69
CA PHE E 161 26.54 12.65 47.79
C PHE E 161 26.98 11.21 47.80
N ASP E 162 27.92 10.89 46.92
CA ASP E 162 28.60 9.60 46.87
C ASP E 162 29.96 9.84 47.47
N THR E 163 30.28 9.13 48.56
CA THR E 163 31.56 9.34 49.24
C THR E 163 32.75 9.12 48.29
N ASN E 164 32.67 8.04 47.47
CA ASN E 164 33.65 7.78 46.40
C ASN E 164 35.04 8.26 46.79
N ILE E 165 35.60 7.65 47.82
CA ILE E 165 36.91 8.03 48.34
C ILE E 165 38.00 7.43 47.45
N ARG E 166 38.93 8.26 47.01
CA ARG E 166 40.09 7.82 46.23
C ARG E 166 41.37 8.19 46.98
N LEU E 167 42.02 7.17 47.54
CA LEU E 167 43.26 7.35 48.34
C LEU E 167 44.42 7.82 47.47
N LYS E 168 44.31 7.63 46.15
CA LYS E 168 45.28 8.16 45.20
C LYS E 168 45.17 9.69 45.07
N LEU E 169 44.01 10.24 45.44
CA LEU E 169 43.78 11.69 45.32
C LEU E 169 43.99 12.48 46.60
N TRP E 170 43.72 11.85 47.74
CA TRP E 170 43.94 12.46 49.05
C TRP E 170 44.09 11.38 50.11
N SER E 171 44.67 11.75 51.25
CA SER E 171 44.88 10.84 52.37
C SER E 171 43.55 10.48 53.03
N ALA E 172 43.55 9.38 53.78
CA ALA E 172 42.37 8.95 54.53
C ALA E 172 41.87 10.03 55.50
N GLU E 173 42.80 10.77 56.11
CA GLU E 173 42.46 11.83 57.06
C GLU E 173 41.84 13.03 56.37
N GLU E 174 42.47 13.48 55.29
CA GLU E 174 41.90 14.52 54.41
C GLU E 174 40.46 14.20 54.03
N ALA E 175 40.25 12.94 53.64
CA ALA E 175 38.96 12.42 53.19
C ALA E 175 37.95 12.48 54.32
N LYS E 176 38.29 11.89 55.47
CA LYS E 176 37.45 11.92 56.65
C LYS E 176 37.11 13.37 57.01
N ARG E 177 38.13 14.21 57.12
CA ARG E 177 37.97 15.64 57.45
C ARG E 177 37.00 16.33 56.51
N GLU E 178 37.32 16.32 55.22
CA GLU E 178 36.58 17.13 54.26
C GLU E 178 35.15 16.65 53.98
N ILE E 179 34.96 15.33 54.06
CA ILE E 179 33.65 14.71 53.88
C ILE E 179 32.76 15.03 55.09
N LEU E 180 33.28 14.77 56.30
CA LEU E 180 32.60 15.15 57.56
C LEU E 180 32.25 16.62 57.63
N LYS E 181 33.17 17.48 57.22
CA LYS E 181 32.91 18.93 57.17
C LYS E 181 31.75 19.28 56.23
N LEU E 182 31.67 18.62 55.06
CA LEU E 182 30.58 18.86 54.10
C LEU E 182 29.24 18.38 54.63
N LEU E 183 29.25 17.23 55.29
CA LEU E 183 28.05 16.62 55.79
C LEU E 183 27.50 17.35 57.01
N SER E 184 28.40 17.86 57.85
CA SER E 184 28.02 18.66 59.01
C SER E 184 27.32 19.95 58.58
N LYS E 185 27.77 20.52 57.46
CA LYS E 185 27.28 21.81 56.96
C LYS E 185 25.93 21.67 56.21
N PHE E 186 25.77 20.54 55.52
CA PHE E 186 24.65 20.32 54.60
C PHE E 186 23.98 18.97 54.82
N HIS E 187 22.76 18.99 55.37
CA HIS E 187 21.99 17.75 55.52
C HIS E 187 21.71 17.17 54.13
N LEU E 188 21.78 15.85 54.03
CA LEU E 188 21.59 15.17 52.74
C LEU E 188 20.26 14.44 52.68
N LYS E 189 19.68 14.39 51.50
CA LYS E 189 18.53 13.54 51.24
C LYS E 189 19.06 12.14 51.00
N PHE E 190 20.11 12.03 50.18
CA PHE E 190 20.73 10.73 49.87
C PHE E 190 22.23 10.71 50.18
N LEU E 191 22.66 9.69 50.92
CA LEU E 191 24.08 9.37 50.98
C LEU E 191 24.37 8.02 50.31
N ILE E 192 25.25 8.02 49.32
CA ILE E 192 25.69 6.78 48.67
C ILE E 192 27.12 6.49 49.08
N THR E 193 27.29 5.37 49.79
CA THR E 193 28.58 5.01 50.33
C THR E 193 28.79 3.50 50.34
N ASP E 194 29.82 3.04 51.03
CA ASP E 194 30.04 1.62 51.20
C ASP E 194 30.84 1.40 52.47
N THR E 195 31.17 0.14 52.75
CA THR E 195 31.96 -0.32 53.91
C THR E 195 33.37 0.27 54.02
N ASP E 196 34.11 0.34 52.91
CA ASP E 196 35.48 0.85 52.92
C ASP E 196 35.52 2.32 53.28
N ASP E 197 34.57 3.08 52.72
CA ASP E 197 34.51 4.53 52.95
C ASP E 197 33.96 4.84 54.32
N SER E 198 33.08 3.97 54.82
CA SER E 198 32.59 4.05 56.20
C SER E 198 33.72 3.93 57.23
N LYS E 199 34.58 2.93 57.07
CA LYS E 199 35.71 2.74 57.98
C LYS E 199 36.67 3.94 57.98
N ILE E 200 36.88 4.55 56.83
CA ILE E 200 37.77 5.72 56.71
C ILE E 200 37.17 6.98 57.34
N ILE E 201 35.86 7.15 57.16
CA ILE E 201 35.15 8.34 57.63
C ILE E 201 34.75 8.20 59.10
N LEU E 202 34.24 7.02 59.46
CA LEU E 202 33.66 6.81 60.77
C LEU E 202 34.45 5.86 61.66
N GLY E 203 35.47 5.20 61.10
CA GLY E 203 36.22 4.16 61.82
C GLY E 203 35.42 2.86 61.88
N GLU E 204 34.17 2.93 61.41
CA GLU E 204 33.19 1.86 61.56
C GLU E 204 32.97 1.02 60.28
N SER E 205 33.10 -0.30 60.42
CA SER E 205 33.08 -1.20 59.27
C SER E 205 31.75 -1.92 59.07
N ASP E 206 31.01 -2.07 60.16
CA ASP E 206 29.71 -2.73 60.12
C ASP E 206 28.69 -1.80 59.46
N PRO E 207 27.96 -2.31 58.45
CA PRO E 207 26.89 -1.63 57.71
C PRO E 207 25.93 -0.86 58.60
N ASP E 208 25.37 -1.56 59.60
CA ASP E 208 24.35 -1.00 60.50
C ASP E 208 24.88 0.10 61.41
N LYS E 209 26.05 -0.13 61.99
CA LYS E 209 26.70 0.83 62.87
C LYS E 209 27.13 2.10 62.10
N ALA E 210 27.66 1.89 60.89
CA ALA E 210 28.03 3.00 60.00
C ALA E 210 26.80 3.79 59.57
N ALA E 211 25.71 3.07 59.28
CA ALA E 211 24.47 3.68 58.82
C ALA E 211 23.84 4.54 59.91
N LYS E 212 23.82 4.02 61.14
CA LYS E 212 23.29 4.78 62.28
C LYS E 212 24.03 6.10 62.45
N ALA E 213 25.38 6.03 62.43
CA ALA E 213 26.21 7.23 62.53
C ALA E 213 25.90 8.23 61.41
N PHE E 214 25.78 7.72 60.17
CA PHE E 214 25.53 8.54 59.00
C PHE E 214 24.14 9.17 59.01
N SER E 215 23.20 8.54 59.71
CA SER E 215 21.82 9.05 59.78
C SER E 215 21.72 10.40 60.52
N ASP E 216 22.78 10.78 61.23
CA ASP E 216 22.93 12.14 61.75
C ASP E 216 23.01 13.17 60.61
N TYR E 217 23.37 12.70 59.40
CA TYR E 217 23.59 13.62 58.28
C TYR E 217 22.69 13.40 57.06
N ALA E 218 22.15 12.19 56.92
CA ALA E 218 21.39 11.80 55.72
C ALA E 218 20.08 11.08 56.02
N GLU E 219 19.04 11.39 55.22
CA GLU E 219 17.74 10.73 55.31
C GLU E 219 17.73 9.30 54.78
N ILE E 220 18.38 9.09 53.64
CA ILE E 220 18.34 7.80 52.93
C ILE E 220 19.77 7.39 52.64
N ILE E 221 20.14 6.21 53.12
CA ILE E 221 21.54 5.79 53.01
C ILE E 221 21.68 4.53 52.18
N VAL E 222 22.43 4.63 51.08
CA VAL E 222 22.77 3.44 50.30
C VAL E 222 24.15 2.92 50.71
N MET E 223 24.14 1.76 51.34
CA MET E 223 25.35 1.14 51.82
C MET E 223 25.71 -0.02 50.90
N LYS E 224 26.63 0.23 49.98
CA LYS E 224 27.07 -0.76 49.00
C LYS E 224 28.03 -1.76 49.64
N LEU E 225 28.00 -3.00 49.15
CA LEU E 225 28.73 -4.11 49.78
C LEU E 225 29.68 -4.87 48.84
N GLY E 226 29.97 -4.29 47.68
CA GLY E 226 30.69 -5.02 46.65
C GLY E 226 29.80 -6.07 46.00
N PRO E 227 30.38 -7.18 45.52
CA PRO E 227 29.61 -8.23 44.85
C PRO E 227 28.36 -8.74 45.60
N LYS E 228 28.42 -8.71 46.94
CA LYS E 228 27.29 -9.14 47.78
C LYS E 228 26.00 -8.31 47.57
N GLY E 229 26.13 -7.06 47.14
CA GLY E 229 24.98 -6.22 46.84
C GLY E 229 24.99 -4.90 47.59
N ALA E 230 23.83 -4.53 48.12
CA ALA E 230 23.65 -3.25 48.80
C ALA E 230 22.53 -3.31 49.84
N ILE E 231 22.64 -2.43 50.83
CA ILE E 231 21.59 -2.19 51.80
C ILE E 231 21.14 -0.73 51.73
N VAL E 232 19.83 -0.52 51.62
CA VAL E 232 19.24 0.81 51.83
C VAL E 232 18.70 0.93 53.28
N TYR E 233 19.02 2.07 53.91
CA TYR E 233 18.50 2.44 55.23
C TYR E 233 17.70 3.73 55.05
N TYR E 234 16.43 3.66 55.40
CA TYR E 234 15.56 4.81 55.30
C TYR E 234 14.55 4.71 56.43
N ASP E 235 14.26 5.85 57.05
CA ASP E 235 13.33 5.89 58.17
C ASP E 235 13.88 4.98 59.29
N GLY E 236 13.12 3.98 59.71
CA GLY E 236 13.60 3.01 60.69
C GLY E 236 13.72 1.61 60.10
N LYS E 237 13.80 1.55 58.76
CA LYS E 237 13.90 0.29 58.06
C LYS E 237 15.29 0.06 57.43
N LYS E 238 15.60 -1.21 57.22
CA LYS E 238 16.84 -1.67 56.64
C LYS E 238 16.44 -2.73 55.60
N TYR E 239 17.03 -2.64 54.42
CA TYR E 239 16.69 -3.57 53.34
C TYR E 239 17.90 -3.98 52.48
N TYR E 240 18.22 -5.26 52.56
CA TYR E 240 19.30 -5.87 51.80
C TYR E 240 18.84 -6.41 50.44
N SER E 241 19.54 -5.99 49.38
CA SER E 241 19.29 -6.45 48.01
C SER E 241 20.58 -7.13 47.51
N SER E 242 20.53 -8.45 47.33
CA SER E 242 21.74 -9.20 46.99
C SER E 242 22.19 -9.00 45.54
N GLY E 243 23.49 -9.13 45.33
CA GLY E 243 24.09 -9.10 44.01
C GLY E 243 23.86 -10.39 43.24
N TYR E 244 24.24 -10.37 41.96
CA TYR E 244 24.13 -11.55 41.10
C TYR E 244 25.52 -12.02 40.71
N GLN E 245 25.61 -13.30 40.40
CA GLN E 245 26.84 -13.90 39.95
C GLN E 245 26.88 -13.80 38.43
N VAL E 246 27.83 -13.04 37.89
CA VAL E 246 27.98 -12.83 36.45
C VAL E 246 29.45 -12.78 36.10
N PRO E 247 29.80 -13.03 34.81
CA PRO E 247 31.21 -12.92 34.41
C PRO E 247 31.67 -11.46 34.51
N VAL E 248 32.84 -11.26 35.12
CA VAL E 248 33.32 -9.91 35.41
C VAL E 248 34.37 -9.39 34.41
N GLU E 249 34.01 -8.33 33.69
CA GLU E 249 34.95 -7.74 32.73
C GLU E 249 35.71 -6.59 33.38
N ASP E 250 34.95 -5.63 33.91
CA ASP E 250 35.51 -4.45 34.54
C ASP E 250 34.47 -3.87 35.50
N VAL E 251 34.73 -3.91 36.80
CA VAL E 251 33.76 -3.41 37.76
C VAL E 251 33.70 -1.87 37.81
N THR E 252 34.67 -1.20 37.18
CA THR E 252 34.70 0.28 37.19
C THR E 252 33.36 0.82 36.66
N GLY E 253 32.75 1.70 37.44
CA GLY E 253 31.46 2.27 37.05
C GLY E 253 30.28 1.69 37.80
N ALA E 254 30.45 0.49 38.38
CA ALA E 254 29.32 -0.24 38.96
C ALA E 254 28.61 0.51 40.07
N GLY E 255 29.38 1.17 40.94
CA GLY E 255 28.83 1.97 42.02
C GLY E 255 28.00 3.15 41.55
N ASP E 256 28.40 3.77 40.45
CA ASP E 256 27.61 4.87 39.89
C ASP E 256 26.36 4.37 39.17
N ALA E 257 26.48 3.21 38.53
CA ALA E 257 25.36 2.59 37.86
C ALA E 257 24.22 2.38 38.86
N LEU E 258 24.55 1.80 40.02
CA LEU E 258 23.62 1.60 41.13
C LEU E 258 23.06 2.95 41.66
N GLY E 259 23.95 3.79 42.17
CA GLY E 259 23.59 5.12 42.69
C GLY E 259 22.65 5.91 41.81
N GLY E 260 23.05 6.14 40.56
CA GLY E 260 22.25 6.92 39.60
C GLY E 260 20.92 6.29 39.26
N THR E 261 20.89 4.96 39.17
CA THR E 261 19.63 4.24 38.86
C THR E 261 18.65 4.30 40.05
N PHE E 262 19.15 4.01 41.25
CA PHE E 262 18.37 4.16 42.47
C PHE E 262 17.76 5.55 42.58
N LEU E 263 18.57 6.58 42.35
CA LEU E 263 18.10 7.96 42.49
C LEU E 263 16.99 8.26 41.52
N SER E 264 17.19 7.86 40.26
CA SER E 264 16.20 8.12 39.22
C SER E 264 14.86 7.46 39.54
N LEU E 265 14.91 6.24 40.09
CA LEU E 265 13.67 5.48 40.33
C LEU E 265 12.89 5.99 41.55
N TYR E 266 13.61 6.53 42.54
CA TYR E 266 12.98 7.24 43.65
C TYR E 266 12.06 8.37 43.14
N TYR E 267 12.54 9.12 42.15
CA TYR E 267 11.77 10.19 41.54
C TYR E 267 10.73 9.70 40.54
N LYS E 268 10.82 8.44 40.12
CA LYS E 268 9.74 7.84 39.35
C LYS E 268 8.65 7.27 40.28
N GLY E 269 8.90 7.26 41.59
CA GLY E 269 7.88 6.89 42.56
C GLY E 269 7.99 5.48 43.10
N PHE E 270 9.12 4.83 42.87
CA PHE E 270 9.38 3.47 43.36
C PHE E 270 9.49 3.38 44.89
N GLU E 271 8.99 2.27 45.46
CA GLU E 271 9.35 1.92 46.83
C GLU E 271 10.86 1.75 46.93
N MET E 272 11.41 2.14 48.07
CA MET E 272 12.84 2.13 48.31
C MET E 272 13.50 0.79 47.94
N GLU E 273 12.81 -0.29 48.30
CA GLU E 273 13.28 -1.67 48.05
C GLU E 273 13.26 -2.05 46.56
N LYS E 274 12.22 -1.64 45.85
CA LYS E 274 12.14 -1.86 44.42
C LYS E 274 13.18 -1.00 43.68
N ALA E 275 13.44 0.20 44.18
CA ALA E 275 14.41 1.09 43.54
C ALA E 275 15.81 0.53 43.72
N LEU E 276 16.08 -0.06 44.89
CA LEU E 276 17.35 -0.72 45.14
C LEU E 276 17.53 -1.98 44.28
N ASP E 277 16.47 -2.80 44.21
CA ASP E 277 16.45 -4.02 43.38
C ASP E 277 16.85 -3.73 41.93
N TYR E 278 16.16 -2.78 41.31
CA TYR E 278 16.43 -2.34 39.96
C TYR E 278 17.86 -1.78 39.80
N ALA E 279 18.30 -0.99 40.79
CA ALA E 279 19.64 -0.41 40.80
C ALA E 279 20.72 -1.48 40.81
N ILE E 280 20.50 -2.56 41.57
CA ILE E 280 21.39 -3.73 41.56
C ILE E 280 21.49 -4.36 40.16
N VAL E 281 20.38 -4.39 39.44
CA VAL E 281 20.42 -4.89 38.06
C VAL E 281 21.39 -4.05 37.21
N ALA E 282 21.27 -2.73 37.32
CA ALA E 282 22.12 -1.80 36.57
C ALA E 282 23.62 -2.02 36.82
N SER E 283 23.99 -2.14 38.08
CA SER E 283 25.36 -2.34 38.48
C SER E 283 25.89 -3.74 38.17
N THR E 284 24.99 -4.73 38.13
CA THR E 284 25.32 -6.08 37.68
C THR E 284 25.72 -6.11 36.21
N LEU E 285 24.89 -5.54 35.35
CA LEU E 285 25.22 -5.40 33.91
C LEU E 285 26.51 -4.60 33.69
N ASN E 286 26.73 -3.61 34.54
CA ASN E 286 27.90 -2.75 34.40
C ASN E 286 29.23 -3.52 34.50
N VAL E 287 29.36 -4.40 35.50
CA VAL E 287 30.60 -5.18 35.71
C VAL E 287 30.96 -6.13 34.54
N MET E 288 29.98 -6.41 33.67
CA MET E 288 30.14 -7.34 32.56
C MET E 288 30.82 -6.76 31.32
N ILE E 289 31.10 -5.46 31.33
CA ILE E 289 31.62 -4.80 30.14
C ILE E 289 32.77 -3.83 30.48
N ARG E 290 33.64 -3.56 29.53
CA ARG E 290 34.54 -2.40 29.62
C ARG E 290 33.75 -1.17 29.24
N GLY E 291 33.86 -0.10 30.04
CA GLY E 291 33.06 1.09 29.82
C GLY E 291 32.02 1.17 30.92
N ASP E 292 31.94 2.36 31.54
CA ASP E 292 31.12 2.61 32.72
C ASP E 292 29.70 2.93 32.31
N GLN E 293 29.53 3.36 31.06
CA GLN E 293 28.27 3.90 30.56
C GLN E 293 27.57 3.07 29.49
N GLU E 294 28.33 2.29 28.74
CA GLU E 294 27.82 1.61 27.54
C GLU E 294 26.68 0.62 27.74
N ASN E 295 26.58 -0.05 28.88
CA ASN E 295 25.41 -0.91 29.04
C ASN E 295 24.53 -0.60 30.25
N LEU E 296 24.45 0.70 30.56
CA LEU E 296 23.47 1.22 31.51
C LEU E 296 22.09 0.92 30.96
N PRO E 297 21.26 0.17 31.72
CA PRO E 297 19.95 -0.26 31.18
C PRO E 297 18.81 0.75 31.36
N THR E 298 17.84 0.71 30.45
CA THR E 298 16.57 1.42 30.63
C THR E 298 15.76 0.64 31.67
N THR E 299 14.65 1.21 32.14
CA THR E 299 13.80 0.51 33.10
C THR E 299 13.26 -0.79 32.49
N LYS E 300 12.85 -0.71 31.23
CA LYS E 300 12.38 -1.87 30.49
C LYS E 300 13.43 -2.98 30.43
N ASP E 301 14.69 -2.60 30.19
CA ASP E 301 15.79 -3.57 30.13
C ASP E 301 15.96 -4.28 31.46
N ILE E 302 15.82 -3.52 32.55
CA ILE E 302 15.95 -4.06 33.91
C ILE E 302 14.86 -5.10 34.21
N GLU E 303 13.64 -4.80 33.77
CA GLU E 303 12.50 -5.69 33.92
C GLU E 303 12.65 -6.96 33.12
N THR E 304 13.14 -6.83 31.88
CA THR E 304 13.49 -8.01 31.10
C THR E 304 14.49 -8.87 31.88
N PHE E 305 15.53 -8.25 32.42
CA PHE E 305 16.51 -8.95 33.22
C PHE E 305 15.85 -9.65 34.41
N LEU E 306 15.00 -8.92 35.14
CA LEU E 306 14.32 -9.45 36.33
C LEU E 306 13.41 -10.65 36.05
N ARG E 307 12.73 -10.64 34.91
CA ARG E 307 11.92 -11.79 34.44
C ARG E 307 12.77 -13.01 34.13
N GLU E 308 13.67 -12.87 33.15
CA GLU E 308 14.42 -13.99 32.58
C GLU E 308 15.58 -14.40 33.50
N MET E 309 15.50 -13.97 34.76
CA MET E 309 16.58 -14.17 35.72
C MET E 309 16.04 -14.61 37.08
N ALA F 2 81.84 2.91 20.69
CA ALA F 2 81.74 4.27 21.27
C ALA F 2 80.46 4.38 22.10
N LYS F 3 80.48 5.22 23.13
CA LYS F 3 79.34 5.37 24.04
C LYS F 3 78.65 6.73 23.83
N LEU F 4 77.37 6.67 23.46
CA LEU F 4 76.49 7.83 23.55
C LEU F 4 75.80 7.83 24.92
N ILE F 5 75.74 9.00 25.55
CA ILE F 5 74.87 9.19 26.70
C ILE F 5 73.88 10.32 26.39
N THR F 6 72.60 10.01 26.48
CA THR F 6 71.53 10.98 26.22
C THR F 6 70.92 11.37 27.55
N LEU F 7 70.33 12.55 27.62
CA LEU F 7 69.63 13.00 28.82
C LEU F 7 68.27 13.47 28.36
N GLY F 8 67.21 12.92 28.93
CA GLY F 8 65.89 13.31 28.48
C GLY F 8 64.74 12.68 29.22
N GLU F 9 63.54 12.90 28.70
CA GLU F 9 62.35 12.27 29.21
C GLU F 9 61.90 11.15 28.25
N ILE F 10 61.89 9.92 28.77
CA ILE F 10 61.21 8.79 28.12
C ILE F 10 59.71 8.99 28.31
N LEU F 11 58.95 8.80 27.24
CA LEU F 11 57.49 8.88 27.29
C LEU F 11 56.87 7.57 26.83
N ILE F 12 55.71 7.23 27.37
CA ILE F 12 54.95 6.13 26.81
C ILE F 12 53.97 6.69 25.80
N GLU F 13 54.01 6.11 24.59
CA GLU F 13 53.27 6.61 23.45
C GLU F 13 51.96 5.85 23.28
N PHE F 14 50.88 6.60 23.14
CA PHE F 14 49.60 5.98 22.78
C PHE F 14 49.18 6.38 21.37
N ASN F 15 49.44 5.45 20.46
CA ASN F 15 49.29 5.70 19.04
C ASN F 15 47.89 5.28 18.58
N ALA F 16 47.14 6.24 18.04
CA ALA F 16 45.80 6.00 17.50
C ALA F 16 45.81 4.92 16.40
N LEU F 17 44.91 3.95 16.54
CA LEU F 17 44.85 2.83 15.58
C LEU F 17 44.15 3.19 14.28
N SER F 18 43.46 4.32 14.25
CA SER F 18 42.90 4.82 13.01
C SER F 18 43.18 6.31 12.88
N PRO F 19 43.33 6.79 11.63
CA PRO F 19 43.55 8.22 11.39
C PRO F 19 42.34 9.04 11.87
N GLY F 20 42.47 10.36 11.90
CA GLY F 20 41.32 11.21 12.20
C GLY F 20 41.41 11.83 13.58
N PRO F 21 40.46 12.72 13.89
CA PRO F 21 40.39 13.41 15.18
C PRO F 21 40.21 12.43 16.32
N LEU F 22 41.02 12.58 17.37
CA LEU F 22 40.96 11.66 18.52
C LEU F 22 39.59 11.47 19.12
N ARG F 23 38.69 12.44 19.01
CA ARG F 23 37.32 12.27 19.57
C ARG F 23 36.57 11.10 18.96
N HIS F 24 37.04 10.61 17.81
CA HIS F 24 36.38 9.53 17.10
C HIS F 24 37.30 8.32 16.92
N VAL F 25 38.40 8.29 17.65
CA VAL F 25 39.32 7.15 17.67
C VAL F 25 39.06 6.39 18.96
N SER F 26 38.84 5.09 18.89
CA SER F 26 38.51 4.32 20.08
C SER F 26 39.64 3.41 20.55
N TYR F 27 40.62 3.17 19.69
CA TYR F 27 41.67 2.20 20.03
C TYR F 27 43.06 2.82 19.94
N PHE F 28 43.88 2.53 20.94
CA PHE F 28 45.23 3.06 21.01
C PHE F 28 46.21 1.93 21.28
N GLU F 29 47.38 2.07 20.65
CA GLU F 29 48.43 1.08 20.66
C GLU F 29 49.65 1.68 21.35
N LYS F 30 50.13 0.98 22.37
CA LYS F 30 51.18 1.47 23.25
C LYS F 30 52.57 1.19 22.66
N HIS F 31 53.46 2.18 22.80
CA HIS F 31 54.86 2.07 22.39
C HIS F 31 55.69 2.90 23.35
N VAL F 32 56.96 2.51 23.51
CA VAL F 32 57.90 3.24 24.31
C VAL F 32 58.60 4.24 23.38
N ALA F 33 58.68 5.50 23.80
CA ALA F 33 59.22 6.53 22.91
C ALA F 33 59.91 7.65 23.66
N GLY F 34 59.87 8.86 23.09
CA GLY F 34 60.64 9.99 23.61
C GLY F 34 61.99 10.13 22.90
N SER F 35 62.34 11.36 22.51
CA SER F 35 63.47 11.61 21.60
C SER F 35 64.82 10.95 21.96
N GLU F 36 65.21 11.04 23.22
CA GLU F 36 66.52 10.55 23.61
C GLU F 36 66.51 9.02 23.74
N ALA F 37 65.36 8.45 24.08
CA ALA F 37 65.19 7.01 24.08
C ALA F 37 65.35 6.49 22.65
N ASN F 38 64.70 7.17 21.70
CA ASN F 38 64.79 6.84 20.28
C ASN F 38 66.22 6.89 19.70
N TYR F 39 66.95 7.96 20.01
CA TYR F 39 68.37 8.09 19.68
C TYR F 39 69.19 6.91 20.17
N CYS F 40 69.02 6.56 21.45
CA CYS F 40 69.73 5.46 22.07
C CYS F 40 69.61 4.17 21.27
N VAL F 41 68.38 3.76 20.97
CA VAL F 41 68.12 2.51 20.25
C VAL F 41 68.67 2.57 18.82
N ALA F 42 68.47 3.70 18.15
CA ALA F 42 69.06 3.92 16.84
C ALA F 42 70.60 3.83 16.90
N PHE F 43 71.19 4.38 17.96
CA PHE F 43 72.65 4.33 18.16
C PHE F 43 73.16 2.88 18.35
N ILE F 44 72.50 2.14 19.25
CA ILE F 44 72.78 0.72 19.51
C ILE F 44 72.69 -0.16 18.25
N LYS F 45 71.72 0.14 17.40
CA LYS F 45 71.44 -0.67 16.21
C LYS F 45 72.58 -0.68 15.21
N GLN F 46 73.46 0.31 15.28
CA GLN F 46 74.61 0.36 14.38
C GLN F 46 75.87 -0.20 15.06
N GLY F 47 75.69 -0.88 16.18
CA GLY F 47 76.77 -1.59 16.88
C GLY F 47 77.66 -0.75 17.80
N ASN F 48 77.14 0.36 18.32
CA ASN F 48 77.85 1.07 19.36
C ASN F 48 77.12 0.89 20.68
N GLU F 49 77.61 1.51 21.74
CA GLU F 49 76.98 1.35 23.04
C GLU F 49 76.33 2.68 23.48
N CYS F 50 75.32 2.60 24.33
CA CYS F 50 74.66 3.82 24.80
C CYS F 50 73.97 3.61 26.13
N GLY F 51 73.83 4.72 26.85
CA GLY F 51 73.00 4.75 28.03
C GLY F 51 72.15 5.99 28.05
N ILE F 52 71.24 6.05 29.01
CA ILE F 52 70.31 7.16 29.13
C ILE F 52 70.20 7.61 30.60
N ILE F 53 70.23 8.93 30.79
CA ILE F 53 69.91 9.54 32.07
C ILE F 53 68.51 10.13 31.95
N ALA F 54 67.57 9.50 32.63
CA ALA F 54 66.17 9.87 32.62
C ALA F 54 65.54 9.42 33.93
N LYS F 55 64.50 10.13 34.36
CA LYS F 55 63.79 9.72 35.56
C LYS F 55 62.39 9.32 35.15
N VAL F 56 61.97 8.14 35.59
CA VAL F 56 60.62 7.67 35.34
C VAL F 56 59.90 7.47 36.67
N GLY F 57 58.59 7.23 36.61
CA GLY F 57 57.80 7.02 37.80
C GLY F 57 57.98 5.61 38.34
N ASP F 58 57.51 5.44 39.57
CA ASP F 58 57.39 4.11 40.19
C ASP F 58 56.00 3.56 39.82
N ASP F 59 55.83 3.27 38.54
CA ASP F 59 54.54 2.85 38.04
C ASP F 59 54.76 1.89 36.88
N GLU F 60 53.67 1.29 36.40
CA GLU F 60 53.76 0.30 35.33
C GLU F 60 54.45 0.86 34.09
N PHE F 61 54.13 2.09 33.74
CA PHE F 61 54.69 2.72 32.55
C PHE F 61 56.20 2.98 32.71
N GLY F 62 56.62 3.36 33.92
CA GLY F 62 58.02 3.52 34.30
C GLY F 62 58.81 2.25 34.10
N TYR F 63 58.30 1.15 34.67
CA TYR F 63 58.95 -0.14 34.52
C TYR F 63 58.89 -0.67 33.07
N ASN F 64 57.78 -0.41 32.39
CA ASN F 64 57.65 -0.64 30.94
C ASN F 64 58.83 -0.01 30.18
N ALA F 65 59.09 1.27 30.43
CA ALA F 65 60.23 1.99 29.82
C ALA F 65 61.56 1.31 30.11
N ILE F 66 61.78 0.97 31.38
CA ILE F 66 63.03 0.32 31.79
C ILE F 66 63.25 -1.01 31.06
N GLU F 67 62.26 -1.89 31.13
CA GLU F 67 62.34 -3.23 30.51
C GLU F 67 62.58 -3.15 29.00
N TRP F 68 61.83 -2.28 28.33
CA TRP F 68 61.97 -2.07 26.91
C TRP F 68 63.39 -1.66 26.52
N LEU F 69 63.92 -0.59 27.14
CA LEU F 69 65.24 -0.09 26.80
C LEU F 69 66.36 -1.07 27.17
N ARG F 70 66.23 -1.70 28.34
CA ARG F 70 67.11 -2.78 28.72
C ARG F 70 67.08 -3.91 27.68
N GLY F 71 65.89 -4.25 27.18
CA GLY F 71 65.75 -5.32 26.18
C GLY F 71 66.46 -5.00 24.88
N GLN F 72 66.42 -3.71 24.53
CA GLN F 72 67.09 -3.18 23.34
C GLN F 72 68.62 -3.10 23.52
N GLY F 73 69.10 -3.28 24.75
CA GLY F 73 70.55 -3.25 25.03
C GLY F 73 71.04 -1.93 25.60
N VAL F 74 70.12 -0.99 25.82
CA VAL F 74 70.47 0.31 26.37
C VAL F 74 70.89 0.12 27.82
N ASP F 75 71.94 0.85 28.23
CA ASP F 75 72.34 0.91 29.63
C ASP F 75 71.32 1.76 30.38
N VAL F 76 70.77 1.17 31.41
CA VAL F 76 69.57 1.65 32.05
C VAL F 76 69.87 1.88 33.55
N SER F 77 71.11 1.59 33.95
CA SER F 77 71.57 1.65 35.37
C SER F 77 71.70 3.05 35.94
N HIS F 78 71.75 4.05 35.07
CA HIS F 78 71.82 5.44 35.53
C HIS F 78 70.48 6.18 35.41
N MET F 79 69.42 5.44 35.12
CA MET F 79 68.06 5.97 35.22
C MET F 79 67.67 6.06 36.70
N LYS F 80 66.69 6.92 36.99
CA LYS F 80 66.14 7.05 38.34
C LYS F 80 64.63 6.78 38.37
N ILE F 81 64.14 6.22 39.48
CA ILE F 81 62.70 6.13 39.79
C ILE F 81 62.29 7.19 40.83
N ASP F 82 61.38 8.07 40.43
CA ASP F 82 60.78 9.05 41.33
C ASP F 82 59.55 8.40 41.95
N PRO F 83 59.47 8.35 43.29
CA PRO F 83 58.33 7.64 43.89
C PRO F 83 57.05 8.48 43.97
N SER F 84 57.14 9.79 43.67
CA SER F 84 56.02 10.71 43.87
C SER F 84 55.39 11.32 42.61
N ALA F 85 55.78 10.84 41.43
CA ALA F 85 55.35 11.48 40.19
C ALA F 85 55.22 10.45 39.05
N PRO F 86 54.17 10.60 38.21
CA PRO F 86 53.91 9.57 37.20
C PRO F 86 54.88 9.67 36.02
N THR F 87 55.11 8.56 35.34
CA THR F 87 55.81 8.56 34.06
C THR F 87 54.97 9.36 33.06
N GLY F 88 55.65 10.14 32.24
CA GLY F 88 54.99 10.97 31.24
C GLY F 88 54.48 10.17 30.07
N ILE F 89 53.35 10.62 29.51
CA ILE F 89 52.73 9.94 28.39
C ILE F 89 52.31 10.95 27.31
N PHE F 90 52.00 10.46 26.12
CA PHE F 90 51.38 11.28 25.07
C PHE F 90 50.56 10.40 24.17
N PHE F 91 49.68 11.05 23.41
CA PHE F 91 48.89 10.40 22.37
C PHE F 91 49.33 10.93 21.02
N ILE F 92 49.21 10.09 19.99
CA ILE F 92 49.42 10.56 18.63
C ILE F 92 48.13 10.47 17.83
N GLN F 93 47.76 11.63 17.27
CA GLN F 93 46.65 11.77 16.35
C GLN F 93 47.26 11.80 14.96
N ARG F 94 46.81 10.92 14.06
CA ARG F 94 47.49 10.74 12.77
C ARG F 94 46.68 11.19 11.54
N HIS F 95 47.37 11.88 10.63
CA HIS F 95 46.81 12.28 9.33
C HIS F 95 45.58 13.20 9.39
N TYR F 96 45.42 13.91 10.49
CA TYR F 96 44.33 14.85 10.62
C TYR F 96 44.71 15.99 11.53
N PRO F 97 44.48 17.24 11.09
CA PRO F 97 43.81 17.63 9.84
C PRO F 97 44.67 17.61 8.56
N VAL F 98 45.94 17.21 8.68
CA VAL F 98 46.88 17.28 7.57
C VAL F 98 47.33 15.88 7.19
N PRO F 99 47.06 15.45 5.93
CA PRO F 99 47.50 14.13 5.51
C PRO F 99 49.00 13.97 5.67
N LEU F 100 49.42 12.77 6.09
CA LEU F 100 50.85 12.38 6.20
C LEU F 100 51.59 12.97 7.41
N LYS F 101 50.89 13.77 8.21
CA LYS F 101 51.53 14.34 9.41
C LYS F 101 50.84 13.79 10.66
N SER F 102 51.51 13.91 11.79
CA SER F 102 50.97 13.47 13.05
C SER F 102 51.04 14.61 14.06
N GLU F 103 50.27 14.50 15.14
CA GLU F 103 50.39 15.45 16.26
C GLU F 103 50.48 14.70 17.55
N SER F 104 51.21 15.29 18.49
CA SER F 104 51.46 14.72 19.80
C SER F 104 50.66 15.50 20.83
N ILE F 105 49.97 14.78 21.70
CA ILE F 105 49.11 15.39 22.72
C ILE F 105 49.64 14.90 24.06
N TYR F 106 50.25 15.82 24.81
CA TYR F 106 51.04 15.46 25.99
C TYR F 106 50.24 15.37 27.27
N TYR F 107 50.59 14.38 28.08
CA TYR F 107 50.24 14.37 29.49
C TYR F 107 51.54 14.16 30.25
N ARG F 108 52.33 15.24 30.35
CA ARG F 108 53.70 15.17 30.88
C ARG F 108 54.03 16.22 31.95
N LYS F 109 53.10 17.15 32.20
CA LYS F 109 53.31 18.23 33.19
C LYS F 109 53.49 17.67 34.60
N GLY F 110 54.60 18.02 35.25
CA GLY F 110 54.93 17.49 36.57
C GLY F 110 55.22 15.99 36.61
N SER F 111 55.52 15.41 35.45
CA SER F 111 55.92 14.00 35.39
C SER F 111 57.23 13.77 36.13
N ALA F 112 57.51 12.50 36.39
CA ALA F 112 58.81 12.06 36.91
C ALA F 112 59.98 12.51 36.02
N GLY F 113 59.79 12.41 34.71
CA GLY F 113 60.80 12.83 33.73
C GLY F 113 61.13 14.32 33.78
N SER F 114 60.09 15.13 34.04
CA SER F 114 60.26 16.58 34.23
C SER F 114 61.04 16.94 35.53
N LYS F 115 61.10 16.00 36.46
CA LYS F 115 61.85 16.20 37.71
C LYS F 115 63.32 15.75 37.62
N LEU F 116 63.76 15.42 36.42
CA LEU F 116 65.18 15.20 36.15
C LEU F 116 65.91 16.43 36.63
N SER F 117 66.99 16.22 37.39
CA SER F 117 67.69 17.33 38.03
C SER F 117 69.21 17.15 37.93
N PRO F 118 69.99 18.23 38.13
CA PRO F 118 71.46 18.06 38.19
C PRO F 118 71.89 16.92 39.14
N GLU F 119 71.17 16.79 40.27
N GLU F 119 71.19 16.76 40.26
CA GLU F 119 71.33 15.70 41.25
CA GLU F 119 71.46 15.69 41.23
C GLU F 119 71.39 14.30 40.64
C GLU F 119 71.43 14.29 40.61
N ASP F 120 70.69 14.13 39.52
CA ASP F 120 70.57 12.83 38.82
C ASP F 120 71.68 12.60 37.81
N VAL F 121 72.49 13.63 37.58
CA VAL F 121 73.59 13.52 36.63
C VAL F 121 74.87 13.14 37.40
N ASP F 122 75.28 11.88 37.24
CA ASP F 122 76.50 11.39 37.87
C ASP F 122 77.64 11.88 37.03
N GLU F 123 78.50 12.69 37.62
N GLU F 123 78.51 12.66 37.64
CA GLU F 123 79.67 13.22 36.93
CA GLU F 123 79.67 13.25 36.97
C GLU F 123 80.52 12.11 36.33
C GLU F 123 80.62 12.19 36.40
N GLU F 124 80.83 11.11 37.13
CA GLU F 124 81.71 9.98 36.71
C GLU F 124 81.21 9.31 35.43
N TYR F 125 79.94 8.92 35.45
CA TYR F 125 79.28 8.32 34.29
C TYR F 125 79.33 9.17 32.99
N VAL F 126 78.99 10.46 33.10
CA VAL F 126 79.02 11.37 31.92
C VAL F 126 80.42 11.46 31.29
N LYS F 127 81.47 11.47 32.12
CA LYS F 127 82.84 11.53 31.61
C LYS F 127 83.26 10.29 30.81
N SER F 128 82.52 9.18 30.98
CA SER F 128 82.77 7.94 30.22
C SER F 128 82.19 7.97 28.81
N ALA F 129 81.35 8.95 28.50
CA ALA F 129 80.75 9.01 27.17
C ALA F 129 81.75 9.53 26.16
N ASP F 130 81.60 9.07 24.92
CA ASP F 130 82.27 9.67 23.78
C ASP F 130 81.50 10.89 23.30
N LEU F 131 80.18 10.89 23.52
CA LEU F 131 79.28 11.95 23.07
C LEU F 131 78.12 12.04 24.05
N VAL F 132 77.83 13.25 24.53
CA VAL F 132 76.72 13.51 25.41
C VAL F 132 75.66 14.34 24.64
N HIS F 133 74.47 13.76 24.48
CA HIS F 133 73.44 14.30 23.60
C HIS F 133 72.19 14.71 24.36
N SER F 134 71.58 15.80 23.96
CA SER F 134 70.23 16.15 24.42
C SER F 134 69.50 16.96 23.36
N SER F 135 68.39 17.60 23.75
CA SER F 135 67.48 18.21 22.80
C SER F 135 66.71 19.34 23.46
N GLY F 136 66.06 20.15 22.62
CA GLY F 136 65.27 21.28 23.11
C GLY F 136 64.08 20.88 23.95
N ILE F 137 63.63 19.62 23.80
CA ILE F 137 62.53 19.08 24.60
C ILE F 137 62.93 19.04 26.08
N THR F 138 64.17 18.61 26.35
CA THR F 138 64.67 18.49 27.72
C THR F 138 64.90 19.86 28.35
N LEU F 139 65.33 20.84 27.56
CA LEU F 139 65.43 22.24 28.03
C LEU F 139 64.04 22.78 28.38
N ALA F 140 63.02 22.36 27.62
CA ALA F 140 61.67 22.93 27.74
C ALA F 140 60.77 22.32 28.81
N ILE F 141 60.96 21.04 29.13
CA ILE F 141 60.05 20.35 30.06
C ILE F 141 60.03 20.92 31.47
N SER F 142 61.17 21.43 31.93
CA SER F 142 61.31 22.02 33.26
C SER F 142 62.67 22.70 33.42
N SER F 143 62.75 23.54 34.44
CA SER F 143 63.98 24.23 34.75
C SER F 143 65.03 23.28 35.34
N THR F 144 64.62 22.32 36.17
CA THR F 144 65.58 21.30 36.66
C THR F 144 66.20 20.47 35.55
N ALA F 145 65.38 20.09 34.58
CA ALA F 145 65.85 19.32 33.44
C ALA F 145 66.77 20.12 32.55
N LYS F 146 66.43 21.38 32.33
CA LYS F 146 67.33 22.32 31.65
C LYS F 146 68.71 22.33 32.34
N GLU F 147 68.70 22.48 33.65
CA GLU F 147 69.92 22.54 34.43
C GLU F 147 70.68 21.21 34.37
N ALA F 148 69.94 20.10 34.31
CA ALA F 148 70.54 18.77 34.14
C ALA F 148 71.41 18.74 32.88
N VAL F 149 70.86 19.26 31.78
CA VAL F 149 71.58 19.38 30.50
C VAL F 149 72.80 20.29 30.60
N TYR F 150 72.68 21.39 31.34
CA TYR F 150 73.81 22.30 31.59
C TYR F 150 74.95 21.62 32.34
N LYS F 151 74.61 20.90 33.43
CA LYS F 151 75.60 20.12 34.16
C LYS F 151 76.30 19.11 33.25
N ALA F 152 75.53 18.26 32.57
CA ALA F 152 76.10 17.24 31.67
C ALA F 152 76.96 17.84 30.55
N PHE F 153 76.52 18.93 29.96
CA PHE F 153 77.31 19.64 28.94
C PHE F 153 78.60 20.28 29.50
N GLU F 154 78.54 20.84 30.71
CA GLU F 154 79.74 21.31 31.41
C GLU F 154 80.80 20.20 31.59
N ILE F 155 80.35 18.98 31.93
CA ILE F 155 81.22 17.81 32.17
C ILE F 155 81.75 17.20 30.87
N ALA F 156 80.91 17.16 29.84
CA ALA F 156 81.25 16.50 28.59
C ALA F 156 82.38 17.20 27.84
N SER F 157 83.12 16.42 27.05
CA SER F 157 84.10 16.96 26.11
C SER F 157 83.42 17.21 24.76
N ASN F 158 82.66 16.22 24.30
CA ASN F 158 81.92 16.33 23.03
C ASN F 158 80.40 16.30 23.22
N ARG F 159 79.72 17.22 22.55
CA ARG F 159 78.28 17.40 22.75
C ARG F 159 77.51 17.27 21.45
N SER F 160 76.25 16.85 21.58
CA SER F 160 75.31 16.76 20.48
C SER F 160 73.99 17.32 20.96
N PHE F 161 73.29 18.01 20.07
CA PHE F 161 72.04 18.64 20.46
C PHE F 161 71.08 18.58 19.28
N ASP F 162 69.87 18.11 19.53
CA ASP F 162 68.82 18.12 18.53
C ASP F 162 67.91 19.24 19.01
N THR F 163 67.73 20.28 18.19
CA THR F 163 66.86 21.41 18.57
C THR F 163 65.45 20.98 18.98
N ASN F 164 64.84 20.04 18.23
CA ASN F 164 63.53 19.44 18.57
C ASN F 164 62.57 20.41 19.25
N ILE F 165 62.22 21.48 18.56
CA ILE F 165 61.37 22.50 19.18
C ILE F 165 59.92 22.03 19.21
N ARG F 166 59.29 22.11 20.38
CA ARG F 166 57.88 21.75 20.51
C ARG F 166 57.12 22.97 21.02
N LEU F 167 56.43 23.66 20.13
CA LEU F 167 55.71 24.89 20.49
C LEU F 167 54.55 24.69 21.48
N LYS F 168 54.22 23.41 21.72
CA LYS F 168 53.30 23.06 22.79
C LYS F 168 53.97 23.07 24.17
N LEU F 169 55.30 23.10 24.20
CA LEU F 169 56.06 23.05 25.47
C LEU F 169 56.59 24.44 25.91
N TRP F 170 56.90 25.28 24.93
CA TRP F 170 57.36 26.64 25.15
C TRP F 170 57.09 27.54 23.94
N SER F 171 57.13 28.86 24.13
CA SER F 171 56.88 29.80 23.06
C SER F 171 58.02 29.78 22.05
N ALA F 172 57.73 30.23 20.83
CA ALA F 172 58.78 30.46 19.83
C ALA F 172 59.95 31.30 20.39
N GLU F 173 59.65 32.39 21.09
N GLU F 173 59.63 32.38 21.10
CA GLU F 173 60.70 33.29 21.60
CA GLU F 173 60.65 33.30 21.63
C GLU F 173 61.56 32.65 22.70
C GLU F 173 61.53 32.69 22.73
N GLU F 174 60.94 31.90 23.60
CA GLU F 174 61.68 31.19 24.66
C GLU F 174 62.58 30.10 24.03
N ALA F 175 62.04 29.35 23.08
CA ALA F 175 62.82 28.33 22.36
C ALA F 175 64.06 28.96 21.72
N LYS F 176 63.86 30.05 20.99
CA LYS F 176 64.96 30.79 20.36
C LYS F 176 65.96 31.23 21.43
N ARG F 177 65.46 31.95 22.42
CA ARG F 177 66.28 32.46 23.52
C ARG F 177 67.13 31.38 24.23
N GLU F 178 66.47 30.32 24.72
CA GLU F 178 67.13 29.23 25.46
C GLU F 178 68.15 28.43 24.67
N ILE F 179 67.83 28.14 23.41
CA ILE F 179 68.71 27.38 22.53
C ILE F 179 69.95 28.18 22.15
N LEU F 180 69.76 29.48 21.84
CA LEU F 180 70.90 30.38 21.63
C LEU F 180 71.79 30.51 22.89
N LYS F 181 71.16 30.63 24.06
CA LYS F 181 71.87 30.56 25.34
C LYS F 181 72.78 29.33 25.43
N LEU F 182 72.22 28.14 25.16
CA LEU F 182 72.96 26.90 25.26
C LEU F 182 74.09 26.83 24.24
N LEU F 183 73.78 27.26 23.02
CA LEU F 183 74.76 27.24 21.91
C LEU F 183 75.97 28.15 22.14
N SER F 184 75.73 29.28 22.83
CA SER F 184 76.77 30.24 23.19
C SER F 184 77.65 29.70 24.29
N LYS F 185 77.03 29.03 25.27
CA LYS F 185 77.78 28.48 26.39
C LYS F 185 78.58 27.24 25.98
N PHE F 186 78.05 26.43 25.05
CA PHE F 186 78.66 25.12 24.75
C PHE F 186 78.83 24.89 23.25
N HIS F 187 80.07 24.79 22.79
CA HIS F 187 80.31 24.44 21.40
C HIS F 187 79.88 23.00 21.17
N LEU F 188 79.12 22.79 20.11
CA LEU F 188 78.59 21.47 19.81
C LEU F 188 79.50 20.77 18.80
N LYS F 189 79.66 19.45 18.97
CA LYS F 189 80.29 18.65 17.92
C LYS F 189 79.27 18.36 16.84
N PHE F 190 78.04 18.05 17.27
CA PHE F 190 76.89 17.85 16.34
C PHE F 190 75.71 18.72 16.70
N LEU F 191 75.16 19.37 15.69
CA LEU F 191 73.87 20.01 15.81
C LEU F 191 72.93 19.32 14.83
N ILE F 192 71.83 18.81 15.38
CA ILE F 192 70.81 18.19 14.53
C ILE F 192 69.57 19.08 14.59
N THR F 193 69.11 19.52 13.42
CA THR F 193 68.03 20.48 13.35
C THR F 193 67.29 20.32 12.01
N ASP F 194 66.35 21.22 11.75
CA ASP F 194 65.67 21.27 10.47
C ASP F 194 65.33 22.72 10.14
N THR F 195 64.78 22.95 8.95
CA THR F 195 64.44 24.30 8.50
C THR F 195 63.30 24.98 9.30
N ASP F 196 62.40 24.18 9.91
CA ASP F 196 61.39 24.76 10.81
C ASP F 196 62.05 25.37 12.04
N ASP F 197 62.99 24.66 12.66
CA ASP F 197 63.64 25.14 13.89
C ASP F 197 64.60 26.30 13.60
N SER F 198 65.21 26.23 12.43
CA SER F 198 66.10 27.26 11.92
C SER F 198 65.36 28.59 11.76
N LYS F 199 64.17 28.53 11.18
CA LYS F 199 63.29 29.69 11.04
C LYS F 199 63.02 30.33 12.42
N ILE F 200 62.72 29.50 13.44
CA ILE F 200 62.48 29.99 14.81
C ILE F 200 63.74 30.55 15.51
N ILE F 201 64.87 29.88 15.37
CA ILE F 201 66.08 30.25 16.11
C ILE F 201 66.81 31.41 15.41
N LEU F 202 66.75 31.43 14.08
CA LEU F 202 67.62 32.30 13.28
C LEU F 202 66.86 33.26 12.37
N GLY F 203 65.54 33.12 12.30
CA GLY F 203 64.75 33.87 11.32
C GLY F 203 65.00 33.38 9.90
N GLU F 204 65.58 32.19 9.76
CA GLU F 204 66.05 31.72 8.48
C GLU F 204 65.65 30.28 8.21
N SER F 205 64.94 30.04 7.12
CA SER F 205 64.52 28.70 6.78
C SER F 205 65.32 28.10 5.61
N ASP F 206 66.16 28.92 4.98
CA ASP F 206 67.06 28.42 3.95
C ASP F 206 68.18 27.59 4.59
N PRO F 207 68.37 26.35 4.12
CA PRO F 207 69.37 25.42 4.67
C PRO F 207 70.81 25.95 4.71
N ASP F 208 71.31 26.48 3.61
CA ASP F 208 72.68 27.04 3.58
C ASP F 208 72.89 28.20 4.53
N LYS F 209 71.93 29.12 4.56
CA LYS F 209 72.05 30.31 5.40
C LYS F 209 71.92 29.97 6.86
N ALA F 210 71.02 29.04 7.18
CA ALA F 210 70.87 28.54 8.55
C ALA F 210 72.13 27.79 9.03
N ALA F 211 72.70 26.93 8.18
CA ALA F 211 73.94 26.24 8.48
C ALA F 211 75.10 27.24 8.70
N LYS F 212 75.17 28.25 7.84
CA LYS F 212 76.21 29.27 7.91
C LYS F 212 76.22 29.94 9.28
N ALA F 213 75.03 30.37 9.74
CA ALA F 213 74.87 30.96 11.06
C ALA F 213 75.18 29.99 12.20
N PHE F 214 74.72 28.75 12.06
CA PHE F 214 74.96 27.72 13.07
C PHE F 214 76.42 27.24 13.17
N SER F 215 77.21 27.45 12.10
CA SER F 215 78.58 26.94 12.00
C SER F 215 79.55 27.49 13.06
N ASP F 216 79.21 28.63 13.65
CA ASP F 216 79.98 29.22 14.73
C ASP F 216 79.86 28.40 16.02
N TYR F 217 78.83 27.57 16.10
CA TYR F 217 78.47 26.86 17.33
C TYR F 217 78.64 25.35 17.26
N ALA F 218 78.72 24.80 16.05
CA ALA F 218 78.75 23.37 15.83
C ALA F 218 79.77 23.02 14.79
N GLU F 219 80.43 21.88 14.99
CA GLU F 219 81.38 21.34 14.04
C GLU F 219 80.66 20.66 12.86
N ILE F 220 79.65 19.84 13.17
CA ILE F 220 78.92 19.12 12.14
C ILE F 220 77.43 19.43 12.30
N ILE F 221 76.81 19.85 11.19
CA ILE F 221 75.41 20.26 11.22
C ILE F 221 74.58 19.34 10.33
N VAL F 222 73.56 18.71 10.93
CA VAL F 222 72.61 17.94 10.13
C VAL F 222 71.29 18.72 9.97
N MET F 223 71.05 19.17 8.74
CA MET F 223 69.88 19.98 8.42
C MET F 223 68.80 19.12 7.76
N LYS F 224 67.84 18.65 8.55
CA LYS F 224 66.74 17.84 8.03
C LYS F 224 65.75 18.69 7.25
N LEU F 225 65.19 18.14 6.18
CA LEU F 225 64.35 18.93 5.28
C LEU F 225 62.87 18.54 5.28
N GLY F 226 62.55 17.44 5.95
CA GLY F 226 61.19 16.90 5.95
C GLY F 226 61.26 15.72 5.02
N PRO F 227 60.14 15.38 4.36
CA PRO F 227 60.13 14.23 3.46
C PRO F 227 61.24 14.21 2.40
N LYS F 228 61.67 15.38 1.94
CA LYS F 228 62.62 15.42 0.81
C LYS F 228 64.07 15.03 1.17
N GLY F 229 64.33 14.80 2.46
CA GLY F 229 65.63 14.30 2.91
C GLY F 229 66.32 15.18 3.95
N ALA F 230 67.64 15.32 3.80
CA ALA F 230 68.47 16.09 4.72
C ALA F 230 69.81 16.49 4.09
N ILE F 231 70.44 17.51 4.67
CA ILE F 231 71.80 17.92 4.31
C ILE F 231 72.79 17.88 5.49
N VAL F 232 73.99 17.35 5.26
CA VAL F 232 75.09 17.52 6.22
C VAL F 232 76.03 18.65 5.82
N TYR F 233 76.42 19.44 6.81
CA TYR F 233 77.45 20.45 6.67
C TYR F 233 78.61 20.13 7.61
N TYR F 234 79.81 20.07 7.04
CA TYR F 234 81.05 19.77 7.75
C TYR F 234 82.25 20.15 6.86
N ASP F 235 83.34 20.64 7.46
CA ASP F 235 84.63 20.81 6.75
C ASP F 235 84.49 21.63 5.46
N GLY F 236 83.74 22.73 5.53
CA GLY F 236 83.39 23.51 4.35
C GLY F 236 82.80 22.71 3.19
N LYS F 237 82.16 21.58 3.51
CA LYS F 237 81.45 20.76 2.53
C LYS F 237 79.94 20.69 2.83
N LYS F 238 79.18 20.39 1.80
CA LYS F 238 77.73 20.32 1.86
C LYS F 238 77.34 19.05 1.13
N TYR F 239 76.49 18.23 1.76
CA TYR F 239 75.96 17.04 1.11
C TYR F 239 74.47 16.78 1.37
N TYR F 240 73.68 16.81 0.30
CA TYR F 240 72.25 16.52 0.33
C TYR F 240 72.00 15.05 0.01
N SER F 241 71.33 14.38 0.94
CA SER F 241 70.87 13.01 0.74
C SER F 241 69.35 13.04 0.64
N SER F 242 68.82 12.63 -0.51
CA SER F 242 67.38 12.68 -0.75
C SER F 242 66.57 11.61 -0.01
N GLY F 243 65.35 11.97 0.38
CA GLY F 243 64.37 11.04 0.95
C GLY F 243 63.82 10.03 -0.05
N TYR F 244 62.98 9.12 0.43
CA TYR F 244 62.32 8.13 -0.44
C TYR F 244 60.80 8.21 -0.34
N GLN F 245 60.12 7.83 -1.41
CA GLN F 245 58.67 7.82 -1.42
C GLN F 245 58.15 6.47 -0.92
N VAL F 246 57.60 6.48 0.29
CA VAL F 246 57.06 5.28 0.94
C VAL F 246 55.66 5.57 1.51
N PRO F 247 54.83 4.52 1.72
CA PRO F 247 53.56 4.74 2.40
C PRO F 247 53.79 5.17 3.86
N VAL F 248 53.08 6.22 4.26
CA VAL F 248 53.27 6.87 5.54
C VAL F 248 52.18 6.43 6.51
N GLU F 249 52.60 5.72 7.56
CA GLU F 249 51.76 5.39 8.70
C GLU F 249 51.87 6.44 9.83
N ASP F 250 53.10 6.79 10.22
CA ASP F 250 53.34 7.79 11.27
C ASP F 250 54.76 8.32 11.21
N VAL F 251 54.93 9.60 10.87
CA VAL F 251 56.25 10.20 10.81
C VAL F 251 56.91 10.37 12.19
N THR F 252 56.13 10.24 13.27
CA THR F 252 56.68 10.45 14.62
C THR F 252 57.89 9.51 14.84
N GLY F 253 59.02 10.07 15.24
CA GLY F 253 60.22 9.28 15.48
C GLY F 253 61.27 9.39 14.39
N ALA F 254 60.88 9.86 13.20
CA ALA F 254 61.75 9.82 12.02
C ALA F 254 63.05 10.60 12.17
N GLY F 255 62.98 11.78 12.79
CA GLY F 255 64.13 12.65 12.94
C GLY F 255 65.14 12.08 13.91
N ASP F 256 64.64 11.33 14.90
CA ASP F 256 65.48 10.62 15.87
C ASP F 256 66.11 9.39 15.25
N ALA F 257 65.38 8.70 14.38
CA ALA F 257 65.93 7.57 13.64
C ALA F 257 67.12 8.06 12.80
N LEU F 258 66.94 9.19 12.11
CA LEU F 258 68.01 9.74 11.29
C LEU F 258 69.19 10.20 12.16
N GLY F 259 68.88 11.08 13.12
CA GLY F 259 69.83 11.57 14.12
C GLY F 259 70.70 10.49 14.74
N GLY F 260 70.05 9.54 15.43
CA GLY F 260 70.76 8.46 16.11
C GLY F 260 71.61 7.58 15.20
N THR F 261 71.09 7.27 14.00
CA THR F 261 71.77 6.39 13.03
C THR F 261 72.99 7.08 12.44
N PHE F 262 72.84 8.36 12.14
CA PHE F 262 73.93 9.18 11.65
C PHE F 262 75.06 9.28 12.67
N LEU F 263 74.72 9.65 13.91
CA LEU F 263 75.72 9.75 14.96
C LEU F 263 76.52 8.46 15.12
N SER F 264 75.81 7.33 15.20
CA SER F 264 76.43 6.03 15.44
C SER F 264 77.35 5.61 14.32
N LEU F 265 76.99 5.96 13.09
CA LEU F 265 77.78 5.55 11.94
C LEU F 265 79.03 6.40 11.77
N TYR F 266 78.97 7.64 12.24
CA TYR F 266 80.17 8.48 12.37
C TYR F 266 81.22 7.77 13.22
N TYR F 267 80.78 7.18 14.31
CA TYR F 267 81.66 6.43 15.22
C TYR F 267 82.07 5.05 14.73
N LYS F 268 81.40 4.49 13.73
CA LYS F 268 81.92 3.31 13.03
C LYS F 268 82.96 3.65 11.94
N GLY F 269 83.31 4.93 11.82
CA GLY F 269 84.30 5.36 10.83
C GLY F 269 83.77 5.60 9.42
N PHE F 270 82.44 5.67 9.28
CA PHE F 270 81.80 5.90 7.98
C PHE F 270 82.15 7.30 7.49
N GLU F 271 82.30 7.44 6.19
N GLU F 271 82.32 7.46 6.18
CA GLU F 271 82.37 8.74 5.55
CA GLU F 271 82.46 8.79 5.60
C GLU F 271 81.09 9.50 5.94
C GLU F 271 81.11 9.51 5.71
N MET F 272 81.17 10.83 5.94
CA MET F 272 80.00 11.67 6.26
C MET F 272 78.78 11.52 5.33
N GLU F 273 79.04 11.30 4.04
CA GLU F 273 78.01 11.12 3.05
C GLU F 273 77.30 9.79 3.23
N LYS F 274 78.07 8.72 3.45
N LYS F 274 78.09 8.74 3.46
CA LYS F 274 77.54 7.37 3.64
CA LYS F 274 77.58 7.38 3.65
C LYS F 274 76.69 7.30 4.92
C LYS F 274 76.71 7.30 4.92
N ALA F 275 77.19 7.94 5.98
CA ALA F 275 76.49 7.96 7.26
C ALA F 275 75.10 8.56 7.10
N LEU F 276 75.02 9.68 6.37
CA LEU F 276 73.76 10.36 6.09
C LEU F 276 72.83 9.52 5.25
N ASP F 277 73.38 8.94 4.19
CA ASP F 277 72.61 8.08 3.31
C ASP F 277 71.94 6.97 4.11
N TYR F 278 72.72 6.35 4.98
CA TYR F 278 72.26 5.24 5.78
C TYR F 278 71.21 5.73 6.76
N ALA F 279 71.46 6.90 7.36
CA ALA F 279 70.54 7.53 8.32
C ALA F 279 69.18 7.79 7.71
N ILE F 280 69.17 8.24 6.45
CA ILE F 280 67.94 8.52 5.69
C ILE F 280 67.11 7.24 5.55
N VAL F 281 67.79 6.12 5.31
CA VAL F 281 67.09 4.85 5.23
C VAL F 281 66.40 4.50 6.56
N ALA F 282 67.11 4.72 7.66
CA ALA F 282 66.53 4.52 8.98
C ALA F 282 65.23 5.34 9.19
N SER F 283 65.26 6.60 8.78
CA SER F 283 64.12 7.49 8.97
C SER F 283 62.97 7.23 7.97
N THR F 284 63.32 6.68 6.80
CA THR F 284 62.38 6.26 5.77
C THR F 284 61.51 5.11 6.27
N LEU F 285 62.18 4.11 6.82
CA LEU F 285 61.52 2.96 7.41
C LEU F 285 60.66 3.37 8.62
N ASN F 286 61.14 4.33 9.39
CA ASN F 286 60.44 4.77 10.57
C ASN F 286 59.02 5.28 10.26
N VAL F 287 58.85 6.02 9.15
CA VAL F 287 57.54 6.64 8.83
C VAL F 287 56.46 5.63 8.40
N MET F 288 56.88 4.37 8.22
CA MET F 288 56.03 3.33 7.68
C MET F 288 55.28 2.54 8.74
N ILE F 289 55.60 2.78 10.01
CA ILE F 289 54.92 2.12 11.11
C ILE F 289 54.52 3.06 12.25
N ARG F 290 53.55 2.62 13.04
CA ARG F 290 53.29 3.18 14.36
C ARG F 290 54.34 2.63 15.33
N GLY F 291 54.96 3.51 16.10
CA GLY F 291 56.07 3.14 16.96
C GLY F 291 57.36 3.77 16.47
N ASP F 292 58.03 4.52 17.36
CA ASP F 292 59.22 5.28 17.01
C ASP F 292 60.46 4.38 16.89
N GLN F 293 60.38 3.20 17.50
CA GLN F 293 61.56 2.34 17.74
C GLN F 293 61.51 0.96 17.09
N GLU F 294 60.31 0.40 16.86
CA GLU F 294 60.14 -1.00 16.50
C GLU F 294 60.78 -1.38 15.17
N ASN F 295 60.88 -0.44 14.23
CA ASN F 295 61.60 -0.81 13.03
C ASN F 295 62.85 0.04 12.72
N LEU F 296 63.56 0.44 13.77
CA LEU F 296 64.93 0.99 13.61
C LEU F 296 65.84 -0.11 13.02
N PRO F 297 66.42 0.14 11.84
CA PRO F 297 67.20 -0.92 11.22
C PRO F 297 68.61 -1.08 11.78
N THR F 298 69.14 -2.30 11.70
CA THR F 298 70.58 -2.52 11.90
C THR F 298 71.29 -2.06 10.63
N THR F 299 72.61 -1.97 10.72
CA THR F 299 73.44 -1.62 9.57
C THR F 299 73.18 -2.58 8.41
N LYS F 300 73.14 -3.87 8.72
CA LYS F 300 72.84 -4.90 7.74
C LYS F 300 71.47 -4.70 7.06
N ASP F 301 70.45 -4.34 7.84
CA ASP F 301 69.12 -4.06 7.27
C ASP F 301 69.15 -2.89 6.29
N ILE F 302 69.84 -1.80 6.67
CA ILE F 302 70.05 -0.64 5.79
C ILE F 302 70.72 -1.05 4.47
N GLU F 303 71.77 -1.87 4.56
CA GLU F 303 72.50 -2.40 3.40
C GLU F 303 71.60 -3.19 2.44
N THR F 304 70.75 -4.06 3.01
CA THR F 304 69.72 -4.75 2.23
C THR F 304 68.77 -3.77 1.55
N PHE F 305 68.21 -2.82 2.31
CA PHE F 305 67.38 -1.76 1.72
C PHE F 305 68.11 -1.15 0.53
N LEU F 306 69.34 -0.68 0.74
CA LEU F 306 70.09 0.02 -0.29
C LEU F 306 70.34 -0.85 -1.55
N ARG F 307 70.65 -2.12 -1.32
CA ARG F 307 70.81 -3.11 -2.40
C ARG F 307 69.58 -3.18 -3.30
N GLU F 308 68.38 -3.35 -2.72
CA GLU F 308 67.14 -3.46 -3.50
C GLU F 308 66.63 -2.13 -3.99
N MET F 309 66.84 -1.08 -3.19
CA MET F 309 66.31 0.24 -3.48
C MET F 309 67.37 1.07 -4.23
N ALA G 2 -58.91 -30.37 -27.32
CA ALA G 2 -60.31 -29.83 -27.34
C ALA G 2 -60.31 -28.39 -27.81
N LYS G 3 -61.35 -28.00 -28.54
CA LYS G 3 -61.47 -26.64 -29.05
C LYS G 3 -62.58 -25.86 -28.39
N LEU G 4 -62.21 -24.69 -27.88
CA LEU G 4 -63.15 -23.67 -27.48
C LEU G 4 -63.34 -22.61 -28.57
N ILE G 5 -64.59 -22.25 -28.82
CA ILE G 5 -64.95 -21.12 -29.66
C ILE G 5 -65.78 -20.19 -28.78
N THR G 6 -65.34 -18.93 -28.70
CA THR G 6 -66.06 -17.89 -27.95
C THR G 6 -66.67 -16.89 -28.95
N LEU G 7 -67.72 -16.18 -28.54
CA LEU G 7 -68.25 -15.08 -29.33
C LEU G 7 -68.31 -13.89 -28.41
N GLY G 8 -67.72 -12.78 -28.82
CA GLY G 8 -67.87 -11.56 -28.03
C GLY G 8 -67.19 -10.35 -28.61
N GLU G 9 -67.00 -9.35 -27.76
CA GLU G 9 -66.26 -8.16 -28.15
C GLU G 9 -64.89 -8.08 -27.47
N ILE G 10 -63.85 -8.02 -28.30
CA ILE G 10 -62.49 -7.73 -27.86
C ILE G 10 -62.40 -6.23 -27.63
N LEU G 11 -61.84 -5.83 -26.50
CA LEU G 11 -61.66 -4.40 -26.21
C LEU G 11 -60.18 -4.11 -25.97
N ILE G 12 -59.74 -2.94 -26.39
CA ILE G 12 -58.43 -2.42 -25.97
C ILE G 12 -58.60 -1.69 -24.64
N GLU G 13 -57.83 -2.13 -23.65
CA GLU G 13 -57.90 -1.60 -22.30
C GLU G 13 -56.86 -0.51 -22.03
N PHE G 14 -57.30 0.59 -21.40
CA PHE G 14 -56.38 1.64 -20.92
C PHE G 14 -56.38 1.72 -19.39
N ASN G 15 -55.38 1.05 -18.82
CA ASN G 15 -55.25 0.87 -17.39
C ASN G 15 -54.43 1.99 -16.71
N ALA G 16 -55.07 2.69 -15.77
CA ALA G 16 -54.48 3.82 -15.06
C ALA G 16 -53.19 3.40 -14.42
N LEU G 17 -52.10 4.11 -14.74
CA LEU G 17 -50.81 3.86 -14.08
C LEU G 17 -50.81 4.16 -12.57
N SER G 18 -51.77 4.98 -12.12
CA SER G 18 -51.90 5.28 -10.68
C SER G 18 -53.32 5.01 -10.23
N PRO G 19 -53.50 4.69 -8.94
CA PRO G 19 -54.85 4.61 -8.41
C PRO G 19 -55.40 6.02 -8.28
N GLY G 20 -56.71 6.13 -8.10
CA GLY G 20 -57.32 7.44 -7.95
C GLY G 20 -58.26 7.79 -9.08
N PRO G 21 -59.03 8.87 -8.89
CA PRO G 21 -60.00 9.30 -9.89
C PRO G 21 -59.26 9.67 -11.18
N LEU G 22 -59.81 9.27 -12.33
CA LEU G 22 -59.14 9.48 -13.63
C LEU G 22 -58.83 10.94 -13.95
N ARG G 23 -59.55 11.88 -13.33
CA ARG G 23 -59.28 13.31 -13.55
C ARG G 23 -57.89 13.74 -13.08
N HIS G 24 -57.29 12.95 -12.19
CA HIS G 24 -55.95 13.23 -11.69
C HIS G 24 -54.92 12.18 -12.05
N VAL G 25 -55.29 11.27 -12.94
CA VAL G 25 -54.36 10.27 -13.47
C VAL G 25 -53.93 10.72 -14.86
N SER G 26 -52.63 10.79 -15.10
CA SER G 26 -52.10 11.34 -16.35
C SER G 26 -51.54 10.32 -17.33
N TYR G 27 -51.30 9.08 -16.86
CA TYR G 27 -50.69 8.00 -17.68
C TYR G 27 -51.49 6.70 -17.70
N PHE G 28 -51.63 6.12 -18.89
CA PHE G 28 -52.44 4.94 -19.10
C PHE G 28 -51.65 3.92 -19.89
N GLU G 29 -51.74 2.69 -19.40
CA GLU G 29 -51.04 1.56 -19.96
C GLU G 29 -52.02 0.68 -20.74
N LYS G 30 -51.64 0.37 -21.96
CA LYS G 30 -52.51 -0.32 -22.91
C LYS G 30 -52.36 -1.83 -22.79
N HIS G 31 -53.50 -2.51 -22.82
CA HIS G 31 -53.54 -3.96 -22.88
C HIS G 31 -54.67 -4.40 -23.80
N VAL G 32 -54.57 -5.62 -24.34
CA VAL G 32 -55.66 -6.22 -25.09
C VAL G 32 -56.49 -7.07 -24.11
N ALA G 33 -57.81 -6.89 -24.14
CA ALA G 33 -58.70 -7.59 -23.21
C ALA G 33 -60.14 -7.80 -23.80
N GLY G 34 -61.14 -7.85 -22.94
CA GLY G 34 -62.49 -8.28 -23.28
C GLY G 34 -62.70 -9.71 -22.82
N SER G 35 -63.81 -9.99 -22.14
CA SER G 35 -64.03 -11.30 -21.47
C SER G 35 -63.73 -12.58 -22.28
N GLU G 36 -64.22 -12.63 -23.51
CA GLU G 36 -64.12 -13.83 -24.34
C GLU G 36 -62.69 -14.03 -24.83
N ALA G 37 -62.00 -12.92 -25.06
CA ALA G 37 -60.59 -12.95 -25.43
C ALA G 37 -59.77 -13.46 -24.26
N ASN G 38 -60.12 -13.03 -23.05
CA ASN G 38 -59.45 -13.50 -21.83
C ASN G 38 -59.68 -15.00 -21.65
N TYR G 39 -60.92 -15.43 -21.85
CA TYR G 39 -61.28 -16.85 -21.77
C TYR G 39 -60.45 -17.68 -22.74
N CYS G 40 -60.33 -17.17 -23.96
CA CYS G 40 -59.50 -17.78 -24.99
C CYS G 40 -58.06 -18.05 -24.56
N VAL G 41 -57.38 -17.02 -24.04
CA VAL G 41 -55.98 -17.16 -23.64
C VAL G 41 -55.82 -18.11 -22.42
N ALA G 42 -56.70 -18.00 -21.45
CA ALA G 42 -56.72 -18.90 -20.30
C ALA G 42 -56.89 -20.36 -20.74
N PHE G 43 -57.76 -20.58 -21.74
CA PHE G 43 -58.04 -21.91 -22.28
C PHE G 43 -56.78 -22.50 -22.94
N ILE G 44 -56.16 -21.71 -23.82
CA ILE G 44 -54.92 -22.11 -24.50
C ILE G 44 -53.71 -22.39 -23.57
N LYS G 45 -53.65 -21.67 -22.44
CA LYS G 45 -52.59 -21.82 -21.45
C LYS G 45 -52.53 -23.20 -20.79
N GLN G 46 -53.67 -23.90 -20.78
CA GLN G 46 -53.70 -25.25 -20.21
C GLN G 46 -53.63 -26.34 -21.28
N GLY G 47 -53.19 -25.96 -22.48
CA GLY G 47 -52.87 -26.90 -23.53
C GLY G 47 -54.02 -27.37 -24.40
N ASN G 48 -55.03 -26.53 -24.57
CA ASN G 48 -56.13 -26.82 -25.50
C ASN G 48 -56.11 -25.78 -26.63
N GLU G 49 -57.06 -25.85 -27.56
CA GLU G 49 -57.09 -24.89 -28.66
C GLU G 49 -58.37 -24.04 -28.60
N CYS G 50 -58.34 -22.90 -29.28
CA CYS G 50 -59.47 -21.98 -29.24
C CYS G 50 -59.45 -20.98 -30.39
N GLY G 51 -60.64 -20.49 -30.70
CA GLY G 51 -60.81 -19.40 -31.63
C GLY G 51 -61.88 -18.48 -31.07
N ILE G 52 -61.96 -17.28 -31.63
CA ILE G 52 -62.88 -16.26 -31.17
C ILE G 52 -63.60 -15.72 -32.38
N ILE G 53 -64.92 -15.61 -32.27
CA ILE G 53 -65.69 -14.95 -33.31
C ILE G 53 -65.96 -13.53 -32.81
N ALA G 54 -65.33 -12.57 -33.50
CA ALA G 54 -65.42 -11.17 -33.10
C ALA G 54 -65.14 -10.24 -34.26
N LYS G 55 -65.70 -9.04 -34.15
CA LYS G 55 -65.50 -7.98 -35.13
C LYS G 55 -64.68 -6.82 -34.54
N VAL G 56 -63.58 -6.48 -35.20
CA VAL G 56 -62.79 -5.32 -34.82
C VAL G 56 -62.80 -4.28 -35.94
N GLY G 57 -62.34 -3.07 -35.65
CA GLY G 57 -62.34 -2.01 -36.66
C GLY G 57 -61.13 -2.09 -37.55
N ASP G 58 -61.20 -1.39 -38.67
CA ASP G 58 -60.07 -1.25 -39.57
C ASP G 58 -59.13 -0.14 -39.07
N ASP G 59 -58.54 -0.37 -37.91
CA ASP G 59 -57.78 0.65 -37.22
C ASP G 59 -56.66 -0.03 -36.44
N GLU G 60 -55.79 0.80 -35.87
CA GLU G 60 -54.63 0.32 -35.14
C GLU G 60 -55.01 -0.55 -33.95
N PHE G 61 -56.08 -0.18 -33.23
CA PHE G 61 -56.55 -0.98 -32.11
C PHE G 61 -57.07 -2.35 -32.59
N GLY G 62 -57.69 -2.37 -33.77
CA GLY G 62 -58.14 -3.62 -34.40
C GLY G 62 -57.02 -4.60 -34.66
N TYR G 63 -56.00 -4.14 -35.38
CA TYR G 63 -54.83 -4.94 -35.72
C TYR G 63 -54.03 -5.33 -34.50
N ASN G 64 -54.00 -4.45 -33.49
CA ASN G 64 -53.40 -4.73 -32.19
C ASN G 64 -54.02 -6.00 -31.55
N ALA G 65 -55.35 -6.03 -31.51
CA ALA G 65 -56.13 -7.16 -31.01
C ALA G 65 -55.79 -8.44 -31.77
N ILE G 66 -55.74 -8.31 -33.09
CA ILE G 66 -55.49 -9.44 -33.98
C ILE G 66 -54.13 -10.01 -33.71
N GLU G 67 -53.11 -9.14 -33.67
CA GLU G 67 -51.72 -9.59 -33.53
C GLU G 67 -51.48 -10.20 -32.16
N TRP G 68 -52.08 -9.60 -31.13
CA TRP G 68 -51.95 -10.08 -29.77
C TRP G 68 -52.47 -11.51 -29.63
N LEU G 69 -53.75 -11.71 -29.96
CA LEU G 69 -54.36 -13.04 -29.90
C LEU G 69 -53.68 -14.05 -30.82
N ARG G 70 -53.34 -13.63 -32.02
CA ARG G 70 -52.65 -14.54 -32.93
C ARG G 70 -51.38 -15.01 -32.25
N GLY G 71 -50.61 -14.04 -31.72
CA GLY G 71 -49.38 -14.34 -30.96
C GLY G 71 -49.56 -15.30 -29.79
N GLN G 72 -50.72 -15.23 -29.16
CA GLN G 72 -51.08 -16.11 -28.05
C GLN G 72 -51.54 -17.49 -28.53
N GLY G 73 -51.65 -17.69 -29.84
CA GLY G 73 -52.06 -18.97 -30.42
C GLY G 73 -53.56 -19.13 -30.63
N VAL G 74 -54.32 -18.04 -30.42
CA VAL G 74 -55.74 -18.06 -30.66
C VAL G 74 -55.94 -18.06 -32.17
N ASP G 75 -56.90 -18.86 -32.62
CA ASP G 75 -57.33 -18.85 -34.01
C ASP G 75 -58.13 -17.57 -34.25
N VAL G 76 -57.59 -16.69 -35.10
CA VAL G 76 -58.20 -15.40 -35.39
C VAL G 76 -58.83 -15.35 -36.81
N SER G 77 -58.79 -16.47 -37.53
CA SER G 77 -59.22 -16.50 -38.93
C SER G 77 -60.73 -16.35 -39.11
N HIS G 78 -61.48 -16.40 -38.02
CA HIS G 78 -62.95 -16.25 -38.10
C HIS G 78 -63.41 -14.95 -37.45
N MET G 79 -62.45 -14.03 -37.30
CA MET G 79 -62.70 -12.66 -36.92
C MET G 79 -63.04 -11.85 -38.18
N LYS G 80 -63.72 -10.73 -37.98
CA LYS G 80 -64.01 -9.80 -39.06
C LYS G 80 -63.47 -8.41 -38.74
N ILE G 81 -63.14 -7.69 -39.80
CA ILE G 81 -62.71 -6.32 -39.73
C ILE G 81 -63.84 -5.47 -40.33
N ASP G 82 -64.38 -4.57 -39.52
CA ASP G 82 -65.45 -3.68 -39.95
C ASP G 82 -64.83 -2.33 -40.31
N PRO G 83 -65.03 -1.86 -41.55
CA PRO G 83 -64.32 -0.63 -41.94
C PRO G 83 -65.05 0.67 -41.56
N SER G 84 -66.26 0.57 -41.02
CA SER G 84 -67.06 1.76 -40.75
C SER G 84 -67.25 2.06 -39.26
N ALA G 85 -66.63 1.26 -38.40
CA ALA G 85 -66.81 1.41 -36.97
C ALA G 85 -65.49 1.11 -36.27
N PRO G 86 -65.17 1.88 -35.22
CA PRO G 86 -63.89 1.70 -34.52
C PRO G 86 -63.92 0.51 -33.57
N THR G 87 -62.74 0.00 -33.24
CA THR G 87 -62.58 -1.01 -32.17
C THR G 87 -62.95 -0.36 -30.84
N GLY G 88 -63.74 -1.08 -30.03
CA GLY G 88 -64.15 -0.59 -28.72
C GLY G 88 -62.98 -0.59 -27.76
N ILE G 89 -62.96 0.42 -26.88
CA ILE G 89 -61.96 0.55 -25.86
C ILE G 89 -62.63 0.78 -24.53
N PHE G 90 -61.85 0.63 -23.46
CA PHE G 90 -62.26 1.07 -22.12
C PHE G 90 -61.08 1.51 -21.30
N PHE G 91 -61.39 2.29 -20.26
CA PHE G 91 -60.41 2.77 -19.27
C PHE G 91 -60.70 2.11 -17.94
N ILE G 92 -59.64 1.87 -17.16
CA ILE G 92 -59.81 1.33 -15.83
C ILE G 92 -59.32 2.30 -14.77
N GLN G 93 -60.25 2.72 -13.92
CA GLN G 93 -59.96 3.47 -12.72
C GLN G 93 -59.78 2.46 -11.60
N ARG G 94 -58.66 2.57 -10.90
CA ARG G 94 -58.30 1.55 -9.94
C ARG G 94 -58.33 2.09 -8.51
N HIS G 95 -58.87 1.27 -7.61
CA HIS G 95 -58.80 1.50 -6.17
C HIS G 95 -59.51 2.78 -5.71
N TYR G 96 -60.41 3.30 -6.54
CA TYR G 96 -61.09 4.54 -6.17
C TYR G 96 -62.49 4.57 -6.74
N PRO G 97 -63.52 4.85 -5.91
CA PRO G 97 -63.46 5.15 -4.47
C PRO G 97 -63.40 3.95 -3.51
N VAL G 98 -63.33 2.73 -4.05
CA VAL G 98 -63.29 1.53 -3.21
C VAL G 98 -61.92 0.87 -3.32
N PRO G 99 -61.18 0.79 -2.20
CA PRO G 99 -59.90 0.06 -2.25
C PRO G 99 -60.10 -1.36 -2.80
N LEU G 100 -59.13 -1.84 -3.58
CA LEU G 100 -59.13 -3.23 -4.07
C LEU G 100 -60.07 -3.49 -5.25
N LYS G 101 -60.93 -2.54 -5.56
CA LYS G 101 -61.83 -2.68 -6.71
C LYS G 101 -61.42 -1.80 -7.87
N SER G 102 -61.89 -2.16 -9.06
CA SER G 102 -61.59 -1.43 -10.28
C SER G 102 -62.89 -1.06 -10.96
N GLU G 103 -62.87 0.03 -11.73
CA GLU G 103 -64.01 0.43 -12.53
C GLU G 103 -63.68 0.57 -14.02
N SER G 104 -64.52 -0.04 -14.84
CA SER G 104 -64.41 0.10 -16.28
C SER G 104 -65.27 1.26 -16.77
N ILE G 105 -64.70 2.04 -17.67
CA ILE G 105 -65.31 3.22 -18.26
C ILE G 105 -65.21 3.00 -19.79
N TYR G 106 -66.36 2.76 -20.43
CA TYR G 106 -66.42 2.23 -21.80
C TYR G 106 -66.52 3.29 -22.84
N TYR G 107 -65.86 3.04 -23.96
CA TYR G 107 -66.04 3.79 -25.21
C TYR G 107 -66.24 2.74 -26.29
N ARG G 108 -67.43 2.13 -26.26
CA ARG G 108 -67.76 0.95 -27.07
C ARG G 108 -69.10 1.08 -27.82
N LYS G 109 -69.81 2.19 -27.66
CA LYS G 109 -71.12 2.36 -28.30
C LYS G 109 -70.98 2.52 -29.81
N GLY G 110 -71.66 1.65 -30.56
CA GLY G 110 -71.56 1.63 -32.01
C GLY G 110 -70.21 1.16 -32.54
N SER G 111 -69.48 0.41 -31.72
CA SER G 111 -68.16 -0.06 -32.13
C SER G 111 -68.31 -1.21 -33.12
N ALA G 112 -67.19 -1.57 -33.76
CA ALA G 112 -67.12 -2.67 -34.70
C ALA G 112 -67.51 -3.96 -33.98
N GLY G 113 -67.16 -4.06 -32.70
CA GLY G 113 -67.44 -5.23 -31.88
C GLY G 113 -68.92 -5.48 -31.70
N SER G 114 -69.67 -4.38 -31.51
CA SER G 114 -71.11 -4.40 -31.30
C SER G 114 -71.87 -4.74 -32.59
N LYS G 115 -71.17 -4.70 -33.72
CA LYS G 115 -71.77 -5.05 -35.00
C LYS G 115 -71.59 -6.54 -35.36
N LEU G 116 -71.06 -7.32 -34.43
CA LEU G 116 -71.11 -8.79 -34.51
C LEU G 116 -72.55 -9.16 -34.80
N SER G 117 -72.75 -10.06 -35.77
CA SER G 117 -74.10 -10.52 -36.13
C SER G 117 -74.12 -11.96 -36.61
N PRO G 118 -75.32 -12.56 -36.69
CA PRO G 118 -75.53 -13.93 -37.17
C PRO G 118 -74.75 -14.26 -38.45
N GLU G 119 -74.67 -13.29 -39.36
CA GLU G 119 -73.90 -13.40 -40.60
C GLU G 119 -72.41 -13.73 -40.39
N ASP G 120 -71.87 -13.47 -39.19
CA ASP G 120 -70.45 -13.70 -38.90
C ASP G 120 -70.25 -15.05 -38.24
N VAL G 121 -71.37 -15.69 -37.90
CA VAL G 121 -71.39 -16.98 -37.24
C VAL G 121 -71.59 -18.11 -38.26
N ASP G 122 -70.50 -18.74 -38.67
CA ASP G 122 -70.53 -19.81 -39.66
C ASP G 122 -70.74 -21.18 -39.03
N GLU G 123 -71.84 -21.85 -39.40
CA GLU G 123 -72.13 -23.22 -38.92
C GLU G 123 -70.99 -24.24 -39.10
N GLU G 124 -70.27 -24.16 -40.23
CA GLU G 124 -69.15 -25.07 -40.48
C GLU G 124 -68.04 -24.95 -39.43
N TYR G 125 -67.76 -23.72 -39.01
CA TYR G 125 -66.73 -23.45 -38.03
C TYR G 125 -67.23 -23.75 -36.61
N VAL G 126 -68.42 -23.29 -36.26
CA VAL G 126 -69.00 -23.54 -34.93
C VAL G 126 -69.02 -25.04 -34.61
N LYS G 127 -69.30 -25.86 -35.63
CA LYS G 127 -69.34 -27.33 -35.53
C LYS G 127 -67.99 -27.95 -35.14
N SER G 128 -66.88 -27.28 -35.48
CA SER G 128 -65.54 -27.76 -35.08
C SER G 128 -65.28 -27.70 -33.57
N ALA G 129 -66.07 -26.93 -32.84
CA ALA G 129 -65.82 -26.71 -31.41
C ALA G 129 -66.28 -27.85 -30.56
N ASP G 130 -65.51 -28.16 -29.52
CA ASP G 130 -65.97 -29.02 -28.43
C ASP G 130 -66.90 -28.27 -27.45
N LEU G 131 -66.68 -26.97 -27.31
CA LEU G 131 -67.51 -26.09 -26.50
C LEU G 131 -67.61 -24.70 -27.11
N VAL G 132 -68.83 -24.17 -27.12
CA VAL G 132 -69.15 -22.84 -27.62
C VAL G 132 -69.55 -21.98 -26.43
N HIS G 133 -68.83 -20.87 -26.26
CA HIS G 133 -68.95 -20.03 -25.06
C HIS G 133 -69.26 -18.57 -25.39
N SER G 134 -70.07 -17.95 -24.53
CA SER G 134 -70.27 -16.51 -24.60
C SER G 134 -70.68 -15.95 -23.22
N SER G 135 -71.22 -14.73 -23.19
CA SER G 135 -71.47 -14.04 -21.91
C SER G 135 -72.60 -13.03 -21.97
N GLY G 136 -73.00 -12.55 -20.78
CA GLY G 136 -73.96 -11.47 -20.65
C GLY G 136 -73.56 -10.17 -21.30
N ILE G 137 -72.25 -9.93 -21.43
CA ILE G 137 -71.74 -8.73 -22.11
C ILE G 137 -72.12 -8.76 -23.58
N THR G 138 -71.93 -9.93 -24.20
CA THR G 138 -72.24 -10.11 -25.62
C THR G 138 -73.73 -9.94 -25.93
N LEU G 139 -74.57 -10.42 -25.02
CA LEU G 139 -76.01 -10.25 -25.10
C LEU G 139 -76.38 -8.77 -25.01
N ALA G 140 -75.58 -8.01 -24.26
CA ALA G 140 -75.91 -6.63 -23.88
C ALA G 140 -75.48 -5.55 -24.90
N ILE G 141 -74.35 -5.77 -25.58
CA ILE G 141 -73.75 -4.71 -26.41
C ILE G 141 -74.61 -4.26 -27.60
N SER G 142 -75.38 -5.21 -28.15
CA SER G 142 -76.29 -4.94 -29.26
C SER G 142 -77.17 -6.16 -29.51
N SER G 143 -78.29 -5.94 -30.19
CA SER G 143 -79.20 -7.04 -30.51
C SER G 143 -78.65 -7.95 -31.61
N THR G 144 -77.85 -7.39 -32.53
CA THR G 144 -77.19 -8.22 -33.54
C THR G 144 -76.20 -9.21 -32.90
N ALA G 145 -75.44 -8.74 -31.91
CA ALA G 145 -74.52 -9.59 -31.15
C ALA G 145 -75.26 -10.62 -30.29
N LYS G 146 -76.40 -10.22 -29.72
CA LYS G 146 -77.27 -11.16 -29.02
C LYS G 146 -77.76 -12.28 -29.94
N GLU G 147 -78.30 -11.91 -31.10
CA GLU G 147 -78.71 -12.89 -32.12
C GLU G 147 -77.55 -13.75 -32.65
N ALA G 148 -76.33 -13.17 -32.73
CA ALA G 148 -75.10 -13.95 -33.01
C ALA G 148 -74.91 -15.11 -32.03
N VAL G 149 -75.13 -14.84 -30.75
CA VAL G 149 -75.00 -15.87 -29.70
C VAL G 149 -76.07 -16.95 -29.87
N TYR G 150 -77.32 -16.53 -30.12
CA TYR G 150 -78.43 -17.45 -30.37
C TYR G 150 -78.12 -18.37 -31.53
N LYS G 151 -77.69 -17.80 -32.66
CA LYS G 151 -77.28 -18.62 -33.80
C LYS G 151 -76.27 -19.68 -33.38
N ALA G 152 -75.24 -19.26 -32.65
CA ALA G 152 -74.13 -20.16 -32.28
C ALA G 152 -74.57 -21.26 -31.35
N PHE G 153 -75.38 -20.90 -30.36
CA PHE G 153 -75.90 -21.81 -29.36
C PHE G 153 -76.90 -22.82 -29.96
N GLU G 154 -77.69 -22.36 -30.94
CA GLU G 154 -78.50 -23.25 -31.76
C GLU G 154 -77.63 -24.32 -32.44
N ILE G 155 -76.55 -23.87 -33.11
CA ILE G 155 -75.62 -24.76 -33.80
C ILE G 155 -74.87 -25.66 -32.84
N ALA G 156 -74.65 -25.18 -31.62
CA ALA G 156 -73.73 -25.82 -30.68
C ALA G 156 -74.25 -27.12 -30.06
N SER G 157 -73.34 -28.10 -30.03
CA SER G 157 -73.51 -29.34 -29.29
C SER G 157 -73.39 -29.08 -27.79
N ASN G 158 -72.32 -28.39 -27.38
CA ASN G 158 -72.15 -28.03 -25.96
C ASN G 158 -71.90 -26.54 -25.71
N ARG G 159 -72.65 -26.00 -24.75
CA ARG G 159 -72.66 -24.56 -24.47
C ARG G 159 -72.10 -24.19 -23.11
N SER G 160 -71.47 -23.01 -23.08
CA SER G 160 -70.88 -22.43 -21.89
C SER G 160 -71.28 -20.96 -21.89
N PHE G 161 -71.56 -20.43 -20.72
CA PHE G 161 -72.00 -19.06 -20.61
C PHE G 161 -71.52 -18.46 -19.29
N ASP G 162 -70.83 -17.32 -19.40
CA ASP G 162 -70.47 -16.51 -18.24
C ASP G 162 -71.51 -15.41 -18.14
N THR G 163 -72.12 -15.30 -16.96
CA THR G 163 -73.19 -14.35 -16.71
C THR G 163 -72.73 -12.89 -16.90
N ASN G 164 -71.56 -12.56 -16.33
CA ASN G 164 -70.84 -11.29 -16.55
C ASN G 164 -71.77 -10.09 -16.72
N ILE G 165 -72.62 -9.83 -15.73
CA ILE G 165 -73.57 -8.73 -15.83
C ILE G 165 -72.81 -7.42 -15.74
N ARG G 166 -73.14 -6.47 -16.62
CA ARG G 166 -72.60 -5.12 -16.52
C ARG G 166 -73.77 -4.15 -16.49
N LEU G 167 -73.98 -3.53 -15.34
CA LEU G 167 -75.07 -2.55 -15.15
C LEU G 167 -74.81 -1.21 -15.86
N LYS G 168 -73.64 -1.05 -16.48
CA LYS G 168 -73.42 0.10 -17.36
C LYS G 168 -73.84 -0.20 -18.80
N LEU G 169 -74.09 -1.46 -19.11
CA LEU G 169 -74.49 -1.83 -20.46
C LEU G 169 -75.99 -2.07 -20.59
N TRP G 170 -76.63 -2.41 -19.47
CA TRP G 170 -78.07 -2.68 -19.46
C TRP G 170 -78.57 -2.73 -18.03
N SER G 171 -79.87 -2.48 -17.85
CA SER G 171 -80.47 -2.46 -16.53
C SER G 171 -80.51 -3.86 -15.91
N ALA G 172 -80.57 -3.89 -14.58
CA ALA G 172 -80.78 -5.11 -13.82
C ALA G 172 -81.99 -5.91 -14.32
N GLU G 173 -83.12 -5.24 -14.53
CA GLU G 173 -84.35 -5.92 -14.99
C GLU G 173 -84.14 -6.61 -16.34
N GLU G 174 -83.55 -5.85 -17.27
CA GLU G 174 -83.28 -6.32 -18.63
C GLU G 174 -82.25 -7.47 -18.65
N ALA G 175 -81.24 -7.36 -17.79
CA ALA G 175 -80.22 -8.39 -17.63
C ALA G 175 -80.84 -9.70 -17.20
N LYS G 176 -81.75 -9.62 -16.22
CA LYS G 176 -82.53 -10.77 -15.74
C LYS G 176 -83.30 -11.46 -16.87
N ARG G 177 -84.15 -10.70 -17.55
CA ARG G 177 -85.01 -11.27 -18.57
C ARG G 177 -84.25 -11.79 -19.78
N GLU G 178 -83.14 -11.13 -20.15
CA GLU G 178 -82.39 -11.61 -21.32
C GLU G 178 -81.60 -12.88 -21.05
N ILE G 179 -81.09 -13.04 -19.82
CA ILE G 179 -80.37 -14.24 -19.42
C ILE G 179 -81.34 -15.39 -19.13
N LEU G 180 -82.45 -15.10 -18.45
CA LEU G 180 -83.48 -16.14 -18.29
C LEU G 180 -84.03 -16.61 -19.63
N LYS G 181 -84.28 -15.66 -20.54
CA LYS G 181 -84.69 -15.97 -21.91
C LYS G 181 -83.70 -16.93 -22.58
N LEU G 182 -82.40 -16.66 -22.42
CA LEU G 182 -81.35 -17.53 -22.97
C LEU G 182 -81.29 -18.91 -22.31
N LEU G 183 -81.52 -18.94 -20.99
CA LEU G 183 -81.42 -20.17 -20.22
C LEU G 183 -82.55 -21.14 -20.57
N SER G 184 -83.77 -20.59 -20.62
CA SER G 184 -84.94 -21.33 -21.07
C SER G 184 -84.70 -21.96 -22.44
N LYS G 185 -84.09 -21.19 -23.35
CA LYS G 185 -83.91 -21.63 -24.73
C LYS G 185 -82.80 -22.67 -24.89
N PHE G 186 -81.70 -22.50 -24.17
CA PHE G 186 -80.52 -23.36 -24.35
C PHE G 186 -80.01 -23.95 -23.04
N HIS G 187 -80.02 -25.27 -22.92
CA HIS G 187 -79.40 -25.95 -21.81
C HIS G 187 -77.86 -25.84 -21.90
N LEU G 188 -77.25 -25.49 -20.77
CA LEU G 188 -75.81 -25.25 -20.71
C LEU G 188 -75.08 -26.42 -20.11
N LYS G 189 -73.93 -26.73 -20.68
CA LYS G 189 -72.99 -27.62 -20.02
C LYS G 189 -72.31 -26.88 -18.86
N PHE G 190 -71.97 -25.61 -19.07
CA PHE G 190 -71.33 -24.80 -18.01
C PHE G 190 -72.04 -23.46 -17.83
N LEU G 191 -72.33 -23.14 -16.58
CA LEU G 191 -72.70 -21.78 -16.24
C LEU G 191 -71.67 -21.24 -15.25
N ILE G 192 -71.02 -20.13 -15.62
CA ILE G 192 -70.09 -19.41 -14.76
C ILE G 192 -70.76 -18.09 -14.40
N THR G 193 -70.94 -17.88 -13.12
CA THR G 193 -71.69 -16.75 -12.61
C THR G 193 -71.09 -16.40 -11.24
N ASP G 194 -71.68 -15.44 -10.55
CA ASP G 194 -71.31 -15.18 -9.15
C ASP G 194 -72.54 -14.87 -8.31
N THR G 195 -72.34 -14.60 -7.03
CA THR G 195 -73.47 -14.28 -6.15
C THR G 195 -74.19 -12.96 -6.47
N ASP G 196 -73.43 -11.96 -6.96
CA ASP G 196 -73.99 -10.67 -7.37
C ASP G 196 -74.99 -10.77 -8.53
N ASP G 197 -74.64 -11.61 -9.50
CA ASP G 197 -75.47 -11.83 -10.68
C ASP G 197 -76.62 -12.77 -10.35
N SER G 198 -76.34 -13.76 -9.50
CA SER G 198 -77.37 -14.64 -8.95
C SER G 198 -78.50 -13.78 -8.38
N LYS G 199 -78.11 -12.80 -7.58
CA LYS G 199 -79.01 -11.87 -6.93
C LYS G 199 -79.88 -11.12 -7.93
N ILE G 200 -79.29 -10.75 -9.06
CA ILE G 200 -80.00 -10.02 -10.12
C ILE G 200 -80.95 -10.92 -10.94
N ILE G 201 -80.48 -12.12 -11.26
CA ILE G 201 -81.22 -13.07 -12.11
C ILE G 201 -82.31 -13.81 -11.33
N LEU G 202 -81.96 -14.31 -10.15
CA LEU G 202 -82.84 -15.11 -9.32
C LEU G 202 -83.37 -14.42 -8.06
N GLY G 203 -82.86 -13.22 -7.76
CA GLY G 203 -83.19 -12.54 -6.50
C GLY G 203 -82.63 -13.25 -5.26
N GLU G 204 -81.63 -14.11 -5.49
CA GLU G 204 -81.08 -14.99 -4.46
C GLU G 204 -79.55 -14.96 -4.44
N SER G 205 -78.98 -14.44 -3.36
CA SER G 205 -77.53 -14.28 -3.25
C SER G 205 -76.82 -15.43 -2.51
N ASP G 206 -77.58 -16.37 -1.95
CA ASP G 206 -77.00 -17.56 -1.35
C ASP G 206 -76.55 -18.52 -2.46
N PRO G 207 -75.25 -18.87 -2.51
CA PRO G 207 -74.70 -19.72 -3.57
C PRO G 207 -75.35 -21.09 -3.68
N ASP G 208 -75.73 -21.67 -2.54
CA ASP G 208 -76.35 -22.99 -2.53
C ASP G 208 -77.75 -22.91 -3.08
N LYS G 209 -78.48 -21.88 -2.65
CA LYS G 209 -79.84 -21.61 -3.13
C LYS G 209 -79.91 -21.24 -4.61
N ALA G 210 -78.93 -20.47 -5.07
CA ALA G 210 -78.85 -20.03 -6.48
C ALA G 210 -78.44 -21.17 -7.40
N ALA G 211 -77.49 -21.98 -6.93
CA ALA G 211 -77.02 -23.12 -7.72
C ALA G 211 -78.12 -24.15 -8.02
N LYS G 212 -79.02 -24.38 -7.07
CA LYS G 212 -80.13 -25.30 -7.30
C LYS G 212 -81.14 -24.76 -8.31
N ALA G 213 -81.45 -23.47 -8.22
CA ALA G 213 -82.33 -22.80 -9.19
C ALA G 213 -81.71 -22.82 -10.59
N PHE G 214 -80.39 -22.72 -10.67
CA PHE G 214 -79.68 -22.76 -11.96
C PHE G 214 -79.53 -24.20 -12.47
N SER G 215 -79.45 -25.13 -11.53
CA SER G 215 -79.34 -26.57 -11.78
C SER G 215 -80.19 -27.15 -12.94
N ASP G 216 -81.35 -26.55 -13.20
CA ASP G 216 -82.20 -27.04 -14.29
C ASP G 216 -81.68 -26.63 -15.67
N TYR G 217 -80.94 -25.51 -15.72
CA TYR G 217 -80.44 -24.95 -16.97
C TYR G 217 -78.99 -25.34 -17.28
N ALA G 218 -78.22 -25.72 -16.25
CA ALA G 218 -76.80 -26.02 -16.44
C ALA G 218 -76.38 -27.30 -15.76
N GLU G 219 -75.50 -28.05 -16.42
CA GLU G 219 -74.91 -29.26 -15.87
C GLU G 219 -73.90 -28.91 -14.77
N ILE G 220 -72.83 -28.21 -15.14
CA ILE G 220 -71.80 -27.86 -14.17
C ILE G 220 -71.89 -26.37 -13.92
N ILE G 221 -71.91 -25.98 -12.64
CA ILE G 221 -72.05 -24.58 -12.25
C ILE G 221 -70.85 -24.11 -11.41
N VAL G 222 -70.19 -23.06 -11.89
CA VAL G 222 -69.13 -22.38 -11.12
C VAL G 222 -69.69 -21.08 -10.52
N MET G 223 -69.76 -21.04 -9.18
CA MET G 223 -70.26 -19.88 -8.45
C MET G 223 -69.10 -19.12 -7.81
N LYS G 224 -68.73 -17.99 -8.39
CA LYS G 224 -67.63 -17.18 -7.88
C LYS G 224 -68.09 -16.31 -6.71
N LEU G 225 -67.29 -16.25 -5.65
CA LEU G 225 -67.69 -15.59 -4.41
C LEU G 225 -66.95 -14.31 -4.14
N GLY G 226 -65.98 -13.99 -4.99
CA GLY G 226 -65.16 -12.81 -4.84
C GLY G 226 -63.75 -13.25 -4.43
N PRO G 227 -63.07 -12.43 -3.60
CA PRO G 227 -61.78 -12.79 -2.99
C PRO G 227 -61.83 -14.10 -2.17
N LYS G 228 -63.01 -14.44 -1.65
CA LYS G 228 -63.22 -15.67 -0.88
C LYS G 228 -62.97 -16.93 -1.71
N GLY G 229 -63.11 -16.81 -3.02
CA GLY G 229 -62.88 -17.94 -3.93
C GLY G 229 -64.11 -18.30 -4.73
N ALA G 230 -64.32 -19.60 -4.91
CA ALA G 230 -65.43 -20.07 -5.75
C ALA G 230 -65.93 -21.48 -5.36
N ILE G 231 -67.17 -21.79 -5.76
CA ILE G 231 -67.75 -23.11 -5.55
C ILE G 231 -68.18 -23.76 -6.87
N VAL G 232 -67.80 -25.02 -7.08
CA VAL G 232 -68.29 -25.82 -8.21
C VAL G 232 -69.44 -26.77 -7.79
N TYR G 233 -70.54 -26.76 -8.55
CA TYR G 233 -71.70 -27.63 -8.31
C TYR G 233 -71.90 -28.56 -9.50
N TYR G 234 -71.82 -29.86 -9.26
CA TYR G 234 -71.90 -30.89 -10.32
C TYR G 234 -72.37 -32.23 -9.73
N ASP G 235 -72.89 -33.12 -10.58
CA ASP G 235 -73.40 -34.45 -10.16
C ASP G 235 -73.77 -34.54 -8.66
N GLY G 236 -74.71 -33.70 -8.24
CA GLY G 236 -75.14 -33.67 -6.84
C GLY G 236 -74.12 -33.27 -5.77
N LYS G 237 -72.83 -33.22 -6.14
CA LYS G 237 -71.76 -32.77 -5.24
C LYS G 237 -71.62 -31.24 -5.23
N LYS G 238 -71.06 -30.72 -4.14
CA LYS G 238 -70.70 -29.30 -4.00
C LYS G 238 -69.21 -29.21 -3.62
N TYR G 239 -68.51 -28.15 -4.04
CA TYR G 239 -67.09 -27.98 -3.67
C TYR G 239 -66.53 -26.55 -3.67
N TYR G 240 -66.12 -26.10 -2.48
CA TYR G 240 -65.56 -24.76 -2.26
C TYR G 240 -64.04 -24.75 -2.40
N SER G 241 -63.54 -23.94 -3.33
CA SER G 241 -62.10 -23.65 -3.39
C SER G 241 -61.88 -22.18 -2.97
N SER G 242 -61.13 -21.99 -1.90
CA SER G 242 -60.90 -20.66 -1.34
C SER G 242 -59.78 -19.91 -2.07
N GLY G 243 -59.89 -18.58 -2.03
CA GLY G 243 -58.88 -17.69 -2.60
C GLY G 243 -57.64 -17.55 -1.75
N TYR G 244 -56.69 -16.75 -2.22
CA TYR G 244 -55.48 -16.48 -1.48
C TYR G 244 -55.35 -14.99 -1.23
N GLN G 245 -54.64 -14.65 -0.16
CA GLN G 245 -54.36 -13.28 0.17
C GLN G 245 -53.12 -12.85 -0.61
N VAL G 246 -53.31 -11.90 -1.54
CA VAL G 246 -52.20 -11.37 -2.34
C VAL G 246 -52.35 -9.84 -2.53
N PRO G 247 -51.23 -9.14 -2.87
CA PRO G 247 -51.32 -7.72 -3.23
C PRO G 247 -52.19 -7.49 -4.48
N VAL G 248 -53.14 -6.56 -4.34
CA VAL G 248 -54.08 -6.29 -5.41
C VAL G 248 -53.67 -5.08 -6.23
N GLU G 249 -53.30 -5.31 -7.50
CA GLU G 249 -53.06 -4.23 -8.45
C GLU G 249 -54.30 -3.92 -9.28
N ASP G 250 -54.96 -4.98 -9.80
CA ASP G 250 -56.20 -4.81 -10.58
C ASP G 250 -57.01 -6.11 -10.70
N VAL G 251 -58.20 -6.15 -10.10
CA VAL G 251 -59.01 -7.39 -10.17
C VAL G 251 -59.56 -7.68 -11.56
N THR G 252 -59.56 -6.69 -12.44
CA THR G 252 -60.13 -6.81 -13.80
C THR G 252 -59.53 -8.01 -14.55
N GLY G 253 -60.40 -8.91 -14.97
CA GLY G 253 -59.93 -10.11 -15.65
C GLY G 253 -59.88 -11.37 -14.80
N ALA G 254 -60.04 -11.24 -13.47
CA ALA G 254 -59.86 -12.39 -12.57
C ALA G 254 -60.88 -13.50 -12.78
N GLY G 255 -62.16 -13.13 -12.92
CA GLY G 255 -63.23 -14.10 -13.15
C GLY G 255 -63.15 -14.83 -14.48
N ASP G 256 -62.52 -14.20 -15.48
CA ASP G 256 -62.26 -14.84 -16.78
C ASP G 256 -61.07 -15.78 -16.70
N ALA G 257 -60.08 -15.37 -15.90
CA ALA G 257 -58.93 -16.21 -15.59
C ALA G 257 -59.42 -17.53 -15.00
N LEU G 258 -60.26 -17.43 -13.97
CA LEU G 258 -60.81 -18.63 -13.35
C LEU G 258 -61.59 -19.43 -14.40
N GLY G 259 -62.63 -18.82 -15.00
CA GLY G 259 -63.52 -19.48 -15.97
C GLY G 259 -62.80 -20.26 -17.07
N GLY G 260 -61.92 -19.55 -17.78
CA GLY G 260 -61.14 -20.15 -18.86
C GLY G 260 -60.25 -21.30 -18.44
N THR G 261 -59.57 -21.12 -17.31
CA THR G 261 -58.65 -22.14 -16.77
C THR G 261 -59.38 -23.41 -16.34
N PHE G 262 -60.49 -23.22 -15.64
CA PHE G 262 -61.36 -24.29 -15.22
C PHE G 262 -61.88 -25.10 -16.41
N LEU G 263 -62.42 -24.41 -17.42
CA LEU G 263 -62.99 -25.08 -18.59
C LEU G 263 -61.94 -25.92 -19.30
N SER G 264 -60.74 -25.39 -19.42
CA SER G 264 -59.67 -26.07 -20.13
C SER G 264 -59.24 -27.33 -19.42
N LEU G 265 -59.13 -27.24 -18.09
CA LEU G 265 -58.68 -28.36 -17.28
C LEU G 265 -59.73 -29.44 -17.27
N TYR G 266 -60.99 -29.05 -17.39
CA TYR G 266 -62.07 -30.02 -17.60
C TYR G 266 -61.78 -30.91 -18.83
N TYR G 267 -61.32 -30.29 -19.92
CA TYR G 267 -61.02 -31.02 -21.14
C TYR G 267 -59.65 -31.71 -21.15
N LYS G 268 -58.80 -31.37 -20.18
CA LYS G 268 -57.60 -32.16 -19.95
C LYS G 268 -57.92 -33.37 -19.07
N GLY G 269 -59.16 -33.44 -18.58
CA GLY G 269 -59.62 -34.61 -17.84
C GLY G 269 -59.36 -34.55 -16.35
N PHE G 270 -59.18 -33.35 -15.82
CA PHE G 270 -59.03 -33.14 -14.38
C PHE G 270 -60.34 -33.47 -13.69
N GLU G 271 -60.26 -33.95 -12.45
CA GLU G 271 -61.42 -33.98 -11.58
C GLU G 271 -61.90 -32.56 -11.38
N MET G 272 -63.20 -32.41 -11.13
CA MET G 272 -63.82 -31.11 -11.00
C MET G 272 -63.18 -30.29 -9.87
N GLU G 273 -62.82 -30.96 -8.78
CA GLU G 273 -62.34 -30.27 -7.59
C GLU G 273 -60.97 -29.61 -7.83
N LYS G 274 -60.06 -30.35 -8.45
CA LYS G 274 -58.73 -29.81 -8.67
C LYS G 274 -58.63 -28.94 -9.95
N ALA G 275 -59.62 -29.06 -10.84
CA ALA G 275 -59.78 -28.11 -11.93
C ALA G 275 -60.01 -26.72 -11.34
N LEU G 276 -60.92 -26.64 -10.35
CA LEU G 276 -61.28 -25.39 -9.68
C LEU G 276 -60.15 -24.88 -8.81
N ASP G 277 -59.41 -25.81 -8.19
CA ASP G 277 -58.24 -25.46 -7.37
C ASP G 277 -57.19 -24.74 -8.21
N TYR G 278 -56.95 -25.27 -9.40
CA TYR G 278 -56.00 -24.70 -10.37
C TYR G 278 -56.53 -23.38 -10.97
N ALA G 279 -57.84 -23.33 -11.19
CA ALA G 279 -58.50 -22.14 -11.75
C ALA G 279 -58.41 -20.97 -10.78
N ILE G 280 -58.48 -21.28 -9.48
CA ILE G 280 -58.33 -20.28 -8.43
C ILE G 280 -56.94 -19.67 -8.45
N VAL G 281 -55.94 -20.51 -8.74
CA VAL G 281 -54.57 -20.01 -8.87
C VAL G 281 -54.39 -18.98 -9.99
N ALA G 282 -54.93 -19.25 -11.16
CA ALA G 282 -54.90 -18.31 -12.29
C ALA G 282 -55.53 -16.96 -11.95
N SER G 283 -56.70 -17.00 -11.32
CA SER G 283 -57.41 -15.78 -10.94
C SER G 283 -56.70 -15.03 -9.81
N THR G 284 -56.07 -15.77 -8.89
CA THR G 284 -55.26 -15.15 -7.86
C THR G 284 -54.10 -14.34 -8.47
N LEU G 285 -53.34 -14.99 -9.35
CA LEU G 285 -52.21 -14.36 -10.04
C LEU G 285 -52.67 -13.17 -10.90
N ASN G 286 -53.89 -13.28 -11.42
CA ASN G 286 -54.47 -12.26 -12.27
C ASN G 286 -54.63 -10.88 -11.58
N VAL G 287 -55.11 -10.88 -10.34
CA VAL G 287 -55.41 -9.63 -9.63
C VAL G 287 -54.14 -8.85 -9.24
N MET G 288 -53.00 -9.47 -9.46
CA MET G 288 -51.71 -8.92 -9.02
C MET G 288 -51.08 -7.93 -10.00
N ILE G 289 -51.57 -7.89 -11.24
CA ILE G 289 -51.04 -6.96 -12.26
C ILE G 289 -52.13 -6.21 -13.02
N ARG G 290 -51.74 -5.12 -13.67
CA ARG G 290 -52.54 -4.46 -14.69
C ARG G 290 -52.43 -5.29 -15.98
N GLY G 291 -53.58 -5.63 -16.56
CA GLY G 291 -53.58 -6.45 -17.76
C GLY G 291 -54.31 -7.75 -17.49
N ASP G 292 -55.34 -8.04 -18.29
CA ASP G 292 -56.23 -9.19 -18.05
C ASP G 292 -55.54 -10.49 -18.43
N GLN G 293 -54.57 -10.39 -19.32
CA GLN G 293 -54.00 -11.55 -19.98
C GLN G 293 -52.51 -11.85 -19.71
N GLU G 294 -51.71 -10.85 -19.33
CA GLU G 294 -50.26 -11.06 -19.32
C GLU G 294 -49.68 -11.99 -18.23
N ASN G 295 -50.40 -12.23 -17.14
CA ASN G 295 -49.91 -13.29 -16.25
C ASN G 295 -50.90 -14.45 -16.05
N LEU G 296 -51.61 -14.79 -17.15
CA LEU G 296 -52.34 -16.05 -17.23
C LEU G 296 -51.27 -17.15 -17.21
N PRO G 297 -51.35 -18.06 -16.23
CA PRO G 297 -50.37 -19.12 -16.06
C PRO G 297 -50.64 -20.38 -16.88
N THR G 298 -49.56 -21.01 -17.34
CA THR G 298 -49.60 -22.38 -17.84
C THR G 298 -49.89 -23.34 -16.69
N THR G 299 -50.27 -24.59 -17.01
CA THR G 299 -50.46 -25.62 -15.97
C THR G 299 -49.21 -25.81 -15.10
N LYS G 300 -48.04 -25.84 -15.72
CA LYS G 300 -46.76 -25.93 -15.02
C LYS G 300 -46.54 -24.78 -14.03
N ASP G 301 -46.95 -23.55 -14.39
CA ASP G 301 -46.82 -22.40 -13.48
C ASP G 301 -47.77 -22.52 -12.28
N ILE G 302 -48.98 -23.00 -12.53
CA ILE G 302 -49.97 -23.24 -11.48
C ILE G 302 -49.46 -24.28 -10.47
N GLU G 303 -48.75 -25.30 -10.96
CA GLU G 303 -48.24 -26.38 -10.11
C GLU G 303 -47.08 -25.88 -9.26
N THR G 304 -46.22 -25.08 -9.86
CA THR G 304 -45.17 -24.36 -9.12
C THR G 304 -45.73 -23.55 -7.93
N PHE G 305 -46.74 -22.73 -8.20
CA PHE G 305 -47.46 -21.96 -7.17
C PHE G 305 -47.98 -22.89 -6.09
N LEU G 306 -48.53 -24.04 -6.49
CA LEU G 306 -49.19 -24.95 -5.55
C LEU G 306 -48.22 -25.69 -4.63
N ARG G 307 -47.07 -26.09 -5.18
CA ARG G 307 -45.96 -26.64 -4.39
C ARG G 307 -45.47 -25.70 -3.28
N GLU G 308 -45.48 -24.40 -3.57
CA GLU G 308 -44.82 -23.43 -2.71
C GLU G 308 -45.76 -22.52 -1.90
N MET G 309 -47.05 -22.56 -2.19
CA MET G 309 -48.04 -21.78 -1.43
C MET G 309 -48.89 -22.69 -0.53
N ALA H 2 -60.25 42.61 -23.16
CA ALA H 2 -61.31 42.15 -24.10
C ALA H 2 -61.68 40.69 -23.81
N LYS H 3 -62.92 40.33 -24.08
CA LYS H 3 -63.41 39.00 -23.81
C LYS H 3 -63.65 38.20 -25.10
N LEU H 4 -63.08 37.01 -25.16
CA LEU H 4 -63.41 35.99 -26.17
C LEU H 4 -64.37 34.94 -25.58
N ILE H 5 -65.40 34.62 -26.35
CA ILE H 5 -66.24 33.47 -26.06
C ILE H 5 -66.19 32.54 -27.27
N THR H 6 -65.84 31.28 -26.99
CA THR H 6 -65.80 30.25 -28.00
C THR H 6 -66.91 29.22 -27.78
N LEU H 7 -67.29 28.55 -28.85
CA LEU H 7 -68.24 27.47 -28.80
C LEU H 7 -67.66 26.26 -29.48
N GLY H 8 -67.64 25.14 -28.77
CA GLY H 8 -67.21 23.89 -29.37
C GLY H 8 -67.21 22.74 -28.40
N GLU H 9 -66.43 21.71 -28.75
CA GLU H 9 -66.28 20.50 -27.94
C GLU H 9 -64.88 20.39 -27.35
N ILE H 10 -64.82 20.30 -26.03
CA ILE H 10 -63.59 20.02 -25.32
C ILE H 10 -63.31 18.52 -25.41
N LEU H 11 -62.05 18.14 -25.63
CA LEU H 11 -61.71 16.71 -25.74
C LEU H 11 -60.62 16.37 -24.79
N ILE H 12 -60.65 15.14 -24.26
CA ILE H 12 -59.46 14.62 -23.57
C ILE H 12 -58.58 13.94 -24.57
N GLU H 13 -57.30 14.26 -24.49
CA GLU H 13 -56.33 13.81 -25.44
C GLU H 13 -55.43 12.70 -24.87
N PHE H 14 -55.28 11.62 -25.62
CA PHE H 14 -54.39 10.57 -25.19
C PHE H 14 -53.25 10.50 -26.19
N ASN H 15 -52.12 11.06 -25.78
CA ASN H 15 -50.98 11.31 -26.63
C ASN H 15 -49.95 10.19 -26.45
N ALA H 16 -49.62 9.53 -27.56
CA ALA H 16 -48.68 8.42 -27.55
C ALA H 16 -47.37 8.86 -26.91
N LEU H 17 -46.86 8.08 -25.95
CA LEU H 17 -45.57 8.37 -25.33
C LEU H 17 -44.40 8.12 -26.24
N SER H 18 -44.63 7.36 -27.32
CA SER H 18 -43.57 7.14 -28.29
C SER H 18 -44.13 7.21 -29.69
N PRO H 19 -43.29 7.59 -30.69
CA PRO H 19 -43.74 7.63 -32.08
C PRO H 19 -44.04 6.25 -32.68
N GLY H 20 -44.79 6.24 -33.77
CA GLY H 20 -45.10 4.99 -34.45
C GLY H 20 -46.55 4.57 -34.36
N PRO H 21 -46.88 3.44 -35.01
CA PRO H 21 -48.28 2.97 -35.06
C PRO H 21 -48.77 2.59 -33.65
N LEU H 22 -50.02 2.94 -33.35
CA LEU H 22 -50.60 2.72 -32.02
C LEU H 22 -50.65 1.25 -31.60
N ARG H 23 -50.60 0.34 -32.57
CA ARG H 23 -50.67 -1.10 -32.24
C ARG H 23 -49.41 -1.55 -31.50
N HIS H 24 -48.36 -0.71 -31.56
CA HIS H 24 -47.14 -0.96 -30.80
C HIS H 24 -46.74 0.12 -29.80
N VAL H 25 -47.68 1.00 -29.47
CA VAL H 25 -47.47 1.99 -28.41
C VAL H 25 -48.24 1.50 -27.18
N SER H 26 -47.56 1.38 -26.04
CA SER H 26 -48.21 0.85 -24.84
C SER H 26 -48.56 1.92 -23.82
N TYR H 27 -48.00 3.12 -23.99
CA TYR H 27 -48.14 4.21 -23.01
C TYR H 27 -48.70 5.50 -23.59
N PHE H 28 -49.64 6.07 -22.85
CA PHE H 28 -50.40 7.23 -23.30
C PHE H 28 -50.46 8.30 -22.21
N GLU H 29 -50.27 9.54 -22.64
CA GLU H 29 -50.19 10.67 -21.73
C GLU H 29 -51.42 11.53 -21.92
N LYS H 30 -52.11 11.81 -20.83
CA LYS H 30 -53.36 12.54 -20.87
C LYS H 30 -53.15 14.05 -20.90
N HIS H 31 -53.95 14.71 -21.75
CA HIS H 31 -54.03 16.18 -21.83
C HIS H 31 -55.48 16.63 -22.08
N VAL H 32 -55.74 17.90 -21.77
CA VAL H 32 -57.01 18.54 -22.05
C VAL H 32 -56.76 19.35 -23.30
N ALA H 33 -57.58 19.10 -24.33
CA ALA H 33 -57.44 19.77 -25.62
C ALA H 33 -58.81 20.07 -26.26
N GLY H 34 -58.85 20.15 -27.58
CA GLY H 34 -60.02 20.66 -28.29
C GLY H 34 -59.73 22.09 -28.72
N SER H 35 -59.98 22.37 -30.00
CA SER H 35 -59.55 23.60 -30.65
C SER H 35 -59.97 24.89 -29.93
N GLU H 36 -61.23 24.95 -29.49
CA GLU H 36 -61.78 26.15 -28.85
C GLU H 36 -61.25 26.29 -27.42
N ALA H 37 -61.03 25.16 -26.75
CA ALA H 37 -60.37 25.15 -25.45
C ALA H 37 -58.94 25.69 -25.59
N ASN H 38 -58.23 25.26 -26.64
CA ASN H 38 -56.89 25.79 -26.92
C ASN H 38 -56.85 27.29 -27.22
N TYR H 39 -57.80 27.77 -28.03
CA TYR H 39 -57.97 29.21 -28.31
C TYR H 39 -58.14 30.01 -27.04
N CYS H 40 -58.98 29.49 -26.13
CA CYS H 40 -59.25 30.14 -24.86
C CYS H 40 -57.97 30.39 -24.07
N VAL H 41 -57.20 29.33 -23.87
CA VAL H 41 -55.99 29.45 -23.05
C VAL H 41 -54.95 30.43 -23.67
N ALA H 42 -54.74 30.33 -24.98
CA ALA H 42 -53.81 31.20 -25.71
C ALA H 42 -54.25 32.64 -25.64
N PHE H 43 -55.57 32.87 -25.68
CA PHE H 43 -56.13 34.21 -25.62
C PHE H 43 -55.93 34.80 -24.23
N ILE H 44 -56.19 33.99 -23.21
CA ILE H 44 -55.98 34.42 -21.84
C ILE H 44 -54.48 34.63 -21.53
N LYS H 45 -53.59 33.85 -22.14
CA LYS H 45 -52.15 33.96 -21.87
C LYS H 45 -51.57 35.32 -22.27
N GLN H 46 -52.24 36.04 -23.17
CA GLN H 46 -51.82 37.39 -23.54
C GLN H 46 -52.53 38.47 -22.71
N GLY H 47 -53.30 38.06 -21.70
CA GLY H 47 -53.86 39.05 -20.77
C GLY H 47 -55.28 39.52 -21.06
N ASN H 48 -56.03 38.82 -21.90
CA ASN H 48 -57.45 39.13 -22.04
C ASN H 48 -58.33 38.14 -21.26
N GLU H 49 -59.65 38.29 -21.32
CA GLU H 49 -60.57 37.33 -20.69
C GLU H 49 -61.20 36.41 -21.72
N CYS H 50 -61.69 35.27 -21.26
CA CYS H 50 -62.38 34.33 -22.15
C CYS H 50 -63.31 33.37 -21.43
N GLY H 51 -64.33 32.91 -22.17
CA GLY H 51 -65.20 31.87 -21.69
C GLY H 51 -65.44 30.85 -22.78
N ILE H 52 -65.88 29.66 -22.39
CA ILE H 52 -66.15 28.61 -23.35
C ILE H 52 -67.59 28.12 -23.13
N ILE H 53 -68.35 28.03 -24.22
CA ILE H 53 -69.67 27.40 -24.19
C ILE H 53 -69.52 25.99 -24.77
N ALA H 54 -69.62 24.99 -23.90
CA ALA H 54 -69.36 23.59 -24.25
C ALA H 54 -70.11 22.67 -23.30
N LYS H 55 -70.37 21.44 -23.75
CA LYS H 55 -71.08 20.48 -22.93
C LYS H 55 -70.16 19.29 -22.71
N VAL H 56 -69.92 18.95 -21.46
CA VAL H 56 -69.13 17.76 -21.15
C VAL H 56 -69.98 16.74 -20.41
N GLY H 57 -69.40 15.55 -20.23
CA GLY H 57 -70.10 14.46 -19.54
C GLY H 57 -70.03 14.60 -18.04
N ASP H 58 -70.93 13.90 -17.37
CA ASP H 58 -70.90 13.78 -15.91
C ASP H 58 -69.98 12.61 -15.56
N ASP H 59 -68.70 12.75 -15.89
CA ASP H 59 -67.72 11.69 -15.74
C ASP H 59 -66.39 12.30 -15.34
N GLU H 60 -65.43 11.46 -14.98
CA GLU H 60 -64.10 11.92 -14.58
C GLU H 60 -63.40 12.83 -15.62
N PHE H 61 -63.57 12.53 -16.89
CA PHE H 61 -62.96 13.30 -17.97
C PHE H 61 -63.64 14.67 -18.15
N GLY H 62 -64.95 14.71 -17.92
CA GLY H 62 -65.73 15.94 -17.92
C GLY H 62 -65.30 16.92 -16.85
N TYR H 63 -65.06 16.41 -15.64
CA TYR H 63 -64.58 17.24 -14.53
C TYR H 63 -63.11 17.64 -14.67
N ASN H 64 -62.30 16.70 -15.17
CA ASN H 64 -60.93 16.99 -15.58
C ASN H 64 -60.87 18.23 -16.50
N ALA H 65 -61.74 18.26 -17.51
CA ALA H 65 -61.81 19.39 -18.46
C ALA H 65 -62.19 20.69 -17.75
N ILE H 66 -63.28 20.63 -16.96
CA ILE H 66 -63.74 21.76 -16.15
C ILE H 66 -62.62 22.26 -15.21
N GLU H 67 -61.98 21.35 -14.48
CA GLU H 67 -60.91 21.74 -13.54
C GLU H 67 -59.74 22.39 -14.24
N TRP H 68 -59.22 21.73 -15.25
CA TRP H 68 -58.12 22.25 -16.03
C TRP H 68 -58.38 23.67 -16.55
N LEU H 69 -59.54 23.85 -17.18
CA LEU H 69 -59.88 25.11 -17.83
C LEU H 69 -60.13 26.21 -16.81
N ARG H 70 -60.89 25.89 -15.76
CA ARG H 70 -61.02 26.78 -14.61
C ARG H 70 -59.66 27.24 -14.05
N GLY H 71 -58.71 26.30 -13.93
CA GLY H 71 -57.36 26.60 -13.46
C GLY H 71 -56.56 27.52 -14.35
N GLN H 72 -56.76 27.40 -15.66
CA GLN H 72 -56.16 28.32 -16.63
C GLN H 72 -56.77 29.72 -16.59
N GLY H 73 -57.86 29.91 -15.83
CA GLY H 73 -58.56 31.19 -15.75
C GLY H 73 -59.72 31.37 -16.73
N VAL H 74 -60.05 30.32 -17.46
CA VAL H 74 -61.18 30.37 -18.38
C VAL H 74 -62.47 30.46 -17.58
N ASP H 75 -63.40 31.28 -18.06
CA ASP H 75 -64.74 31.30 -17.51
C ASP H 75 -65.45 30.01 -17.93
N VAL H 76 -65.76 29.20 -16.93
CA VAL H 76 -66.26 27.83 -17.08
C VAL H 76 -67.77 27.74 -16.69
N SER H 77 -68.32 28.86 -16.22
CA SER H 77 -69.67 28.94 -15.65
C SER H 77 -70.83 28.78 -16.66
N HIS H 78 -70.52 28.87 -17.96
CA HIS H 78 -71.53 28.68 -18.99
C HIS H 78 -71.34 27.37 -19.73
N MET H 79 -70.58 26.48 -19.10
CA MET H 79 -70.44 25.12 -19.60
C MET H 79 -71.67 24.31 -19.13
N LYS H 80 -71.96 23.23 -19.85
CA LYS H 80 -72.99 22.27 -19.43
C LYS H 80 -72.39 20.89 -19.11
N ILE H 81 -73.07 20.17 -18.22
CA ILE H 81 -72.77 18.79 -17.90
C ILE H 81 -73.96 17.95 -18.32
N ASP H 82 -73.76 17.08 -19.30
CA ASP H 82 -74.80 16.23 -19.87
C ASP H 82 -74.87 14.96 -19.03
N PRO H 83 -76.07 14.64 -18.54
CA PRO H 83 -76.14 13.64 -17.47
C PRO H 83 -76.09 12.22 -18.02
N SER H 84 -76.04 12.07 -19.35
CA SER H 84 -76.18 10.75 -19.94
C SER H 84 -75.36 10.50 -21.19
N ALA H 85 -74.39 11.35 -21.49
CA ALA H 85 -73.48 11.08 -22.60
C ALA H 85 -72.04 11.31 -22.15
N PRO H 86 -71.08 10.52 -22.69
CA PRO H 86 -69.70 10.64 -22.20
C PRO H 86 -68.95 11.82 -22.78
N THR H 87 -67.97 12.32 -22.05
CA THR H 87 -67.04 13.30 -22.62
C THR H 87 -66.26 12.69 -23.79
N GLY H 88 -66.08 13.47 -24.85
CA GLY H 88 -65.35 13.05 -26.04
C GLY H 88 -63.87 12.96 -25.78
N ILE H 89 -63.23 12.02 -26.47
CA ILE H 89 -61.81 11.80 -26.32
C ILE H 89 -61.20 11.52 -27.67
N PHE H 90 -59.87 11.58 -27.71
CA PHE H 90 -59.15 11.17 -28.91
C PHE H 90 -57.76 10.74 -28.56
N PHE H 91 -57.13 9.97 -29.45
CA PHE H 91 -55.77 9.51 -29.29
C PHE H 91 -54.89 10.13 -30.35
N ILE H 92 -53.62 10.37 -30.02
CA ILE H 92 -52.69 10.91 -31.02
C ILE H 92 -51.58 9.93 -31.38
N GLN H 93 -51.50 9.59 -32.65
CA GLN H 93 -50.41 8.79 -33.19
C GLN H 93 -49.40 9.77 -33.81
N ARG H 94 -48.14 9.67 -33.38
CA ARG H 94 -47.14 10.67 -33.75
C ARG H 94 -46.07 10.11 -34.69
N HIS H 95 -45.78 10.90 -35.75
CA HIS H 95 -44.64 10.70 -36.69
C HIS H 95 -44.73 9.46 -37.57
N TYR H 96 -45.92 8.89 -37.67
CA TYR H 96 -46.10 7.67 -38.40
C TYR H 96 -47.52 7.62 -38.99
N PRO H 97 -47.63 7.34 -40.30
CA PRO H 97 -46.54 7.07 -41.26
C PRO H 97 -45.71 8.26 -41.78
N VAL H 98 -46.05 9.49 -41.40
CA VAL H 98 -45.31 10.67 -41.88
C VAL H 98 -44.56 11.36 -40.72
N PRO H 99 -43.22 11.43 -40.82
CA PRO H 99 -42.45 12.11 -39.81
C PRO H 99 -42.93 13.56 -39.66
N LEU H 100 -42.90 14.05 -38.44
CA LEU H 100 -43.23 15.44 -38.13
C LEU H 100 -44.73 15.73 -38.14
N LYS H 101 -45.55 14.76 -38.53
CA LYS H 101 -47.00 14.96 -38.49
C LYS H 101 -47.60 14.07 -37.42
N SER H 102 -48.81 14.44 -37.00
CA SER H 102 -49.56 13.63 -36.07
C SER H 102 -50.94 13.28 -36.62
N GLU H 103 -51.52 12.21 -36.08
CA GLU H 103 -52.88 11.80 -36.44
C GLU H 103 -53.77 11.69 -35.22
N SER H 104 -54.94 12.31 -35.29
CA SER H 104 -55.94 12.25 -34.23
C SER H 104 -56.89 11.10 -34.53
N ILE H 105 -57.19 10.30 -33.52
CA ILE H 105 -58.07 9.13 -33.61
C ILE H 105 -59.21 9.34 -32.62
N TYR H 106 -60.41 9.59 -33.12
CA TYR H 106 -61.49 10.07 -32.27
C TYR H 106 -62.39 9.02 -31.67
N TYR H 107 -62.77 9.25 -30.42
CA TYR H 107 -63.88 8.58 -29.77
C TYR H 107 -64.84 9.65 -29.24
N ARG H 108 -65.62 10.21 -30.17
CA ARG H 108 -66.45 11.37 -29.88
C ARG H 108 -67.89 11.27 -30.42
N LYS H 109 -68.22 10.18 -31.12
CA LYS H 109 -69.59 10.00 -31.65
C LYS H 109 -70.59 9.92 -30.51
N GLY H 110 -71.65 10.73 -30.61
CA GLY H 110 -72.69 10.81 -29.57
C GLY H 110 -72.14 11.29 -28.24
N SER H 111 -71.09 12.10 -28.26
CA SER H 111 -70.48 12.59 -27.03
C SER H 111 -71.36 13.64 -26.39
N ALA H 112 -71.12 13.92 -25.12
CA ALA H 112 -71.78 15.03 -24.45
C ALA H 112 -71.52 16.30 -25.26
N GLY H 113 -70.27 16.45 -25.70
CA GLY H 113 -69.84 17.60 -26.49
C GLY H 113 -70.59 17.82 -27.79
N SER H 114 -70.89 16.72 -28.48
CA SER H 114 -71.72 16.75 -29.69
C SER H 114 -73.17 17.19 -29.40
N LYS H 115 -73.58 17.15 -28.13
CA LYS H 115 -74.96 17.45 -27.75
C LYS H 115 -75.18 18.92 -27.42
N LEU H 116 -74.11 19.72 -27.55
CA LEU H 116 -74.24 21.17 -27.56
C LEU H 116 -75.40 21.56 -28.49
N SER H 117 -76.25 22.46 -28.02
CA SER H 117 -77.43 22.86 -28.78
C SER H 117 -77.70 24.35 -28.60
N PRO H 118 -78.59 24.92 -29.43
CA PRO H 118 -78.99 26.32 -29.23
C PRO H 118 -79.45 26.66 -27.81
N GLU H 119 -80.08 25.73 -27.10
CA GLU H 119 -80.52 26.05 -25.71
C GLU H 119 -79.41 26.18 -24.66
N ASP H 120 -78.22 25.65 -24.97
CA ASP H 120 -77.04 25.85 -24.12
C ASP H 120 -76.35 27.21 -24.35
N VAL H 121 -76.82 27.97 -25.35
CA VAL H 121 -76.26 29.27 -25.67
C VAL H 121 -77.09 30.43 -25.07
N ASP H 122 -76.56 31.07 -24.03
CA ASP H 122 -77.20 32.23 -23.42
C ASP H 122 -76.93 33.52 -24.22
N GLU H 123 -78.01 34.17 -24.66
CA GLU H 123 -77.93 35.38 -25.46
C GLU H 123 -77.22 36.56 -24.76
N GLU H 124 -77.53 36.80 -23.49
N GLU H 124 -77.56 36.80 -23.50
CA GLU H 124 -76.91 37.91 -22.75
CA GLU H 124 -76.92 37.89 -22.75
C GLU H 124 -75.43 37.67 -22.44
C GLU H 124 -75.43 37.65 -22.52
N TYR H 125 -75.07 36.40 -22.23
CA TYR H 125 -73.67 36.02 -22.06
C TYR H 125 -72.89 36.25 -23.35
N VAL H 126 -73.43 35.76 -24.47
CA VAL H 126 -72.85 35.96 -25.80
C VAL H 126 -72.69 37.45 -26.18
N LYS H 127 -73.68 38.27 -25.84
CA LYS H 127 -73.59 39.74 -25.99
C LYS H 127 -72.45 40.38 -25.19
N SER H 128 -71.97 39.69 -24.16
CA SER H 128 -70.88 40.25 -23.34
C SER H 128 -69.51 40.12 -24.00
N ALA H 129 -69.40 39.32 -25.05
CA ALA H 129 -68.12 39.15 -25.74
C ALA H 129 -67.80 40.30 -26.68
N ASP H 130 -66.52 40.65 -26.74
CA ASP H 130 -65.98 41.49 -27.77
C ASP H 130 -65.86 40.70 -29.07
N LEU H 131 -65.66 39.39 -28.97
CA LEU H 131 -65.51 38.48 -30.12
C LEU H 131 -66.04 37.09 -29.78
N VAL H 132 -66.80 36.53 -30.72
CA VAL H 132 -67.39 35.21 -30.55
C VAL H 132 -66.74 34.34 -31.63
N HIS H 133 -66.19 33.20 -31.22
CA HIS H 133 -65.37 32.37 -32.10
C HIS H 133 -65.91 30.95 -32.15
N SER H 134 -65.86 30.33 -33.34
CA SER H 134 -66.03 28.89 -33.42
C SER H 134 -65.25 28.33 -34.62
N SER H 135 -65.51 27.07 -35.00
CA SER H 135 -64.74 26.39 -36.07
C SER H 135 -65.54 25.36 -36.87
N GLY H 136 -64.93 24.83 -37.93
CA GLY H 136 -65.55 23.78 -38.72
C GLY H 136 -65.81 22.48 -37.96
N ILE H 137 -64.96 22.17 -36.98
CA ILE H 137 -65.19 21.05 -36.07
C ILE H 137 -66.57 21.16 -35.40
N THR H 138 -66.88 22.33 -34.87
CA THR H 138 -68.16 22.52 -34.16
C THR H 138 -69.36 22.35 -35.10
N LEU H 139 -69.20 22.78 -36.35
CA LEU H 139 -70.22 22.60 -37.39
C LEU H 139 -70.42 21.14 -37.76
N ALA H 140 -69.34 20.36 -37.71
CA ALA H 140 -69.34 18.98 -38.23
C ALA H 140 -69.83 17.93 -37.24
N ILE H 141 -69.65 18.19 -35.95
CA ILE H 141 -69.90 17.17 -34.95
C ILE H 141 -71.36 16.75 -34.81
N SER H 142 -72.28 17.66 -35.10
CA SER H 142 -73.74 17.40 -35.00
C SER H 142 -74.54 18.59 -35.48
N SER H 143 -75.83 18.39 -35.74
CA SER H 143 -76.73 19.46 -36.16
C SER H 143 -77.03 20.44 -35.06
N THR H 144 -77.13 19.95 -33.81
CA THR H 144 -77.38 20.84 -32.67
C THR H 144 -76.18 21.72 -32.38
N ALA H 145 -74.98 21.19 -32.62
CA ALA H 145 -73.78 21.98 -32.39
C ALA H 145 -73.66 23.04 -33.48
N LYS H 146 -73.89 22.64 -34.73
CA LYS H 146 -74.00 23.58 -35.87
C LYS H 146 -75.03 24.70 -35.62
N GLU H 147 -76.22 24.33 -35.11
CA GLU H 147 -77.28 25.30 -34.79
C GLU H 147 -76.90 26.22 -33.65
N ALA H 148 -76.08 25.71 -32.73
CA ALA H 148 -75.63 26.52 -31.59
C ALA H 148 -74.75 27.65 -32.08
N VAL H 149 -73.94 27.36 -33.09
CA VAL H 149 -73.01 28.33 -33.66
C VAL H 149 -73.81 29.41 -34.40
N TYR H 150 -74.84 28.99 -35.13
CA TYR H 150 -75.72 29.92 -35.83
C TYR H 150 -76.35 30.90 -34.84
N LYS H 151 -76.91 30.36 -33.75
CA LYS H 151 -77.52 31.19 -32.71
C LYS H 151 -76.56 32.23 -32.18
N ALA H 152 -75.37 31.77 -31.76
CA ALA H 152 -74.36 32.65 -31.20
C ALA H 152 -73.88 33.71 -32.21
N PHE H 153 -73.70 33.29 -33.46
CA PHE H 153 -73.23 34.17 -34.53
C PHE H 153 -74.30 35.19 -34.91
N GLU H 154 -75.57 34.83 -34.71
CA GLU H 154 -76.70 35.76 -34.95
C GLU H 154 -76.66 36.89 -33.93
N ILE H 155 -76.28 36.56 -32.69
CA ILE H 155 -76.20 37.50 -31.58
C ILE H 155 -74.93 38.36 -31.59
N ALA H 156 -73.81 37.75 -31.99
CA ALA H 156 -72.47 38.37 -31.88
C ALA H 156 -72.36 39.69 -32.61
N SER H 157 -71.68 40.65 -32.00
CA SER H 157 -71.32 41.88 -32.68
C SER H 157 -70.13 41.62 -33.60
N ASN H 158 -69.17 40.82 -33.13
CA ASN H 158 -68.03 40.39 -33.94
C ASN H 158 -67.79 38.89 -33.91
N ARG H 159 -67.40 38.35 -35.06
CA ARG H 159 -67.21 36.91 -35.24
C ARG H 159 -65.81 36.53 -35.71
N SER H 160 -65.38 35.34 -35.28
CA SER H 160 -64.11 34.75 -35.68
C SER H 160 -64.38 33.26 -36.03
N PHE H 161 -63.66 32.74 -37.01
CA PHE H 161 -63.88 31.37 -37.45
C PHE H 161 -62.59 30.70 -37.93
N ASP H 162 -62.27 29.56 -37.32
CA ASP H 162 -61.17 28.71 -37.78
C ASP H 162 -61.84 27.59 -38.60
N THR H 163 -61.50 27.51 -39.89
CA THR H 163 -62.16 26.54 -40.75
C THR H 163 -61.96 25.10 -40.25
N ASN H 164 -60.78 24.80 -39.67
CA ASN H 164 -60.52 23.50 -38.98
C ASN H 164 -61.24 22.29 -39.56
N ILE H 165 -61.02 22.02 -40.85
CA ILE H 165 -61.70 20.91 -41.49
C ILE H 165 -61.10 19.58 -41.05
N ARG H 166 -61.97 18.70 -40.56
CA ARG H 166 -61.63 17.32 -40.22
C ARG H 166 -62.43 16.38 -41.15
N LEU H 167 -61.73 15.80 -42.11
CA LEU H 167 -62.34 14.95 -43.11
C LEU H 167 -62.78 13.62 -42.49
N LYS H 168 -62.44 13.40 -41.23
CA LYS H 168 -62.96 12.24 -40.51
C LYS H 168 -64.33 12.52 -39.94
N LEU H 169 -64.73 13.80 -39.88
CA LEU H 169 -66.03 14.18 -39.33
C LEU H 169 -67.07 14.50 -40.42
N TRP H 170 -66.60 14.78 -41.62
CA TRP H 170 -67.47 15.11 -42.75
C TRP H 170 -66.66 15.13 -44.05
N SER H 171 -67.34 15.01 -45.17
CA SER H 171 -66.65 14.95 -46.44
C SER H 171 -66.30 16.35 -46.91
N ALA H 172 -65.39 16.44 -47.87
CA ALA H 172 -64.98 17.71 -48.45
C ALA H 172 -66.15 18.55 -48.99
N GLU H 173 -67.16 17.89 -49.51
CA GLU H 173 -68.29 18.58 -50.14
C GLU H 173 -69.22 19.18 -49.11
N GLU H 174 -69.53 18.44 -48.05
CA GLU H 174 -70.28 19.00 -46.93
C GLU H 174 -69.52 20.09 -46.18
N ALA H 175 -68.22 19.88 -45.98
CA ALA H 175 -67.36 20.92 -45.40
C ALA H 175 -67.39 22.19 -46.26
N LYS H 176 -67.21 22.04 -47.58
CA LYS H 176 -67.32 23.16 -48.51
C LYS H 176 -68.66 23.87 -48.31
N ARG H 177 -69.73 23.10 -48.49
CA ARG H 177 -71.10 23.59 -48.45
C ARG H 177 -71.42 24.28 -47.14
N GLU H 178 -71.14 23.62 -46.02
CA GLU H 178 -71.49 24.18 -44.72
C GLU H 178 -70.72 25.43 -44.30
N ILE H 179 -69.43 25.50 -44.65
CA ILE H 179 -68.63 26.67 -44.29
C ILE H 179 -69.00 27.90 -45.14
N LEU H 180 -69.23 27.69 -46.44
CA LEU H 180 -69.66 28.77 -47.34
C LEU H 180 -71.04 29.31 -46.97
N LYS H 181 -71.94 28.41 -46.57
CA LYS H 181 -73.24 28.79 -46.01
C LYS H 181 -73.15 29.73 -44.81
N LEU H 182 -72.26 29.41 -43.87
CA LEU H 182 -72.06 30.21 -42.66
C LEU H 182 -71.39 31.55 -42.95
N LEU H 183 -70.41 31.53 -43.87
CA LEU H 183 -69.68 32.75 -44.27
C LEU H 183 -70.54 33.70 -45.07
N SER H 184 -71.38 33.17 -45.96
CA SER H 184 -72.29 34.06 -46.70
C SER H 184 -73.38 34.67 -45.80
N LYS H 185 -73.79 33.96 -44.76
CA LYS H 185 -74.72 34.51 -43.78
C LYS H 185 -74.05 35.48 -42.79
N PHE H 186 -72.91 35.10 -42.22
CA PHE H 186 -72.28 35.90 -41.17
C PHE H 186 -70.93 36.45 -41.59
N HIS H 187 -70.87 37.77 -41.78
CA HIS H 187 -69.60 38.42 -42.09
C HIS H 187 -68.65 38.30 -40.87
N LEU H 188 -67.44 37.81 -41.12
CA LEU H 188 -66.43 37.59 -40.08
C LEU H 188 -65.50 38.79 -39.92
N LYS H 189 -65.16 39.10 -38.69
CA LYS H 189 -64.03 39.98 -38.43
C LYS H 189 -62.75 39.20 -38.69
N PHE H 190 -62.71 37.93 -38.29
CA PHE H 190 -61.50 37.12 -38.46
C PHE H 190 -61.81 35.77 -39.06
N LEU H 191 -61.01 35.42 -40.06
CA LEU H 191 -61.03 34.07 -40.62
C LEU H 191 -59.64 33.49 -40.47
N ILE H 192 -59.56 32.34 -39.80
CA ILE H 192 -58.30 31.62 -39.63
C ILE H 192 -58.42 30.33 -40.42
N THR H 193 -57.49 30.13 -41.35
CA THR H 193 -57.56 28.99 -42.23
C THR H 193 -56.16 28.59 -42.71
N ASP H 194 -56.09 27.70 -43.70
CA ASP H 194 -54.82 27.33 -44.28
C ASP H 194 -55.06 26.94 -45.73
N THR H 195 -53.99 26.61 -46.48
CA THR H 195 -54.15 26.29 -47.89
C THR H 195 -54.91 24.98 -48.14
N ASP H 196 -54.89 24.04 -47.19
CA ASP H 196 -55.59 22.76 -47.32
C ASP H 196 -57.11 22.91 -47.35
N ASP H 197 -57.60 23.71 -46.41
CA ASP H 197 -59.01 24.04 -46.30
C ASP H 197 -59.39 25.01 -47.41
N SER H 198 -58.44 25.82 -47.85
CA SER H 198 -58.66 26.69 -49.01
C SER H 198 -58.91 25.87 -50.28
N LYS H 199 -58.15 24.79 -50.45
CA LYS H 199 -58.35 23.83 -51.54
C LYS H 199 -59.76 23.26 -51.51
N ILE H 200 -60.22 22.90 -50.31
CA ILE H 200 -61.50 22.23 -50.11
C ILE H 200 -62.67 23.21 -50.29
N ILE H 201 -62.58 24.36 -49.64
CA ILE H 201 -63.67 25.35 -49.64
C ILE H 201 -63.79 26.12 -50.96
N LEU H 202 -62.65 26.55 -51.52
CA LEU H 202 -62.65 27.42 -52.69
C LEU H 202 -61.95 26.79 -53.89
N GLY H 203 -61.38 25.60 -53.70
CA GLY H 203 -60.60 24.91 -54.74
C GLY H 203 -59.19 25.46 -54.88
N GLU H 204 -58.93 26.55 -54.16
CA GLU H 204 -57.77 27.38 -54.34
C GLU H 204 -56.64 27.05 -53.36
N SER H 205 -55.51 26.55 -53.88
CA SER H 205 -54.32 26.20 -53.07
C SER H 205 -53.37 27.38 -52.91
N ASP H 206 -53.51 28.36 -53.80
CA ASP H 206 -52.68 29.56 -53.73
C ASP H 206 -53.20 30.51 -52.65
N PRO H 207 -52.38 30.80 -51.63
CA PRO H 207 -52.80 31.63 -50.51
C PRO H 207 -53.33 33.03 -50.87
N ASP H 208 -52.71 33.68 -51.86
CA ASP H 208 -53.15 35.00 -52.29
C ASP H 208 -54.52 34.97 -52.97
N LYS H 209 -54.75 33.93 -53.78
CA LYS H 209 -56.00 33.76 -54.49
C LYS H 209 -57.11 33.28 -53.54
N ALA H 210 -56.72 32.44 -52.58
CA ALA H 210 -57.64 31.98 -51.53
C ALA H 210 -58.10 33.16 -50.68
N ALA H 211 -57.16 34.03 -50.32
CA ALA H 211 -57.46 35.23 -49.54
C ALA H 211 -58.42 36.19 -50.25
N LYS H 212 -58.19 36.40 -51.55
CA LYS H 212 -59.01 37.31 -52.33
C LYS H 212 -60.44 36.81 -52.38
N ALA H 213 -60.60 35.52 -52.66
CA ALA H 213 -61.94 34.92 -52.65
C ALA H 213 -62.61 35.03 -51.27
N PHE H 214 -61.84 34.78 -50.19
CA PHE H 214 -62.35 34.88 -48.82
C PHE H 214 -62.66 36.31 -48.35
N SER H 215 -62.07 37.30 -49.03
CA SER H 215 -62.15 38.69 -48.57
C SER H 215 -63.56 39.27 -48.59
N ASP H 216 -64.48 38.62 -49.31
CA ASP H 216 -65.91 39.00 -49.28
C ASP H 216 -66.59 38.66 -47.96
N TYR H 217 -65.97 37.75 -47.21
CA TYR H 217 -66.57 37.18 -45.99
C TYR H 217 -65.92 37.61 -44.70
N ALA H 218 -64.68 38.09 -44.80
CA ALA H 218 -63.86 38.36 -43.63
C ALA H 218 -62.97 39.57 -43.83
N GLU H 219 -62.92 40.40 -42.79
CA GLU H 219 -62.09 41.59 -42.72
C GLU H 219 -60.60 41.28 -42.55
N ILE H 220 -60.28 40.28 -41.71
CA ILE H 220 -58.89 39.88 -41.46
C ILE H 220 -58.76 38.39 -41.67
N ILE H 221 -57.79 37.99 -42.48
CA ILE H 221 -57.63 36.59 -42.85
C ILE H 221 -56.25 36.18 -42.43
N VAL H 222 -56.17 35.12 -41.60
CA VAL H 222 -54.90 34.48 -41.30
C VAL H 222 -54.82 33.21 -42.11
N MET H 223 -53.79 33.13 -42.94
CA MET H 223 -53.57 31.97 -43.80
C MET H 223 -52.33 31.21 -43.34
N LYS H 224 -52.56 30.15 -42.58
CA LYS H 224 -51.47 29.34 -42.06
C LYS H 224 -50.85 28.50 -43.16
N LEU H 225 -49.57 28.21 -43.02
CA LEU H 225 -48.87 27.54 -44.12
C LEU H 225 -48.14 26.28 -43.67
N GLY H 226 -48.33 25.87 -42.42
CA GLY H 226 -47.64 24.71 -41.89
C GLY H 226 -46.30 25.15 -41.36
N PRO H 227 -45.25 24.32 -41.53
CA PRO H 227 -43.93 24.68 -41.00
C PRO H 227 -43.38 26.04 -41.44
N LYS H 228 -43.75 26.45 -42.67
CA LYS H 228 -43.29 27.68 -43.29
C LYS H 228 -43.78 28.97 -42.63
N GLY H 229 -44.82 28.88 -41.81
CA GLY H 229 -45.33 30.05 -41.13
C GLY H 229 -46.74 30.39 -41.53
N ALA H 230 -47.02 31.67 -41.69
CA ALA H 230 -48.39 32.11 -41.95
C ALA H 230 -48.35 33.46 -42.63
N ILE H 231 -49.48 33.81 -43.27
CA ILE H 231 -49.64 35.11 -43.90
C ILE H 231 -50.90 35.75 -43.35
N VAL H 232 -50.85 37.04 -43.02
CA VAL H 232 -52.07 37.80 -42.68
C VAL H 232 -52.47 38.75 -43.81
N TYR H 233 -53.74 38.69 -44.20
CA TYR H 233 -54.31 39.63 -45.17
C TYR H 233 -55.32 40.54 -44.50
N TYR H 234 -55.05 41.84 -44.58
CA TYR H 234 -55.88 42.89 -44.00
C TYR H 234 -55.65 44.16 -44.83
N ASP H 235 -56.64 45.06 -44.87
CA ASP H 235 -56.49 46.38 -45.52
C ASP H 235 -55.87 46.35 -46.94
N GLY H 236 -56.22 45.32 -47.71
CA GLY H 236 -55.68 45.14 -49.06
C GLY H 236 -54.22 44.70 -49.06
N LYS H 237 -53.62 44.61 -47.88
CA LYS H 237 -52.20 44.26 -47.72
C LYS H 237 -52.02 42.79 -47.36
N LYS H 238 -50.86 42.25 -47.70
CA LYS H 238 -50.48 40.92 -47.23
C LYS H 238 -49.17 40.97 -46.48
N TYR H 239 -49.10 40.23 -45.37
CA TYR H 239 -47.87 40.11 -44.60
C TYR H 239 -47.53 38.66 -44.24
N TYR H 240 -46.37 38.21 -44.73
CA TYR H 240 -45.83 36.90 -44.46
C TYR H 240 -44.86 36.91 -43.28
N SER H 241 -45.14 36.05 -42.30
CA SER H 241 -44.29 35.83 -41.11
C SER H 241 -43.79 34.39 -41.14
N SER H 242 -42.48 34.19 -41.32
CA SER H 242 -41.96 32.84 -41.48
C SER H 242 -41.90 32.02 -40.18
N GLY H 243 -41.90 30.70 -40.33
CA GLY H 243 -41.76 29.78 -39.21
C GLY H 243 -40.33 29.66 -38.73
N TYR H 244 -40.14 28.91 -37.66
CA TYR H 244 -38.82 28.64 -37.09
C TYR H 244 -38.57 27.13 -37.14
N GLN H 245 -37.32 26.73 -37.32
CA GLN H 245 -36.97 25.31 -37.33
C GLN H 245 -36.69 24.89 -35.90
N VAL H 246 -37.53 24.01 -35.38
CA VAL H 246 -37.39 23.49 -34.02
C VAL H 246 -37.67 21.98 -34.03
N PRO H 247 -37.22 21.28 -32.97
CA PRO H 247 -37.49 19.84 -32.89
C PRO H 247 -38.97 19.64 -32.63
N VAL H 248 -39.56 18.67 -33.32
CA VAL H 248 -41.01 18.56 -33.35
C VAL H 248 -41.42 17.34 -32.55
N GLU H 249 -42.12 17.58 -31.44
CA GLU H 249 -42.66 16.45 -30.66
C GLU H 249 -44.07 16.13 -31.13
N ASP H 250 -44.93 17.15 -31.21
CA ASP H 250 -46.31 16.99 -31.65
C ASP H 250 -46.88 18.31 -32.18
N VAL H 251 -47.16 18.37 -33.49
CA VAL H 251 -47.73 19.59 -34.08
C VAL H 251 -49.20 19.88 -33.68
N THR H 252 -49.88 18.89 -33.10
CA THR H 252 -51.30 19.05 -32.74
C THR H 252 -51.46 20.26 -31.81
N GLY H 253 -52.38 21.16 -32.14
CA GLY H 253 -52.64 22.32 -31.29
C GLY H 253 -51.95 23.59 -31.78
N ALA H 254 -50.97 23.44 -32.68
CA ALA H 254 -50.16 24.56 -33.16
C ALA H 254 -51.02 25.62 -33.87
N GLY H 255 -51.99 25.18 -34.65
CA GLY H 255 -52.89 26.10 -35.35
C GLY H 255 -53.70 26.96 -34.40
N ASP H 256 -54.15 26.37 -33.28
CA ASP H 256 -54.93 27.11 -32.29
C ASP H 256 -54.04 28.04 -31.48
N ALA H 257 -52.78 27.64 -31.29
CA ALA H 257 -51.83 28.48 -30.57
C ALA H 257 -51.57 29.76 -31.37
N LEU H 258 -51.39 29.64 -32.68
CA LEU H 258 -51.25 30.82 -33.52
C LEU H 258 -52.56 31.65 -33.53
N GLY H 259 -53.68 30.98 -33.87
CA GLY H 259 -54.99 31.63 -33.92
C GLY H 259 -55.33 32.46 -32.69
N GLY H 260 -55.36 31.81 -31.51
CA GLY H 260 -55.78 32.47 -30.26
C GLY H 260 -54.86 33.57 -29.73
N THR H 261 -53.55 33.41 -29.95
CA THR H 261 -52.55 34.42 -29.60
C THR H 261 -52.68 35.64 -30.50
N PHE H 262 -52.70 35.43 -31.82
CA PHE H 262 -52.89 36.51 -32.77
C PHE H 262 -54.12 37.35 -32.39
N LEU H 263 -55.28 36.70 -32.21
CA LEU H 263 -56.50 37.39 -31.79
C LEU H 263 -56.37 38.22 -30.52
N SER H 264 -55.77 37.63 -29.47
CA SER H 264 -55.61 38.30 -28.20
C SER H 264 -54.69 39.51 -28.31
N LEU H 265 -53.68 39.41 -29.16
CA LEU H 265 -52.76 40.52 -29.32
C LEU H 265 -53.39 41.66 -30.12
N TYR H 266 -54.26 41.33 -31.07
CA TYR H 266 -55.09 42.34 -31.71
C TYR H 266 -55.81 43.19 -30.64
N TYR H 267 -56.50 42.54 -29.71
CA TYR H 267 -57.26 43.26 -28.67
C TYR H 267 -56.39 43.95 -27.62
N LYS H 268 -55.12 43.54 -27.55
CA LYS H 268 -54.14 44.20 -26.70
C LYS H 268 -53.63 45.48 -27.36
N GLY H 269 -54.01 45.70 -28.61
CA GLY H 269 -53.65 46.91 -29.31
C GLY H 269 -52.36 46.80 -30.09
N PHE H 270 -51.90 45.57 -30.32
CA PHE H 270 -50.74 45.32 -31.14
C PHE H 270 -50.98 45.70 -32.59
N GLU H 271 -49.97 46.27 -33.23
CA GLU H 271 -49.99 46.45 -34.67
C GLU H 271 -50.12 45.05 -35.30
N MET H 272 -50.83 44.98 -36.43
CA MET H 272 -51.27 43.71 -37.03
C MET H 272 -50.18 42.71 -37.38
N GLU H 273 -49.10 43.19 -37.98
CA GLU H 273 -48.01 42.34 -38.47
C GLU H 273 -47.17 41.78 -37.32
N LYS H 274 -47.04 42.60 -36.28
CA LYS H 274 -46.34 42.24 -35.06
C LYS H 274 -47.18 41.22 -34.28
N ALA H 275 -48.48 41.40 -34.25
CA ALA H 275 -49.39 40.43 -33.65
C ALA H 275 -49.14 39.05 -34.27
N LEU H 276 -49.01 39.01 -35.59
CA LEU H 276 -48.74 37.76 -36.30
C LEU H 276 -47.36 37.18 -35.98
N ASP H 277 -46.33 38.02 -35.90
CA ASP H 277 -44.99 37.55 -35.59
C ASP H 277 -44.96 36.81 -34.25
N TYR H 278 -45.71 37.36 -33.28
CA TYR H 278 -45.75 36.85 -31.91
C TYR H 278 -46.51 35.54 -31.89
N ALA H 279 -47.63 35.50 -32.61
CA ALA H 279 -48.47 34.31 -32.72
C ALA H 279 -47.66 33.10 -33.25
N ILE H 280 -46.84 33.33 -34.25
CA ILE H 280 -45.90 32.35 -34.80
C ILE H 280 -44.97 31.79 -33.72
N VAL H 281 -44.50 32.64 -32.81
CA VAL H 281 -43.71 32.15 -31.67
C VAL H 281 -44.49 31.15 -30.82
N ALA H 282 -45.76 31.47 -30.54
CA ALA H 282 -46.65 30.57 -29.78
C ALA H 282 -46.87 29.19 -30.46
N SER H 283 -47.07 29.19 -31.76
CA SER H 283 -47.25 27.94 -32.50
C SER H 283 -45.94 27.15 -32.63
N THR H 284 -44.84 27.88 -32.81
CA THR H 284 -43.49 27.32 -32.76
C THR H 284 -43.23 26.50 -31.46
N LEU H 285 -43.44 27.14 -30.31
CA LEU H 285 -43.30 26.48 -29.03
C LEU H 285 -44.21 25.27 -28.89
N ASN H 286 -45.41 25.38 -29.47
CA ASN H 286 -46.43 24.37 -29.35
C ASN H 286 -45.98 23.01 -29.90
N VAL H 287 -45.28 23.02 -31.04
CA VAL H 287 -44.96 21.78 -31.75
C VAL H 287 -43.92 20.96 -31.00
N MET H 288 -43.36 21.55 -29.95
CA MET H 288 -42.15 21.06 -29.31
C MET H 288 -42.45 20.12 -28.15
N ILE H 289 -43.72 20.06 -27.76
CA ILE H 289 -44.17 19.15 -26.71
C ILE H 289 -45.46 18.45 -27.10
N ARG H 290 -45.71 17.34 -26.41
CA ARG H 290 -47.00 16.68 -26.28
C ARG H 290 -47.92 17.52 -25.36
N GLY H 291 -49.13 17.84 -25.81
CA GLY H 291 -50.02 18.73 -25.06
C GLY H 291 -50.27 20.01 -25.84
N ASP H 292 -51.54 20.30 -26.13
CA ASP H 292 -51.92 21.45 -26.96
C ASP H 292 -51.80 22.76 -26.17
N GLN H 293 -51.87 22.63 -24.84
CA GLN H 293 -51.95 23.81 -24.00
C GLN H 293 -50.73 24.08 -23.12
N GLU H 294 -49.99 23.04 -22.73
CA GLU H 294 -49.07 23.19 -21.60
C GLU H 294 -47.91 24.18 -21.79
N ASN H 295 -47.57 24.55 -23.02
CA ASN H 295 -46.50 25.53 -23.19
C ASN H 295 -46.90 26.73 -24.03
N LEU H 296 -48.19 27.05 -23.97
CA LEU H 296 -48.70 28.31 -24.50
C LEU H 296 -48.00 29.45 -23.73
N PRO H 297 -47.27 30.33 -24.45
CA PRO H 297 -46.49 31.40 -23.81
C PRO H 297 -47.27 32.65 -23.47
N THR H 298 -46.87 33.31 -22.39
CA THR H 298 -47.32 34.68 -22.10
C THR H 298 -46.58 35.65 -23.03
N THR H 299 -47.05 36.90 -23.10
CA THR H 299 -46.41 37.89 -23.99
C THR H 299 -44.94 38.07 -23.66
N LYS H 300 -44.64 38.12 -22.36
CA LYS H 300 -43.25 38.16 -21.88
C LYS H 300 -42.41 36.98 -22.36
N ASP H 301 -43.00 35.79 -22.36
CA ASP H 301 -42.28 34.58 -22.83
C ASP H 301 -41.95 34.65 -24.29
N ILE H 302 -42.92 35.08 -25.08
CA ILE H 302 -42.72 35.35 -26.51
C ILE H 302 -41.57 36.35 -26.76
N GLU H 303 -41.57 37.43 -25.98
CA GLU H 303 -40.51 38.43 -26.05
C GLU H 303 -39.14 37.90 -25.66
N THR H 304 -39.06 37.06 -24.64
CA THR H 304 -37.80 36.35 -24.29
C THR H 304 -37.31 35.50 -25.47
N PHE H 305 -38.20 34.68 -26.03
CA PHE H 305 -37.90 33.93 -27.25
C PHE H 305 -37.42 34.88 -28.39
N LEU H 306 -38.16 35.96 -28.64
CA LEU H 306 -37.79 36.91 -29.72
C LEU H 306 -36.41 37.58 -29.52
N ARG H 307 -36.05 37.83 -28.27
CA ARG H 307 -34.79 38.45 -27.91
C ARG H 307 -33.61 37.51 -28.20
N GLU H 308 -33.84 36.20 -28.15
CA GLU H 308 -32.78 35.23 -28.42
C GLU H 308 -32.85 34.70 -29.82
N MET H 309 -34.03 34.18 -30.17
CA MET H 309 -34.24 33.52 -31.45
C MET H 309 -34.24 34.54 -32.58
N ALA I 2 -12.81 -2.54 11.82
CA ALA I 2 -12.41 -3.87 11.28
C ALA I 2 -12.57 -3.94 9.76
N LYS I 3 -11.81 -4.83 9.13
CA LYS I 3 -11.86 -5.00 7.67
C LYS I 3 -12.42 -6.36 7.23
N LEU I 4 -13.48 -6.29 6.43
CA LEU I 4 -13.99 -7.48 5.76
C LEU I 4 -13.45 -7.56 4.34
N ILE I 5 -12.91 -8.70 3.97
CA ILE I 5 -12.63 -8.95 2.57
C ILE I 5 -13.52 -10.08 2.05
N THR I 6 -14.12 -9.84 0.89
CA THR I 6 -14.98 -10.82 0.23
C THR I 6 -14.38 -11.28 -1.12
N LEU I 7 -14.64 -12.54 -1.50
CA LEU I 7 -14.32 -13.05 -2.82
C LEU I 7 -15.61 -13.55 -3.50
N GLY I 8 -15.87 -13.08 -4.72
CA GLY I 8 -17.05 -13.52 -5.43
C GLY I 8 -17.31 -12.79 -6.73
N GLU I 9 -18.50 -13.01 -7.28
CA GLU I 9 -18.84 -12.43 -8.56
C GLU I 9 -19.82 -11.30 -8.38
N ILE I 10 -19.39 -10.09 -8.78
CA ILE I 10 -20.27 -8.93 -8.87
C ILE I 10 -21.10 -9.08 -10.13
N LEU I 11 -22.41 -8.87 -10.02
CA LEU I 11 -23.29 -8.95 -11.19
C LEU I 11 -24.08 -7.67 -11.37
N ILE I 12 -24.37 -7.32 -12.61
CA ILE I 12 -25.36 -6.29 -12.89
C ILE I 12 -26.73 -6.96 -12.96
N GLU I 13 -27.66 -6.39 -12.22
CA GLU I 13 -29.03 -6.89 -12.06
C GLU I 13 -29.96 -6.09 -12.96
N PHE I 14 -30.81 -6.82 -13.69
CA PHE I 14 -31.91 -6.23 -14.46
C PHE I 14 -33.26 -6.65 -13.91
N ASN I 15 -33.87 -5.74 -13.17
CA ASN I 15 -34.99 -6.05 -12.32
C ASN I 15 -36.27 -5.64 -13.02
N ALA I 16 -37.16 -6.61 -13.22
CA ALA I 16 -38.42 -6.34 -13.90
C ALA I 16 -39.22 -5.25 -13.20
N LEU I 17 -39.61 -4.25 -13.97
CA LEU I 17 -40.38 -3.12 -13.46
C LEU I 17 -41.83 -3.47 -13.13
N SER I 18 -42.34 -4.55 -13.69
CA SER I 18 -43.62 -5.09 -13.24
C SER I 18 -43.51 -6.59 -12.90
N PRO I 19 -44.44 -7.11 -12.06
CA PRO I 19 -44.45 -8.53 -11.74
C PRO I 19 -44.96 -9.36 -12.92
N GLY I 20 -44.78 -10.66 -12.87
CA GLY I 20 -45.29 -11.51 -13.94
C GLY I 20 -44.17 -12.07 -14.80
N PRO I 21 -44.53 -12.94 -15.77
CA PRO I 21 -43.53 -13.63 -16.58
C PRO I 21 -42.82 -12.67 -17.49
N LEU I 22 -41.52 -12.84 -17.64
CA LEU I 22 -40.69 -11.90 -18.39
C LEU I 22 -41.10 -11.67 -19.84
N ARG I 23 -41.75 -12.66 -20.47
CA ARG I 23 -42.24 -12.51 -21.84
C ARG I 23 -43.22 -11.34 -21.98
N HIS I 24 -43.84 -10.92 -20.88
CA HIS I 24 -44.75 -9.78 -20.96
C HIS I 24 -44.34 -8.54 -20.14
N VAL I 25 -43.10 -8.53 -19.66
CA VAL I 25 -42.51 -7.35 -18.99
C VAL I 25 -41.63 -6.64 -20.01
N SER I 26 -41.87 -5.34 -20.20
CA SER I 26 -41.11 -4.59 -21.20
C SER I 26 -40.02 -3.69 -20.64
N TYR I 27 -40.05 -3.46 -19.33
CA TYR I 27 -39.10 -2.50 -18.71
C TYR I 27 -38.27 -3.12 -17.60
N PHE I 28 -36.98 -2.80 -17.63
CA PHE I 28 -36.00 -3.34 -16.69
C PHE I 28 -35.20 -2.22 -16.08
N GLU I 29 -35.09 -2.30 -14.75
CA GLU I 29 -34.36 -1.35 -13.92
C GLU I 29 -33.01 -1.95 -13.50
N LYS I 30 -31.94 -1.25 -13.87
CA LYS I 30 -30.56 -1.69 -13.61
C LYS I 30 -30.07 -1.43 -12.19
N HIS I 31 -29.45 -2.46 -11.59
CA HIS I 31 -28.83 -2.37 -10.26
C HIS I 31 -27.48 -3.11 -10.20
N VAL I 32 -26.63 -2.66 -9.29
CA VAL I 32 -25.39 -3.39 -8.98
C VAL I 32 -25.65 -4.33 -7.81
N ALA I 33 -25.36 -5.61 -8.03
CA ALA I 33 -25.69 -6.65 -7.07
C ALA I 33 -24.60 -7.73 -7.11
N GLY I 34 -24.95 -9.00 -6.82
CA GLY I 34 -23.95 -10.03 -6.52
C GLY I 34 -23.74 -10.10 -5.01
N SER I 35 -23.82 -11.30 -4.44
CA SER I 35 -23.88 -11.50 -2.99
C SER I 35 -22.74 -10.85 -2.17
N GLU I 36 -21.50 -11.05 -2.58
CA GLU I 36 -20.32 -10.53 -1.87
C GLU I 36 -20.25 -9.02 -1.91
N ALA I 37 -20.63 -8.44 -3.05
CA ALA I 37 -20.79 -6.99 -3.19
C ALA I 37 -21.88 -6.49 -2.25
N ASN I 38 -22.99 -7.22 -2.13
CA ASN I 38 -24.05 -6.87 -1.17
C ASN I 38 -23.57 -6.86 0.27
N TYR I 39 -22.82 -7.90 0.65
CA TYR I 39 -22.14 -8.00 1.95
C TYR I 39 -21.22 -6.83 2.26
N CYS I 40 -20.38 -6.47 1.28
CA CYS I 40 -19.48 -5.33 1.38
C CYS I 40 -20.19 -4.05 1.74
N VAL I 41 -21.25 -3.74 1.01
CA VAL I 41 -21.99 -2.50 1.23
C VAL I 41 -22.69 -2.53 2.58
N ALA I 42 -23.29 -3.66 2.93
CA ALA I 42 -23.96 -3.80 4.25
C ALA I 42 -22.97 -3.67 5.40
N PHE I 43 -21.77 -4.24 5.25
CA PHE I 43 -20.70 -4.14 6.23
C PHE I 43 -20.21 -2.67 6.39
N ILE I 44 -19.97 -1.99 5.28
CA ILE I 44 -19.56 -0.60 5.34
C ILE I 44 -20.62 0.35 5.94
N LYS I 45 -21.91 0.04 5.74
CA LYS I 45 -22.99 0.88 6.28
C LYS I 45 -23.02 0.91 7.82
N GLN I 46 -22.36 -0.05 8.47
CA GLN I 46 -22.32 -0.08 9.94
C GLN I 46 -21.03 0.53 10.48
N GLY I 47 -20.20 1.06 9.59
CA GLY I 47 -19.03 1.85 9.98
C GLY I 47 -17.70 1.12 10.08
N ASN I 48 -17.58 -0.03 9.43
CA ASN I 48 -16.29 -0.74 9.34
C ASN I 48 -15.74 -0.61 7.92
N GLU I 49 -14.58 -1.19 7.62
CA GLU I 49 -14.05 -1.11 6.25
C GLU I 49 -14.16 -2.44 5.52
N CYS I 50 -14.03 -2.41 4.19
CA CYS I 50 -14.11 -3.64 3.40
C CYS I 50 -13.54 -3.47 2.01
N GLY I 51 -13.14 -4.59 1.43
CA GLY I 51 -12.70 -4.68 0.05
C GLY I 51 -13.30 -5.92 -0.60
N ILE I 52 -13.30 -5.93 -1.92
CA ILE I 52 -13.75 -7.10 -2.67
C ILE I 52 -12.66 -7.63 -3.61
N ILE I 53 -12.47 -8.94 -3.60
CA ILE I 53 -11.69 -9.60 -4.64
C ILE I 53 -12.62 -10.21 -5.69
N ALA I 54 -12.63 -9.60 -6.88
CA ALA I 54 -13.55 -9.94 -7.95
C ALA I 54 -12.99 -9.44 -9.25
N LYS I 55 -13.40 -10.08 -10.33
CA LYS I 55 -12.97 -9.74 -11.67
C LYS I 55 -14.22 -9.34 -12.47
N VAL I 56 -14.16 -8.19 -13.13
CA VAL I 56 -15.22 -7.74 -14.03
C VAL I 56 -14.70 -7.54 -15.47
N GLY I 57 -15.60 -7.38 -16.42
CA GLY I 57 -15.20 -7.18 -17.82
C GLY I 57 -14.72 -5.76 -18.09
N ASP I 58 -13.97 -5.62 -19.18
CA ASP I 58 -13.55 -4.32 -19.71
C ASP I 58 -14.72 -3.78 -20.51
N ASP I 59 -15.79 -3.41 -19.81
CA ASP I 59 -17.05 -3.05 -20.45
C ASP I 59 -17.85 -2.09 -19.55
N GLU I 60 -18.96 -1.56 -20.07
CA GLU I 60 -19.72 -0.57 -19.30
C GLU I 60 -20.21 -1.13 -17.98
N PHE I 61 -20.73 -2.37 -18.01
CA PHE I 61 -21.21 -3.01 -16.79
C PHE I 61 -20.11 -3.19 -15.74
N GLY I 62 -18.89 -3.54 -16.19
CA GLY I 62 -17.73 -3.66 -15.31
C GLY I 62 -17.39 -2.34 -14.63
N TYR I 63 -17.31 -1.29 -15.43
CA TYR I 63 -17.02 0.04 -14.89
C TYR I 63 -18.16 0.56 -14.00
N ASN I 64 -19.39 0.18 -14.34
CA ASN I 64 -20.55 0.42 -13.49
C ASN I 64 -20.34 -0.15 -12.09
N ALA I 65 -20.02 -1.45 -12.03
CA ALA I 65 -19.70 -2.16 -10.79
C ALA I 65 -18.63 -1.44 -9.97
N ILE I 66 -17.54 -1.06 -10.63
CA ILE I 66 -16.41 -0.39 -9.96
C ILE I 66 -16.82 0.95 -9.36
N GLU I 67 -17.44 1.82 -10.15
CA GLU I 67 -17.84 3.16 -9.70
C GLU I 67 -18.84 3.11 -8.54
N TRP I 68 -19.85 2.25 -8.68
CA TRP I 68 -20.85 2.08 -7.63
C TRP I 68 -20.20 1.67 -6.30
N LEU I 69 -19.35 0.64 -6.33
CA LEU I 69 -18.74 0.13 -5.09
C LEU I 69 -17.75 1.13 -4.50
N ARG I 70 -16.94 1.72 -5.37
CA ARG I 70 -16.05 2.81 -5.00
C ARG I 70 -16.80 3.95 -4.30
N GLY I 71 -17.94 4.33 -4.87
CA GLY I 71 -18.80 5.40 -4.34
C GLY I 71 -19.34 5.09 -2.96
N GLN I 72 -19.59 3.80 -2.72
CA GLN I 72 -20.07 3.29 -1.44
C GLN I 72 -18.96 3.18 -0.37
N GLY I 73 -17.71 3.32 -0.80
CA GLY I 73 -16.58 3.33 0.11
C GLY I 73 -15.89 1.99 0.17
N VAL I 74 -16.26 1.07 -0.72
CA VAL I 74 -15.61 -0.23 -0.81
C VAL I 74 -14.25 -0.07 -1.48
N ASP I 75 -13.22 -0.69 -0.89
CA ASP I 75 -11.91 -0.78 -1.53
C ASP I 75 -11.99 -1.65 -2.80
N VAL I 76 -11.81 -1.01 -3.96
CA VAL I 76 -11.89 -1.70 -5.26
C VAL I 76 -10.49 -1.91 -5.90
N SER I 77 -9.42 -1.59 -5.15
CA SER I 77 -8.06 -1.62 -5.71
C SER I 77 -7.57 -3.04 -6.02
N HIS I 78 -8.25 -4.03 -5.46
CA HIS I 78 -7.84 -5.45 -5.63
C HIS I 78 -8.77 -6.24 -6.54
N MET I 79 -9.62 -5.50 -7.25
CA MET I 79 -10.45 -6.02 -8.31
C MET I 79 -9.62 -6.14 -9.58
N LYS I 80 -10.02 -7.04 -10.47
CA LYS I 80 -9.34 -7.19 -11.76
C LYS I 80 -10.30 -6.86 -12.89
N ILE I 81 -9.77 -6.27 -13.96
CA ILE I 81 -10.50 -6.09 -15.21
C ILE I 81 -10.02 -7.12 -16.23
N ASP I 82 -10.94 -7.92 -16.72
CA ASP I 82 -10.66 -8.97 -17.71
C ASP I 82 -10.98 -8.47 -19.13
N PRO I 83 -9.98 -8.40 -20.01
CA PRO I 83 -10.29 -7.83 -21.34
C PRO I 83 -11.04 -8.80 -22.25
N SER I 84 -10.96 -10.10 -21.97
CA SER I 84 -11.63 -11.06 -22.84
C SER I 84 -13.11 -11.27 -22.50
N ALA I 85 -13.43 -11.55 -21.25
CA ALA I 85 -14.79 -11.94 -20.89
C ALA I 85 -15.67 -10.78 -20.41
N PRO I 86 -17.01 -10.90 -20.60
CA PRO I 86 -17.92 -9.84 -20.18
C PRO I 86 -18.30 -9.92 -18.71
N THR I 87 -18.71 -8.79 -18.13
CA THR I 87 -19.27 -8.80 -16.79
C THR I 87 -20.57 -9.61 -16.79
N GLY I 88 -20.75 -10.42 -15.75
CA GLY I 88 -21.91 -11.30 -15.65
C GLY I 88 -23.13 -10.48 -15.31
N ILE I 89 -24.28 -10.95 -15.78
CA ILE I 89 -25.52 -10.24 -15.54
C ILE I 89 -26.62 -11.21 -15.17
N PHE I 90 -27.70 -10.68 -14.62
CA PHE I 90 -28.89 -11.49 -14.39
C PHE I 90 -30.16 -10.64 -14.38
N PHE I 91 -31.28 -11.29 -14.71
CA PHE I 91 -32.59 -10.65 -14.77
C PHE I 91 -33.39 -11.17 -13.60
N ILE I 92 -34.29 -10.35 -13.06
CA ILE I 92 -35.18 -10.83 -12.01
C ILE I 92 -36.64 -10.76 -12.45
N GLN I 93 -37.29 -11.92 -12.37
CA GLN I 93 -38.71 -12.02 -12.59
C GLN I 93 -39.35 -12.06 -11.20
N ARG I 94 -40.34 -11.19 -10.95
CA ARG I 94 -40.84 -10.98 -9.59
C ARG I 94 -42.28 -11.42 -9.40
N HIS I 95 -42.54 -12.11 -8.31
CA HIS I 95 -43.87 -12.52 -7.88
C HIS I 95 -44.60 -13.44 -8.86
N TYR I 96 -43.85 -14.11 -9.73
CA TYR I 96 -44.49 -15.00 -10.68
C TYR I 96 -43.55 -16.17 -10.96
N PRO I 97 -44.06 -17.43 -10.86
CA PRO I 97 -45.43 -17.80 -10.55
C PRO I 97 -45.77 -17.83 -9.04
N VAL I 98 -44.80 -17.51 -8.19
CA VAL I 98 -45.03 -17.53 -6.75
C VAL I 98 -45.04 -16.10 -6.17
N PRO I 99 -46.20 -15.65 -5.63
CA PRO I 99 -46.26 -14.33 -5.00
C PRO I 99 -45.18 -14.16 -3.94
N LEU I 100 -44.70 -12.94 -3.75
CA LEU I 100 -43.73 -12.63 -2.69
C LEU I 100 -42.32 -13.18 -2.91
N LYS I 101 -42.15 -14.02 -3.93
CA LYS I 101 -40.82 -14.54 -4.25
C LYS I 101 -40.31 -13.99 -5.58
N SER I 102 -39.03 -14.19 -5.84
CA SER I 102 -38.41 -13.71 -7.07
C SER I 102 -37.54 -14.80 -7.68
N GLU I 103 -37.35 -14.75 -9.00
CA GLU I 103 -36.45 -15.68 -9.68
C GLU I 103 -35.35 -14.92 -10.41
N SER I 104 -34.12 -15.41 -10.28
CA SER I 104 -32.98 -14.86 -11.00
C SER I 104 -32.71 -15.68 -12.27
N ILE I 105 -32.52 -14.98 -13.39
CA ILE I 105 -32.25 -15.62 -14.68
C ILE I 105 -30.85 -15.19 -15.10
N TYR I 106 -29.88 -16.11 -15.02
CA TYR I 106 -28.48 -15.73 -15.17
C TYR I 106 -27.98 -15.69 -16.59
N TYR I 107 -27.10 -14.72 -16.85
CA TYR I 107 -26.33 -14.65 -18.08
C TYR I 107 -24.89 -14.41 -17.65
N ARG I 108 -24.27 -15.48 -17.11
CA ARG I 108 -23.01 -15.36 -16.37
C ARG I 108 -21.96 -16.42 -16.77
N LYS I 109 -22.33 -17.42 -17.57
CA LYS I 109 -21.35 -18.46 -17.97
C LYS I 109 -20.22 -17.84 -18.80
N GLY I 110 -18.99 -18.27 -18.53
CA GLY I 110 -17.83 -17.72 -19.19
C GLY I 110 -17.63 -16.24 -18.90
N SER I 111 -18.30 -15.71 -17.87
CA SER I 111 -18.13 -14.30 -17.52
C SER I 111 -16.72 -14.00 -16.97
N ALA I 112 -16.38 -12.72 -16.95
CA ALA I 112 -15.17 -12.25 -16.28
C ALA I 112 -15.16 -12.65 -14.81
N GLY I 113 -16.30 -12.51 -14.13
CA GLY I 113 -16.36 -12.93 -12.72
C GLY I 113 -15.99 -14.38 -12.44
N SER I 114 -16.32 -15.27 -13.37
CA SER I 114 -16.10 -16.72 -13.23
C SER I 114 -14.63 -17.05 -13.45
N LYS I 115 -13.87 -16.07 -13.98
CA LYS I 115 -12.45 -16.22 -14.31
C LYS I 115 -11.54 -15.82 -13.14
N LEU I 116 -12.17 -15.37 -12.04
CA LEU I 116 -11.50 -15.18 -10.76
C LEU I 116 -10.71 -16.46 -10.42
N SER I 117 -9.43 -16.28 -10.12
CA SER I 117 -8.52 -17.41 -9.86
C SER I 117 -7.60 -17.13 -8.67
N PRO I 118 -6.87 -18.17 -8.20
CA PRO I 118 -5.90 -18.04 -7.12
C PRO I 118 -4.86 -16.92 -7.33
N GLU I 119 -4.42 -16.72 -8.57
N GLU I 119 -4.43 -16.73 -8.58
CA GLU I 119 -3.44 -15.65 -8.87
CA GLU I 119 -3.47 -15.68 -8.92
C GLU I 119 -3.98 -14.26 -8.53
C GLU I 119 -4.00 -14.25 -8.75
N ASP I 120 -5.32 -14.13 -8.51
CA ASP I 120 -5.97 -12.85 -8.22
C ASP I 120 -6.03 -12.58 -6.70
N VAL I 121 -5.70 -13.60 -5.91
CA VAL I 121 -5.73 -13.52 -4.46
C VAL I 121 -4.32 -13.25 -3.93
N ASP I 122 -4.10 -12.01 -3.47
CA ASP I 122 -2.79 -11.56 -2.96
C ASP I 122 -2.70 -11.82 -1.46
N GLU I 123 -1.68 -12.57 -1.04
CA GLU I 123 -1.51 -12.99 0.35
C GLU I 123 -1.51 -11.83 1.36
N GLU I 124 -0.67 -10.84 1.07
CA GLU I 124 -0.54 -9.65 1.91
C GLU I 124 -1.89 -8.94 2.11
N TYR I 125 -2.66 -8.77 1.03
CA TYR I 125 -3.96 -8.13 1.14
C TYR I 125 -4.93 -8.93 2.02
N VAL I 126 -5.02 -10.24 1.79
CA VAL I 126 -5.88 -11.12 2.59
C VAL I 126 -5.52 -11.09 4.09
N LYS I 127 -4.21 -11.15 4.39
CA LYS I 127 -3.69 -11.10 5.77
C LYS I 127 -4.09 -9.82 6.50
N SER I 128 -4.45 -8.78 5.75
CA SER I 128 -4.83 -7.51 6.36
C SER I 128 -6.31 -7.44 6.81
N ALA I 129 -7.11 -8.45 6.50
CA ALA I 129 -8.50 -8.48 6.92
C ALA I 129 -8.64 -9.10 8.30
N ASP I 130 -9.68 -8.66 9.02
CA ASP I 130 -10.09 -9.29 10.26
C ASP I 130 -10.97 -10.52 9.98
N LEU I 131 -11.75 -10.43 8.91
CA LEU I 131 -12.63 -11.49 8.48
C LEU I 131 -12.56 -11.60 6.96
N VAL I 132 -12.35 -12.82 6.47
CA VAL I 132 -12.37 -13.14 5.04
C VAL I 132 -13.60 -13.97 4.74
N HIS I 133 -14.38 -13.54 3.74
CA HIS I 133 -15.74 -14.08 3.52
C HIS I 133 -16.00 -14.49 2.05
N SER I 134 -16.74 -15.57 1.87
CA SER I 134 -17.20 -15.99 0.54
C SER I 134 -18.51 -16.79 0.62
N SER I 135 -18.94 -17.41 -0.49
CA SER I 135 -20.25 -18.05 -0.52
C SER I 135 -20.28 -19.28 -1.41
N GLY I 136 -21.36 -20.06 -1.33
CA GLY I 136 -21.57 -21.22 -2.19
C GLY I 136 -21.62 -20.84 -3.66
N ILE I 137 -21.98 -19.58 -3.94
CA ILE I 137 -22.05 -19.08 -5.31
C ILE I 137 -20.67 -19.06 -5.95
N THR I 138 -19.69 -18.56 -5.21
CA THR I 138 -18.32 -18.48 -5.68
C THR I 138 -17.71 -19.87 -5.88
N LEU I 139 -18.06 -20.83 -5.01
CA LEU I 139 -17.63 -22.23 -5.21
C LEU I 139 -18.22 -22.81 -6.49
N ALA I 140 -19.48 -22.43 -6.80
CA ALA I 140 -20.26 -23.02 -7.91
C ALA I 140 -19.92 -22.49 -9.29
N ILE I 141 -19.48 -21.23 -9.37
CA ILE I 141 -19.38 -20.56 -10.67
C ILE I 141 -18.27 -21.11 -11.59
N SER I 142 -17.19 -21.59 -11.01
CA SER I 142 -16.08 -22.18 -11.77
C SER I 142 -15.10 -22.89 -10.85
N SER I 143 -14.20 -23.71 -11.42
CA SER I 143 -13.07 -24.24 -10.65
C SER I 143 -12.14 -23.13 -10.20
N THR I 144 -11.80 -22.21 -11.11
CA THR I 144 -10.88 -21.13 -10.74
C THR I 144 -11.38 -20.34 -9.55
N ALA I 145 -12.67 -20.04 -9.50
CA ALA I 145 -13.19 -19.23 -8.38
C ALA I 145 -13.26 -20.02 -7.07
N LYS I 146 -13.62 -21.30 -7.17
CA LYS I 146 -13.54 -22.21 -6.03
C LYS I 146 -12.12 -22.24 -5.48
N GLU I 147 -11.15 -22.41 -6.39
CA GLU I 147 -9.75 -22.46 -6.01
C GLU I 147 -9.27 -21.14 -5.40
N ALA I 148 -9.83 -20.02 -5.88
CA ALA I 148 -9.57 -18.72 -5.27
C ALA I 148 -10.05 -18.66 -3.82
N VAL I 149 -11.21 -19.27 -3.53
CA VAL I 149 -11.73 -19.30 -2.15
C VAL I 149 -10.83 -20.16 -1.26
N TYR I 150 -10.36 -21.29 -1.78
CA TYR I 150 -9.47 -22.19 -1.02
C TYR I 150 -8.20 -21.46 -0.61
N LYS I 151 -7.57 -20.77 -1.57
CA LYS I 151 -6.39 -19.97 -1.31
C LYS I 151 -6.64 -18.88 -0.24
N ALA I 152 -7.66 -18.06 -0.45
CA ALA I 152 -8.02 -17.03 0.55
C ALA I 152 -8.21 -17.64 1.94
N PHE I 153 -8.90 -18.77 2.00
CA PHE I 153 -9.20 -19.42 3.27
C PHE I 153 -8.00 -20.10 3.93
N GLU I 154 -7.01 -20.50 3.10
N GLU I 154 -7.00 -20.51 3.13
CA GLU I 154 -5.75 -21.06 3.59
CA GLU I 154 -5.76 -21.06 3.69
C GLU I 154 -4.94 -19.98 4.30
C GLU I 154 -4.96 -19.95 4.35
N ILE I 155 -4.93 -18.77 3.73
CA ILE I 155 -4.24 -17.58 4.31
C ILE I 155 -5.00 -16.93 5.47
N ALA I 156 -6.34 -16.90 5.41
CA ALA I 156 -7.11 -16.12 6.39
C ALA I 156 -7.02 -16.66 7.83
N SER I 157 -6.92 -15.74 8.80
CA SER I 157 -7.01 -16.12 10.22
C SER I 157 -8.45 -16.50 10.57
N ASN I 158 -9.40 -15.63 10.21
CA ASN I 158 -10.82 -15.87 10.45
C ASN I 158 -11.63 -15.88 9.18
N ARG I 159 -12.54 -16.83 9.06
CA ARG I 159 -13.27 -17.06 7.83
C ARG I 159 -14.76 -17.01 8.07
N SER I 160 -15.45 -16.51 7.05
CA SER I 160 -16.91 -16.40 7.05
C SER I 160 -17.43 -17.00 5.75
N PHE I 161 -18.55 -17.70 5.81
CA PHE I 161 -19.10 -18.34 4.64
C PHE I 161 -20.62 -18.27 4.63
N ASP I 162 -21.17 -17.72 3.56
CA ASP I 162 -22.63 -17.76 3.34
C ASP I 162 -22.89 -18.89 2.37
N THR I 163 -23.78 -19.77 2.80
CA THR I 163 -23.99 -21.01 2.11
C THR I 163 -24.64 -20.79 0.69
N ASN I 164 -25.62 -19.88 0.61
CA ASN I 164 -26.08 -19.33 -0.67
C ASN I 164 -26.17 -20.35 -1.82
N ILE I 165 -26.94 -21.41 -1.58
CA ILE I 165 -27.12 -22.41 -2.62
C ILE I 165 -28.05 -21.95 -3.74
N ARG I 166 -27.55 -22.10 -4.96
CA ARG I 166 -28.30 -21.80 -6.17
C ARG I 166 -28.40 -23.09 -6.98
N LEU I 167 -29.60 -23.65 -7.05
CA LEU I 167 -29.78 -24.91 -7.78
C LEU I 167 -29.66 -24.76 -9.31
N LYS I 168 -29.68 -23.51 -9.79
CA LYS I 168 -29.45 -23.22 -11.20
C LYS I 168 -27.96 -23.24 -11.53
N LEU I 169 -27.12 -23.22 -10.50
CA LEU I 169 -25.66 -23.20 -10.68
C LEU I 169 -24.97 -24.56 -10.54
N TRP I 170 -25.54 -25.41 -9.69
CA TRP I 170 -25.04 -26.76 -9.46
C TRP I 170 -26.14 -27.62 -8.86
N SER I 171 -25.93 -28.94 -8.85
CA SER I 171 -26.92 -29.85 -8.27
C SER I 171 -26.91 -29.82 -6.73
N ALA I 172 -28.00 -30.24 -6.11
CA ALA I 172 -28.06 -30.36 -4.65
C ALA I 172 -26.90 -31.19 -4.11
N GLU I 173 -26.59 -32.29 -4.79
N GLU I 173 -26.58 -32.27 -4.81
CA GLU I 173 -25.56 -33.23 -4.31
CA GLU I 173 -25.60 -33.24 -4.34
C GLU I 173 -24.18 -32.61 -4.41
C GLU I 173 -24.15 -32.75 -4.50
N GLU I 174 -23.89 -31.97 -5.54
CA GLU I 174 -22.59 -31.31 -5.71
C GLU I 174 -22.44 -30.17 -4.68
N ALA I 175 -23.55 -29.45 -4.46
CA ALA I 175 -23.57 -28.37 -3.48
C ALA I 175 -23.24 -28.90 -2.08
N LYS I 176 -23.99 -29.92 -1.66
CA LYS I 176 -23.69 -30.67 -0.43
C LYS I 176 -22.22 -31.14 -0.39
N ARG I 177 -21.78 -31.82 -1.45
CA ARG I 177 -20.40 -32.31 -1.53
C ARG I 177 -19.37 -31.23 -1.30
N GLU I 178 -19.45 -30.16 -2.09
CA GLU I 178 -18.45 -29.09 -2.12
C GLU I 178 -18.49 -28.24 -0.89
N ILE I 179 -19.67 -28.00 -0.36
CA ILE I 179 -19.75 -27.23 0.87
C ILE I 179 -19.19 -28.03 2.06
N LEU I 180 -19.65 -29.26 2.23
CA LEU I 180 -19.09 -30.12 3.29
C LEU I 180 -17.58 -30.25 3.13
N LYS I 181 -17.10 -30.39 1.89
CA LYS I 181 -15.66 -30.43 1.66
C LYS I 181 -14.98 -29.18 2.18
N LEU I 182 -15.54 -28.01 1.90
CA LEU I 182 -14.95 -26.75 2.32
C LEU I 182 -14.91 -26.64 3.84
N LEU I 183 -16.04 -26.98 4.47
CA LEU I 183 -16.20 -26.85 5.92
C LEU I 183 -15.34 -27.83 6.70
N SER I 184 -15.02 -28.97 6.09
CA SER I 184 -14.09 -29.96 6.68
C SER I 184 -12.64 -29.50 6.69
N LYS I 185 -12.24 -28.78 5.64
N LYS I 185 -12.24 -28.78 5.64
CA LYS I 185 -10.88 -28.26 5.52
CA LYS I 185 -10.88 -28.27 5.55
C LYS I 185 -10.68 -26.99 6.35
C LYS I 185 -10.71 -27.02 6.42
N PHE I 186 -11.70 -26.14 6.40
CA PHE I 186 -11.60 -24.82 7.04
C PHE I 186 -12.64 -24.56 8.10
N HIS I 187 -12.19 -24.40 9.35
CA HIS I 187 -13.07 -24.03 10.43
C HIS I 187 -13.46 -22.55 10.26
N LEU I 188 -14.76 -22.30 10.39
CA LEU I 188 -15.29 -20.96 10.21
C LEU I 188 -15.56 -20.26 11.54
N LYS I 189 -15.39 -18.94 11.53
CA LYS I 189 -15.88 -18.10 12.63
C LYS I 189 -17.39 -17.91 12.48
N PHE I 190 -17.81 -17.65 11.24
CA PHE I 190 -19.23 -17.45 10.95
C PHE I 190 -19.73 -18.37 9.85
N LEU I 191 -20.82 -19.06 10.12
CA LEU I 191 -21.57 -19.72 9.07
C LEU I 191 -22.92 -19.04 8.94
N ILE I 192 -23.22 -18.53 7.74
CA ILE I 192 -24.51 -17.91 7.49
C ILE I 192 -25.24 -18.78 6.49
N THR I 193 -26.42 -19.23 6.90
CA THR I 193 -27.10 -20.23 6.14
C THR I 193 -28.60 -20.11 6.37
N ASP I 194 -29.35 -21.12 5.97
CA ASP I 194 -30.74 -21.17 6.31
C ASP I 194 -31.20 -22.61 6.31
N THR I 195 -32.50 -22.74 6.38
CA THR I 195 -33.16 -23.98 6.62
C THR I 195 -33.26 -24.81 5.30
N ASP I 196 -33.43 -24.11 4.18
CA ASP I 196 -33.41 -24.78 2.86
C ASP I 196 -32.02 -25.39 2.59
N ASP I 197 -30.97 -24.62 2.86
CA ASP I 197 -29.61 -25.09 2.61
C ASP I 197 -29.17 -26.17 3.61
N SER I 198 -29.67 -26.07 4.84
CA SER I 198 -29.45 -27.07 5.86
C SER I 198 -30.05 -28.41 5.43
N LYS I 199 -31.26 -28.36 4.88
CA LYS I 199 -31.92 -29.54 4.36
C LYS I 199 -31.07 -30.20 3.27
N ILE I 200 -30.52 -29.41 2.37
CA ILE I 200 -29.69 -29.90 1.26
C ILE I 200 -28.36 -30.46 1.75
N ILE I 201 -27.67 -29.71 2.61
CA ILE I 201 -26.33 -30.05 3.08
C ILE I 201 -26.31 -31.21 4.10
N LEU I 202 -27.25 -31.19 5.04
CA LEU I 202 -27.21 -32.14 6.15
C LEU I 202 -28.39 -33.08 6.11
N GLY I 203 -29.44 -32.72 5.37
CA GLY I 203 -30.67 -33.51 5.36
C GLY I 203 -31.51 -33.18 6.57
N GLU I 204 -31.23 -32.02 7.18
CA GLU I 204 -31.93 -31.58 8.38
C GLU I 204 -32.55 -30.18 8.21
N SER I 205 -33.87 -30.11 8.37
CA SER I 205 -34.60 -28.86 8.24
C SER I 205 -34.82 -28.15 9.57
N ASP I 206 -34.70 -28.89 10.67
CA ASP I 206 -34.86 -28.29 12.00
C ASP I 206 -33.67 -27.37 12.33
N PRO I 207 -33.95 -26.09 12.65
CA PRO I 207 -32.84 -25.13 12.85
C PRO I 207 -31.83 -25.54 13.94
N ASP I 208 -32.32 -25.98 15.10
CA ASP I 208 -31.45 -26.39 16.23
C ASP I 208 -30.58 -27.59 15.91
N LYS I 209 -31.17 -28.58 15.23
CA LYS I 209 -30.44 -29.78 14.86
C LYS I 209 -29.39 -29.48 13.81
N ALA I 210 -29.78 -28.66 12.83
CA ALA I 210 -28.88 -28.19 11.80
C ALA I 210 -27.72 -27.36 12.41
N ALA I 211 -28.03 -26.43 13.32
CA ALA I 211 -26.98 -25.67 14.00
C ALA I 211 -26.00 -26.56 14.80
N LYS I 212 -26.55 -27.53 15.52
CA LYS I 212 -25.74 -28.50 16.28
C LYS I 212 -24.83 -29.26 15.34
N ALA I 213 -25.39 -29.81 14.27
CA ALA I 213 -24.57 -30.43 13.24
C ALA I 213 -23.49 -29.49 12.70
N PHE I 214 -23.83 -28.24 12.40
CA PHE I 214 -22.84 -27.30 11.82
C PHE I 214 -21.79 -26.83 12.83
N SER I 215 -22.10 -26.90 14.12
CA SER I 215 -21.19 -26.40 15.16
C SER I 215 -19.80 -27.08 15.20
N ASP I 216 -19.68 -28.25 14.57
CA ASP I 216 -18.36 -28.85 14.35
C ASP I 216 -17.47 -27.93 13.53
N TYR I 217 -18.06 -27.26 12.54
CA TYR I 217 -17.31 -26.49 11.54
C TYR I 217 -17.30 -24.98 11.76
N ALA I 218 -18.27 -24.47 12.51
CA ALA I 218 -18.42 -23.04 12.66
C ALA I 218 -18.56 -22.69 14.13
N GLU I 219 -18.04 -21.52 14.51
CA GLU I 219 -18.14 -21.02 15.87
C GLU I 219 -19.47 -20.30 16.09
N ILE I 220 -19.83 -19.40 15.16
CA ILE I 220 -21.10 -18.68 15.26
C ILE I 220 -21.98 -18.98 14.05
N ILE I 221 -23.22 -19.38 14.32
CA ILE I 221 -24.12 -19.83 13.24
C ILE I 221 -25.38 -18.98 13.13
N VAL I 222 -25.57 -18.34 11.98
CA VAL I 222 -26.78 -17.55 11.71
C VAL I 222 -27.68 -18.37 10.82
N MET I 223 -28.83 -18.76 11.37
CA MET I 223 -29.79 -19.61 10.68
C MET I 223 -31.03 -18.78 10.32
N LYS I 224 -31.05 -18.29 9.08
CA LYS I 224 -32.16 -17.53 8.55
C LYS I 224 -33.36 -18.44 8.30
N LEU I 225 -34.57 -17.92 8.55
CA LEU I 225 -35.77 -18.75 8.55
C LEU I 225 -36.74 -18.40 7.44
N GLY I 226 -36.43 -17.35 6.69
CA GLY I 226 -37.30 -16.82 5.66
C GLY I 226 -37.93 -15.59 6.23
N PRO I 227 -39.18 -15.29 5.85
CA PRO I 227 -39.96 -14.19 6.41
C PRO I 227 -40.04 -14.14 7.95
N LYS I 228 -39.90 -15.29 8.62
CA LYS I 228 -40.05 -15.37 10.09
C LYS I 228 -38.90 -14.78 10.87
N GLY I 229 -37.78 -14.50 10.20
CA GLY I 229 -36.63 -13.92 10.87
C GLY I 229 -35.43 -14.85 10.82
N ALA I 230 -34.69 -14.92 11.93
CA ALA I 230 -33.46 -15.69 11.96
C ALA I 230 -33.11 -16.09 13.39
N ILE I 231 -32.20 -17.05 13.52
CA ILE I 231 -31.71 -17.49 14.82
C ILE I 231 -30.19 -17.47 14.82
N VAL I 232 -29.59 -16.88 15.84
CA VAL I 232 -28.14 -17.04 16.07
C VAL I 232 -27.85 -18.12 17.13
N TYR I 233 -26.87 -18.96 16.84
CA TYR I 233 -26.33 -19.95 17.77
C TYR I 233 -24.88 -19.59 18.06
N TYR I 234 -24.59 -19.38 19.34
CA TYR I 234 -23.25 -19.02 19.78
C TYR I 234 -23.09 -19.49 21.23
N ASP I 235 -21.91 -20.00 21.55
CA ASP I 235 -21.61 -20.63 22.85
C ASP I 235 -22.75 -21.39 23.56
N GLY I 236 -23.32 -22.38 22.88
CA GLY I 236 -24.34 -23.20 23.51
C GLY I 236 -25.65 -22.47 23.78
N LYS I 237 -25.72 -21.20 23.37
CA LYS I 237 -26.93 -20.37 23.47
C LYS I 237 -27.60 -20.22 22.10
N LYS I 238 -28.86 -19.81 22.14
CA LYS I 238 -29.74 -19.71 21.00
C LYS I 238 -30.51 -18.39 21.12
N TYR I 239 -30.63 -17.66 20.02
CA TYR I 239 -31.45 -16.44 20.02
C TYR I 239 -32.25 -16.23 18.74
N TYR I 240 -33.57 -16.21 18.90
CA TYR I 240 -34.49 -15.95 17.79
C TYR I 240 -34.79 -14.45 17.73
N SER I 241 -34.68 -13.89 16.53
CA SER I 241 -35.09 -12.52 16.25
C SER I 241 -36.10 -12.62 15.12
N SER I 242 -37.33 -12.27 15.43
CA SER I 242 -38.43 -12.40 14.48
C SER I 242 -38.43 -11.34 13.39
N GLY I 243 -38.99 -11.73 12.25
CA GLY I 243 -39.15 -10.80 11.13
C GLY I 243 -40.30 -9.84 11.35
N TYR I 244 -40.46 -8.93 10.40
CA TYR I 244 -41.54 -7.96 10.38
C TYR I 244 -42.41 -8.16 9.15
N GLN I 245 -43.70 -7.88 9.28
CA GLN I 245 -44.60 -7.82 8.15
C GLN I 245 -44.48 -6.48 7.40
N VAL I 246 -44.03 -6.54 6.14
CA VAL I 246 -43.89 -5.35 5.29
C VAL I 246 -44.31 -5.66 3.84
N PRO I 247 -44.62 -4.63 3.04
CA PRO I 247 -44.93 -4.82 1.62
C PRO I 247 -43.69 -5.28 0.86
N VAL I 248 -43.79 -6.42 0.19
CA VAL I 248 -42.69 -7.03 -0.51
C VAL I 248 -42.67 -6.61 -1.98
N GLU I 249 -41.60 -5.93 -2.35
CA GLU I 249 -41.34 -5.59 -3.73
C GLU I 249 -40.37 -6.62 -4.32
N ASP I 250 -39.28 -6.92 -3.62
CA ASP I 250 -38.30 -7.90 -4.11
C ASP I 250 -37.42 -8.42 -2.97
N VAL I 251 -37.51 -9.71 -2.67
CA VAL I 251 -36.71 -10.31 -1.58
C VAL I 251 -35.24 -10.55 -1.93
N THR I 252 -34.86 -10.41 -3.20
CA THR I 252 -33.46 -10.56 -3.64
C THR I 252 -32.55 -9.60 -2.88
N GLY I 253 -31.46 -10.14 -2.33
CA GLY I 253 -30.54 -9.39 -1.48
C GLY I 253 -30.86 -9.34 0.01
N ALA I 254 -32.00 -9.89 0.43
CA ALA I 254 -32.41 -9.77 1.85
C ALA I 254 -31.45 -10.52 2.78
N GLY I 255 -31.07 -11.74 2.37
CA GLY I 255 -30.14 -12.58 3.12
C GLY I 255 -28.75 -12.00 3.26
N ASP I 256 -28.29 -11.27 2.23
CA ASP I 256 -26.98 -10.58 2.28
C ASP I 256 -27.02 -9.33 3.12
N ALA I 257 -28.16 -8.64 3.13
CA ALA I 257 -28.36 -7.48 3.99
C ALA I 257 -28.30 -7.91 5.46
N LEU I 258 -28.96 -9.03 5.80
CA LEU I 258 -28.93 -9.56 7.15
C LEU I 258 -27.49 -9.99 7.48
N GLY I 259 -26.88 -10.80 6.61
CA GLY I 259 -25.54 -11.32 6.82
C GLY I 259 -24.48 -10.25 7.02
N GLY I 260 -24.39 -9.29 6.11
CA GLY I 260 -23.35 -8.28 6.16
C GLY I 260 -23.52 -7.33 7.33
N THR I 261 -24.76 -6.93 7.61
CA THR I 261 -25.06 -6.06 8.75
C THR I 261 -24.66 -6.74 10.05
N PHE I 262 -25.06 -8.00 10.19
CA PHE I 262 -24.76 -8.76 11.40
C PHE I 262 -23.26 -8.82 11.63
N LEU I 263 -22.50 -9.18 10.59
CA LEU I 263 -21.05 -9.32 10.73
C LEU I 263 -20.42 -8.02 11.18
N SER I 264 -20.89 -6.93 10.58
CA SER I 264 -20.31 -5.62 10.84
C SER I 264 -20.58 -5.18 12.27
N LEU I 265 -21.78 -5.43 12.77
CA LEU I 265 -22.14 -4.97 14.09
C LEU I 265 -21.43 -5.79 15.17
N TYR I 266 -21.17 -7.07 14.85
CA TYR I 266 -20.31 -7.91 15.67
C TYR I 266 -18.97 -7.24 15.91
N TYR I 267 -18.38 -6.72 14.84
CA TYR I 267 -17.10 -6.01 14.92
C TYR I 267 -17.25 -4.62 15.48
N LYS I 268 -18.47 -4.07 15.51
CA LYS I 268 -18.68 -2.84 16.24
C LYS I 268 -18.71 -3.02 17.77
N GLY I 269 -18.67 -4.27 18.22
CA GLY I 269 -18.72 -4.56 19.64
C GLY I 269 -20.14 -4.68 20.15
N PHE I 270 -21.09 -4.86 19.21
CA PHE I 270 -22.50 -5.04 19.53
C PHE I 270 -22.71 -6.36 20.20
N GLU I 271 -23.51 -6.33 21.26
CA GLU I 271 -24.00 -7.55 21.87
C GLU I 271 -24.69 -8.42 20.80
N MET I 272 -24.47 -9.72 20.87
CA MET I 272 -24.88 -10.65 19.81
C MET I 272 -26.35 -10.55 19.39
N GLU I 273 -27.24 -10.54 20.37
CA GLU I 273 -28.69 -10.46 20.14
C GLU I 273 -29.05 -9.15 19.44
N LYS I 274 -28.52 -8.05 19.95
CA LYS I 274 -28.73 -6.71 19.37
C LYS I 274 -28.22 -6.69 17.92
N ALA I 275 -27.06 -7.31 17.71
CA ALA I 275 -26.48 -7.42 16.38
C ALA I 275 -27.41 -8.15 15.41
N LEU I 276 -28.04 -9.25 15.86
CA LEU I 276 -29.07 -9.92 15.04
C LEU I 276 -30.38 -9.11 14.89
N ASP I 277 -30.79 -8.38 15.93
CA ASP I 277 -32.00 -7.56 15.83
C ASP I 277 -31.87 -6.51 14.72
N TYR I 278 -30.69 -5.92 14.65
CA TYR I 278 -30.39 -4.83 13.73
C TYR I 278 -30.30 -5.36 12.29
N ALA I 279 -29.70 -6.55 12.14
CA ALA I 279 -29.54 -7.21 10.86
C ALA I 279 -30.91 -7.58 10.28
N ILE I 280 -31.82 -8.03 11.13
CA ILE I 280 -33.23 -8.25 10.75
C ILE I 280 -33.89 -6.97 10.21
N VAL I 281 -33.52 -5.82 10.78
CA VAL I 281 -34.02 -4.52 10.29
C VAL I 281 -33.51 -4.28 8.86
N ALA I 282 -32.20 -4.50 8.63
CA ALA I 282 -31.62 -4.33 7.30
C ALA I 282 -32.29 -5.24 6.26
N SER I 283 -32.48 -6.53 6.59
CA SER I 283 -33.18 -7.44 5.66
C SER I 283 -34.68 -7.12 5.46
N THR I 284 -35.34 -6.60 6.49
CA THR I 284 -36.74 -6.15 6.37
C THR I 284 -36.88 -5.03 5.35
N LEU I 285 -36.09 -3.98 5.51
CA LEU I 285 -36.12 -2.85 4.61
C LEU I 285 -35.78 -3.28 3.18
N ASN I 286 -34.87 -4.24 3.08
CA ASN I 286 -34.36 -4.72 1.79
C ASN I 286 -35.44 -5.29 0.90
N VAL I 287 -36.34 -6.08 1.46
CA VAL I 287 -37.39 -6.73 0.66
C VAL I 287 -38.41 -5.72 0.08
N MET I 288 -38.31 -4.47 0.51
CA MET I 288 -39.33 -3.46 0.18
C MET I 288 -39.06 -2.71 -1.11
N ILE I 289 -37.87 -2.88 -1.69
CA ILE I 289 -37.54 -2.25 -2.98
C ILE I 289 -36.91 -3.23 -3.99
N ARG I 290 -36.89 -2.83 -5.26
CA ARG I 290 -36.01 -3.46 -6.26
C ARG I 290 -34.62 -2.86 -6.06
N GLY I 291 -33.61 -3.72 -5.99
CA GLY I 291 -32.24 -3.29 -5.71
C GLY I 291 -31.76 -3.94 -4.45
N ASP I 292 -30.68 -4.69 -4.55
CA ASP I 292 -30.13 -5.42 -3.42
C ASP I 292 -29.45 -4.47 -2.44
N GLN I 293 -29.06 -3.30 -2.92
CA GLN I 293 -28.17 -2.41 -2.16
C GLN I 293 -28.73 -1.02 -1.86
N GLU I 294 -29.65 -0.51 -2.66
CA GLU I 294 -30.03 0.92 -2.49
C GLU I 294 -30.69 1.34 -1.18
N ASN I 295 -31.26 0.43 -0.42
CA ASN I 295 -31.76 0.86 0.88
C ASN I 295 -31.17 0.08 2.06
N LEU I 296 -29.90 -0.32 1.93
CA LEU I 296 -29.11 -0.81 3.07
C LEU I 296 -28.98 0.32 4.07
N PRO I 297 -29.46 0.10 5.32
CA PRO I 297 -29.51 1.20 6.29
C PRO I 297 -28.20 1.41 7.05
N THR I 298 -27.98 2.64 7.50
CA THR I 298 -26.93 2.93 8.45
C THR I 298 -27.41 2.50 9.85
N THR I 299 -26.47 2.33 10.79
CA THR I 299 -26.85 2.01 12.17
C THR I 299 -27.90 2.98 12.70
N LYS I 300 -27.71 4.27 12.41
CA LYS I 300 -28.61 5.33 12.85
C LYS I 300 -29.99 5.15 12.23
N ASP I 301 -30.03 4.80 10.94
CA ASP I 301 -31.30 4.42 10.27
C ASP I 301 -31.98 3.23 10.94
N ILE I 302 -31.20 2.20 11.25
CA ILE I 302 -31.74 1.04 11.98
C ILE I 302 -32.34 1.45 13.34
N GLU I 303 -31.66 2.33 14.05
CA GLU I 303 -32.16 2.80 15.35
C GLU I 303 -33.44 3.63 15.28
N THR I 304 -33.52 4.49 14.26
CA THR I 304 -34.78 5.17 13.95
C THR I 304 -35.89 4.14 13.73
N PHE I 305 -35.65 3.15 12.87
CA PHE I 305 -36.59 2.07 12.66
C PHE I 305 -37.06 1.51 14.00
N LEU I 306 -36.11 1.15 14.87
CA LEU I 306 -36.44 0.47 16.11
C LEU I 306 -37.20 1.37 17.11
N ARG I 307 -36.84 2.65 17.16
CA ARG I 307 -37.58 3.65 17.93
C ARG I 307 -39.04 3.74 17.52
N GLU I 308 -39.31 3.66 16.23
CA GLU I 308 -40.65 3.87 15.69
C GLU I 308 -41.47 2.59 15.64
N MET I 309 -40.84 1.51 15.22
CA MET I 309 -41.53 0.26 15.01
C MET I 309 -41.83 -0.44 16.34
N ALA J 2 -45.56 -14.63 -52.47
CA ALA J 2 -44.24 -15.38 -52.45
C ALA J 2 -43.79 -15.66 -51.02
N LYS J 3 -42.84 -16.59 -50.89
CA LYS J 3 -42.41 -17.06 -49.60
C LYS J 3 -40.92 -16.87 -49.39
N LEU J 4 -40.57 -16.25 -48.27
CA LEU J 4 -39.21 -16.12 -47.87
C LEU J 4 -38.93 -17.06 -46.70
N ILE J 5 -37.76 -17.69 -46.72
CA ILE J 5 -37.27 -18.42 -45.58
C ILE J 5 -35.93 -17.81 -45.17
N THR J 6 -35.83 -17.39 -43.89
CA THR J 6 -34.58 -16.89 -43.34
C THR J 6 -33.99 -17.90 -42.32
N LEU J 7 -32.66 -17.86 -42.17
CA LEU J 7 -31.95 -18.70 -41.19
C LEU J 7 -31.07 -17.83 -40.30
N GLY J 8 -31.19 -17.99 -38.98
CA GLY J 8 -30.39 -17.15 -38.08
C GLY J 8 -30.79 -17.16 -36.63
N GLU J 9 -30.24 -16.21 -35.88
CA GLU J 9 -30.48 -16.12 -34.45
C GLU J 9 -31.42 -14.97 -34.13
N ILE J 10 -32.53 -15.30 -33.48
CA ILE J 10 -33.44 -14.32 -32.92
C ILE J 10 -32.85 -13.91 -31.56
N LEU J 11 -32.87 -12.61 -31.27
CA LEU J 11 -32.33 -12.07 -30.03
C LEU J 11 -33.35 -11.20 -29.33
N ILE J 12 -33.36 -11.27 -28.01
CA ILE J 12 -34.10 -10.27 -27.24
C ILE J 12 -33.21 -9.02 -27.08
N GLU J 13 -33.80 -7.87 -27.37
CA GLU J 13 -33.10 -6.59 -27.34
C GLU J 13 -33.46 -5.81 -26.08
N PHE J 14 -32.44 -5.31 -25.37
CA PHE J 14 -32.64 -4.38 -24.25
C PHE J 14 -32.04 -3.00 -24.59
N ASN J 15 -32.95 -2.08 -24.91
CA ASN J 15 -32.60 -0.81 -25.51
C ASN J 15 -32.53 0.27 -24.45
N ALA J 16 -31.34 0.84 -24.28
CA ALA J 16 -31.16 1.93 -23.31
C ALA J 16 -32.26 3.01 -23.50
N LEU J 17 -32.99 3.32 -22.42
CA LEU J 17 -34.05 4.36 -22.49
C LEU J 17 -33.52 5.81 -22.56
N SER J 18 -32.24 6.02 -22.26
CA SER J 18 -31.55 7.28 -22.57
C SER J 18 -30.18 7.06 -23.25
N PRO J 19 -29.73 8.04 -24.06
CA PRO J 19 -28.40 8.01 -24.66
C PRO J 19 -27.31 8.05 -23.58
N GLY J 20 -26.07 7.84 -23.99
CA GLY J 20 -24.96 7.87 -23.06
C GLY J 20 -24.43 6.50 -22.72
N PRO J 21 -23.31 6.45 -21.98
CA PRO J 21 -22.69 5.19 -21.61
C PRO J 21 -23.63 4.40 -20.71
N LEU J 22 -23.68 3.08 -20.90
CA LEU J 22 -24.57 2.21 -20.16
C LEU J 22 -24.36 2.26 -18.65
N ARG J 23 -23.14 2.56 -18.21
CA ARG J 23 -22.83 2.65 -16.79
C ARG J 23 -23.67 3.71 -16.09
N HIS J 24 -24.18 4.67 -16.87
CA HIS J 24 -25.06 5.68 -16.30
C HIS J 24 -26.52 5.62 -16.76
N VAL J 25 -26.89 4.56 -17.47
CA VAL J 25 -28.26 4.38 -17.93
C VAL J 25 -28.88 3.36 -17.00
N SER J 26 -30.08 3.65 -16.51
CA SER J 26 -30.72 2.80 -15.52
C SER J 26 -31.94 2.05 -16.00
N TYR J 27 -32.56 2.49 -17.08
CA TYR J 27 -33.75 1.80 -17.61
C TYR J 27 -33.53 1.27 -19.02
N PHE J 28 -34.07 0.09 -19.26
CA PHE J 28 -33.96 -0.60 -20.54
C PHE J 28 -35.30 -1.11 -21.00
N GLU J 29 -35.53 -0.94 -22.30
CA GLU J 29 -36.79 -1.28 -22.92
C GLU J 29 -36.62 -2.51 -23.82
N LYS J 30 -37.39 -3.55 -23.52
CA LYS J 30 -37.31 -4.83 -24.24
C LYS J 30 -38.02 -4.85 -25.61
N HIS J 31 -37.31 -5.34 -26.64
CA HIS J 31 -37.85 -5.60 -27.96
C HIS J 31 -37.41 -6.96 -28.51
N VAL J 32 -38.16 -7.49 -29.48
CA VAL J 32 -37.76 -8.68 -30.22
C VAL J 32 -37.11 -8.23 -31.52
N ALA J 33 -35.93 -8.79 -31.79
CA ALA J 33 -35.10 -8.39 -32.94
C ALA J 33 -34.18 -9.55 -33.38
N GLY J 34 -32.97 -9.23 -33.84
CA GLY J 34 -32.14 -10.19 -34.57
C GLY J 34 -32.41 -9.99 -36.07
N SER J 35 -31.35 -9.92 -36.87
CA SER J 35 -31.43 -9.54 -38.30
C SER J 35 -32.43 -10.31 -39.21
N GLU J 36 -32.50 -11.63 -39.05
CA GLU J 36 -33.36 -12.42 -39.93
C GLU J 36 -34.81 -12.32 -39.51
N ALA J 37 -35.03 -12.17 -38.21
CA ALA J 37 -36.36 -11.93 -37.67
C ALA J 37 -36.87 -10.57 -38.20
N ASN J 38 -36.02 -9.55 -38.19
CA ASN J 38 -36.34 -8.23 -38.79
C ASN J 38 -36.70 -8.30 -40.28
N TYR J 39 -35.86 -8.96 -41.08
CA TYR J 39 -36.19 -9.29 -42.48
C TYR J 39 -37.57 -9.93 -42.65
N CYS J 40 -37.88 -10.92 -41.83
CA CYS J 40 -39.17 -11.63 -41.91
C CYS J 40 -40.37 -10.72 -41.79
N VAL J 41 -40.33 -9.81 -40.80
CA VAL J 41 -41.45 -8.92 -40.52
C VAL J 41 -41.60 -7.86 -41.61
N ALA J 42 -40.47 -7.33 -42.10
CA ALA J 42 -40.46 -6.36 -43.19
C ALA J 42 -41.00 -7.03 -44.47
N PHE J 43 -40.63 -8.29 -44.68
CA PHE J 43 -41.15 -9.06 -45.81
C PHE J 43 -42.68 -9.22 -45.77
N ILE J 44 -43.21 -9.64 -44.61
CA ILE J 44 -44.65 -9.84 -44.40
C ILE J 44 -45.47 -8.56 -44.56
N LYS J 45 -44.90 -7.45 -44.13
CA LYS J 45 -45.55 -6.15 -44.16
C LYS J 45 -45.93 -5.70 -45.59
N GLN J 46 -45.20 -6.20 -46.59
CA GLN J 46 -45.51 -5.91 -47.99
C GLN J 46 -46.46 -6.95 -48.66
N GLY J 47 -47.04 -7.85 -47.87
CA GLY J 47 -48.07 -8.76 -48.35
C GLY J 47 -47.55 -10.10 -48.84
N ASN J 48 -46.36 -10.49 -48.39
CA ASN J 48 -45.84 -11.81 -48.76
C ASN J 48 -45.78 -12.67 -47.51
N GLU J 49 -45.44 -13.94 -47.66
CA GLU J 49 -45.32 -14.82 -46.52
C GLU J 49 -43.86 -15.21 -46.27
N CYS J 50 -43.57 -15.62 -45.04
CA CYS J 50 -42.21 -15.97 -44.63
C CYS J 50 -42.15 -16.86 -43.39
N GLY J 51 -41.01 -17.51 -43.21
CA GLY J 51 -40.76 -18.36 -42.09
C GLY J 51 -39.32 -18.19 -41.67
N ILE J 52 -39.03 -18.55 -40.43
CA ILE J 52 -37.68 -18.47 -39.93
C ILE J 52 -37.25 -19.80 -39.33
N ILE J 53 -36.05 -20.22 -39.71
CA ILE J 53 -35.42 -21.37 -39.10
C ILE J 53 -34.41 -20.84 -38.10
N ALA J 54 -34.67 -21.10 -36.83
CA ALA J 54 -33.97 -20.51 -35.69
C ALA J 54 -34.28 -21.36 -34.48
N LYS J 55 -33.35 -21.45 -33.52
CA LYS J 55 -33.74 -22.01 -32.24
C LYS J 55 -33.60 -21.07 -31.04
N VAL J 56 -34.54 -21.19 -30.12
CA VAL J 56 -34.58 -20.37 -28.93
C VAL J 56 -34.49 -21.25 -27.68
N GLY J 57 -34.23 -20.63 -26.53
CA GLY J 57 -34.18 -21.34 -25.26
C GLY J 57 -35.54 -21.73 -24.75
N ASP J 58 -35.54 -22.71 -23.84
CA ASP J 58 -36.74 -23.05 -23.10
C ASP J 58 -36.88 -22.06 -21.94
N ASP J 59 -37.23 -20.82 -22.26
CA ASP J 59 -37.18 -19.75 -21.27
C ASP J 59 -38.11 -18.63 -21.71
N GLU J 60 -38.39 -17.71 -20.79
CA GLU J 60 -39.34 -16.61 -21.07
C GLU J 60 -38.98 -15.84 -22.32
N PHE J 61 -37.69 -15.55 -22.51
CA PHE J 61 -37.23 -14.80 -23.69
C PHE J 61 -37.47 -15.57 -25.01
N GLY J 62 -37.33 -16.90 -24.95
CA GLY J 62 -37.58 -17.75 -26.10
C GLY J 62 -39.03 -17.76 -26.50
N TYR J 63 -39.91 -17.87 -25.50
CA TYR J 63 -41.36 -17.89 -25.76
C TYR J 63 -41.87 -16.53 -26.16
N ASN J 64 -41.25 -15.50 -25.62
CA ASN J 64 -41.44 -14.12 -26.04
C ASN J 64 -41.21 -13.94 -27.54
N ALA J 65 -40.09 -14.48 -28.05
CA ALA J 65 -39.71 -14.34 -29.46
C ALA J 65 -40.70 -15.11 -30.32
N ILE J 66 -41.06 -16.33 -29.88
CA ILE J 66 -42.08 -17.12 -30.58
C ILE J 66 -43.42 -16.43 -30.66
N GLU J 67 -43.92 -15.91 -29.55
CA GLU J 67 -45.22 -15.23 -29.53
C GLU J 67 -45.21 -13.98 -30.39
N TRP J 68 -44.13 -13.19 -30.29
CA TRP J 68 -44.02 -11.92 -31.02
C TRP J 68 -44.12 -12.15 -32.52
N LEU J 69 -43.28 -13.07 -33.01
CA LEU J 69 -43.21 -13.41 -34.44
C LEU J 69 -44.48 -14.08 -34.98
N ARG J 70 -45.05 -15.00 -34.19
CA ARG J 70 -46.30 -15.61 -34.57
C ARG J 70 -47.38 -14.53 -34.72
N GLY J 71 -47.34 -13.54 -33.84
CA GLY J 71 -48.36 -12.49 -33.84
C GLY J 71 -48.23 -11.58 -35.05
N GLN J 72 -46.99 -11.39 -35.50
CA GLN J 72 -46.69 -10.66 -36.73
C GLN J 72 -47.03 -11.45 -38.02
N GLY J 73 -47.40 -12.73 -37.89
CA GLY J 73 -47.74 -13.53 -39.06
C GLY J 73 -46.59 -14.35 -39.63
N VAL J 74 -45.42 -14.24 -39.02
CA VAL J 74 -44.26 -15.10 -39.35
C VAL J 74 -44.60 -16.57 -39.04
N ASP J 75 -44.23 -17.49 -39.94
CA ASP J 75 -44.39 -18.93 -39.70
C ASP J 75 -43.33 -19.39 -38.71
N VAL J 76 -43.77 -19.83 -37.51
CA VAL J 76 -42.85 -20.24 -36.45
C VAL J 76 -42.70 -21.77 -36.32
N SER J 77 -43.34 -22.54 -37.21
CA SER J 77 -43.36 -24.01 -37.08
C SER J 77 -42.03 -24.71 -37.40
N HIS J 78 -41.04 -23.97 -37.89
CA HIS J 78 -39.72 -24.54 -38.15
C HIS J 78 -38.67 -24.01 -37.19
N MET J 79 -39.16 -23.44 -36.09
CA MET J 79 -38.31 -23.04 -34.97
C MET J 79 -38.28 -24.19 -33.99
N LYS J 80 -37.15 -24.32 -33.30
CA LYS J 80 -36.94 -25.33 -32.28
C LYS J 80 -36.65 -24.69 -30.92
N ILE J 81 -36.91 -25.47 -29.86
CA ILE J 81 -36.58 -25.03 -28.53
C ILE J 81 -35.42 -25.88 -28.00
N ASP J 82 -34.36 -25.21 -27.57
CA ASP J 82 -33.18 -25.88 -27.06
C ASP J 82 -33.39 -26.36 -25.63
N PRO J 83 -33.09 -27.65 -25.37
CA PRO J 83 -33.21 -28.25 -24.02
C PRO J 83 -32.48 -27.48 -22.91
N SER J 84 -31.26 -27.01 -23.19
CA SER J 84 -30.43 -26.48 -22.12
C SER J 84 -29.93 -25.03 -22.29
N ALA J 85 -29.71 -24.58 -23.52
CA ALA J 85 -29.09 -23.26 -23.72
C ALA J 85 -30.07 -22.08 -23.69
N PRO J 86 -29.63 -20.91 -23.17
CA PRO J 86 -30.58 -19.79 -23.10
C PRO J 86 -30.70 -18.98 -24.40
N THR J 87 -31.84 -18.32 -24.56
CA THR J 87 -32.06 -17.40 -25.68
C THR J 87 -31.00 -16.30 -25.59
N GLY J 88 -30.41 -15.96 -26.73
CA GLY J 88 -29.40 -14.91 -26.79
C GLY J 88 -30.04 -13.54 -26.66
N ILE J 89 -29.29 -12.61 -26.06
CA ILE J 89 -29.77 -11.27 -25.84
C ILE J 89 -28.69 -10.25 -26.20
N PHE J 90 -29.09 -8.99 -26.37
CA PHE J 90 -28.15 -7.88 -26.47
C PHE J 90 -28.69 -6.58 -25.89
N PHE J 91 -27.77 -5.70 -25.54
CA PHE J 91 -28.08 -4.35 -25.06
C PHE J 91 -27.69 -3.34 -26.15
N ILE J 92 -28.45 -2.26 -26.24
CA ILE J 92 -28.10 -1.17 -27.17
C ILE J 92 -27.75 0.08 -26.39
N GLN J 93 -26.51 0.53 -26.56
CA GLN J 93 -26.03 1.83 -26.12
C GLN J 93 -26.20 2.83 -27.28
N ARG J 94 -26.97 3.89 -27.06
CA ARG J 94 -27.28 4.86 -28.12
C ARG J 94 -26.53 6.21 -28.02
N HIS J 95 -25.97 6.65 -29.14
CA HIS J 95 -25.46 8.01 -29.32
C HIS J 95 -24.20 8.35 -28.53
N TYR J 96 -23.48 7.31 -28.10
CA TYR J 96 -22.30 7.52 -27.30
C TYR J 96 -21.32 6.38 -27.56
N PRO J 97 -20.07 6.73 -27.94
CA PRO J 97 -19.56 8.11 -28.01
C PRO J 97 -19.76 8.83 -29.34
N VAL J 98 -20.51 8.23 -30.25
CA VAL J 98 -20.77 8.84 -31.53
C VAL J 98 -22.25 9.18 -31.66
N PRO J 99 -22.58 10.48 -31.81
CA PRO J 99 -23.96 10.90 -32.04
C PRO J 99 -24.58 10.18 -33.25
N LEU J 100 -25.84 9.77 -33.10
CA LEU J 100 -26.65 9.22 -34.19
C LEU J 100 -26.37 7.73 -34.42
N LYS J 101 -25.31 7.22 -33.80
CA LYS J 101 -24.95 5.82 -33.91
C LYS J 101 -25.38 5.03 -32.68
N SER J 102 -25.45 3.71 -32.88
CA SER J 102 -25.74 2.78 -31.78
C SER J 102 -24.67 1.70 -31.70
N GLU J 103 -24.56 1.08 -30.50
CA GLU J 103 -23.68 -0.04 -30.27
C GLU J 103 -24.44 -1.17 -29.65
N SER J 104 -24.29 -2.36 -30.22
CA SER J 104 -24.86 -3.59 -29.69
C SER J 104 -23.86 -4.30 -28.79
N ILE J 105 -24.28 -4.61 -27.57
CA ILE J 105 -23.47 -5.35 -26.58
C ILE J 105 -24.12 -6.74 -26.36
N TYR J 106 -23.42 -7.79 -26.75
CA TYR J 106 -24.01 -9.13 -26.87
C TYR J 106 -23.82 -10.00 -25.66
N TYR J 107 -24.88 -10.74 -25.34
CA TYR J 107 -24.81 -11.89 -24.41
C TYR J 107 -25.42 -13.08 -25.14
N ARG J 108 -24.64 -13.67 -26.04
CA ARG J 108 -25.18 -14.63 -27.01
C ARG J 108 -24.34 -15.90 -27.14
N LYS J 109 -23.15 -15.88 -26.54
CA LYS J 109 -22.14 -16.95 -26.73
C LYS J 109 -22.67 -18.26 -26.14
N GLY J 110 -22.61 -19.33 -26.94
CA GLY J 110 -23.23 -20.61 -26.57
C GLY J 110 -24.75 -20.54 -26.34
N SER J 111 -25.41 -19.59 -27.01
CA SER J 111 -26.87 -19.46 -26.92
C SER J 111 -27.60 -20.60 -27.64
N ALA J 112 -28.89 -20.72 -27.33
CA ALA J 112 -29.76 -21.60 -28.08
C ALA J 112 -29.71 -21.28 -29.59
N GLY J 113 -29.72 -20.00 -29.93
CA GLY J 113 -29.64 -19.55 -31.31
C GLY J 113 -28.40 -20.02 -32.05
N SER J 114 -27.28 -20.13 -31.34
CA SER J 114 -25.99 -20.56 -31.90
C SER J 114 -25.94 -22.06 -32.16
N LYS J 115 -26.90 -22.79 -31.59
CA LYS J 115 -26.96 -24.23 -31.74
C LYS J 115 -27.85 -24.67 -32.91
N LEU J 116 -28.38 -23.68 -33.65
CA LEU J 116 -28.92 -23.91 -34.99
C LEU J 116 -27.93 -24.76 -35.80
N SER J 117 -28.46 -25.80 -36.44
CA SER J 117 -27.62 -26.86 -37.05
C SER J 117 -28.28 -27.38 -38.34
N PRO J 118 -27.48 -28.01 -39.23
CA PRO J 118 -28.00 -28.62 -40.48
C PRO J 118 -29.23 -29.50 -40.26
N GLU J 119 -29.23 -30.26 -39.17
CA GLU J 119 -30.33 -31.17 -38.90
C GLU J 119 -31.62 -30.45 -38.47
N ASP J 120 -31.54 -29.11 -38.39
CA ASP J 120 -32.69 -28.24 -38.12
C ASP J 120 -33.30 -27.68 -39.42
N VAL J 121 -32.58 -27.87 -40.52
CA VAL J 121 -32.97 -27.35 -41.83
C VAL J 121 -33.60 -28.45 -42.70
N ASP J 122 -34.92 -28.38 -42.88
CA ASP J 122 -35.64 -29.35 -43.71
C ASP J 122 -35.47 -29.10 -45.22
N GLU J 123 -34.91 -30.09 -45.96
CA GLU J 123 -34.73 -29.93 -47.42
C GLU J 123 -36.01 -29.55 -48.21
N GLU J 124 -37.13 -30.23 -47.94
CA GLU J 124 -38.38 -29.92 -48.62
C GLU J 124 -38.91 -28.51 -48.34
N TYR J 125 -38.89 -28.12 -47.07
CA TYR J 125 -39.30 -26.75 -46.69
C TYR J 125 -38.44 -25.72 -47.43
N VAL J 126 -37.12 -25.85 -47.34
CA VAL J 126 -36.20 -24.94 -48.01
C VAL J 126 -36.54 -24.79 -49.49
N LYS J 127 -36.85 -25.92 -50.11
CA LYS J 127 -37.06 -26.01 -51.54
C LYS J 127 -38.40 -25.37 -51.92
N SER J 128 -39.38 -25.42 -51.01
CA SER J 128 -40.67 -24.77 -51.25
C SER J 128 -40.59 -23.24 -51.32
N ALA J 129 -39.45 -22.66 -50.94
CA ALA J 129 -39.34 -21.19 -50.86
C ALA J 129 -39.02 -20.58 -52.20
N ASP J 130 -39.48 -19.35 -52.41
CA ASP J 130 -39.03 -18.54 -53.55
C ASP J 130 -37.64 -17.95 -53.35
N LEU J 131 -37.31 -17.68 -52.10
CA LEU J 131 -36.00 -17.12 -51.75
C LEU J 131 -35.61 -17.55 -50.34
N VAL J 132 -34.36 -17.95 -50.24
CA VAL J 132 -33.74 -18.37 -48.99
C VAL J 132 -32.65 -17.36 -48.63
N HIS J 133 -32.69 -16.88 -47.38
CA HIS J 133 -31.93 -15.72 -46.93
C HIS J 133 -31.19 -15.98 -45.61
N SER J 134 -29.96 -15.49 -45.53
CA SER J 134 -29.21 -15.43 -44.27
C SER J 134 -28.19 -14.28 -44.28
N SER J 135 -27.29 -14.23 -43.28
CA SER J 135 -26.39 -13.08 -43.11
C SER J 135 -25.02 -13.48 -42.56
N GLY J 136 -24.08 -12.56 -42.64
CA GLY J 136 -22.76 -12.75 -42.04
C GLY J 136 -22.81 -13.05 -40.55
N ILE J 137 -23.91 -12.67 -39.88
CA ILE J 137 -24.07 -12.95 -38.46
C ILE J 137 -24.26 -14.44 -38.19
N THR J 138 -25.17 -15.05 -38.95
CA THR J 138 -25.43 -16.49 -38.83
C THR J 138 -24.19 -17.35 -39.13
N LEU J 139 -23.39 -16.90 -40.09
CA LEU J 139 -22.12 -17.53 -40.39
C LEU J 139 -21.13 -17.36 -39.23
N ALA J 140 -21.27 -16.24 -38.50
CA ALA J 140 -20.30 -15.86 -37.48
C ALA J 140 -20.53 -16.54 -36.14
N ILE J 141 -21.77 -16.83 -35.83
CA ILE J 141 -22.11 -17.26 -34.46
C ILE J 141 -21.61 -18.65 -34.03
N SER J 142 -21.44 -19.56 -34.98
CA SER J 142 -21.04 -20.95 -34.69
C SER J 142 -20.86 -21.72 -35.98
N SER J 143 -20.06 -22.77 -35.93
CA SER J 143 -19.86 -23.56 -37.13
C SER J 143 -21.14 -24.31 -37.49
N THR J 144 -21.90 -24.80 -36.51
CA THR J 144 -23.22 -25.43 -36.79
C THR J 144 -24.21 -24.50 -37.50
N ALA J 145 -24.27 -23.23 -37.10
CA ALA J 145 -25.12 -22.27 -37.81
C ALA J 145 -24.57 -22.02 -39.21
N LYS J 146 -23.26 -21.87 -39.32
CA LYS J 146 -22.63 -21.70 -40.62
C LYS J 146 -22.95 -22.90 -41.52
N GLU J 147 -22.86 -24.12 -40.98
N GLU J 147 -22.81 -24.11 -40.97
CA GLU J 147 -23.18 -25.32 -41.75
CA GLU J 147 -23.18 -25.37 -41.66
C GLU J 147 -24.67 -25.42 -42.12
C GLU J 147 -24.62 -25.29 -42.16
N ALA J 148 -25.53 -24.90 -41.26
CA ALA J 148 -26.97 -24.80 -41.57
C ALA J 148 -27.26 -23.89 -42.76
N VAL J 149 -26.56 -22.76 -42.84
CA VAL J 149 -26.65 -21.87 -44.00
C VAL J 149 -26.15 -22.54 -45.30
N TYR J 150 -24.99 -23.17 -45.24
CA TYR J 150 -24.45 -23.93 -46.39
C TYR J 150 -25.47 -24.95 -46.88
N LYS J 151 -25.99 -25.76 -45.96
CA LYS J 151 -27.03 -26.76 -46.33
C LYS J 151 -28.23 -26.12 -47.03
N ALA J 152 -28.81 -25.11 -46.40
CA ALA J 152 -29.92 -24.35 -46.96
C ALA J 152 -29.59 -23.77 -48.34
N PHE J 153 -28.39 -23.21 -48.49
CA PHE J 153 -27.99 -22.60 -49.74
C PHE J 153 -27.70 -23.64 -50.83
N GLU J 154 -27.26 -24.84 -50.40
CA GLU J 154 -27.13 -26.02 -51.29
C GLU J 154 -28.47 -26.42 -51.92
N ILE J 155 -29.53 -26.37 -51.12
CA ILE J 155 -30.88 -26.78 -51.55
C ILE J 155 -31.60 -25.67 -52.32
N ALA J 156 -31.41 -24.43 -51.88
CA ALA J 156 -32.06 -23.27 -52.47
C ALA J 156 -31.68 -23.04 -53.92
N SER J 157 -32.65 -22.75 -54.75
CA SER J 157 -32.39 -22.33 -56.11
C SER J 157 -32.06 -20.81 -56.13
N ASN J 158 -32.87 -20.04 -55.42
CA ASN J 158 -32.61 -18.60 -55.26
C ASN J 158 -32.18 -18.19 -53.84
N ARG J 159 -31.00 -17.56 -53.76
CA ARG J 159 -30.37 -17.18 -52.50
C ARG J 159 -30.28 -15.69 -52.26
N SER J 160 -30.31 -15.32 -50.98
CA SER J 160 -30.17 -13.92 -50.58
C SER J 160 -29.25 -13.85 -49.36
N PHE J 161 -28.40 -12.81 -49.33
CA PHE J 161 -27.41 -12.68 -48.25
C PHE J 161 -27.14 -11.21 -47.91
N ASP J 162 -27.26 -10.92 -46.61
CA ASP J 162 -26.89 -9.63 -46.07
C ASP J 162 -25.56 -9.84 -45.38
N THR J 163 -24.51 -9.17 -45.85
CA THR J 163 -23.15 -9.36 -45.28
C THR J 163 -23.12 -9.14 -43.75
N ASN J 164 -23.85 -8.12 -43.26
CA ASN J 164 -23.97 -7.80 -41.82
C ASN J 164 -22.73 -8.20 -41.03
N ILE J 165 -21.60 -7.59 -41.38
CA ILE J 165 -20.38 -7.90 -40.61
C ILE J 165 -20.45 -7.31 -39.20
N ARG J 166 -20.09 -8.13 -38.21
CA ARG J 166 -20.01 -7.72 -36.81
C ARG J 166 -18.62 -8.04 -36.27
N LEU J 167 -17.78 -7.01 -36.11
CA LEU J 167 -16.39 -7.24 -35.67
C LEU J 167 -16.28 -7.72 -34.22
N LYS J 168 -17.36 -7.58 -33.45
CA LYS J 168 -17.40 -8.17 -32.11
C LYS J 168 -17.59 -9.69 -32.14
N LEU J 169 -18.01 -10.24 -33.29
CA LEU J 169 -18.32 -11.68 -33.40
C LEU J 169 -17.23 -12.47 -34.12
N TRP J 170 -16.63 -11.85 -35.14
CA TRP J 170 -15.41 -12.35 -35.75
C TRP J 170 -14.50 -11.22 -36.22
N SER J 171 -13.23 -11.55 -36.48
CA SER J 171 -12.25 -10.58 -37.01
C SER J 171 -12.53 -10.19 -38.45
N ALA J 172 -12.06 -9.01 -38.86
CA ALA J 172 -12.22 -8.54 -40.25
C ALA J 172 -11.64 -9.52 -41.27
N GLU J 173 -10.56 -10.18 -40.89
N GLU J 173 -10.53 -10.16 -40.92
CA GLU J 173 -9.85 -11.17 -41.69
CA GLU J 173 -9.88 -11.18 -41.76
C GLU J 173 -10.71 -12.44 -41.88
C GLU J 173 -10.78 -12.42 -41.90
N GLU J 174 -11.24 -12.95 -40.77
CA GLU J 174 -12.12 -14.13 -40.79
C GLU J 174 -13.43 -13.84 -41.54
N ALA J 175 -14.01 -12.66 -41.31
CA ALA J 175 -15.19 -12.19 -42.06
C ALA J 175 -14.93 -12.18 -43.56
N LYS J 176 -13.84 -11.54 -43.98
CA LYS J 176 -13.47 -11.49 -45.40
C LYS J 176 -13.38 -12.92 -46.00
N ARG J 177 -12.67 -13.81 -45.30
N ARG J 177 -12.67 -13.79 -45.28
CA ARG J 177 -12.44 -15.17 -45.81
CA ARG J 177 -12.41 -15.17 -45.69
C ARG J 177 -13.72 -16.02 -45.89
C ARG J 177 -13.69 -16.00 -45.86
N GLU J 178 -14.55 -15.95 -44.85
CA GLU J 178 -15.79 -16.74 -44.81
C GLU J 178 -16.86 -16.25 -45.77
N ILE J 179 -16.96 -14.94 -45.98
CA ILE J 179 -17.96 -14.40 -46.91
C ILE J 179 -17.57 -14.65 -48.39
N LEU J 180 -16.29 -14.46 -48.70
CA LEU J 180 -15.77 -14.76 -50.04
C LEU J 180 -15.86 -16.26 -50.36
N LYS J 181 -15.65 -17.10 -49.35
CA LYS J 181 -15.82 -18.55 -49.51
C LYS J 181 -17.28 -18.88 -49.86
N LEU J 182 -18.22 -18.28 -49.12
CA LEU J 182 -19.65 -18.47 -49.34
C LEU J 182 -20.11 -17.99 -50.71
N LEU J 183 -19.63 -16.80 -51.11
CA LEU J 183 -20.01 -16.18 -52.37
C LEU J 183 -19.50 -16.96 -53.58
N SER J 184 -18.30 -17.52 -53.48
CA SER J 184 -17.72 -18.24 -54.61
C SER J 184 -18.36 -19.61 -54.75
N LYS J 185 -18.87 -20.15 -53.64
CA LYS J 185 -19.59 -21.41 -53.67
C LYS J 185 -21.02 -21.24 -54.12
N PHE J 186 -21.70 -20.22 -53.61
CA PHE J 186 -23.14 -20.06 -53.88
C PHE J 186 -23.47 -18.74 -54.53
N HIS J 187 -23.74 -18.77 -55.82
CA HIS J 187 -24.18 -17.57 -56.54
C HIS J 187 -25.52 -17.08 -56.00
N LEU J 188 -25.69 -15.76 -55.92
CA LEU J 188 -26.88 -15.17 -55.28
C LEU J 188 -27.79 -14.41 -56.24
N LYS J 189 -29.10 -14.41 -55.97
CA LYS J 189 -29.98 -13.50 -56.69
C LYS J 189 -29.79 -12.12 -56.10
N PHE J 190 -29.63 -12.07 -54.77
CA PHE J 190 -29.52 -10.81 -54.02
C PHE J 190 -28.32 -10.76 -53.08
N LEU J 191 -27.56 -9.70 -53.20
CA LEU J 191 -26.58 -9.35 -52.18
C LEU J 191 -26.95 -8.00 -51.59
N ILE J 192 -27.11 -8.00 -50.27
CA ILE J 192 -27.38 -6.79 -49.53
C ILE J 192 -26.16 -6.49 -48.69
N THR J 193 -25.57 -5.31 -48.88
CA THR J 193 -24.32 -4.97 -48.22
C THR J 193 -24.16 -3.45 -48.07
N ASP J 194 -22.93 -3.02 -47.87
CA ASP J 194 -22.60 -1.61 -47.72
C ASP J 194 -21.09 -1.38 -47.88
N THR J 195 -20.72 -0.11 -47.90
CA THR J 195 -19.35 0.31 -48.17
C THR J 195 -18.38 -0.10 -47.06
N ASP J 196 -18.85 -0.11 -45.81
CA ASP J 196 -18.06 -0.68 -44.72
C ASP J 196 -17.74 -2.15 -44.96
N ASP J 197 -18.75 -2.95 -45.31
CA ASP J 197 -18.52 -4.39 -45.52
C ASP J 197 -17.78 -4.66 -46.81
N SER J 198 -18.00 -3.84 -47.84
CA SER J 198 -17.25 -3.92 -49.09
C SER J 198 -15.78 -3.62 -48.87
N LYS J 199 -15.51 -2.68 -47.97
CA LYS J 199 -14.17 -2.34 -47.56
C LYS J 199 -13.48 -3.51 -46.86
N ILE J 200 -14.20 -4.16 -45.95
CA ILE J 200 -13.69 -5.35 -45.26
C ILE J 200 -13.52 -6.55 -46.22
N ILE J 201 -14.48 -6.76 -47.11
CA ILE J 201 -14.45 -7.92 -47.99
C ILE J 201 -13.49 -7.76 -49.19
N LEU J 202 -13.57 -6.62 -49.87
CA LEU J 202 -12.86 -6.43 -51.13
C LEU J 202 -11.69 -5.44 -51.08
N GLY J 203 -11.52 -4.75 -49.95
CA GLY J 203 -10.56 -3.67 -49.83
C GLY J 203 -11.02 -2.43 -50.57
N GLU J 204 -12.33 -2.32 -50.80
CA GLU J 204 -12.88 -1.27 -51.67
C GLU J 204 -14.09 -0.57 -51.07
N SER J 205 -13.97 0.74 -50.88
CA SER J 205 -15.01 1.53 -50.23
C SER J 205 -15.95 2.19 -51.23
N ASP J 206 -15.47 2.39 -52.46
CA ASP J 206 -16.28 2.98 -53.51
C ASP J 206 -17.38 2.02 -53.92
N PRO J 207 -18.64 2.45 -53.87
CA PRO J 207 -19.79 1.59 -54.22
C PRO J 207 -19.74 0.99 -55.64
N ASP J 208 -19.55 1.83 -56.67
CA ASP J 208 -19.49 1.36 -58.06
C ASP J 208 -18.47 0.24 -58.29
N LYS J 209 -17.29 0.40 -57.69
CA LYS J 209 -16.21 -0.56 -57.84
C LYS J 209 -16.40 -1.79 -56.97
N ALA J 210 -17.02 -1.61 -55.81
CA ALA J 210 -17.39 -2.74 -54.97
C ALA J 210 -18.45 -3.59 -55.69
N ALA J 211 -19.50 -2.94 -56.19
CA ALA J 211 -20.57 -3.57 -56.99
C ALA J 211 -20.02 -4.41 -58.14
N LYS J 212 -19.11 -3.80 -58.92
CA LYS J 212 -18.42 -4.45 -60.02
C LYS J 212 -17.77 -5.77 -59.59
N ALA J 213 -17.02 -5.72 -58.49
CA ALA J 213 -16.39 -6.91 -57.94
C ALA J 213 -17.42 -7.96 -57.51
N PHE J 214 -18.50 -7.49 -56.87
CA PHE J 214 -19.54 -8.38 -56.33
C PHE J 214 -20.42 -9.01 -57.42
N SER J 215 -20.51 -8.34 -58.56
CA SER J 215 -21.32 -8.78 -59.71
C SER J 215 -20.98 -10.20 -60.17
N ASP J 216 -19.76 -10.65 -59.87
CA ASP J 216 -19.40 -12.04 -60.12
C ASP J 216 -20.16 -13.06 -59.27
N TYR J 217 -20.67 -12.63 -58.13
CA TYR J 217 -21.33 -13.55 -57.20
C TYR J 217 -22.81 -13.27 -56.99
N ALA J 218 -23.31 -12.18 -57.57
CA ALA J 218 -24.69 -11.76 -57.30
C ALA J 218 -25.33 -11.06 -58.50
N GLU J 219 -26.61 -11.35 -58.73
CA GLU J 219 -27.37 -10.73 -59.81
C GLU J 219 -27.78 -9.29 -59.48
N ILE J 220 -28.27 -9.10 -58.27
CA ILE J 220 -28.84 -7.84 -57.84
C ILE J 220 -28.16 -7.43 -56.56
N ILE J 221 -27.53 -6.26 -56.60
CA ILE J 221 -26.74 -5.78 -55.47
C ILE J 221 -27.37 -4.54 -54.89
N VAL J 222 -27.73 -4.62 -53.60
CA VAL J 222 -28.16 -3.43 -52.87
C VAL J 222 -26.97 -2.95 -52.03
N MET J 223 -26.43 -1.79 -52.41
CA MET J 223 -25.29 -1.16 -51.71
C MET J 223 -25.78 -0.01 -50.83
N LYS J 224 -25.91 -0.24 -49.55
CA LYS J 224 -26.41 0.77 -48.62
C LYS J 224 -25.32 1.78 -48.23
N LEU J 225 -25.73 3.01 -47.92
CA LEU J 225 -24.78 4.13 -47.74
C LEU J 225 -24.89 4.84 -46.38
N GLY J 226 -25.54 4.21 -45.42
CA GLY J 226 -25.82 4.89 -44.17
C GLY J 226 -26.90 5.92 -44.39
N PRO J 227 -26.83 7.07 -43.68
CA PRO J 227 -27.87 8.10 -43.79
C PRO J 227 -28.14 8.61 -45.21
N LYS J 228 -27.16 8.52 -46.10
CA LYS J 228 -27.31 9.01 -47.48
C LYS J 228 -28.26 8.21 -48.39
N GLY J 229 -28.59 6.98 -48.00
CA GLY J 229 -29.54 6.18 -48.76
C GLY J 229 -28.91 4.88 -49.23
N ALA J 230 -29.17 4.54 -50.50
CA ALA J 230 -28.73 3.26 -51.05
C ALA J 230 -28.72 3.24 -52.58
N ILE J 231 -27.83 2.42 -53.12
CA ILE J 231 -27.77 2.20 -54.56
C ILE J 231 -28.10 0.74 -54.88
N VAL J 232 -28.89 0.52 -55.92
CA VAL J 232 -29.11 -0.82 -56.44
C VAL J 232 -28.48 -0.96 -57.84
N TYR J 233 -27.67 -2.01 -57.98
CA TYR J 233 -27.06 -2.40 -59.25
C TYR J 233 -27.69 -3.71 -59.77
N TYR J 234 -28.06 -3.70 -61.06
CA TYR J 234 -28.64 -4.86 -61.74
C TYR J 234 -28.65 -4.61 -63.23
N ASP J 235 -28.63 -5.68 -64.03
CA ASP J 235 -28.69 -5.62 -65.50
C ASP J 235 -27.99 -4.41 -66.13
N GLY J 236 -26.72 -4.21 -65.81
CA GLY J 236 -25.98 -3.07 -66.36
C GLY J 236 -26.42 -1.68 -65.89
N LYS J 237 -27.52 -1.61 -65.15
CA LYS J 237 -28.01 -0.35 -64.57
C LYS J 237 -27.49 -0.03 -63.16
N LYS J 238 -27.74 1.22 -62.77
CA LYS J 238 -27.37 1.74 -61.45
C LYS J 238 -28.44 2.74 -61.05
N TYR J 239 -28.97 2.57 -59.84
CA TYR J 239 -29.93 3.52 -59.34
C TYR J 239 -29.60 3.91 -57.92
N TYR J 240 -29.45 5.21 -57.71
CA TYR J 240 -29.29 5.78 -56.37
C TYR J 240 -30.62 6.30 -55.85
N SER J 241 -30.98 5.89 -54.64
CA SER J 241 -32.18 6.37 -53.96
C SER J 241 -31.72 7.06 -52.66
N SER J 242 -32.02 8.34 -52.51
CA SER J 242 -31.46 9.11 -51.41
C SER J 242 -32.23 8.97 -50.09
N GLY J 243 -31.51 9.10 -48.98
CA GLY J 243 -32.10 9.09 -47.65
C GLY J 243 -32.83 10.39 -47.32
N TYR J 244 -33.54 10.37 -46.19
CA TYR J 244 -34.29 11.53 -45.71
C TYR J 244 -33.77 11.94 -44.35
N GLN J 245 -33.87 13.23 -44.05
CA GLN J 245 -33.45 13.74 -42.77
C GLN J 245 -34.60 13.66 -41.77
N VAL J 246 -34.42 12.82 -40.75
CA VAL J 246 -35.40 12.60 -39.68
C VAL J 246 -34.67 12.55 -38.34
N PRO J 247 -35.38 12.86 -37.22
CA PRO J 247 -34.77 12.65 -35.90
C PRO J 247 -34.43 11.16 -35.62
N VAL J 248 -33.22 10.96 -35.14
CA VAL J 248 -32.66 9.65 -34.97
C VAL J 248 -32.76 9.23 -33.50
N GLU J 249 -33.50 8.16 -33.25
CA GLU J 249 -33.59 7.59 -31.92
C GLU J 249 -32.68 6.36 -31.83
N ASP J 250 -32.81 5.45 -32.79
CA ASP J 250 -31.99 4.25 -32.82
C ASP J 250 -31.92 3.68 -34.26
N VAL J 251 -30.73 3.71 -34.87
CA VAL J 251 -30.56 3.23 -36.25
C VAL J 251 -30.52 1.70 -36.32
N THR J 252 -30.38 1.05 -35.18
CA THR J 252 -30.30 -0.41 -35.11
C THR J 252 -31.55 -0.99 -35.77
N GLY J 253 -31.33 -1.78 -36.80
CA GLY J 253 -32.46 -2.41 -37.49
C GLY J 253 -32.80 -1.80 -38.83
N ALA J 254 -32.24 -0.63 -39.16
CA ALA J 254 -32.58 0.08 -40.40
C ALA J 254 -32.17 -0.68 -41.67
N GLY J 255 -30.98 -1.28 -41.64
CA GLY J 255 -30.51 -2.09 -42.76
C GLY J 255 -31.40 -3.26 -43.10
N ASP J 256 -32.01 -3.88 -42.07
CA ASP J 256 -32.94 -5.01 -42.30
C ASP J 256 -34.28 -4.51 -42.82
N ALA J 257 -34.77 -3.42 -42.21
CA ALA J 257 -35.98 -2.78 -42.67
C ALA J 257 -35.88 -2.59 -44.18
N LEU J 258 -34.76 -2.00 -44.64
CA LEU J 258 -34.53 -1.73 -46.06
C LEU J 258 -34.46 -3.03 -46.86
N GLY J 259 -33.56 -3.93 -46.47
CA GLY J 259 -33.38 -5.21 -47.14
C GLY J 259 -34.65 -6.03 -47.29
N GLY J 260 -35.38 -6.23 -46.19
CA GLY J 260 -36.61 -7.02 -46.23
C GLY J 260 -37.71 -6.37 -47.03
N THR J 261 -37.88 -5.05 -46.89
CA THR J 261 -38.89 -4.36 -47.68
C THR J 261 -38.59 -4.45 -49.18
N PHE J 262 -37.33 -4.22 -49.53
CA PHE J 262 -36.89 -4.29 -50.92
C PHE J 262 -37.24 -5.65 -51.53
N LEU J 263 -36.81 -6.72 -50.85
CA LEU J 263 -37.01 -8.09 -51.34
C LEU J 263 -38.47 -8.41 -51.54
N SER J 264 -39.30 -7.98 -50.60
CA SER J 264 -40.71 -8.33 -50.65
C SER J 264 -41.38 -7.67 -51.84
N LEU J 265 -41.05 -6.38 -52.04
CA LEU J 265 -41.61 -5.60 -53.14
C LEU J 265 -41.15 -6.09 -54.52
N TYR J 266 -39.95 -6.66 -54.59
CA TYR J 266 -39.55 -7.41 -55.77
C TYR J 266 -40.60 -8.49 -56.12
N TYR J 267 -41.01 -9.26 -55.11
CA TYR J 267 -41.97 -10.35 -55.34
C TYR J 267 -43.39 -9.85 -55.54
N LYS J 268 -43.62 -8.57 -55.27
CA LYS J 268 -44.90 -7.95 -55.59
C LYS J 268 -44.90 -7.35 -57.00
N GLY J 269 -43.82 -7.55 -57.74
CA GLY J 269 -43.70 -7.03 -59.09
C GLY J 269 -43.54 -5.52 -59.15
N PHE J 270 -42.87 -4.95 -58.15
CA PHE J 270 -42.44 -3.55 -58.24
C PHE J 270 -41.23 -3.45 -59.16
N GLU J 271 -41.17 -2.39 -59.97
CA GLU J 271 -39.93 -2.05 -60.66
C GLU J 271 -38.85 -1.86 -59.60
N MET J 272 -37.63 -2.27 -59.94
CA MET J 272 -36.48 -2.26 -59.06
C MET J 272 -36.24 -0.93 -58.34
N GLU J 273 -36.34 0.16 -59.11
CA GLU J 273 -36.10 1.51 -58.58
C GLU J 273 -37.14 1.88 -57.53
N LYS J 274 -38.40 1.59 -57.84
CA LYS J 274 -39.55 1.88 -57.00
C LYS J 274 -39.42 1.08 -55.67
N ALA J 275 -39.01 -0.18 -55.81
CA ALA J 275 -38.80 -1.07 -54.67
C ALA J 275 -37.76 -0.53 -53.70
N LEU J 276 -36.67 0.05 -54.23
CA LEU J 276 -35.65 0.67 -53.39
C LEU J 276 -36.15 1.95 -52.72
N ASP J 277 -36.85 2.79 -53.47
CA ASP J 277 -37.45 4.02 -52.92
C ASP J 277 -38.36 3.69 -51.75
N TYR J 278 -39.17 2.65 -51.92
CA TYR J 278 -40.06 2.19 -50.87
C TYR J 278 -39.26 1.62 -49.71
N ALA J 279 -38.27 0.80 -50.01
CA ALA J 279 -37.36 0.28 -48.99
C ALA J 279 -36.68 1.39 -48.15
N ILE J 280 -36.25 2.48 -48.79
CA ILE J 280 -35.64 3.63 -48.08
C ILE J 280 -36.65 4.28 -47.09
N VAL J 281 -37.92 4.31 -47.46
CA VAL J 281 -38.95 4.80 -46.54
C VAL J 281 -38.99 3.92 -45.27
N ALA J 282 -38.98 2.60 -45.46
CA ALA J 282 -39.01 1.68 -44.33
C ALA J 282 -37.84 1.93 -43.38
N SER J 283 -36.64 2.02 -43.92
CA SER J 283 -35.46 2.26 -43.10
C SER J 283 -35.41 3.68 -42.46
N THR J 284 -35.92 4.67 -43.20
CA THR J 284 -36.08 6.04 -42.67
C THR J 284 -36.95 6.05 -41.40
N LEU J 285 -38.11 5.41 -41.49
CA LEU J 285 -38.99 5.32 -40.33
C LEU J 285 -38.37 4.51 -39.21
N ASN J 286 -37.55 3.52 -39.58
CA ASN J 286 -36.94 2.62 -38.60
C ASN J 286 -36.03 3.37 -37.63
N VAL J 287 -35.27 4.34 -38.13
CA VAL J 287 -34.28 5.02 -37.28
C VAL J 287 -34.92 5.87 -36.17
N MET J 288 -36.19 6.22 -36.35
CA MET J 288 -36.88 7.19 -35.51
C MET J 288 -37.35 6.65 -34.16
N ILE J 289 -37.08 5.36 -33.92
CA ILE J 289 -37.70 4.58 -32.87
C ILE J 289 -36.70 3.58 -32.22
N ARG J 290 -36.88 3.28 -30.94
CA ARG J 290 -36.25 2.11 -30.30
C ARG J 290 -37.14 0.90 -30.62
N GLY J 291 -36.52 -0.16 -31.12
CA GLY J 291 -37.28 -1.32 -31.62
C GLY J 291 -37.01 -1.49 -33.10
N ASP J 292 -36.55 -2.68 -33.46
CA ASP J 292 -36.16 -2.94 -34.82
C ASP J 292 -37.38 -3.18 -35.70
N GLN J 293 -38.51 -3.52 -35.07
CA GLN J 293 -39.68 -4.04 -35.80
C GLN J 293 -40.94 -3.20 -35.64
N GLU J 294 -41.04 -2.45 -34.54
CA GLU J 294 -42.30 -1.81 -34.16
C GLU J 294 -42.89 -0.82 -35.16
N ASN J 295 -42.06 -0.18 -35.98
CA ASN J 295 -42.64 0.72 -36.97
C ASN J 295 -42.27 0.39 -38.43
N LEU J 296 -42.03 -0.91 -38.68
CA LEU J 296 -41.96 -1.43 -40.05
C LEU J 296 -43.28 -1.16 -40.77
N PRO J 297 -43.25 -0.41 -41.88
CA PRO J 297 -44.47 0.03 -42.57
C PRO J 297 -45.08 -0.97 -43.56
N THR J 298 -46.41 -0.95 -43.66
CA THR J 298 -47.09 -1.67 -44.74
C THR J 298 -46.89 -0.86 -46.02
N THR J 299 -47.09 -1.46 -47.17
CA THR J 299 -47.02 -0.76 -48.44
C THR J 299 -47.91 0.49 -48.45
N LYS J 300 -49.14 0.36 -47.96
N LYS J 300 -49.13 0.37 -47.96
CA LYS J 300 -50.04 1.48 -47.80
CA LYS J 300 -50.03 1.51 -47.83
C LYS J 300 -49.37 2.63 -47.02
C LYS J 300 -49.43 2.64 -46.98
N ASP J 301 -48.70 2.27 -45.93
CA ASP J 301 -48.03 3.23 -45.06
C ASP J 301 -46.86 3.93 -45.79
N ILE J 302 -46.09 3.16 -46.55
CA ILE J 302 -45.02 3.72 -47.36
C ILE J 302 -45.57 4.74 -48.36
N GLU J 303 -46.69 4.40 -48.99
CA GLU J 303 -47.35 5.28 -49.98
C GLU J 303 -47.89 6.58 -49.40
N THR J 304 -48.45 6.53 -48.19
CA THR J 304 -48.85 7.74 -47.47
C THR J 304 -47.60 8.62 -47.21
N PHE J 305 -46.52 8.01 -46.74
CA PHE J 305 -45.26 8.74 -46.55
C PHE J 305 -44.87 9.42 -47.85
N LEU J 306 -44.77 8.67 -48.94
CA LEU J 306 -44.30 9.21 -50.22
C LEU J 306 -45.16 10.37 -50.75
N ARG J 307 -46.46 10.27 -50.52
CA ARG J 307 -47.44 11.26 -50.90
C ARG J 307 -47.20 12.61 -50.22
N GLU J 308 -46.80 12.63 -48.94
CA GLU J 308 -46.55 13.91 -48.25
C GLU J 308 -45.12 14.14 -47.76
N MET J 309 -44.14 13.77 -48.58
CA MET J 309 -42.74 13.88 -48.18
C MET J 309 -41.83 14.11 -49.38
N ALA K 2 -71.34 26.83 3.48
CA ALA K 2 -70.56 27.61 4.48
C ALA K 2 -69.20 27.97 3.86
N LYS K 3 -68.54 28.99 4.42
CA LYS K 3 -67.26 29.40 3.88
C LYS K 3 -66.14 29.22 4.90
N LEU K 4 -65.11 28.48 4.47
CA LEU K 4 -63.86 28.35 5.21
C LEU K 4 -62.83 29.33 4.64
N ILE K 5 -62.13 30.02 5.53
CA ILE K 5 -60.90 30.70 5.14
C ILE K 5 -59.71 30.09 5.89
N THR K 6 -58.69 29.66 5.16
CA THR K 6 -57.47 29.16 5.79
C THR K 6 -56.32 30.15 5.59
N LEU K 7 -55.36 30.12 6.49
CA LEU K 7 -54.08 30.80 6.22
C LEU K 7 -52.86 29.95 6.52
N GLY K 8 -51.92 30.01 5.59
CA GLY K 8 -50.69 29.24 5.72
C GLY K 8 -49.81 29.34 4.48
N GLU K 9 -48.89 28.39 4.39
CA GLU K 9 -47.96 28.31 3.26
C GLU K 9 -48.37 27.15 2.38
N ILE K 10 -48.64 27.44 1.11
CA ILE K 10 -48.77 26.42 0.08
C ILE K 10 -47.37 25.97 -0.35
N LEU K 11 -47.21 24.66 -0.57
CA LEU K 11 -45.91 24.10 -0.93
C LEU K 11 -46.03 23.20 -2.14
N ILE K 12 -45.04 23.26 -3.01
CA ILE K 12 -44.93 22.26 -4.05
C ILE K 12 -44.16 21.05 -3.49
N GLU K 13 -44.73 19.88 -3.72
CA GLU K 13 -44.26 18.63 -3.17
C GLU K 13 -43.48 17.88 -4.24
N PHE K 14 -42.28 17.42 -3.90
CA PHE K 14 -41.53 16.52 -4.80
C PHE K 14 -41.45 15.13 -4.20
N ASN K 15 -42.31 14.25 -4.72
CA ASN K 15 -42.59 12.99 -4.06
C ASN K 15 -41.74 11.91 -4.67
N ALA K 16 -40.93 11.22 -3.86
CA ALA K 16 -40.08 10.18 -4.43
C ALA K 16 -40.88 9.10 -5.16
N LEU K 17 -40.42 8.71 -6.35
CA LEU K 17 -41.09 7.65 -7.13
C LEU K 17 -40.78 6.22 -6.66
N SER K 18 -39.77 6.07 -5.82
CA SER K 18 -39.47 4.79 -5.17
C SER K 18 -39.29 5.04 -3.68
N PRO K 19 -39.60 4.03 -2.83
CA PRO K 19 -39.27 4.18 -1.42
C PRO K 19 -37.75 4.14 -1.22
N GLY K 20 -37.30 4.50 -0.03
CA GLY K 20 -35.89 4.39 0.28
C GLY K 20 -35.21 5.72 0.45
N PRO K 21 -33.95 5.69 0.86
CA PRO K 21 -33.19 6.93 1.13
C PRO K 21 -33.05 7.74 -0.17
N LEU K 22 -33.22 9.07 -0.09
CA LEU K 22 -33.22 9.90 -1.31
C LEU K 22 -31.90 9.91 -2.08
N ARG K 23 -30.80 9.58 -1.41
CA ARG K 23 -29.50 9.45 -2.09
C ARG K 23 -29.55 8.43 -3.23
N HIS K 24 -30.49 7.48 -3.15
CA HIS K 24 -30.64 6.52 -4.24
C HIS K 24 -31.97 6.53 -4.97
N VAL K 25 -32.75 7.60 -4.80
CA VAL K 25 -33.98 7.80 -5.57
C VAL K 25 -33.68 8.78 -6.69
N SER K 26 -33.97 8.40 -7.92
CA SER K 26 -33.63 9.23 -9.07
C SER K 26 -34.80 10.04 -9.68
N TYR K 27 -36.04 9.70 -9.31
CA TYR K 27 -37.22 10.30 -9.95
C TYR K 27 -38.17 10.85 -8.93
N PHE K 28 -38.69 12.04 -9.21
CA PHE K 28 -39.57 12.74 -8.29
C PHE K 28 -40.79 13.25 -9.02
N GLU K 29 -41.93 13.19 -8.32
CA GLU K 29 -43.25 13.44 -8.89
C GLU K 29 -43.83 14.66 -8.20
N LYS K 30 -44.16 15.69 -8.98
CA LYS K 30 -44.60 16.97 -8.43
C LYS K 30 -46.08 16.98 -8.03
N HIS K 31 -46.39 17.54 -6.87
CA HIS K 31 -47.78 17.74 -6.43
C HIS K 31 -47.92 19.10 -5.78
N VAL K 32 -49.15 19.61 -5.69
CA VAL K 32 -49.41 20.84 -4.93
C VAL K 32 -50.00 20.44 -3.62
N ALA K 33 -49.36 20.86 -2.53
CA ALA K 33 -49.77 20.49 -1.17
C ALA K 33 -49.57 21.67 -0.18
N GLY K 34 -49.29 21.34 1.08
CA GLY K 34 -49.29 22.32 2.15
C GLY K 34 -50.61 22.18 2.88
N SER K 35 -50.55 22.08 4.20
CA SER K 35 -51.71 21.73 5.03
C SER K 35 -53.00 22.49 4.75
N GLU K 36 -52.92 23.83 4.73
CA GLU K 36 -54.12 24.64 4.59
C GLU K 36 -54.72 24.56 3.15
N ALA K 37 -53.84 24.37 2.16
CA ALA K 37 -54.31 24.11 0.81
C ALA K 37 -55.04 22.76 0.79
N ASN K 38 -54.50 21.76 1.48
CA ASN K 38 -55.17 20.45 1.57
C ASN K 38 -56.55 20.59 2.19
N TYR K 39 -56.63 21.39 3.28
CA TYR K 39 -57.88 21.66 4.00
C TYR K 39 -58.93 22.24 3.08
N CYS K 40 -58.53 23.26 2.31
CA CYS K 40 -59.42 23.90 1.35
C CYS K 40 -60.10 22.91 0.42
N VAL K 41 -59.30 22.08 -0.24
CA VAL K 41 -59.82 21.13 -1.23
C VAL K 41 -60.72 20.07 -0.57
N ALA K 42 -60.29 19.53 0.56
CA ALA K 42 -61.12 18.63 1.33
C ALA K 42 -62.49 19.27 1.71
N PHE K 43 -62.48 20.54 2.06
CA PHE K 43 -63.69 21.29 2.43
C PHE K 43 -64.65 21.50 1.24
N ILE K 44 -64.09 21.95 0.13
CA ILE K 44 -64.77 22.06 -1.16
C ILE K 44 -65.43 20.75 -1.61
N LYS K 45 -64.71 19.65 -1.45
CA LYS K 45 -65.20 18.34 -1.90
C LYS K 45 -66.49 17.90 -1.21
N GLN K 46 -66.80 18.46 -0.04
CA GLN K 46 -68.06 18.16 0.61
C GLN K 46 -69.18 19.15 0.29
N GLY K 47 -68.97 19.98 -0.73
CA GLY K 47 -69.99 20.93 -1.17
C GLY K 47 -70.01 22.27 -0.45
N ASN K 48 -68.90 22.67 0.15
CA ASN K 48 -68.80 24.01 0.75
C ASN K 48 -67.83 24.89 -0.01
N GLU K 49 -67.69 26.14 0.42
N GLU K 49 -67.66 26.11 0.50
CA GLU K 49 -66.81 27.06 -0.28
CA GLU K 49 -66.93 27.20 -0.14
C GLU K 49 -65.64 27.43 0.62
C GLU K 49 -65.64 27.45 0.67
N CYS K 50 -64.54 27.84 0.02
CA CYS K 50 -63.32 28.17 0.78
C CYS K 50 -62.37 29.07 0.01
N GLY K 51 -61.56 29.80 0.75
CA GLY K 51 -60.49 30.57 0.16
C GLY K 51 -59.25 30.42 1.02
N ILE K 52 -58.11 30.78 0.45
CA ILE K 52 -56.86 30.67 1.17
C ILE K 52 -56.14 32.02 1.16
N ILE K 53 -55.63 32.42 2.32
CA ILE K 53 -54.76 33.57 2.40
C ILE K 53 -53.32 33.06 2.46
N ALA K 54 -52.58 33.28 1.39
CA ALA K 54 -51.24 32.71 1.22
C ALA K 54 -50.45 33.57 0.28
N LYS K 55 -49.15 33.58 0.48
CA LYS K 55 -48.24 34.28 -0.39
C LYS K 55 -47.38 33.23 -1.11
N VAL K 56 -47.19 33.40 -2.42
CA VAL K 56 -46.28 32.57 -3.23
C VAL K 56 -45.32 33.44 -4.05
N GLY K 57 -44.34 32.80 -4.68
CA GLY K 57 -43.31 33.53 -5.41
C GLY K 57 -43.72 33.89 -6.82
N ASP K 58 -43.02 34.85 -7.38
CA ASP K 58 -43.22 35.22 -8.76
C ASP K 58 -42.37 34.25 -9.60
N ASP K 59 -42.85 33.00 -9.66
CA ASP K 59 -42.10 31.88 -10.24
C ASP K 59 -43.06 30.80 -10.74
N GLU K 60 -42.52 29.84 -11.47
CA GLU K 60 -43.32 28.72 -12.01
C GLU K 60 -44.08 27.94 -10.94
N PHE K 61 -43.43 27.63 -9.82
CA PHE K 61 -44.10 26.91 -8.73
C PHE K 61 -45.24 27.68 -8.07
N GLY K 62 -45.14 29.01 -8.00
CA GLY K 62 -46.19 29.85 -7.42
C GLY K 62 -47.43 29.90 -8.31
N TYR K 63 -47.19 30.05 -9.62
CA TYR K 63 -48.26 29.94 -10.63
C TYR K 63 -48.86 28.56 -10.72
N ASN K 64 -48.01 27.55 -10.56
CA ASN K 64 -48.45 26.17 -10.39
C ASN K 64 -49.46 26.08 -9.25
N ALA K 65 -49.08 26.62 -8.08
CA ALA K 65 -49.94 26.56 -6.90
C ALA K 65 -51.26 27.31 -7.13
N ILE K 66 -51.18 28.49 -7.74
CA ILE K 66 -52.37 29.30 -8.05
C ILE K 66 -53.33 28.56 -8.99
N GLU K 67 -52.82 28.13 -10.13
CA GLU K 67 -53.62 27.41 -11.14
C GLU K 67 -54.25 26.14 -10.60
N TRP K 68 -53.46 25.36 -9.89
CA TRP K 68 -53.94 24.10 -9.32
C TRP K 68 -55.15 24.34 -8.41
N LEU K 69 -54.99 25.29 -7.49
CA LEU K 69 -56.03 25.58 -6.49
C LEU K 69 -57.27 26.25 -7.09
N ARG K 70 -57.07 27.16 -8.04
CA ARG K 70 -58.17 27.78 -8.77
C ARG K 70 -58.96 26.72 -9.52
N GLY K 71 -58.24 25.77 -10.13
CA GLY K 71 -58.84 24.61 -10.79
C GLY K 71 -59.73 23.79 -9.88
N GLN K 72 -59.33 23.64 -8.61
CA GLN K 72 -60.14 22.96 -7.63
C GLN K 72 -61.34 23.77 -7.10
N GLY K 73 -61.51 24.98 -7.59
CA GLY K 73 -62.59 25.84 -7.14
C GLY K 73 -62.30 26.59 -5.85
N VAL K 74 -61.05 26.55 -5.40
CA VAL K 74 -60.64 27.37 -4.25
C VAL K 74 -60.57 28.86 -4.67
N ASP K 75 -61.07 29.74 -3.82
CA ASP K 75 -60.96 31.19 -4.05
C ASP K 75 -59.49 31.58 -3.86
N VAL K 76 -58.84 32.02 -4.94
CA VAL K 76 -57.43 32.40 -4.87
C VAL K 76 -57.19 33.90 -4.98
N SER K 77 -58.27 34.68 -4.91
CA SER K 77 -58.21 36.13 -5.15
C SER K 77 -57.53 36.92 -4.02
N HIS K 78 -57.40 36.32 -2.83
CA HIS K 78 -56.73 36.97 -1.70
C HIS K 78 -55.31 36.43 -1.47
N MET K 79 -54.76 35.77 -2.49
CA MET K 79 -53.39 35.33 -2.42
C MET K 79 -52.53 36.49 -2.86
N LYS K 80 -51.28 36.50 -2.40
CA LYS K 80 -50.30 37.49 -2.85
C LYS K 80 -49.15 36.79 -3.57
N ILE K 81 -48.51 37.55 -4.45
CA ILE K 81 -47.32 37.10 -5.13
C ILE K 81 -46.17 37.97 -4.66
N ASP K 82 -45.20 37.36 -3.99
CA ASP K 82 -44.02 38.05 -3.51
C ASP K 82 -43.05 38.38 -4.64
N PRO K 83 -42.59 39.65 -4.72
CA PRO K 83 -41.72 40.06 -5.84
C PRO K 83 -40.35 39.37 -5.88
N SER K 84 -39.85 38.88 -4.76
CA SER K 84 -38.48 38.37 -4.77
C SER K 84 -38.22 37.02 -4.10
N ALA K 85 -39.12 36.58 -3.22
CA ALA K 85 -38.90 35.34 -2.49
C ALA K 85 -39.46 34.14 -3.28
N PRO K 86 -38.77 32.98 -3.24
CA PRO K 86 -39.22 31.81 -4.00
C PRO K 86 -40.31 31.02 -3.33
N THR K 87 -41.14 30.36 -4.13
CA THR K 87 -42.15 29.47 -3.57
C THR K 87 -41.46 28.36 -2.81
N GLY K 88 -42.00 28.07 -1.63
CA GLY K 88 -41.51 27.02 -0.76
C GLY K 88 -41.80 25.63 -1.32
N ILE K 89 -40.87 24.71 -1.08
CA ILE K 89 -40.98 23.36 -1.62
C ILE K 89 -40.54 22.35 -0.58
N PHE K 90 -40.85 21.09 -0.84
CA PHE K 90 -40.34 20.00 -0.05
C PHE K 90 -40.33 18.70 -0.84
N PHE K 91 -39.51 17.78 -0.37
CA PHE K 91 -39.34 16.46 -0.91
C PHE K 91 -39.94 15.47 0.07
N ILE K 92 -40.48 14.38 -0.47
CA ILE K 92 -40.98 13.31 0.37
C ILE K 92 -40.19 12.02 0.17
N GLN K 93 -39.60 11.58 1.27
CA GLN K 93 -38.92 10.31 1.36
C GLN K 93 -39.90 9.32 1.96
N ARG K 94 -40.12 8.21 1.27
CA ARG K 94 -41.20 7.25 1.62
C ARG K 94 -40.69 5.92 2.17
N HIS K 95 -41.29 5.46 3.27
CA HIS K 95 -41.10 4.09 3.77
C HIS K 95 -39.70 3.77 4.28
N TYR K 96 -38.92 4.82 4.53
CA TYR K 96 -37.55 4.66 4.89
C TYR K 96 -37.12 5.81 5.80
N PRO K 97 -36.48 5.49 6.95
CA PRO K 97 -36.16 4.12 7.41
C PRO K 97 -37.29 3.41 8.13
N VAL K 98 -38.47 4.03 8.16
CA VAL K 98 -39.65 3.46 8.80
C VAL K 98 -40.74 3.10 7.77
N PRO K 99 -41.05 1.80 7.62
CA PRO K 99 -42.12 1.35 6.74
C PRO K 99 -43.46 2.02 7.10
N LEU K 100 -44.23 2.32 6.07
CA LEU K 100 -45.58 2.88 6.20
C LEU K 100 -45.56 4.37 6.57
N LYS K 101 -44.37 4.91 6.80
CA LYS K 101 -44.24 6.34 7.16
C LYS K 101 -43.48 7.13 6.10
N SER K 102 -43.67 8.45 6.12
CA SER K 102 -42.99 9.37 5.21
C SER K 102 -42.20 10.44 5.95
N GLU K 103 -41.22 11.02 5.27
CA GLU K 103 -40.48 12.14 5.81
C GLU K 103 -40.39 13.25 4.81
N SER K 104 -40.68 14.47 5.29
CA SER K 104 -40.67 15.71 4.50
C SER K 104 -39.38 16.48 4.69
N ILE K 105 -38.77 16.90 3.58
CA ILE K 105 -37.49 17.57 3.61
C ILE K 105 -37.72 18.94 2.98
N TYR K 106 -37.59 19.98 3.79
CA TYR K 106 -38.06 21.30 3.36
C TYR K 106 -36.99 22.17 2.72
N TYR K 107 -37.40 22.91 1.69
CA TYR K 107 -36.63 24.03 1.20
C TYR K 107 -37.56 25.23 1.23
N ARG K 108 -37.78 25.74 2.43
CA ARG K 108 -38.84 26.72 2.65
C ARG K 108 -38.37 27.99 3.37
N LYS K 109 -37.10 28.03 3.78
CA LYS K 109 -36.58 29.18 4.52
C LYS K 109 -36.48 30.46 3.71
N GLY K 110 -37.01 31.54 4.27
CA GLY K 110 -37.18 32.80 3.55
C GLY K 110 -38.10 32.70 2.34
N SER K 111 -39.02 31.74 2.35
CA SER K 111 -39.91 31.52 1.20
C SER K 111 -40.91 32.67 1.10
N ALA K 112 -41.57 32.76 -0.05
CA ALA K 112 -42.67 33.73 -0.24
C ALA K 112 -43.78 33.48 0.78
N GLY K 113 -44.05 32.22 1.06
CA GLY K 113 -45.07 31.81 2.04
C GLY K 113 -44.82 32.28 3.45
N SER K 114 -43.54 32.26 3.84
CA SER K 114 -43.09 32.79 5.14
C SER K 114 -43.21 34.32 5.24
N LYS K 115 -43.35 35.00 4.12
CA LYS K 115 -43.48 36.46 4.10
C LYS K 115 -44.94 36.92 4.22
N LEU K 116 -45.84 35.95 4.41
CA LEU K 116 -47.23 36.22 4.77
C LEU K 116 -47.27 37.10 6.02
N SER K 117 -48.13 38.12 6.03
CA SER K 117 -48.18 39.04 7.16
C SER K 117 -49.59 39.59 7.43
N PRO K 118 -49.81 40.21 8.60
CA PRO K 118 -51.16 40.70 8.91
C PRO K 118 -51.70 41.65 7.85
N GLU K 119 -50.81 42.29 7.12
CA GLU K 119 -51.20 43.25 6.12
C GLU K 119 -51.85 42.56 4.90
N ASP K 120 -51.66 41.24 4.81
CA ASP K 120 -52.27 40.39 3.77
C ASP K 120 -53.61 39.81 4.23
N VAL K 121 -53.99 40.11 5.47
CA VAL K 121 -55.27 39.69 6.02
C VAL K 121 -56.26 40.85 5.93
N ASP K 122 -57.22 40.74 5.01
CA ASP K 122 -58.27 41.74 4.87
C ASP K 122 -59.42 41.44 5.82
N GLU K 123 -59.80 42.46 6.59
CA GLU K 123 -60.82 42.31 7.62
C GLU K 123 -62.20 41.91 7.10
N GLU K 124 -62.64 42.51 6.00
CA GLU K 124 -63.99 42.22 5.49
C GLU K 124 -64.05 40.88 4.75
N TYR K 125 -62.92 40.45 4.20
CA TYR K 125 -62.82 39.07 3.70
C TYR K 125 -62.96 38.08 4.88
N VAL K 126 -62.14 38.24 5.91
CA VAL K 126 -62.21 37.36 7.09
C VAL K 126 -63.58 37.31 7.76
N LYS K 127 -64.24 38.47 7.83
CA LYS K 127 -65.59 38.55 8.41
C LYS K 127 -66.63 37.73 7.63
N SER K 128 -66.37 37.50 6.34
CA SER K 128 -67.29 36.72 5.48
C SER K 128 -67.20 35.19 5.62
N ALA K 129 -66.25 34.70 6.41
CA ALA K 129 -66.10 33.27 6.67
C ALA K 129 -67.01 32.82 7.80
N ASP K 130 -67.48 31.58 7.71
CA ASP K 130 -68.11 30.91 8.85
C ASP K 130 -67.08 30.35 9.82
N LEU K 131 -65.89 30.10 9.31
CA LEU K 131 -64.83 29.44 10.06
C LEU K 131 -63.50 29.86 9.48
N VAL K 132 -62.60 30.27 10.36
CA VAL K 132 -61.26 30.67 9.96
C VAL K 132 -60.28 29.68 10.59
N HIS K 133 -59.32 29.21 9.79
CA HIS K 133 -58.51 28.04 10.13
C HIS K 133 -57.02 28.25 9.88
N SER K 134 -56.19 27.81 10.82
CA SER K 134 -54.76 27.78 10.59
C SER K 134 -54.17 26.61 11.38
N SER K 135 -52.84 26.53 11.40
CA SER K 135 -52.13 25.40 12.01
C SER K 135 -50.81 25.81 12.66
N GLY K 136 -50.23 24.90 13.43
CA GLY K 136 -48.93 25.12 14.05
C GLY K 136 -47.82 25.34 13.05
N ILE K 137 -48.05 24.94 11.80
CA ILE K 137 -47.06 25.17 10.75
C ILE K 137 -46.95 26.65 10.44
N THR K 138 -48.08 27.31 10.34
CA THR K 138 -48.12 28.72 10.00
C THR K 138 -47.49 29.60 11.09
N LEU K 139 -47.68 29.22 12.36
CA LEU K 139 -47.03 29.88 13.51
C LEU K 139 -45.51 29.70 13.51
N ALA K 140 -45.06 28.55 13.02
CA ALA K 140 -43.67 28.15 13.09
C ALA K 140 -42.80 28.82 12.03
N ILE K 141 -43.38 29.13 10.89
CA ILE K 141 -42.58 29.56 9.72
C ILE K 141 -41.96 30.96 9.79
N SER K 142 -42.64 31.89 10.47
CA SER K 142 -42.12 33.25 10.66
C SER K 142 -43.00 34.06 11.61
N SER K 143 -42.48 35.20 12.05
CA SER K 143 -43.20 36.09 12.97
C SER K 143 -44.35 36.76 12.25
N THR K 144 -44.12 37.14 10.99
CA THR K 144 -45.15 37.80 10.19
C THR K 144 -46.34 36.87 9.99
N ALA K 145 -46.05 35.61 9.64
CA ALA K 145 -47.08 34.58 9.43
C ALA K 145 -47.89 34.31 10.71
N LYS K 146 -47.20 34.10 11.83
CA LYS K 146 -47.81 34.06 13.16
C LYS K 146 -48.76 35.24 13.41
N GLU K 147 -48.24 36.47 13.23
N GLU K 147 -48.27 36.47 13.22
CA GLU K 147 -49.00 37.73 13.37
CA GLU K 147 -49.10 37.66 13.46
C GLU K 147 -50.25 37.71 12.50
C GLU K 147 -50.22 37.86 12.42
N ALA K 148 -50.10 37.20 11.27
CA ALA K 148 -51.20 37.09 10.31
C ALA K 148 -52.33 36.26 10.89
N VAL K 149 -51.98 35.12 11.51
CA VAL K 149 -52.93 34.22 12.18
C VAL K 149 -53.64 34.92 13.37
N TYR K 150 -52.88 35.67 14.16
CA TYR K 150 -53.43 36.44 15.28
C TYR K 150 -54.47 37.46 14.83
N LYS K 151 -54.13 38.23 13.79
CA LYS K 151 -55.05 39.23 13.27
C LYS K 151 -56.33 38.59 12.77
N ALA K 152 -56.17 37.54 11.95
CA ALA K 152 -57.30 36.79 11.38
C ALA K 152 -58.18 36.20 12.48
N PHE K 153 -57.56 35.62 13.51
CA PHE K 153 -58.28 35.07 14.67
C PHE K 153 -58.95 36.13 15.56
N GLU K 154 -58.33 37.31 15.65
CA GLU K 154 -58.94 38.46 16.33
C GLU K 154 -60.24 38.84 15.62
N ILE K 155 -60.18 38.88 14.28
CA ILE K 155 -61.33 39.24 13.45
C ILE K 155 -62.44 38.17 13.43
N ALA K 156 -62.04 36.90 13.41
CA ALA K 156 -62.99 35.78 13.25
C ALA K 156 -63.95 35.55 14.42
N SER K 157 -65.19 35.26 14.09
CA SER K 157 -66.19 34.75 15.04
C SER K 157 -65.90 33.30 15.46
N ASN K 158 -65.56 32.44 14.49
CA ASN K 158 -65.21 31.05 14.79
C ASN K 158 -63.87 30.63 14.24
N ARG K 159 -63.14 29.86 15.05
CA ARG K 159 -61.75 29.49 14.75
C ARG K 159 -61.52 27.99 14.80
N SER K 160 -60.61 27.57 13.94
CA SER K 160 -60.24 26.16 13.84
C SER K 160 -58.71 26.09 13.80
N PHE K 161 -58.14 25.07 14.44
CA PHE K 161 -56.70 24.97 14.53
C PHE K 161 -56.23 23.53 14.46
N ASP K 162 -55.27 23.27 13.57
CA ASP K 162 -54.62 21.97 13.50
C ASP K 162 -53.25 22.23 14.11
N THR K 163 -52.92 21.49 15.17
CA THR K 163 -51.61 21.70 15.84
C THR K 163 -50.42 21.45 14.88
N ASN K 164 -50.51 20.38 14.08
CA ASN K 164 -49.53 20.08 13.02
C ASN K 164 -48.13 20.55 13.42
N ILE K 165 -47.61 19.95 14.48
CA ILE K 165 -46.29 20.35 14.97
C ILE K 165 -45.22 19.72 14.09
N ARG K 166 -44.26 20.53 13.68
CA ARG K 166 -43.09 20.04 12.93
C ARG K 166 -41.80 20.36 13.72
N LEU K 167 -41.16 19.31 14.25
CA LEU K 167 -39.93 19.51 15.03
C LEU K 167 -38.77 19.99 14.16
N LYS K 168 -38.89 19.81 12.84
CA LYS K 168 -37.90 20.34 11.89
C LYS K 168 -38.02 21.87 11.72
N LEU K 169 -39.17 22.43 12.14
CA LEU K 169 -39.44 23.86 11.98
C LEU K 169 -39.24 24.69 13.26
N TRP K 170 -39.44 24.05 14.41
CA TRP K 170 -39.23 24.70 15.70
C TRP K 170 -39.12 23.62 16.79
N SER K 171 -38.48 23.97 17.91
CA SER K 171 -38.33 23.04 19.02
C SER K 171 -39.67 22.69 19.67
N ALA K 172 -39.70 21.54 20.34
CA ALA K 172 -40.87 21.09 21.08
C ALA K 172 -41.33 22.17 22.06
N GLU K 173 -40.38 22.83 22.72
N GLU K 173 -40.37 22.82 22.72
CA GLU K 173 -40.68 23.89 23.67
CA GLU K 173 -40.64 23.91 23.68
C GLU K 173 -41.24 25.16 23.03
C GLU K 173 -41.26 25.14 23.01
N GLU K 174 -40.70 25.55 21.87
CA GLU K 174 -41.24 26.69 21.09
C GLU K 174 -42.67 26.40 20.64
N ALA K 175 -42.93 25.15 20.25
CA ALA K 175 -44.24 24.67 19.79
C ALA K 175 -45.25 24.73 20.91
N LYS K 176 -44.92 24.06 22.01
CA LYS K 176 -45.67 24.11 23.26
C LYS K 176 -45.95 25.57 23.69
N ARG K 177 -44.89 26.39 23.72
N ARG K 177 -44.92 26.43 23.69
CA ARG K 177 -45.00 27.84 23.97
CA ARG K 177 -45.10 27.85 24.05
C ARG K 177 -46.08 28.46 23.12
C ARG K 177 -46.04 28.61 23.13
N GLU K 178 -45.79 28.56 21.82
CA GLU K 178 -46.60 29.36 20.88
C GLU K 178 -48.03 28.88 20.68
N ILE K 179 -48.23 27.56 20.67
CA ILE K 179 -49.56 26.97 20.53
C ILE K 179 -50.42 27.32 21.74
N LEU K 180 -49.86 27.10 22.93
CA LEU K 180 -50.50 27.53 24.19
C LEU K 180 -50.82 29.02 24.25
N LYS K 181 -49.93 29.87 23.76
CA LYS K 181 -50.21 31.30 23.72
C LYS K 181 -51.41 31.62 22.81
N LEU K 182 -51.51 30.92 21.68
CA LEU K 182 -52.63 31.15 20.76
C LEU K 182 -53.96 30.63 21.32
N LEU K 183 -53.92 29.48 21.97
CA LEU K 183 -55.11 28.86 22.53
C LEU K 183 -55.64 29.59 23.76
N SER K 184 -54.74 30.20 24.54
CA SER K 184 -55.13 31.03 25.69
C SER K 184 -55.88 32.28 25.24
N LYS K 185 -55.43 32.84 24.12
CA LYS K 185 -55.89 34.13 23.62
C LYS K 185 -57.21 33.97 22.88
N PHE K 186 -57.31 32.87 22.15
CA PHE K 186 -58.39 32.64 21.20
C PHE K 186 -59.06 31.31 21.44
N HIS K 187 -60.28 31.36 21.97
CA HIS K 187 -61.08 30.17 22.12
C HIS K 187 -61.41 29.60 20.73
N LEU K 188 -61.33 28.28 20.63
CA LEU K 188 -61.50 27.59 19.36
C LEU K 188 -62.83 26.85 19.29
N LYS K 189 -63.45 26.87 18.12
CA LYS K 189 -64.58 25.98 17.85
C LYS K 189 -64.07 24.55 17.62
N PHE K 190 -62.99 24.43 16.83
CA PHE K 190 -62.40 23.11 16.51
C PHE K 190 -60.91 23.05 16.82
N LEU K 191 -60.49 22.04 17.57
CA LEU K 191 -59.08 21.70 17.67
C LEU K 191 -58.83 20.35 16.98
N ILE K 192 -57.94 20.36 15.97
CA ILE K 192 -57.53 19.12 15.31
C ILE K 192 -56.08 18.87 15.73
N THR K 193 -55.87 17.73 16.37
CA THR K 193 -54.59 17.37 16.93
C THR K 193 -54.43 15.85 16.95
N ASP K 194 -53.41 15.37 17.67
CA ASP K 194 -53.21 13.96 17.88
C ASP K 194 -52.42 13.76 19.18
N THR K 195 -52.16 12.49 19.55
CA THR K 195 -51.45 12.14 20.79
C THR K 195 -49.98 12.59 20.81
N ASP K 196 -49.33 12.55 19.65
CA ASP K 196 -47.95 13.07 19.54
C ASP K 196 -47.87 14.57 19.91
N ASP K 197 -48.74 15.38 19.31
CA ASP K 197 -48.78 16.82 19.60
C ASP K 197 -49.31 17.12 21.00
N SER K 198 -50.13 16.24 21.53
CA SER K 198 -50.60 16.36 22.91
C SER K 198 -49.48 16.15 23.93
N LYS K 199 -48.65 15.12 23.73
CA LYS K 199 -47.43 14.92 24.52
C LYS K 199 -46.56 16.16 24.58
N ILE K 200 -46.38 16.80 23.44
CA ILE K 200 -45.51 17.96 23.30
C ILE K 200 -46.10 19.19 23.96
N ILE K 201 -47.40 19.41 23.75
CA ILE K 201 -48.09 20.60 24.24
C ILE K 201 -48.45 20.50 25.71
N LEU K 202 -49.01 19.36 26.10
CA LEU K 202 -49.58 19.18 27.44
C LEU K 202 -48.78 18.23 28.32
N GLY K 203 -47.81 17.53 27.74
CA GLY K 203 -47.11 16.44 28.42
C GLY K 203 -48.00 15.23 28.57
N GLU K 204 -49.17 15.28 27.95
CA GLU K 204 -50.17 14.23 28.09
C GLU K 204 -50.34 13.38 26.84
N SER K 205 -50.20 12.06 26.98
CA SER K 205 -50.23 11.13 25.85
C SER K 205 -51.58 10.47 25.65
N ASP K 206 -52.27 10.15 26.74
CA ASP K 206 -53.59 9.53 26.68
C ASP K 206 -54.63 10.48 26.07
N PRO K 207 -55.40 10.01 25.08
CA PRO K 207 -56.41 10.81 24.38
C PRO K 207 -57.43 11.51 25.29
N ASP K 208 -57.99 10.77 26.24
CA ASP K 208 -59.01 11.29 27.17
C ASP K 208 -58.53 12.49 27.98
N LYS K 209 -57.37 12.34 28.60
CA LYS K 209 -56.79 13.36 29.46
C LYS K 209 -56.28 14.56 28.66
N ALA K 210 -55.72 14.29 27.48
CA ALA K 210 -55.32 15.34 26.54
C ALA K 210 -56.52 16.18 26.16
N ALA K 211 -57.62 15.50 25.82
CA ALA K 211 -58.85 16.14 25.35
C ALA K 211 -59.55 16.91 26.46
N LYS K 212 -59.48 16.37 27.69
CA LYS K 212 -60.01 17.06 28.86
C LYS K 212 -59.28 18.36 29.08
N ALA K 213 -57.94 18.31 29.06
CA ALA K 213 -57.10 19.51 29.19
C ALA K 213 -57.34 20.51 28.06
N PHE K 214 -57.54 20.00 26.85
CA PHE K 214 -57.79 20.81 25.66
C PHE K 214 -59.18 21.46 25.64
N SER K 215 -60.14 20.85 26.33
CA SER K 215 -61.50 21.37 26.39
C SER K 215 -61.57 22.73 27.10
N ASP K 216 -60.50 23.09 27.81
CA ASP K 216 -60.32 24.44 28.33
C ASP K 216 -60.26 25.49 27.20
N TYR K 217 -59.91 25.04 25.98
CA TYR K 217 -59.64 25.96 24.86
C TYR K 217 -60.52 25.77 23.63
N ALA K 218 -61.13 24.59 23.51
CA ALA K 218 -61.86 24.20 22.30
C ALA K 218 -63.19 23.55 22.60
N GLU K 219 -64.19 23.84 21.76
N GLU K 219 -64.18 23.81 21.73
CA GLU K 219 -65.50 23.21 21.85
CA GLU K 219 -65.52 23.25 21.83
C GLU K 219 -65.41 21.76 21.39
C GLU K 219 -65.61 21.82 21.29
N ILE K 220 -64.94 21.57 20.17
CA ILE K 220 -64.92 20.25 19.52
C ILE K 220 -63.46 19.87 19.30
N ILE K 221 -63.08 18.68 19.77
CA ILE K 221 -61.70 18.21 19.67
C ILE K 221 -61.62 16.94 18.84
N VAL K 222 -60.89 17.00 17.72
CA VAL K 222 -60.53 15.79 16.96
C VAL K 222 -59.14 15.29 17.39
N MET K 223 -59.12 14.12 18.01
CA MET K 223 -57.89 13.52 18.45
C MET K 223 -57.60 12.35 17.52
N LYS K 224 -56.60 12.54 16.65
CA LYS K 224 -56.23 11.52 15.70
C LYS K 224 -55.26 10.52 16.35
N LEU K 225 -55.23 9.31 15.83
CA LEU K 225 -54.44 8.25 16.47
C LEU K 225 -53.53 7.52 15.49
N GLY K 226 -53.38 8.07 14.28
CA GLY K 226 -52.68 7.38 13.20
C GLY K 226 -53.55 6.32 12.55
N PRO K 227 -52.93 5.23 12.08
CA PRO K 227 -53.67 4.19 11.35
C PRO K 227 -54.91 3.69 12.11
N LYS K 228 -54.82 3.65 13.44
CA LYS K 228 -55.92 3.22 14.30
C LYS K 228 -57.21 4.01 14.13
N GLY K 229 -57.10 5.27 13.73
CA GLY K 229 -58.28 6.10 13.45
C GLY K 229 -58.27 7.42 14.17
N ALA K 230 -59.43 7.80 14.71
CA ALA K 230 -59.58 9.07 15.40
C ALA K 230 -60.73 9.07 16.41
N ILE K 231 -60.61 9.93 17.43
CA ILE K 231 -61.67 10.18 18.40
C ILE K 231 -62.10 11.65 18.36
N VAL K 232 -63.42 11.86 18.29
CA VAL K 232 -64.00 13.20 18.45
C VAL K 232 -64.59 13.35 19.86
N TYR K 233 -64.26 14.48 20.51
CA TYR K 233 -64.77 14.85 21.81
C TYR K 233 -65.57 16.13 21.67
N TYR K 234 -66.79 16.09 22.17
CA TYR K 234 -67.69 17.23 22.13
C TYR K 234 -68.74 17.03 23.23
N ASP K 235 -68.79 17.99 24.16
CA ASP K 235 -69.90 18.11 25.12
C ASP K 235 -70.17 16.83 25.96
N GLY K 236 -69.16 16.42 26.72
CA GLY K 236 -69.26 15.22 27.56
C GLY K 236 -69.35 13.88 26.82
N LYS K 237 -69.43 13.93 25.49
CA LYS K 237 -69.37 12.71 24.68
C LYS K 237 -67.97 12.50 24.12
N LYS K 238 -67.66 11.23 23.83
CA LYS K 238 -66.44 10.81 23.17
C LYS K 238 -66.84 9.74 22.18
N TYR K 239 -66.32 9.83 20.95
CA TYR K 239 -66.60 8.84 19.91
C TYR K 239 -65.36 8.43 19.11
N TYR K 240 -65.05 7.14 19.16
CA TYR K 240 -63.96 6.54 18.41
C TYR K 240 -64.42 5.98 17.06
N SER K 241 -63.72 6.41 16.00
CA SER K 241 -63.99 5.93 14.64
C SER K 241 -62.72 5.25 14.16
N SER K 242 -62.79 3.93 13.96
CA SER K 242 -61.60 3.17 13.58
C SER K 242 -61.15 3.42 12.14
N GLY K 243 -59.84 3.29 11.94
CA GLY K 243 -59.22 3.30 10.61
C GLY K 243 -59.48 2.02 9.84
N TYR K 244 -59.00 2.00 8.60
CA TYR K 244 -59.12 0.84 7.73
C TYR K 244 -57.73 0.36 7.36
N GLN K 245 -57.63 -0.92 7.03
CA GLN K 245 -56.38 -1.48 6.52
C GLN K 245 -56.38 -1.38 4.99
N VAL K 246 -55.49 -0.54 4.46
CA VAL K 246 -55.34 -0.39 3.01
C VAL K 246 -53.86 -0.36 2.68
N PRO K 247 -53.48 -0.62 1.41
CA PRO K 247 -52.06 -0.52 1.10
C PRO K 247 -51.62 0.94 1.18
N VAL K 248 -50.47 1.19 1.82
CA VAL K 248 -49.98 2.53 2.09
C VAL K 248 -48.94 2.93 1.09
N GLU K 249 -49.23 3.97 0.31
CA GLU K 249 -48.27 4.53 -0.64
C GLU K 249 -47.54 5.70 -0.01
N ASP K 250 -48.30 6.61 0.58
CA ASP K 250 -47.77 7.81 1.24
C ASP K 250 -48.84 8.40 2.15
N VAL K 251 -48.59 8.38 3.46
CA VAL K 251 -49.51 8.96 4.44
C VAL K 251 -49.55 10.50 4.45
N THR K 252 -48.55 11.15 3.84
CA THR K 252 -48.51 12.62 3.86
C THR K 252 -49.80 13.19 3.27
N GLY K 253 -50.48 14.01 4.05
CA GLY K 253 -51.75 14.58 3.60
C GLY K 253 -52.96 14.08 4.38
N ALA K 254 -52.83 12.91 5.01
CA ALA K 254 -53.96 12.20 5.58
C ALA K 254 -54.67 12.95 6.71
N GLY K 255 -53.90 13.57 7.59
CA GLY K 255 -54.46 14.36 8.69
C GLY K 255 -55.25 15.55 8.21
N ASP K 256 -54.79 16.23 7.14
CA ASP K 256 -55.56 17.32 6.52
C ASP K 256 -56.85 16.84 5.85
N ALA K 257 -56.73 15.71 5.12
CA ALA K 257 -57.88 15.09 4.50
C ALA K 257 -58.99 14.85 5.55
N LEU K 258 -58.63 14.28 6.69
CA LEU K 258 -59.59 14.02 7.77
C LEU K 258 -60.17 15.35 8.28
N GLY K 259 -59.30 16.20 8.82
CA GLY K 259 -59.66 17.51 9.35
C GLY K 259 -60.59 18.33 8.45
N GLY K 260 -60.19 18.50 7.20
CA GLY K 260 -60.95 19.29 6.24
C GLY K 260 -62.30 18.69 5.89
N THR K 261 -62.37 17.35 5.84
CA THR K 261 -63.61 16.65 5.49
C THR K 261 -64.61 16.74 6.64
N PHE K 262 -64.12 16.49 7.85
CA PHE K 262 -64.88 16.62 9.11
C PHE K 262 -65.49 18.02 9.26
N LEU K 263 -64.64 19.04 9.10
CA LEU K 263 -65.06 20.44 9.16
C LEU K 263 -66.22 20.72 8.23
N SER K 264 -66.06 20.36 6.96
CA SER K 264 -67.06 20.60 5.92
C SER K 264 -68.40 19.89 6.17
N LEU K 265 -68.32 18.66 6.69
CA LEU K 265 -69.52 17.88 6.95
C LEU K 265 -70.31 18.39 8.15
N TYR K 266 -69.61 18.90 9.15
CA TYR K 266 -70.22 19.67 10.24
C TYR K 266 -71.13 20.77 9.71
N TYR K 267 -70.65 21.52 8.72
CA TYR K 267 -71.44 22.61 8.13
C TYR K 267 -72.50 22.15 7.12
N LYS K 268 -72.41 20.87 6.73
CA LYS K 268 -73.48 20.24 5.98
C LYS K 268 -74.59 19.73 6.92
N GLY K 269 -74.35 19.82 8.23
CA GLY K 269 -75.37 19.45 9.21
C GLY K 269 -75.35 18.00 9.62
N PHE K 270 -74.19 17.37 9.47
CA PHE K 270 -73.93 16.00 9.93
C PHE K 270 -73.79 15.96 11.43
N GLU K 271 -74.27 14.86 12.04
CA GLU K 271 -73.88 14.51 13.42
C GLU K 271 -72.37 14.27 13.48
N MET K 272 -71.79 14.59 14.63
CA MET K 272 -70.36 14.53 14.85
C MET K 272 -69.73 13.17 14.51
N GLU K 273 -70.43 12.09 14.90
CA GLU K 273 -70.04 10.71 14.61
C GLU K 273 -70.04 10.35 13.11
N LYS K 274 -71.11 10.72 12.40
CA LYS K 274 -71.16 10.50 10.97
C LYS K 274 -70.09 11.33 10.24
N ALA K 275 -69.87 12.57 10.69
CA ALA K 275 -68.87 13.45 10.08
C ALA K 275 -67.45 12.88 10.27
N LEU K 276 -67.16 12.36 11.45
CA LEU K 276 -65.89 11.69 11.70
C LEU K 276 -65.77 10.42 10.85
N ASP K 277 -66.80 9.58 10.86
CA ASP K 277 -66.83 8.36 10.04
C ASP K 277 -66.44 8.66 8.59
N TYR K 278 -67.06 9.68 8.02
CA TYR K 278 -66.81 10.10 6.65
C TYR K 278 -65.39 10.61 6.45
N ALA K 279 -64.91 11.39 7.45
CA ALA K 279 -63.57 11.95 7.44
C ALA K 279 -62.49 10.87 7.42
N ILE K 280 -62.71 9.79 8.16
CA ILE K 280 -61.81 8.62 8.16
C ILE K 280 -61.73 7.97 6.78
N VAL K 281 -62.83 7.98 6.04
CA VAL K 281 -62.82 7.49 4.65
C VAL K 281 -61.86 8.32 3.79
N ALA K 282 -61.93 9.64 3.94
CA ALA K 282 -61.11 10.58 3.19
C ALA K 282 -59.62 10.35 3.42
N SER K 283 -59.24 10.21 4.68
CA SER K 283 -57.86 10.00 5.07
C SER K 283 -57.37 8.58 4.76
N THR K 284 -58.27 7.61 4.85
CA THR K 284 -58.01 6.26 4.36
C THR K 284 -57.59 6.25 2.88
N LEU K 285 -58.41 6.89 2.05
CA LEU K 285 -58.11 6.99 0.61
C LEU K 285 -56.78 7.70 0.36
N ASN K 286 -56.52 8.72 1.16
CA ASN K 286 -55.37 9.59 0.98
C ASN K 286 -54.02 8.85 1.11
N VAL K 287 -53.92 7.95 2.08
CA VAL K 287 -52.69 7.16 2.29
C VAL K 287 -52.35 6.18 1.13
N MET K 288 -53.27 6.06 0.17
CA MET K 288 -53.16 5.08 -0.90
C MET K 288 -52.45 5.61 -2.14
N ILE K 289 -52.17 6.91 -2.18
CA ILE K 289 -51.44 7.51 -3.32
C ILE K 289 -50.36 8.49 -2.90
N ARG K 290 -49.39 8.72 -3.79
CA ARG K 290 -48.50 9.88 -3.71
C ARG K 290 -49.31 11.11 -4.13
N GLY K 291 -49.34 12.15 -3.30
CA GLY K 291 -50.15 13.35 -3.61
C GLY K 291 -51.20 13.60 -2.53
N ASP K 292 -51.20 14.81 -1.97
CA ASP K 292 -52.03 15.09 -0.79
C ASP K 292 -53.51 15.34 -1.12
N GLN K 293 -53.76 15.75 -2.36
CA GLN K 293 -55.05 16.27 -2.81
C GLN K 293 -55.71 15.43 -3.89
N GLU K 294 -54.91 14.73 -4.70
CA GLU K 294 -55.41 14.06 -5.90
C GLU K 294 -56.51 13.02 -5.68
N ASN K 295 -56.59 12.40 -4.52
CA ASN K 295 -57.76 11.53 -4.34
C ASN K 295 -58.68 11.85 -3.15
N LEU K 296 -58.79 13.15 -2.85
CA LEU K 296 -59.76 13.66 -1.89
C LEU K 296 -61.16 13.40 -2.45
N PRO K 297 -61.99 12.64 -1.69
CA PRO K 297 -63.30 12.21 -2.19
C PRO K 297 -64.43 13.20 -1.96
N THR K 298 -65.39 13.17 -2.88
CA THR K 298 -66.63 13.92 -2.75
C THR K 298 -67.45 13.14 -1.74
N THR K 299 -68.50 13.75 -1.21
CA THR K 299 -69.41 13.06 -0.28
C THR K 299 -70.00 11.79 -0.92
N LYS K 300 -70.34 11.89 -2.19
CA LYS K 300 -70.79 10.76 -2.99
C LYS K 300 -69.74 9.63 -3.04
N ASP K 301 -68.49 9.99 -3.34
CA ASP K 301 -67.38 9.03 -3.39
C ASP K 301 -67.22 8.29 -2.06
N ILE K 302 -67.34 9.04 -0.96
CA ILE K 302 -67.25 8.52 0.40
C ILE K 302 -68.37 7.49 0.66
N GLU K 303 -69.57 7.82 0.20
CA GLU K 303 -70.73 6.97 0.40
C GLU K 303 -70.66 5.66 -0.36
N THR K 304 -70.16 5.69 -1.59
CA THR K 304 -69.80 4.47 -2.34
C THR K 304 -68.80 3.58 -1.55
N PHE K 305 -67.73 4.18 -1.03
CA PHE K 305 -66.77 3.48 -0.20
C PHE K 305 -67.49 2.81 0.98
N LEU K 306 -68.29 3.59 1.70
CA LEU K 306 -69.02 3.10 2.87
C LEU K 306 -69.96 1.92 2.60
N ARG K 307 -70.79 2.02 1.55
CA ARG K 307 -71.80 0.98 1.31
C ARG K 307 -71.27 -0.28 0.61
N GLU K 308 -70.21 -0.12 -0.16
CA GLU K 308 -69.54 -1.28 -0.76
C GLU K 308 -68.39 -1.73 0.13
N MET K 309 -68.51 -1.46 1.42
CA MET K 309 -67.47 -1.80 2.41
C MET K 309 -68.07 -1.68 3.82
N ALA L 2 -1.18 15.12 -13.15
CA ALA L 2 -1.29 16.45 -12.52
C ALA L 2 -2.52 16.44 -11.61
N LYS L 3 -2.50 17.25 -10.55
N LYS L 3 -2.52 17.30 -10.60
CA LYS L 3 -3.66 17.34 -9.66
CA LYS L 3 -3.62 17.39 -9.69
C LYS L 3 -4.37 18.68 -9.80
C LYS L 3 -4.37 18.71 -9.85
N LEU L 4 -5.69 18.61 -9.98
CA LEU L 4 -6.55 19.78 -9.92
C LEU L 4 -7.21 19.83 -8.54
N ILE L 5 -7.29 21.02 -7.96
CA ILE L 5 -8.18 21.25 -6.84
C ILE L 5 -9.13 22.36 -7.25
N THR L 6 -10.43 22.11 -7.06
CA THR L 6 -11.49 23.10 -7.34
C THR L 6 -12.10 23.54 -6.02
N LEU L 7 -12.64 24.75 -5.98
CA LEU L 7 -13.38 25.23 -4.80
C LEU L 7 -14.74 25.72 -5.27
N GLY L 8 -15.79 25.22 -4.65
CA GLY L 8 -17.11 25.70 -5.02
C GLY L 8 -18.24 24.97 -4.36
N GLU L 9 -19.44 25.12 -4.93
CA GLU L 9 -20.61 24.47 -4.38
C GLU L 9 -21.14 23.36 -5.30
N ILE L 10 -21.15 22.13 -4.77
CA ILE L 10 -21.82 21.00 -5.40
C ILE L 10 -23.35 21.19 -5.23
N LEU L 11 -24.09 20.96 -6.30
CA LEU L 11 -25.56 21.08 -6.25
C LEU L 11 -26.22 19.79 -6.68
N ILE L 12 -27.33 19.44 -6.04
CA ILE L 12 -28.17 18.39 -6.61
C ILE L 12 -29.18 19.01 -7.58
N GLU L 13 -29.20 18.45 -8.79
CA GLU L 13 -29.98 18.96 -9.92
C GLU L 13 -31.27 18.18 -10.10
N PHE L 14 -32.38 18.90 -10.23
CA PHE L 14 -33.64 18.25 -10.61
C PHE L 14 -34.05 18.65 -12.01
N ASN L 15 -33.81 17.74 -12.93
CA ASN L 15 -33.92 17.98 -14.36
C ASN L 15 -35.28 17.59 -14.85
N ALA L 16 -35.99 18.53 -15.44
CA ALA L 16 -37.35 18.31 -15.93
C ALA L 16 -37.38 17.25 -17.01
N LEU L 17 -38.30 16.29 -16.85
CA LEU L 17 -38.36 15.16 -17.78
C LEU L 17 -39.06 15.49 -19.10
N SER L 18 -39.79 16.61 -19.12
CA SER L 18 -40.29 17.15 -20.38
C SER L 18 -39.96 18.63 -20.52
N PRO L 19 -39.83 19.12 -21.77
CA PRO L 19 -39.58 20.54 -21.96
C PRO L 19 -40.83 21.33 -21.54
N GLY L 20 -40.75 22.65 -21.46
CA GLY L 20 -41.92 23.45 -21.13
C GLY L 20 -41.77 24.16 -19.79
N PRO L 21 -42.71 25.08 -19.49
CA PRO L 21 -42.67 25.81 -18.20
C PRO L 21 -42.88 24.83 -17.04
N LEU L 22 -42.14 24.99 -15.94
CA LEU L 22 -42.18 24.01 -14.84
C LEU L 22 -43.53 23.78 -14.18
N ARG L 23 -44.45 24.73 -14.35
CA ARG L 23 -45.79 24.59 -13.77
C ARG L 23 -46.57 23.46 -14.43
N HIS L 24 -46.07 22.99 -15.58
CA HIS L 24 -46.76 21.92 -16.28
C HIS L 24 -45.88 20.70 -16.47
N VAL L 25 -44.79 20.64 -15.71
CA VAL L 25 -43.89 19.49 -15.70
C VAL L 25 -44.18 18.73 -14.41
N SER L 26 -44.45 17.45 -14.51
CA SER L 26 -44.76 16.67 -13.34
C SER L 26 -43.62 15.76 -12.84
N TYR L 27 -42.60 15.53 -13.69
CA TYR L 27 -41.54 14.57 -13.36
C TYR L 27 -40.14 15.16 -13.48
N PHE L 28 -39.33 14.90 -12.46
CA PHE L 28 -37.95 15.40 -12.40
C PHE L 28 -36.95 14.27 -12.16
N GLU L 29 -35.77 14.40 -12.78
CA GLU L 29 -34.74 13.37 -12.75
C GLU L 29 -33.51 13.95 -12.05
N LYS L 30 -33.08 13.29 -10.98
CA LYS L 30 -32.01 13.79 -10.15
C LYS L 30 -30.64 13.52 -10.75
N HIS L 31 -29.74 14.50 -10.62
CA HIS L 31 -28.35 14.35 -11.03
C HIS L 31 -27.46 15.11 -10.07
N VAL L 32 -26.17 14.77 -10.04
CA VAL L 32 -25.22 15.48 -9.21
C VAL L 32 -24.46 16.48 -10.08
N ALA L 33 -24.36 17.73 -9.64
CA ALA L 33 -23.74 18.76 -10.49
C ALA L 33 -23.14 19.87 -9.66
N GLY L 34 -23.13 21.08 -10.22
CA GLY L 34 -22.32 22.17 -9.70
C GLY L 34 -21.05 22.25 -10.53
N SER L 35 -20.73 23.47 -10.95
CA SER L 35 -19.70 23.74 -11.94
C SER L 35 -18.34 23.12 -11.61
N GLU L 36 -17.92 23.27 -10.36
CA GLU L 36 -16.59 22.77 -9.99
C GLU L 36 -16.60 21.25 -9.85
N ALA L 37 -17.74 20.67 -9.47
CA ALA L 37 -17.90 19.20 -9.46
C ALA L 37 -17.77 18.67 -10.89
N ASN L 38 -18.45 19.32 -11.84
CA ASN L 38 -18.34 18.99 -13.29
C ASN L 38 -16.91 19.10 -13.86
N TYR L 39 -16.21 20.18 -13.51
CA TYR L 39 -14.78 20.31 -13.78
C TYR L 39 -13.94 19.10 -13.32
N CYS L 40 -14.11 18.71 -12.05
CA CYS L 40 -13.41 17.56 -11.47
C CYS L 40 -13.55 16.29 -12.29
N VAL L 41 -14.79 15.94 -12.64
CA VAL L 41 -15.06 14.69 -13.36
C VAL L 41 -14.50 14.72 -14.79
N ALA L 42 -14.64 15.87 -15.47
CA ALA L 42 -14.03 16.07 -16.78
C ALA L 42 -12.51 15.90 -16.73
N PHE L 43 -11.91 16.41 -15.66
CA PHE L 43 -10.45 16.40 -15.49
C PHE L 43 -9.92 14.97 -15.29
N ILE L 44 -10.57 14.21 -14.41
CA ILE L 44 -10.26 12.79 -14.18
C ILE L 44 -10.40 11.96 -15.44
N LYS L 45 -11.46 12.22 -16.20
CA LYS L 45 -11.80 11.46 -17.42
C LYS L 45 -10.63 11.44 -18.41
N GLN L 46 -9.76 12.44 -18.34
CA GLN L 46 -8.56 12.53 -19.19
C GLN L 46 -7.32 11.96 -18.49
N GLY L 47 -7.54 11.22 -17.40
CA GLY L 47 -6.45 10.52 -16.71
C GLY L 47 -5.59 11.34 -15.76
N ASN L 48 -6.11 12.44 -15.26
CA ASN L 48 -5.42 13.17 -14.18
C ASN L 48 -6.16 13.03 -12.84
N GLU L 49 -5.57 13.52 -11.77
CA GLU L 49 -6.20 13.47 -10.44
C GLU L 49 -6.85 14.79 -10.11
N CYS L 50 -7.83 14.74 -9.21
N CYS L 50 -7.84 14.73 -9.22
CA CYS L 50 -8.49 15.95 -8.78
CA CYS L 50 -8.57 15.93 -8.84
C CYS L 50 -9.16 15.78 -7.44
C CYS L 50 -9.24 15.77 -7.47
N GLY L 51 -9.37 16.90 -6.76
CA GLY L 51 -10.13 16.95 -5.53
C GLY L 51 -10.98 18.20 -5.48
N ILE L 52 -11.96 18.21 -4.59
CA ILE L 52 -12.84 19.35 -4.43
C ILE L 52 -12.92 19.80 -2.96
N ILE L 53 -12.74 21.09 -2.75
CA ILE L 53 -13.03 21.68 -1.45
C ILE L 53 -14.45 22.22 -1.52
N ALA L 54 -15.36 21.60 -0.77
CA ALA L 54 -16.76 22.01 -0.74
C ALA L 54 -17.44 21.55 0.53
N LYS L 55 -18.48 22.26 0.93
CA LYS L 55 -19.24 21.90 2.09
C LYS L 55 -20.64 21.44 1.67
N VAL L 56 -21.05 20.28 2.15
CA VAL L 56 -22.42 19.82 1.90
C VAL L 56 -23.16 19.71 3.23
N GLY L 57 -24.45 19.41 3.17
CA GLY L 57 -25.23 19.26 4.39
C GLY L 57 -25.19 17.85 4.89
N ASP L 58 -25.58 17.68 6.15
CA ASP L 58 -25.74 16.37 6.80
C ASP L 58 -27.13 15.82 6.44
N ASP L 59 -27.28 15.50 5.16
CA ASP L 59 -28.57 15.07 4.63
C ASP L 59 -28.36 14.11 3.48
N GLU L 60 -29.44 13.52 3.00
CA GLU L 60 -29.34 12.51 1.95
C GLU L 60 -28.66 13.08 0.69
N PHE L 61 -29.02 14.31 0.33
CA PHE L 61 -28.45 14.98 -0.83
C PHE L 61 -26.96 15.24 -0.68
N GLY L 62 -26.55 15.57 0.54
CA GLY L 62 -25.13 15.73 0.88
C GLY L 62 -24.33 14.45 0.69
N TYR L 63 -24.84 13.36 1.26
CA TYR L 63 -24.24 12.01 1.08
C TYR L 63 -24.28 11.51 -0.36
N ASN L 64 -25.38 11.78 -1.05
CA ASN L 64 -25.51 11.59 -2.49
C ASN L 64 -24.35 12.22 -3.26
N ALA L 65 -24.05 13.48 -2.97
CA ALA L 65 -22.98 14.22 -3.66
C ALA L 65 -21.62 13.59 -3.38
N ILE L 66 -21.38 13.27 -2.10
CA ILE L 66 -20.16 12.55 -1.68
C ILE L 66 -19.97 11.21 -2.41
N GLU L 67 -21.00 10.34 -2.39
CA GLU L 67 -20.92 9.01 -3.01
C GLU L 67 -20.68 9.11 -4.51
N TRP L 68 -21.48 9.96 -5.17
CA TRP L 68 -21.31 10.20 -6.58
C TRP L 68 -19.87 10.57 -6.94
N LEU L 69 -19.33 11.63 -6.36
CA LEU L 69 -17.97 12.10 -6.67
C LEU L 69 -16.87 11.10 -6.27
N ARG L 70 -16.98 10.53 -5.08
CA ARG L 70 -16.12 9.41 -4.69
C ARG L 70 -16.14 8.32 -5.73
N GLY L 71 -17.33 7.99 -6.25
CA GLY L 71 -17.49 6.91 -7.22
C GLY L 71 -16.83 7.24 -8.54
N GLN L 72 -16.75 8.54 -8.84
CA GLN L 72 -16.19 9.01 -10.07
C GLN L 72 -14.66 9.12 -9.96
N GLY L 73 -14.13 8.88 -8.77
CA GLY L 73 -12.67 8.88 -8.56
C GLY L 73 -12.16 10.17 -7.96
N VAL L 74 -13.07 11.10 -7.70
CA VAL L 74 -12.74 12.41 -7.16
C VAL L 74 -12.29 12.25 -5.71
N ASP L 75 -11.20 12.93 -5.38
CA ASP L 75 -10.73 13.04 -4.02
C ASP L 75 -11.72 13.91 -3.25
N VAL L 76 -12.34 13.30 -2.26
CA VAL L 76 -13.54 13.81 -1.60
C VAL L 76 -13.22 14.06 -0.10
N SER L 77 -11.97 13.78 0.27
CA SER L 77 -11.48 13.76 1.68
C SER L 77 -11.32 15.15 2.33
N HIS L 78 -11.33 16.21 1.52
CA HIS L 78 -11.28 17.57 2.04
C HIS L 78 -12.61 18.31 1.89
N MET L 79 -13.69 17.55 1.73
CA MET L 79 -15.02 18.13 1.77
C MET L 79 -15.46 18.24 3.22
N LYS L 80 -16.40 19.13 3.50
CA LYS L 80 -16.96 19.28 4.84
C LYS L 80 -18.45 18.95 4.83
N ILE L 81 -18.92 18.43 5.97
CA ILE L 81 -20.32 18.24 6.22
C ILE L 81 -20.77 19.25 7.27
N ASP L 82 -21.65 20.18 6.88
CA ASP L 82 -22.19 21.17 7.81
C ASP L 82 -23.41 20.57 8.48
N PRO L 83 -23.46 20.60 9.83
CA PRO L 83 -24.57 19.87 10.45
C PRO L 83 -25.89 20.68 10.56
N SER L 84 -25.87 21.95 10.12
CA SER L 84 -26.99 22.85 10.34
C SER L 84 -27.54 23.58 9.11
N ALA L 85 -27.09 23.21 7.91
CA ALA L 85 -27.62 23.83 6.71
C ALA L 85 -27.79 22.76 5.63
N PRO L 86 -28.81 22.90 4.75
CA PRO L 86 -29.08 21.86 3.75
C PRO L 86 -28.18 21.97 2.52
N THR L 87 -27.92 20.85 1.87
CA THR L 87 -27.29 20.86 0.55
C THR L 87 -28.14 21.69 -0.41
N GLY L 88 -27.49 22.54 -1.17
CA GLY L 88 -28.10 23.34 -2.21
C GLY L 88 -28.60 22.50 -3.36
N ILE L 89 -29.70 22.94 -3.97
CA ILE L 89 -30.35 22.21 -5.05
C ILE L 89 -30.81 23.21 -6.11
N PHE L 90 -31.11 22.69 -7.29
CA PHE L 90 -31.74 23.49 -8.32
C PHE L 90 -32.49 22.59 -9.28
N PHE L 91 -33.41 23.21 -10.03
CA PHE L 91 -34.26 22.59 -11.02
C PHE L 91 -33.85 23.15 -12.37
N ILE L 92 -33.95 22.33 -13.42
CA ILE L 92 -33.77 22.83 -14.77
C ILE L 92 -35.05 22.78 -15.59
N GLN L 93 -35.43 23.96 -16.11
CA GLN L 93 -36.50 24.11 -17.07
C GLN L 93 -35.88 24.12 -18.47
N ARG L 94 -36.28 23.19 -19.33
CA ARG L 94 -35.61 23.02 -20.65
C ARG L 94 -36.44 23.48 -21.86
N HIS L 95 -35.79 24.19 -22.78
CA HIS L 95 -36.37 24.52 -24.10
C HIS L 95 -37.57 25.48 -24.04
N TYR L 96 -37.69 26.25 -22.97
CA TYR L 96 -38.82 27.15 -22.80
C TYR L 96 -38.40 28.31 -21.92
N PRO L 97 -38.68 29.56 -22.34
CA PRO L 97 -39.29 29.97 -23.61
C PRO L 97 -38.41 29.93 -24.86
N VAL L 98 -37.16 29.50 -24.73
CA VAL L 98 -36.22 29.53 -25.84
C VAL L 98 -35.78 28.12 -26.23
N PRO L 99 -36.08 27.72 -27.47
CA PRO L 99 -35.67 26.39 -27.94
C PRO L 99 -34.16 26.23 -27.80
N LEU L 100 -33.74 25.05 -27.35
CA LEU L 100 -32.32 24.67 -27.20
C LEU L 100 -31.57 25.28 -25.98
N LYS L 101 -32.26 26.10 -25.19
CA LYS L 101 -31.67 26.70 -23.97
C LYS L 101 -32.32 26.11 -22.73
N SER L 102 -31.62 26.19 -21.62
CA SER L 102 -32.16 25.71 -20.36
C SER L 102 -32.01 26.82 -19.35
N GLU L 103 -32.81 26.76 -18.29
N GLU L 103 -32.76 26.71 -18.26
CA GLU L 103 -32.63 27.69 -17.18
CA GLU L 103 -32.73 27.68 -17.18
C GLU L 103 -32.64 26.96 -15.84
C GLU L 103 -32.70 26.98 -15.82
N SER L 104 -31.86 27.49 -14.91
CA SER L 104 -31.66 26.92 -13.59
C SER L 104 -32.47 27.73 -12.59
N ILE L 105 -33.23 27.02 -11.77
CA ILE L 105 -34.01 27.63 -10.68
C ILE L 105 -33.46 27.14 -9.34
N TYR L 106 -32.83 28.06 -8.60
CA TYR L 106 -32.05 27.71 -7.43
C TYR L 106 -32.82 27.62 -6.11
N TYR L 107 -32.47 26.62 -5.31
CA TYR L 107 -32.80 26.63 -3.89
C TYR L 107 -31.51 26.36 -3.14
N ARG L 108 -30.73 27.43 -2.98
CA ARG L 108 -29.34 27.36 -2.52
C ARG L 108 -29.01 28.42 -1.45
N LYS L 109 -29.96 29.31 -1.16
CA LYS L 109 -29.73 30.39 -0.20
C LYS L 109 -29.45 29.85 1.18
N GLY L 110 -28.31 30.27 1.75
CA GLY L 110 -27.91 29.78 3.08
C GLY L 110 -27.63 28.29 3.10
N SER L 111 -27.34 27.72 1.93
CA SER L 111 -27.06 26.29 1.81
C SER L 111 -25.80 25.96 2.62
N ALA L 112 -25.51 24.68 2.79
CA ALA L 112 -24.24 24.26 3.37
C ALA L 112 -23.08 24.67 2.48
N GLY L 113 -23.28 24.53 1.17
CA GLY L 113 -22.30 24.96 0.17
C GLY L 113 -21.90 26.42 0.28
N SER L 114 -22.87 27.29 0.62
CA SER L 114 -22.62 28.72 0.75
C SER L 114 -21.79 29.07 1.99
N LYS L 115 -21.64 28.10 2.88
CA LYS L 115 -20.95 28.30 4.15
C LYS L 115 -19.50 27.82 4.11
N LEU L 116 -19.06 27.41 2.92
CA LEU L 116 -17.65 27.22 2.61
C LEU L 116 -16.93 28.50 3.04
N SER L 117 -15.82 28.32 3.77
CA SER L 117 -15.08 29.44 4.35
C SER L 117 -13.57 29.21 4.27
N PRO L 118 -12.76 30.28 4.46
CA PRO L 118 -11.29 30.12 4.44
C PRO L 118 -10.76 29.04 5.40
N GLU L 119 -11.50 28.80 6.48
N GLU L 119 -11.46 28.79 6.48
CA GLU L 119 -11.15 27.76 7.45
CA GLU L 119 -11.05 27.77 7.43
C GLU L 119 -11.06 26.38 6.79
C GLU L 119 -11.27 26.33 6.92
N ASP L 120 -11.83 26.20 5.72
CA ASP L 120 -12.01 24.89 5.06
C ASP L 120 -10.90 24.62 4.04
N VAL L 121 -10.08 25.65 3.81
CA VAL L 121 -8.99 25.60 2.86
C VAL L 121 -7.67 25.30 3.56
N ASP L 122 -7.16 24.09 3.33
CA ASP L 122 -5.94 23.61 3.97
C ASP L 122 -4.75 24.01 3.10
N GLU L 123 -3.79 24.71 3.71
CA GLU L 123 -2.63 25.20 2.97
C GLU L 123 -1.80 24.08 2.37
N GLU L 124 -1.53 23.05 3.17
N GLU L 124 -1.53 23.03 3.17
CA GLU L 124 -0.75 21.91 2.73
CA GLU L 124 -0.70 21.91 2.69
C GLU L 124 -1.41 21.30 1.50
C GLU L 124 -1.39 21.20 1.53
N TYR L 125 -2.72 21.07 1.61
CA TYR L 125 -3.52 20.49 0.53
C TYR L 125 -3.50 21.33 -0.76
N VAL L 126 -3.80 22.62 -0.63
CA VAL L 126 -3.79 23.53 -1.77
C VAL L 126 -2.43 23.57 -2.46
N LYS L 127 -1.35 23.56 -1.66
CA LYS L 127 0.03 23.44 -2.17
C LYS L 127 0.35 22.15 -2.93
N SER L 128 -0.41 21.09 -2.68
CA SER L 128 -0.22 19.81 -3.39
C SER L 128 -0.75 19.83 -4.84
N ALA L 129 -1.61 20.80 -5.19
CA ALA L 129 -2.15 20.89 -6.54
C ALA L 129 -1.19 21.51 -7.57
N ASP L 130 -1.26 21.01 -8.80
CA ASP L 130 -0.65 21.67 -9.96
C ASP L 130 -1.44 22.89 -10.45
N LEU L 131 -2.75 22.86 -10.25
CA LEU L 131 -3.65 23.94 -10.64
C LEU L 131 -4.76 24.03 -9.60
N VAL L 132 -5.07 25.26 -9.17
CA VAL L 132 -6.20 25.53 -8.29
C VAL L 132 -7.24 26.31 -9.08
N HIS L 133 -8.50 25.85 -9.04
CA HIS L 133 -9.56 26.35 -9.93
C HIS L 133 -10.77 26.78 -9.14
N SER L 134 -11.42 27.86 -9.58
CA SER L 134 -12.76 28.23 -9.09
C SER L 134 -13.51 29.01 -10.16
N SER L 135 -14.63 29.62 -9.78
CA SER L 135 -15.51 30.31 -10.72
C SER L 135 -16.25 31.50 -10.10
N GLY L 136 -16.87 32.28 -10.96
CA GLY L 136 -17.74 33.38 -10.55
C GLY L 136 -18.88 33.00 -9.64
N ILE L 137 -19.34 31.75 -9.72
CA ILE L 137 -20.43 31.25 -8.89
C ILE L 137 -20.04 31.25 -7.42
N THR L 138 -18.80 30.81 -7.15
CA THR L 138 -18.29 30.67 -5.79
C THR L 138 -18.04 32.03 -5.15
N LEU L 139 -17.57 32.99 -5.94
CA LEU L 139 -17.50 34.40 -5.52
C LEU L 139 -18.87 34.96 -5.13
N ALA L 140 -19.91 34.55 -5.86
CA ALA L 140 -21.26 35.12 -5.72
C ALA L 140 -22.13 34.52 -4.61
N ILE L 141 -21.93 33.25 -4.27
CA ILE L 141 -22.85 32.57 -3.33
C ILE L 141 -22.86 33.13 -1.90
N SER L 142 -21.71 33.63 -1.48
CA SER L 142 -21.55 34.25 -0.16
C SER L 142 -20.17 34.90 -0.03
N SER L 143 -20.03 35.77 0.98
CA SER L 143 -18.73 36.37 1.28
C SER L 143 -17.71 35.37 1.83
N THR L 144 -18.14 34.41 2.66
CA THR L 144 -17.21 33.36 3.14
C THR L 144 -16.66 32.52 1.99
N ALA L 145 -17.53 32.17 1.05
CA ALA L 145 -17.12 31.40 -0.11
C ALA L 145 -16.18 32.20 -0.99
N LYS L 146 -16.50 33.48 -1.20
CA LYS L 146 -15.57 34.40 -1.86
C LYS L 146 -14.20 34.47 -1.17
N GLU L 147 -14.20 34.60 0.17
CA GLU L 147 -12.96 34.67 0.95
C GLU L 147 -12.16 33.36 0.87
N ALA L 148 -12.87 32.23 0.81
CA ALA L 148 -12.27 30.92 0.60
C ALA L 148 -11.50 30.87 -0.71
N VAL L 149 -12.08 31.45 -1.76
CA VAL L 149 -11.39 31.58 -3.05
C VAL L 149 -10.14 32.47 -2.92
N TYR L 150 -10.23 33.58 -2.19
CA TYR L 150 -9.10 34.49 -2.01
C TYR L 150 -7.93 33.79 -1.33
N LYS L 151 -8.23 33.04 -0.28
CA LYS L 151 -7.24 32.27 0.45
C LYS L 151 -6.58 31.20 -0.41
N ALA L 152 -7.39 30.39 -1.08
CA ALA L 152 -6.86 29.35 -1.96
C ALA L 152 -5.98 29.97 -3.06
N PHE L 153 -6.43 31.06 -3.67
CA PHE L 153 -5.62 31.73 -4.69
C PHE L 153 -4.31 32.35 -4.16
N GLU L 154 -4.35 32.89 -2.95
CA GLU L 154 -3.15 33.35 -2.26
C GLU L 154 -2.10 32.22 -2.13
N ILE L 155 -2.54 31.01 -1.78
CA ILE L 155 -1.65 29.86 -1.58
C ILE L 155 -1.17 29.22 -2.91
N ALA L 156 -2.05 29.18 -3.90
CA ALA L 156 -1.78 28.45 -5.14
C ALA L 156 -0.63 29.07 -5.94
N SER L 157 0.17 28.24 -6.62
CA SER L 157 1.16 28.75 -7.58
C SER L 157 0.54 28.98 -8.95
N ASN L 158 -0.38 28.09 -9.33
CA ASN L 158 -1.12 28.23 -10.57
C ASN L 158 -2.65 28.22 -10.40
N ARG L 159 -3.28 29.23 -11.02
CA ARG L 159 -4.69 29.54 -10.84
C ARG L 159 -5.45 29.45 -12.13
N SER L 160 -6.72 29.05 -12.01
CA SER L 160 -7.63 28.86 -13.12
C SER L 160 -8.98 29.40 -12.66
N PHE L 161 -9.69 30.06 -13.56
CA PHE L 161 -10.94 30.70 -13.18
C PHE L 161 -11.93 30.66 -14.33
N ASP L 162 -13.13 30.16 -14.04
CA ASP L 162 -14.26 30.21 -14.99
C ASP L 162 -15.16 31.36 -14.55
N THR L 163 -15.42 32.32 -15.42
CA THR L 163 -16.17 33.52 -15.00
C THR L 163 -17.59 33.16 -14.58
N ASN L 164 -18.22 32.20 -15.27
CA ASN L 164 -19.54 31.64 -14.91
C ASN L 164 -20.48 32.62 -14.24
N ILE L 165 -20.68 33.77 -14.87
CA ILE L 165 -21.54 34.78 -14.29
C ILE L 165 -22.98 34.27 -14.26
N ARG L 166 -23.62 34.48 -13.14
CA ARG L 166 -24.97 34.02 -12.92
C ARG L 166 -25.78 35.22 -12.38
N LEU L 167 -26.52 35.88 -13.28
CA LEU L 167 -27.24 37.11 -12.91
C LEU L 167 -28.42 36.88 -11.95
N LYS L 168 -28.84 35.62 -11.81
CA LYS L 168 -29.79 35.27 -10.75
C LYS L 168 -29.12 35.35 -9.38
N LEU L 169 -27.78 35.25 -9.35
CA LEU L 169 -27.02 35.20 -8.09
C LEU L 169 -26.51 36.57 -7.62
N TRP L 170 -26.27 37.46 -8.57
CA TRP L 170 -25.75 38.79 -8.29
C TRP L 170 -25.93 39.66 -9.54
N SER L 171 -25.83 40.98 -9.36
CA SER L 171 -26.09 41.93 -10.43
C SER L 171 -24.90 42.03 -11.36
N ALA L 172 -25.15 42.49 -12.60
CA ALA L 172 -24.09 42.71 -13.58
C ALA L 172 -22.97 43.57 -13.03
N GLU L 173 -23.32 44.65 -12.32
CA GLU L 173 -22.34 45.57 -11.72
C GLU L 173 -21.42 44.88 -10.70
N GLU L 174 -22.04 44.11 -9.80
CA GLU L 174 -21.34 43.40 -8.75
C GLU L 174 -20.45 42.29 -9.34
N ALA L 175 -20.98 41.56 -10.32
CA ALA L 175 -20.22 40.54 -11.02
C ALA L 175 -18.95 41.13 -11.64
N LYS L 176 -19.11 42.18 -12.45
CA LYS L 176 -18.01 42.90 -13.06
C LYS L 176 -17.01 43.37 -12.02
N ARG L 177 -17.51 44.09 -11.02
CA ARG L 177 -16.68 44.63 -9.93
C ARG L 177 -15.83 43.55 -9.24
N GLU L 178 -16.51 42.48 -8.80
CA GLU L 178 -15.87 41.39 -8.06
C GLU L 178 -14.83 40.59 -8.83
N ILE L 179 -15.13 40.30 -10.10
CA ILE L 179 -14.25 39.54 -10.99
C ILE L 179 -13.03 40.38 -11.40
N LEU L 180 -13.25 41.66 -11.69
CA LEU L 180 -12.13 42.59 -11.92
C LEU L 180 -11.17 42.67 -10.73
N LYS L 181 -11.73 42.77 -9.52
CA LYS L 181 -10.98 42.67 -8.25
C LYS L 181 -10.11 41.41 -8.18
N LEU L 182 -10.73 40.25 -8.40
CA LEU L 182 -10.04 38.97 -8.34
C LEU L 182 -8.93 38.90 -9.39
N LEU L 183 -9.22 39.42 -10.58
CA LEU L 183 -8.26 39.37 -11.69
C LEU L 183 -7.04 40.26 -11.44
N SER L 184 -7.27 41.44 -10.90
CA SER L 184 -6.18 42.36 -10.65
C SER L 184 -5.41 42.01 -9.37
N LYS L 185 -5.99 41.13 -8.55
CA LYS L 185 -5.28 40.63 -7.38
C LYS L 185 -4.42 39.42 -7.77
N PHE L 186 -4.98 38.54 -8.60
CA PHE L 186 -4.34 37.27 -8.92
C PHE L 186 -4.19 37.10 -10.40
N HIS L 187 -2.96 36.89 -10.86
CA HIS L 187 -2.73 36.51 -12.24
C HIS L 187 -3.11 35.04 -12.44
N LEU L 188 -3.78 34.77 -13.56
CA LEU L 188 -4.26 33.43 -13.87
C LEU L 188 -3.38 32.74 -14.91
N LYS L 189 -3.21 31.44 -14.77
CA LYS L 189 -2.71 30.62 -15.86
C LYS L 189 -3.83 30.40 -16.89
N PHE L 190 -5.05 30.22 -16.41
CA PHE L 190 -6.16 29.94 -17.30
C PHE L 190 -7.34 30.82 -16.93
N LEU L 191 -7.86 31.49 -17.93
CA LEU L 191 -9.15 32.13 -17.81
C LEU L 191 -10.09 31.44 -18.79
N ILE L 192 -11.23 30.99 -18.28
CA ILE L 192 -12.26 30.34 -19.09
C ILE L 192 -13.50 31.21 -18.98
N THR L 193 -14.01 31.64 -20.13
CA THR L 193 -15.09 32.64 -20.15
C THR L 193 -15.84 32.51 -21.47
N ASP L 194 -16.75 33.46 -21.72
CA ASP L 194 -17.45 33.51 -22.99
C ASP L 194 -17.80 34.99 -23.36
N THR L 195 -18.32 35.20 -24.56
CA THR L 195 -18.69 36.54 -25.03
C THR L 195 -19.73 37.25 -24.15
N ASP L 196 -20.69 36.51 -23.61
CA ASP L 196 -21.69 37.07 -22.69
C ASP L 196 -21.05 37.62 -21.42
N ASP L 197 -20.13 36.88 -20.83
CA ASP L 197 -19.46 37.37 -19.62
C ASP L 197 -18.46 38.50 -19.92
N SER L 198 -17.77 38.36 -21.05
CA SER L 198 -16.87 39.39 -21.53
C SER L 198 -17.60 40.74 -21.65
N LYS L 199 -18.82 40.69 -22.19
CA LYS L 199 -19.67 41.87 -22.34
C LYS L 199 -19.99 42.52 -20.99
N ILE L 200 -20.35 41.70 -20.00
CA ILE L 200 -20.65 42.20 -18.66
C ILE L 200 -19.41 42.76 -17.96
N ILE L 201 -18.28 42.08 -18.12
CA ILE L 201 -17.07 42.43 -17.35
C ILE L 201 -16.36 43.61 -18.00
N LEU L 202 -16.23 43.58 -19.32
CA LEU L 202 -15.35 44.49 -20.07
C LEU L 202 -16.07 45.47 -21.00
N GLY L 203 -17.39 45.31 -21.12
CA GLY L 203 -18.15 46.02 -22.16
C GLY L 203 -17.94 45.54 -23.59
N GLU L 204 -17.23 44.44 -23.78
CA GLU L 204 -16.90 43.94 -25.12
C GLU L 204 -17.40 42.51 -25.35
N SER L 205 -18.22 42.29 -26.38
CA SER L 205 -18.68 40.93 -26.70
C SER L 205 -17.85 40.29 -27.81
N ASP L 206 -17.01 41.08 -28.47
CA ASP L 206 -16.13 40.60 -29.52
C ASP L 206 -14.97 39.77 -28.96
N PRO L 207 -14.83 38.52 -29.43
CA PRO L 207 -13.84 37.58 -28.90
C PRO L 207 -12.41 38.13 -28.81
N ASP L 208 -11.93 38.77 -29.87
CA ASP L 208 -10.52 39.25 -29.92
C ASP L 208 -10.27 40.44 -29.00
N LYS L 209 -11.23 41.35 -28.92
CA LYS L 209 -11.07 42.52 -28.08
C LYS L 209 -11.09 42.14 -26.61
N ALA L 210 -12.08 41.34 -26.22
CA ALA L 210 -12.17 40.73 -24.89
C ALA L 210 -10.89 39.99 -24.48
N ALA L 211 -10.42 39.07 -25.34
CA ALA L 211 -9.14 38.37 -25.08
C ALA L 211 -7.99 39.34 -24.82
N LYS L 212 -7.85 40.35 -25.69
CA LYS L 212 -6.79 41.37 -25.55
C LYS L 212 -6.82 42.04 -24.17
N ALA L 213 -7.97 42.56 -23.77
CA ALA L 213 -8.15 43.14 -22.43
C ALA L 213 -7.83 42.14 -21.31
N PHE L 214 -8.24 40.88 -21.48
CA PHE L 214 -8.02 39.86 -20.44
C PHE L 214 -6.58 39.38 -20.37
N SER L 215 -5.84 39.50 -21.47
CA SER L 215 -4.48 38.95 -21.58
C SER L 215 -3.52 39.51 -20.52
N ASP L 216 -3.91 40.64 -19.92
CA ASP L 216 -3.18 41.26 -18.83
C ASP L 216 -3.26 40.47 -17.54
N TYR L 217 -4.26 39.59 -17.43
CA TYR L 217 -4.53 38.86 -16.18
C TYR L 217 -4.42 37.35 -16.33
N ALA L 218 -4.46 36.88 -17.57
CA ALA L 218 -4.47 35.46 -17.84
C ALA L 218 -3.43 35.14 -18.89
N GLU L 219 -2.79 33.99 -18.70
CA GLU L 219 -1.77 33.50 -19.61
C GLU L 219 -2.44 32.80 -20.80
N ILE L 220 -3.50 32.05 -20.51
CA ILE L 220 -4.23 31.28 -21.52
C ILE L 220 -5.71 31.56 -21.36
N ILE L 221 -6.33 32.00 -22.45
CA ILE L 221 -7.73 32.36 -22.42
C ILE L 221 -8.53 31.45 -23.34
N VAL L 222 -9.56 30.83 -22.77
CA VAL L 222 -10.54 30.08 -23.53
C VAL L 222 -11.82 30.91 -23.65
N MET L 223 -12.07 31.38 -24.86
CA MET L 223 -13.25 32.17 -25.15
C MET L 223 -14.33 31.27 -25.75
N LYS L 224 -15.28 30.83 -24.92
CA LYS L 224 -16.39 30.02 -25.43
C LYS L 224 -17.41 30.91 -26.18
N LEU L 225 -18.03 30.37 -27.23
CA LEU L 225 -18.89 31.18 -28.12
C LEU L 225 -20.37 30.79 -28.11
N GLY L 226 -20.71 29.69 -27.45
CA GLY L 226 -22.05 29.12 -27.52
C GLY L 226 -21.93 27.92 -28.44
N PRO L 227 -23.04 27.52 -29.10
CA PRO L 227 -23.03 26.40 -30.05
C PRO L 227 -21.91 26.41 -31.12
N LYS L 228 -21.43 27.58 -31.53
CA LYS L 228 -20.45 27.58 -32.63
C LYS L 228 -19.02 27.25 -32.22
N GLY L 229 -18.82 26.97 -30.93
CA GLY L 229 -17.54 26.47 -30.46
C GLY L 229 -16.83 27.40 -29.50
N ALA L 230 -15.53 27.58 -29.71
CA ALA L 230 -14.66 28.31 -28.80
C ALA L 230 -13.34 28.70 -29.46
N ILE L 231 -12.66 29.68 -28.86
CA ILE L 231 -11.31 30.09 -29.29
C ILE L 231 -10.36 30.08 -28.08
N VAL L 232 -9.17 29.53 -28.28
CA VAL L 232 -8.07 29.74 -27.33
C VAL L 232 -7.15 30.86 -27.76
N TYR L 233 -6.73 31.64 -26.78
CA TYR L 233 -5.73 32.67 -26.95
C TYR L 233 -4.56 32.33 -26.04
N TYR L 234 -3.40 32.15 -26.65
CA TYR L 234 -2.16 31.89 -25.93
C TYR L 234 -0.98 32.36 -26.78
N ASP L 235 0.07 32.86 -26.13
CA ASP L 235 1.38 33.03 -26.77
C ASP L 235 1.30 33.81 -28.10
N GLY L 236 0.53 34.89 -28.10
CA GLY L 236 0.27 35.65 -29.33
C GLY L 236 -0.38 34.90 -30.49
N LYS L 237 -0.96 33.73 -30.23
CA LYS L 237 -1.75 32.98 -31.23
C LYS L 237 -3.22 32.95 -30.82
N LYS L 238 -4.08 32.71 -31.80
CA LYS L 238 -5.48 32.39 -31.52
C LYS L 238 -5.88 31.16 -32.33
N TYR L 239 -6.71 30.29 -31.74
CA TYR L 239 -7.21 29.12 -32.47
C TYR L 239 -8.72 28.90 -32.24
N TYR L 240 -9.49 28.97 -33.31
CA TYR L 240 -10.92 28.67 -33.30
C TYR L 240 -11.17 27.18 -33.55
N SER L 241 -11.96 26.56 -32.67
CA SER L 241 -12.40 25.18 -32.85
C SER L 241 -13.92 25.23 -32.91
N SER L 242 -14.50 24.80 -34.04
CA SER L 242 -15.93 24.92 -34.23
C SER L 242 -16.69 23.82 -33.51
N GLY L 243 -17.88 24.17 -33.03
CA GLY L 243 -18.82 23.22 -32.45
C GLY L 243 -19.42 22.25 -33.45
N TYR L 244 -20.32 21.39 -32.96
CA TYR L 244 -20.98 20.39 -33.80
C TYR L 244 -22.51 20.48 -33.73
N GLN L 245 -23.19 20.08 -34.79
CA GLN L 245 -24.62 20.10 -34.80
C GLN L 245 -25.13 18.75 -34.30
N VAL L 246 -25.73 18.75 -33.11
CA VAL L 246 -26.28 17.54 -32.48
C VAL L 246 -27.65 17.85 -31.85
N PRO L 247 -28.50 16.81 -31.67
CA PRO L 247 -29.76 16.96 -30.94
C PRO L 247 -29.56 17.42 -29.50
N VAL L 248 -30.25 18.50 -29.13
CA VAL L 248 -30.03 19.17 -27.87
C VAL L 248 -31.09 18.76 -26.85
N GLU L 249 -30.64 18.04 -25.82
CA GLU L 249 -31.47 17.68 -24.69
C GLU L 249 -31.37 18.71 -23.56
N ASP L 250 -30.14 19.11 -23.22
CA ASP L 250 -29.89 20.09 -22.15
C ASP L 250 -28.45 20.59 -22.24
N VAL L 251 -28.27 21.88 -22.52
CA VAL L 251 -26.95 22.47 -22.63
C VAL L 251 -26.26 22.62 -21.28
N THR L 252 -27.02 22.55 -20.18
CA THR L 252 -26.44 22.67 -18.83
C THR L 252 -25.25 21.72 -18.63
N GLY L 253 -24.12 22.29 -18.25
CA GLY L 253 -22.93 21.50 -18.01
C GLY L 253 -21.91 21.60 -19.13
N ALA L 254 -22.33 22.06 -20.31
CA ALA L 254 -21.49 22.08 -21.51
C ALA L 254 -20.18 22.86 -21.34
N GLY L 255 -20.28 24.03 -20.71
CA GLY L 255 -19.10 24.86 -20.46
C GLY L 255 -18.08 24.25 -19.53
N ASP L 256 -18.57 23.53 -18.52
CA ASP L 256 -17.73 22.81 -17.58
C ASP L 256 -17.05 21.60 -18.23
N ALA L 257 -17.81 20.91 -19.08
CA ALA L 257 -17.28 19.79 -19.85
C ALA L 257 -16.09 20.26 -20.70
N LEU L 258 -16.27 21.39 -21.39
CA LEU L 258 -15.21 21.94 -22.24
C LEU L 258 -13.99 22.35 -21.38
N GLY L 259 -14.23 23.19 -20.37
CA GLY L 259 -13.18 23.72 -19.49
C GLY L 259 -12.33 22.68 -18.78
N GLY L 260 -12.97 21.75 -18.09
CA GLY L 260 -12.28 20.68 -17.35
C GLY L 260 -11.50 19.74 -18.25
N THR L 261 -12.07 19.41 -19.40
CA THR L 261 -11.44 18.55 -20.40
C THR L 261 -10.21 19.22 -21.02
N PHE L 262 -10.36 20.50 -21.39
CA PHE L 262 -9.25 21.30 -21.91
C PHE L 262 -8.08 21.40 -20.92
N LEU L 263 -8.39 21.76 -19.67
CA LEU L 263 -7.36 21.86 -18.64
C LEU L 263 -6.59 20.56 -18.47
N SER L 264 -7.32 19.44 -18.46
CA SER L 264 -6.73 18.14 -18.18
C SER L 264 -5.80 17.71 -19.30
N LEU L 265 -6.18 18.04 -20.53
CA LEU L 265 -5.38 17.68 -21.70
C LEU L 265 -4.13 18.54 -21.80
N TYR L 266 -4.20 19.81 -21.39
CA TYR L 266 -3.00 20.65 -21.25
C TYR L 266 -1.92 19.94 -20.41
N TYR L 267 -2.32 19.37 -19.27
CA TYR L 267 -1.42 18.62 -18.38
C TYR L 267 -1.08 17.20 -18.89
N LYS L 268 -1.82 16.72 -19.88
CA LYS L 268 -1.44 15.53 -20.66
C LYS L 268 -0.39 15.88 -21.74
N GLY L 269 -0.08 17.15 -21.89
CA GLY L 269 0.96 17.56 -22.85
C GLY L 269 0.45 17.76 -24.26
N PHE L 270 -0.87 17.86 -24.42
CA PHE L 270 -1.48 18.11 -25.72
C PHE L 270 -1.09 19.50 -26.21
N GLU L 271 -0.94 19.63 -27.53
N GLU L 271 -0.93 19.66 -27.52
CA GLU L 271 -0.94 20.94 -28.18
CA GLU L 271 -0.81 21.00 -28.08
C GLU L 271 -2.20 21.69 -27.74
C GLU L 271 -2.17 21.71 -27.93
N MET L 272 -2.14 23.02 -27.73
CA MET L 272 -3.29 23.81 -27.35
C MET L 272 -4.50 23.71 -28.29
N GLU L 273 -4.22 23.47 -29.56
CA GLU L 273 -5.22 23.29 -30.59
C GLU L 273 -5.96 21.97 -30.37
N LYS L 274 -5.18 20.90 -30.20
CA LYS L 274 -5.70 19.56 -30.00
C LYS L 274 -6.52 19.48 -28.72
N ALA L 275 -6.03 20.14 -27.67
CA ALA L 275 -6.72 20.18 -26.39
C ALA L 275 -8.14 20.74 -26.52
N LEU L 276 -8.25 21.88 -27.23
CA LEU L 276 -9.54 22.53 -27.46
C LEU L 276 -10.42 21.67 -28.35
N ASP L 277 -9.85 21.10 -29.41
CA ASP L 277 -10.59 20.22 -30.29
C ASP L 277 -11.31 19.11 -29.52
N TYR L 278 -10.56 18.51 -28.59
CA TYR L 278 -11.01 17.37 -27.79
C TYR L 278 -12.02 17.85 -26.76
N ALA L 279 -11.78 19.04 -26.20
CA ALA L 279 -12.66 19.68 -25.24
C ALA L 279 -14.02 20.00 -25.86
N ILE L 280 -14.03 20.37 -27.15
CA ILE L 280 -15.27 20.65 -27.88
C ILE L 280 -16.08 19.37 -28.00
N VAL L 281 -15.40 18.26 -28.22
CA VAL L 281 -16.10 16.97 -28.32
C VAL L 281 -16.84 16.67 -27.03
N ALA L 282 -16.15 16.90 -25.91
CA ALA L 282 -16.73 16.69 -24.60
C ALA L 282 -18.04 17.50 -24.43
N SER L 283 -17.95 18.80 -24.67
CA SER L 283 -19.09 19.70 -24.49
C SER L 283 -20.27 19.43 -25.44
N THR L 284 -19.96 18.98 -26.64
CA THR L 284 -20.90 18.52 -27.65
C THR L 284 -21.74 17.35 -27.16
N LEU L 285 -21.06 16.33 -26.64
CA LEU L 285 -21.74 15.17 -26.07
C LEU L 285 -22.55 15.56 -24.87
N ASN L 286 -22.07 16.52 -24.10
CA ASN L 286 -22.77 16.94 -22.91
C ASN L 286 -24.19 17.46 -23.16
N VAL L 287 -24.39 18.23 -24.23
CA VAL L 287 -25.70 18.86 -24.53
C VAL L 287 -26.80 17.85 -24.94
N MET L 288 -26.39 16.62 -25.22
CA MET L 288 -27.29 15.59 -25.72
C MET L 288 -28.03 14.84 -24.59
N ILE L 289 -27.68 15.16 -23.34
CA ILE L 289 -28.10 14.37 -22.20
C ILE L 289 -28.68 15.31 -21.14
N ARG L 290 -29.69 14.85 -20.43
CA ARG L 290 -30.00 15.42 -19.11
C ARG L 290 -28.94 14.90 -18.10
N GLY L 291 -28.25 15.85 -17.45
CA GLY L 291 -27.16 15.48 -16.53
C GLY L 291 -25.86 16.07 -17.03
N ASP L 292 -25.15 16.76 -16.13
CA ASP L 292 -23.93 17.52 -16.44
C ASP L 292 -22.70 16.61 -16.54
N GLN L 293 -22.78 15.46 -15.85
CA GLN L 293 -21.60 14.64 -15.65
C GLN L 293 -21.61 13.27 -16.31
N GLU L 294 -22.79 12.71 -16.59
CA GLU L 294 -22.85 11.30 -16.93
C GLU L 294 -22.53 10.90 -18.36
N ASN L 295 -22.25 11.84 -19.25
CA ASN L 295 -21.60 11.42 -20.49
C ASN L 295 -20.36 12.26 -20.88
N LEU L 296 -19.66 12.72 -19.84
CA LEU L 296 -18.31 13.23 -19.96
C LEU L 296 -17.41 12.12 -20.52
N PRO L 297 -16.80 12.36 -21.69
CA PRO L 297 -16.04 11.31 -22.34
C PRO L 297 -14.59 11.13 -21.82
N THR L 298 -14.07 9.92 -21.97
CA THR L 298 -12.65 9.67 -21.75
C THR L 298 -11.93 10.11 -23.01
N THR L 299 -10.60 10.14 -22.95
CA THR L 299 -9.79 10.60 -24.05
C THR L 299 -10.02 9.68 -25.25
N LYS L 300 -9.98 8.38 -24.98
CA LYS L 300 -10.28 7.36 -25.95
C LYS L 300 -11.69 7.52 -26.58
N ASP L 301 -12.69 7.87 -25.76
CA ASP L 301 -14.04 8.13 -26.28
C ASP L 301 -14.05 9.30 -27.25
N ILE L 302 -13.33 10.36 -26.90
CA ILE L 302 -13.20 11.54 -27.73
C ILE L 302 -12.59 11.19 -29.10
N GLU L 303 -11.52 10.38 -29.09
CA GLU L 303 -10.83 9.98 -30.32
C GLU L 303 -11.70 9.11 -31.22
N THR L 304 -12.48 8.21 -30.60
CA THR L 304 -13.53 7.48 -31.33
C THR L 304 -14.51 8.44 -32.01
N PHE L 305 -14.98 9.44 -31.27
CA PHE L 305 -15.89 10.42 -31.82
C PHE L 305 -15.20 11.07 -33.03
N LEU L 306 -13.95 11.51 -32.81
CA LEU L 306 -13.21 12.29 -33.80
C LEU L 306 -12.96 11.55 -35.09
N ARG L 307 -12.80 10.24 -34.98
CA ARG L 307 -12.49 9.38 -36.12
C ARG L 307 -13.74 9.07 -36.96
N GLU L 308 -14.91 9.06 -36.32
CA GLU L 308 -16.18 8.82 -37.01
C GLU L 308 -16.85 10.10 -37.49
N MET L 309 -16.61 11.19 -36.77
CA MET L 309 -17.42 12.40 -36.91
C MET L 309 -16.76 13.43 -37.83
MG MG M . 16.73 -24.08 18.71
MG MG N . 16.75 -22.56 25.08
MG MG O . 28.45 -11.69 -7.19
MG MG P . 19.57 -36.15 -7.55
MG MG Q . 25.23 -24.04 -6.82
K K R . 27.88 -20.46 19.45
O3P CKP S . 18.20 -22.59 18.28
P CKP S . 19.63 -22.21 17.91
O1P CKP S . 20.51 -23.36 17.52
O2P CKP S . 20.30 -21.22 18.83
O6 CKP S . 19.33 -21.49 16.49
C6 CKP S . 20.21 -20.52 15.97
C5 CKP S . 19.97 -20.34 14.49
O2 CKP S . 18.53 -19.75 11.89
C4 CKP S . 20.67 -19.05 14.10
O4 CKP S . 21.63 -19.31 13.07
C3 CKP S . 19.46 -18.23 13.69
O3 CKP S . 19.68 -17.11 12.85
C2 CKP S . 18.37 -19.18 13.21
O5 CKP S . 18.56 -20.23 14.15
C1 CKP S . 17.07 -18.39 13.24
O6B CKP S . 16.55 -18.11 12.13
O1 CKP S . 16.60 -17.97 14.33
PB ADP T . 17.42 -24.42 22.09
O1B ADP T . 16.23 -25.19 22.62
O2B ADP T . 17.73 -24.65 20.62
O3B ADP T . 17.53 -22.94 22.41
PA ADP T . 18.91 -24.96 24.49
O1A ADP T . 18.19 -26.04 25.29
O2A ADP T . 18.83 -23.53 24.94
O3A ADP T . 18.62 -25.11 22.92
O5' ADP T . 20.44 -25.42 24.47
C5' ADP T . 20.75 -26.69 23.93
C4' ADP T . 21.91 -27.29 24.70
O4' ADP T . 23.06 -26.43 24.68
C3' ADP T . 21.58 -27.56 26.17
O3' ADP T . 20.97 -28.84 26.35
C2' ADP T . 22.95 -27.46 26.80
O2' ADP T . 23.63 -28.72 26.70
C1' ADP T . 23.70 -26.45 25.95
N9 ADP T . 23.61 -25.12 26.59
C8 ADP T . 22.73 -24.14 26.28
N7 ADP T . 22.93 -23.05 27.07
C5 ADP T . 23.95 -23.33 27.91
C6 ADP T . 24.68 -22.62 28.99
N6 ADP T . 24.32 -21.35 29.35
N1 ADP T . 25.68 -23.27 29.62
C2 ADP T . 26.04 -24.53 29.29
N3 ADP T . 25.45 -25.23 28.31
C4 ADP T . 24.40 -24.69 27.59
MG MG U . 26.95 11.61 -3.92
MG MG V . 31.87 9.79 -7.89
MG MG W . 13.17 12.00 19.24
MG MG X . 24.34 35.14 2.44
MG MG X . 26.33 35.90 0.41
K K Y . 34.84 7.99 4.18
O3P CKP Z . 27.40 10.36 -2.35
P CKP Z . 28.06 9.30 -1.47
O1P CKP Z . 29.34 9.74 -0.86
O2P CKP Z . 28.19 7.89 -2.08
O6 CKP Z . 27.01 9.13 -0.28
C6 CKP Z . 27.13 7.98 0.53
C5 CKP Z . 25.88 7.86 1.37
O2 CKP Z . 23.00 7.26 1.98
C4 CKP Z . 26.02 6.59 2.20
O4 CKP Z . 25.83 6.83 3.59
C3 CKP Z . 24.98 5.75 1.48
O3 CKP Z . 24.52 4.55 2.08
C2 CKP Z . 23.88 6.69 0.99
O5 CKP Z . 24.75 7.73 0.48
C1 CKP Z . 23.08 5.86 0.03
O6B CKP Z . 21.90 5.60 0.33
O1 CKP Z . 23.63 5.40 -1.00
PB ADP AA . 29.94 12.00 -5.52
O1B ADP AA . 29.73 13.04 -6.59
O2B ADP AA . 28.96 12.03 -4.37
O3B ADP AA . 30.17 10.57 -6.01
PA ADP AA . 32.73 12.39 -5.85
O1A ADP AA . 32.61 13.38 -6.99
O2A ADP AA . 33.22 11.00 -6.08
O3A ADP AA . 31.39 12.38 -4.94
O5' ADP AA . 33.77 13.01 -4.82
C5' ADP AA . 33.52 14.26 -4.18
C4' ADP AA . 34.87 14.78 -3.76
O4' ADP AA . 35.60 13.83 -2.95
C3' ADP AA . 35.79 15.07 -4.93
O3' ADP AA . 35.45 16.31 -5.57
C2' ADP AA . 37.18 14.98 -4.31
O2' ADP AA . 37.61 16.21 -3.70
C1' ADP AA . 37.00 13.93 -3.21
N9 ADP AA . 37.44 12.60 -3.70
C8 ADP AA . 36.64 11.64 -4.19
N7 ADP AA . 37.36 10.56 -4.56
C5 ADP AA . 38.65 10.84 -4.32
C6 ADP AA . 39.94 10.14 -4.47
N6 ADP AA . 40.00 8.91 -4.99
N1 ADP AA . 41.06 10.79 -4.07
C2 ADP AA . 41.05 12.04 -3.55
N3 ADP AA . 39.90 12.73 -3.39
C4 ADP AA . 38.70 12.20 -3.75
MG MG BA . 54.52 -28.26 34.00
MG MG CA . 48.28 -30.05 35.19
MG MG DA . 74.03 -13.11 23.39
K K EA . 49.04 -18.32 30.76
O3P CKP FA . 54.17 -26.76 32.59
P CKP FA . 53.82 -25.51 31.79
O1P CKP FA . 54.26 -24.22 32.45
O2P CKP FA . 52.42 -25.46 31.23
O6 CKP FA . 54.83 -25.58 30.54
C6 CKP FA . 54.50 -24.90 29.35
C5 CKP FA . 55.78 -24.63 28.61
O2 CKP FA . 58.23 -25.49 27.00
C4 CKP FA . 55.42 -23.97 27.30
O4 CKP FA . 55.99 -22.67 27.18
C3 CKP FA . 55.78 -25.06 26.32
O3 CKP FA . 55.90 -24.81 24.92
C2 CKP FA . 56.86 -25.94 26.97
O5 CKP FA . 56.40 -25.90 28.32
C1 CKP FA . 56.78 -27.28 26.28
O6B CKP FA . 57.77 -27.64 25.59
O1 CKP FA . 55.74 -27.95 26.39
PB ADP GA . 51.60 -28.62 35.87
O1B ADP GA . 51.93 -29.57 37.00
O2B ADP GA . 52.80 -27.90 35.27
O3B ADP GA . 50.68 -29.22 34.83
PA ADP GA . 49.31 -27.57 37.27
O1A ADP GA . 49.41 -28.36 38.54
O2A ADP GA . 48.30 -28.01 36.24
O3A ADP GA . 50.77 -27.43 36.59
O5' ADP GA . 49.02 -26.02 37.61
C5' ADP GA . 49.89 -25.31 38.47
C4' ADP GA . 49.10 -24.34 39.33
O4' ADP GA . 48.41 -23.37 38.54
C3' ADP GA . 48.02 -24.99 40.14
O3' ADP GA . 48.50 -25.59 41.34
C2' ADP GA . 47.04 -23.87 40.37
O2' ADP GA . 47.43 -23.02 41.45
C1' ADP GA . 47.13 -23.10 39.08
N9 ADP GA . 46.07 -23.60 38.17
C8 ADP GA . 46.21 -24.54 37.20
N7 ADP GA . 45.04 -24.76 36.56
C5 ADP GA . 44.12 -23.94 37.13
C6 ADP GA . 42.68 -23.66 36.95
N6 ADP GA . 41.95 -24.29 35.99
N1 ADP GA . 42.12 -22.72 37.76
C2 ADP GA . 42.82 -22.06 38.71
N3 ADP GA . 44.13 -22.27 38.93
C4 ADP GA . 44.82 -23.18 38.18
MG MG HA . 56.48 -16.62 -8.14
MG MG IA . 59.20 -10.65 -8.18
MG MG JA . 41.30 -36.92 1.20
MG MG KA . 41.00 -40.55 -12.99
K K LA . 48.61 -11.05 -1.33
O3P CKP MA . 55.44 -16.31 -6.31
P CKP MA . 54.41 -16.06 -5.20
O1P CKP MA . 52.97 -16.13 -5.62
O2P CKP MA . 54.72 -14.88 -4.29
O6 CKP MA . 54.54 -17.39 -4.31
C6 CKP MA . 53.96 -17.37 -3.01
C5 CKP MA . 53.82 -18.78 -2.49
O2 CKP MA . 54.41 -21.63 -1.78
C4 CKP MA . 53.60 -18.70 -0.98
O4 CKP MA . 52.33 -19.25 -0.65
C3 CKP MA . 54.83 -19.45 -0.52
O3 CKP MA . 54.93 -19.90 0.83
C2 CKP MA . 55.21 -20.45 -1.60
O5 CKP MA . 55.02 -19.59 -2.72
C1 CKP MA . 56.61 -20.85 -1.23
O6B CKP MA . 56.83 -22.04 -0.88
O1 CKP MA . 57.48 -19.97 -1.24
PB ADP NA . 56.94 -13.19 -9.19
O1B ADP NA . 57.42 -13.37 -10.63
O2B ADP NA . 56.26 -14.41 -8.55
O3B ADP NA . 57.95 -12.52 -8.27
PA ADP NA . 56.09 -10.60 -9.71
O1A ADP NA . 56.64 -10.53 -11.11
O2A ADP NA . 56.88 -9.96 -8.59
O3A ADP NA . 55.76 -12.11 -9.30
O5' ADP NA . 54.57 -10.07 -9.76
C5' ADP NA . 53.64 -10.64 -10.66
C4' ADP NA . 52.59 -9.59 -11.00
O4' ADP NA . 52.01 -9.11 -9.79
C3' ADP NA . 53.19 -8.35 -11.64
O3' ADP NA . 53.42 -8.46 -13.05
C2' ADP NA . 52.24 -7.24 -11.21
O2' ADP NA . 51.15 -7.09 -12.13
C1' ADP NA . 51.75 -7.70 -9.84
N9 ADP NA . 52.53 -6.97 -8.81
C8 ADP NA . 53.56 -7.48 -8.10
N7 ADP NA . 54.09 -6.54 -7.28
C5 ADP NA . 53.40 -5.39 -7.46
C6 ADP NA . 53.44 -4.00 -6.90
N6 ADP NA . 54.33 -3.63 -5.96
N1 ADP NA . 52.55 -3.10 -7.36
C2 ADP NA . 51.65 -3.43 -8.31
N3 ADP NA . 51.55 -4.68 -8.84
C4 ADP NA . 52.39 -5.68 -8.47
MG MG OA . 32.01 4.14 43.81
MG MG PA . 33.95 -1.85 46.09
MG MG QA . 29.00 23.78 25.40
K K RA . 32.20 -1.46 33.61
O3P CKP SA . 33.41 4.13 41.97
P CKP SA . 33.25 3.62 40.55
O1P CKP SA . 31.85 3.80 40.03
O2P CKP SA . 33.82 2.26 40.24
O6 CKP SA . 34.18 4.63 39.68
C6 CKP SA . 33.50 5.62 38.96
C5 CKP SA . 34.40 6.74 38.47
O2 CKP SA . 35.55 9.25 38.27
C4 CKP SA . 35.36 6.30 37.36
O4 CKP SA . 34.88 6.69 36.04
C3 CKP SA . 36.63 6.99 37.84
O3 CKP SA . 37.59 7.42 36.90
C2 CKP SA . 36.18 8.07 38.83
O5 CKP SA . 35.18 7.32 39.53
C1 CKP SA . 37.35 8.50 39.65
O6B CKP SA . 37.78 9.66 39.51
O1 CKP SA . 37.86 7.66 40.41
PB ADP TA . 31.42 1.01 44.90
O1B ADP TA . 30.97 0.86 46.35
O2B ADP TA . 31.11 2.36 44.23
O3B ADP TA . 32.85 0.59 44.59
PA ADP TA . 30.54 -1.66 44.65
O1A ADP TA . 29.86 -1.68 46.00
O2A ADP TA . 31.89 -2.31 44.54
O3A ADP TA . 30.58 -0.14 44.15
O5' ADP TA . 29.55 -2.35 43.61
C5' ADP TA . 28.27 -1.80 43.40
C4' ADP TA . 27.36 -2.89 42.85
O4' ADP TA . 27.87 -3.43 41.62
C3' ADP TA . 27.23 -4.08 43.79
O3' ADP TA . 26.29 -3.84 44.86
C2' ADP TA . 26.86 -5.19 42.83
O2' ADP TA . 25.45 -5.24 42.56
C1' ADP TA . 27.64 -4.85 41.56
N9 ADP TA . 28.93 -5.58 41.57
C8 ADP TA . 30.11 -5.07 42.00
N7 ADP TA . 31.10 -6.00 41.91
C5 ADP TA . 30.55 -7.13 41.43
C6 ADP TA . 31.07 -8.49 41.10
N6 ADP TA . 32.38 -8.79 41.29
N1 ADP TA . 30.19 -9.39 40.62
C2 ADP TA . 28.88 -9.07 40.44
N3 ADP TA . 28.34 -7.87 40.73
C4 ADP TA . 29.13 -6.86 41.22
MG MG UA . 62.85 16.03 15.52
MG MG VA . 59.57 17.76 9.94
K K WA . 57.05 5.98 13.32
O3P CKP XA . 61.43 14.53 16.06
P CKP XA . 60.56 13.31 16.30
O1P CKP XA . 61.32 12.00 16.29
O2P CKP XA . 59.27 13.24 15.52
O6 CKP XA . 60.14 13.41 17.85
C6 CKP XA . 59.47 12.31 18.44
C5 CKP XA . 59.63 12.27 19.94
O2 CKP XA . 59.96 12.99 22.73
C4 CKP XA . 58.36 11.59 20.42
O4 CKP XA . 58.57 10.29 20.98
C3 CKP XA . 57.81 12.67 21.35
O3 CKP XA . 56.82 12.38 22.33
C2 CKP XA . 59.00 13.52 21.78
O5 CKP XA . 59.63 13.60 20.50
C1 CKP XA . 58.36 14.80 22.32
O6B CKP XA . 58.47 15.10 23.55
O1 CKP XA . 57.70 15.48 21.51
PB ADP YA . 62.30 16.27 12.06
O1B ADP YA . 63.38 17.21 11.57
O2B ADP YA . 62.61 15.51 13.35
O3B ADP YA . 60.89 16.86 12.06
PA ADP YA . 62.04 15.30 9.37
O1A ADP YA . 63.19 16.01 8.71
O2A ADP YA . 60.63 15.74 9.13
O3A ADP YA . 62.25 15.11 10.94
O5' ADP YA . 62.14 13.78 8.87
C5' ADP YA . 63.29 12.99 9.13
C4' ADP YA . 63.56 12.11 7.93
O4' ADP YA . 62.52 11.14 7.87
C3' ADP YA . 63.53 12.82 6.59
O3' ADP YA . 64.81 13.35 6.20
C2' ADP YA . 63.06 11.71 5.67
O2' ADP YA . 64.14 10.89 5.25
C1' ADP YA . 62.12 10.87 6.53
N9 ADP YA . 60.72 11.32 6.32
C8 ADP YA . 60.02 12.20 7.08
N7 ADP YA . 58.76 12.40 6.61
C5 ADP YA . 58.63 11.61 5.53
C6 ADP YA . 57.55 11.32 4.54
N6 ADP YA . 56.34 11.92 4.64
N1 ADP YA . 57.85 10.45 3.54
C2 ADP YA . 59.04 9.83 3.43
N3 ADP YA . 60.05 10.03 4.28
C4 ADP YA . 59.91 10.90 5.34
MG MG ZA . -66.66 -11.73 -14.58
MG MG AB . -66.56 -9.97 -8.00
MG MG BB . -65.98 -31.96 -32.27
MG MG CB . -58.25 -11.62 -40.06
MG MG DB . -64.02 -23.96 -40.37
MG MG EB . -63.56 -35.35 -20.91
K K FB . -55.63 -8.09 -13.90
O3P CKP GB . -65.13 -10.50 -15.10
P CKP GB . -63.80 -9.83 -15.44
O1P CKP GB . -62.70 -10.79 -15.88
O2P CKP GB . -63.34 -8.75 -14.51
O6 CKP GB . -64.18 -9.09 -16.82
C6 CKP GB . -63.32 -8.10 -17.32
C5 CKP GB . -63.56 -7.92 -18.79
O2 CKP GB . -64.92 -7.34 -21.38
C4 CKP GB . -62.84 -6.63 -19.16
O4 CKP GB . -61.84 -6.87 -20.14
C3 CKP GB . -64.01 -5.78 -19.59
O3 CKP GB . -63.74 -4.66 -20.41
C2 CKP GB . -65.12 -6.73 -20.09
O5 CKP GB . -64.98 -7.76 -19.10
C1 CKP GB . -66.39 -5.90 -20.10
O6B CKP GB . -66.91 -5.68 -21.22
O1 CKP GB . -66.84 -5.43 -19.04
PB ADP HB . -66.21 -12.12 -11.07
O1B ADP HB . -67.30 -13.13 -10.78
O2B ADP HB . -65.78 -12.09 -12.53
O3B ADP HB . -66.36 -10.75 -10.45
PA ADP HB . -64.60 -12.62 -8.80
O1A ADP HB . -65.39 -13.67 -8.05
O2A ADP HB . -64.63 -11.19 -8.32
O3A ADP HB . -64.90 -12.74 -10.35
O5' ADP HB . -63.05 -13.08 -8.77
C5' ADP HB . -62.71 -14.32 -9.35
C4' ADP HB . -61.53 -14.92 -8.61
O4' ADP HB . -60.36 -14.07 -8.66
C3' ADP HB . -61.83 -15.22 -7.16
O3' ADP HB . -62.37 -16.53 -7.01
C2' ADP HB . -60.47 -15.07 -6.50
O2' ADP HB . -59.80 -16.33 -6.44
C1' ADP HB . -59.69 -14.11 -7.41
N9 ADP HB . -59.78 -12.79 -6.75
C8 ADP HB . -60.68 -11.81 -7.03
N7 ADP HB . -60.50 -10.73 -6.22
C5 ADP HB . -59.49 -11.03 -5.39
C6 ADP HB . -58.76 -10.33 -4.30
N6 ADP HB . -59.11 -9.08 -3.91
N1 ADP HB . -57.73 -11.00 -3.70
C2 ADP HB . -57.36 -12.25 -4.06
N3 ADP HB . -57.96 -12.93 -5.04
C4 ADP HB . -59.00 -12.39 -5.73
MG MG IB . -68.27 10.86 -11.35
MG MG JB . -56.19 23.88 -37.09
MG MG KB . -51.13 22.35 -41.59
K K LB . -48.28 20.29 -29.21
O3P CKP MB . -55.71 22.41 -35.84
P CKP MB . -55.02 21.85 -34.60
O1P CKP MB . -54.70 22.92 -33.59
O2P CKP MB . -53.89 20.88 -34.85
O6 CKP MB . -56.13 20.92 -33.89
C6 CKP MB . -56.04 20.69 -32.50
C5 CKP MB . -57.37 20.21 -31.95
O2 CKP MB . -60.11 19.72 -31.29
C4 CKP MB . -57.13 18.89 -31.21
O4 CKP MB . -57.24 19.14 -29.81
C3 CKP MB . -58.23 18.09 -31.86
O3 CKP MB . -58.65 16.87 -31.28
C2 CKP MB . -59.33 19.06 -32.30
O5 CKP MB . -58.42 19.98 -32.92
C1 CKP MB . -60.25 18.25 -33.18
O6B CKP MB . -61.44 18.13 -32.82
O1 CKP MB . -59.79 17.69 -34.20
PB ADP NB . -53.15 24.37 -38.97
O1B ADP NB . -53.46 25.54 -39.87
O2B ADP NB . -54.15 24.15 -37.84
O3B ADP NB . -52.80 23.07 -39.70
PA ADP NB . -50.37 24.76 -39.16
O1A ADP NB . -50.48 25.73 -40.32
O2A ADP NB . -49.83 23.37 -39.39
O3A ADP NB . -51.74 24.73 -38.30
O5' ADP NB . -49.40 25.40 -38.08
C5' ADP NB . -49.62 26.66 -37.49
C4' ADP NB . -48.24 27.15 -37.11
O4' ADP NB . -47.56 26.18 -36.33
C3' ADP NB . -47.31 27.39 -38.29
O3' ADP NB . -47.57 28.61 -38.98
C2' ADP NB . -45.94 27.31 -37.63
O2' ADP NB . -45.59 28.54 -36.96
C1' ADP NB . -46.14 26.27 -36.54
N9 ADP NB . -45.65 24.94 -37.01
C8 ADP NB . -46.43 23.94 -37.48
N7 ADP NB . -45.67 22.87 -37.82
C5 ADP NB . -44.39 23.20 -37.57
C6 ADP NB . -43.07 22.54 -37.68
N6 ADP NB . -43.02 21.28 -38.17
N1 ADP NB . -41.95 23.21 -37.29
C2 ADP NB . -42.01 24.47 -36.82
N3 ADP NB . -43.19 25.13 -36.68
C4 ADP NB . -44.38 24.56 -37.03
MG MG OB . -28.99 -15.96 0.60
MG MG PB . -35.09 -17.75 1.89
MG MG QB . -9.42 -0.71 -9.93
K K RB . -34.34 -6.11 -2.60
O3P CKP SB . -29.39 -14.49 -0.83
P CKP SB . -29.74 -13.21 -1.56
O1P CKP SB . -29.27 -11.96 -0.83
O2P CKP SB . -31.17 -13.09 -2.08
O6 CKP SB . -28.82 -13.26 -2.88
C6 CKP SB . -29.07 -12.39 -3.98
C5 CKP SB . -27.77 -12.26 -4.76
O2 CKP SB . -25.27 -13.16 -6.29
C4 CKP SB . -28.03 -11.59 -6.10
O4 CKP SB . -27.36 -10.32 -6.26
C3 CKP SB . -27.68 -12.72 -7.05
O3 CKP SB . -27.52 -12.53 -8.44
C2 CKP SB . -26.65 -13.60 -6.34
O5 CKP SB . -27.23 -13.56 -5.04
C1 CKP SB . -26.68 -14.93 -7.09
O6B CKP SB . -25.69 -15.23 -7.79
O1 CKP SB . -27.71 -15.63 -7.01
PB ADP TB . -31.97 -16.19 2.51
O1B ADP TB . -31.66 -17.19 3.59
O2B ADP TB . -30.78 -15.54 1.84
O3B ADP TB . -32.96 -16.67 1.48
PA ADP TB . -34.23 -15.19 3.96
O1A ADP TB . -34.25 -15.98 5.26
O2A ADP TB . -35.18 -15.68 2.92
O3A ADP TB . -32.75 -15.04 3.33
O5' ADP TB . -34.48 -13.65 4.32
C5' ADP TB . -33.51 -13.00 5.15
C4' ADP TB . -34.25 -12.01 6.01
O4' ADP TB . -34.95 -11.08 5.18
C3' ADP TB . -35.34 -12.70 6.80
O3' ADP TB . -34.83 -13.32 7.98
C2' ADP TB . -36.36 -11.58 7.00
O2' ADP TB . -36.01 -10.70 8.08
C1' ADP TB . -36.26 -10.81 5.70
N9 ADP TB . -37.33 -11.30 4.78
C8 ADP TB . -37.22 -12.25 3.83
N7 ADP TB . -38.40 -12.44 3.19
C5 ADP TB . -39.28 -11.61 3.74
C6 ADP TB . -40.71 -11.28 3.53
N6 ADP TB . -41.45 -11.92 2.59
N1 ADP TB . -41.25 -10.32 4.33
C2 ADP TB . -40.54 -9.66 5.26
N3 ADP TB . -39.24 -9.91 5.50
C4 ADP TB . -38.57 -10.85 4.78
MG MG UB . -27.05 -4.25 -41.44
MG MG VB . -24.26 1.82 -41.62
MG MG WB . -42.83 -24.64 -32.23
MG MG XB . -42.57 -28.22 -45.88
K K YB . -34.82 1.21 -34.74
O3P CKP ZB . -27.96 -4.06 -39.75
P CKP ZB . -28.95 -3.78 -38.64
O1P CKP ZB . -30.39 -3.83 -39.07
O2P CKP ZB . -28.67 -2.58 -37.78
O6 CKP ZB . -28.81 -5.08 -37.68
C6 CKP ZB . -29.53 -5.11 -36.46
C5 CKP ZB . -29.67 -6.51 -35.89
O2 CKP ZB . -29.04 -9.41 -35.17
C4 CKP ZB . -29.88 -6.39 -34.38
O4 CKP ZB . -31.18 -6.88 -34.03
C3 CKP ZB . -28.67 -7.20 -33.91
O3 CKP ZB . -28.44 -7.60 -32.55
C2 CKP ZB . -28.28 -8.20 -35.00
O5 CKP ZB . -28.49 -7.35 -36.12
C1 CKP ZB . -26.88 -8.58 -34.60
O6B CKP ZB . -26.65 -9.74 -34.20
O1 CKP ZB . -26.00 -7.70 -34.64
PB ADP AC . -26.64 -0.98 -42.65
O1B ADP AC . -25.92 -0.97 -43.99
O2B ADP AC . -27.41 -2.27 -42.32
O3B ADP AC . -25.86 -0.48 -41.45
PA ADP AC . -27.41 1.67 -43.16
O1A ADP AC . -26.84 1.81 -44.56
O2A ADP AC . -26.59 2.21 -42.01
O3A ADP AC . -27.78 0.15 -42.81
O5' ADP AC . -28.86 2.33 -43.23
C5' ADP AC . -29.83 1.72 -44.06
C4' ADP AC . -30.85 2.78 -44.37
O4' ADP AC . -31.45 3.29 -43.16
C3' ADP AC . -30.21 3.99 -45.01
O3' ADP AC . -29.96 3.81 -46.41
C2' ADP AC . -31.16 5.11 -44.63
O2' ADP AC . -32.23 5.17 -45.58
C1' ADP AC . -31.66 4.71 -43.24
N9 ADP AC . -30.82 5.43 -42.24
C8 ADP AC . -29.78 4.90 -41.55
N7 ADP AC . -29.22 5.83 -40.73
C5 ADP AC . -29.88 6.98 -40.90
C6 ADP AC . -29.79 8.37 -40.34
N6 ADP AC . -28.85 8.71 -39.42
N1 ADP AC . -30.69 9.30 -40.76
C2 ADP AC . -31.63 8.97 -41.67
N3 ADP AC . -31.76 7.73 -42.21
C4 ADP AC . -30.93 6.72 -41.88
MG MG BC . -51.23 16.49 10.48
MG MG CC . -49.58 10.49 12.76
MG MG DC . -53.87 36.28 -7.93
K K EC . -51.07 10.83 0.22
O3P CKP FC . -50.17 16.40 8.60
P CKP FC . -50.08 15.97 7.15
O1P CKP FC . -51.41 16.12 6.41
O2P CKP FC . -49.40 14.66 6.87
O6 CKP FC . -49.07 17.04 6.44
C6 CKP FC . -49.65 17.93 5.52
C5 CKP FC . -48.74 19.04 5.04
O2 CKP FC . -47.61 21.56 4.80
C4 CKP FC . -47.77 18.61 3.96
O4 CKP FC . -48.24 18.98 2.66
C3 CKP FC . -46.49 19.33 4.41
O3 CKP FC . -45.63 19.85 3.41
C2 CKP FC . -46.98 20.40 5.40
O5 CKP FC . -47.97 19.65 6.10
C1 CKP FC . -45.80 20.86 6.20
O6B CKP FC . -45.47 22.06 6.11
O1 CKP FC . -45.21 20.01 6.89
PB ADP GC . -51.87 13.31 11.63
O1B ADP GC . -52.51 13.25 12.99
O2B ADP GC . -52.09 14.57 10.80
O3B ADP GC . -50.42 12.84 11.56
PA ADP GC . -52.75 10.61 11.30
O1A ADP GC . -53.56 10.56 12.58
O2A ADP GC . -51.44 9.90 11.27
O3A ADP GC . -52.62 12.14 10.81
O5' ADP GC . -53.67 10.08 10.12
C5' ADP GC . -54.99 10.59 9.99
C4' ADP GC . -55.90 9.51 9.45
O4' ADP GC . -55.33 8.99 8.22
C3' ADP GC . -56.01 8.30 10.36
O3' ADP GC . -56.97 8.39 11.42
C2' ADP GC . -56.30 7.18 9.38
O2' ADP GC . -57.70 7.13 9.08
C1' ADP GC . -55.55 7.58 8.12
N9 ADP GC . -54.26 6.87 8.15
C8 ADP GC . -53.06 7.38 8.53
N7 ADP GC . -52.10 6.44 8.45
C5 ADP GC . -52.67 5.30 8.01
C6 ADP GC . -52.21 3.92 7.70
N6 ADP GC . -50.92 3.55 7.83
N1 ADP GC . -53.14 3.04 7.26
C2 ADP GC . -54.45 3.38 7.11
N3 ADP GC . -54.94 4.61 7.37
C4 ADP GC . -54.10 5.59 7.82
MG MG HC . -29.04 11.50 7.18
MG MG IC . -20.38 28.10 -17.94
MG MG JC . -23.69 30.07 -23.35
MG MG KC . -16.03 13.03 3.52
K K LC . -26.18 18.17 -20.11
O3P CKP MC . -21.65 26.68 -17.38
P CKP MC . -22.54 25.47 -17.20
O1P CKP MC . -21.78 24.16 -17.16
O2P CKP MC . -23.79 25.39 -18.03
O6 CKP MC . -23.10 25.64 -15.70
C6 CKP MC . -23.84 24.61 -15.07
C5 CKP MC . -23.58 24.47 -13.59
O2 CKP MC . -23.25 25.21 -10.65
C4 CKP MC . -24.84 23.84 -13.03
O4 CKP MC . -24.56 22.56 -12.43
C3 CKP MC . -25.35 24.93 -12.12
O3 CKP MC . -26.30 24.62 -11.13
C2 CKP MC . -24.12 25.73 -11.67
O5 CKP MC . -23.37 25.74 -12.89
C1 CKP MC . -24.71 27.03 -11.19
O6B CKP MC . -24.52 27.34 -9.98
O1 CKP MC . -25.39 27.72 -12.00
PB ADP NC . -20.77 28.62 -21.46
O1B ADP NC . -19.56 29.40 -21.93
O2B ADP NC . -20.68 27.92 -20.12
O3B ADP NC . -22.06 29.38 -21.66
PA ADP NC . -21.22 27.49 -24.03
O1A ADP NC . -20.12 28.26 -24.73
O2A ADP NC . -22.66 27.92 -24.19
O3A ADP NC . -20.84 27.38 -22.48
O5' ADP NC . -21.07 25.95 -24.45
C5' ADP NC . -19.75 25.45 -24.52
C4' ADP NC . -19.64 24.44 -25.64
O4' ADP NC . -20.70 23.46 -25.57
C3' ADP NC . -19.74 25.07 -27.00
O3' ADP NC . -18.50 25.63 -27.41
C2' ADP NC . -20.18 23.88 -27.83
O2' ADP NC . -19.07 23.03 -28.15
C1' ADP NC . -21.12 23.13 -26.89
N9 ADP NC . -22.52 23.57 -27.11
C8 ADP NC . -23.24 24.46 -26.38
N7 ADP NC . -24.50 24.62 -26.88
C5 ADP NC . -24.61 23.80 -27.94
C6 ADP NC . -25.65 23.47 -28.95
N6 ADP NC . -26.87 24.03 -28.90
N1 ADP NC . -25.34 22.56 -29.90
C2 ADP NC . -24.13 21.97 -29.97
N3 ADP NC . -23.13 22.22 -29.11
C4 ADP NC . -23.31 23.11 -28.09
#